data_5I65
#
_entry.id   5I65
#
_entity_poly.entity_id   1
_entity_poly.type   'polypeptide(L)'
_entity_poly.pdbx_seq_one_letter_code
;GSLTGALAMRLNDEDLDFLTKWTDFKCFVSASNMRNAAGQFIEAAYAKALRIELAQLVQVDKVRGTLAKLEAFADTVAPQ
LSPGDIVVALGHTPVGGIFDLKVGSTKHTLQAIETRVLAGSKMTVARVVDPTPTPPPAPVPIPLPPKVLE
;
_entity_poly.pdbx_strand_id   A
#
# COMPACT_ATOMS: atom_id res chain seq x y z
N GLY A 1 -16.35 22.28 -4.64
CA GLY A 1 -16.07 20.84 -4.44
C GLY A 1 -15.55 20.54 -3.04
N SER A 2 -14.21 20.58 -2.89
CA SER A 2 -13.51 20.32 -1.61
C SER A 2 -13.76 18.89 -1.11
N LEU A 3 -12.66 18.11 -0.96
CA LEU A 3 -12.71 16.71 -0.47
C LEU A 3 -13.55 15.82 -1.40
N THR A 4 -13.31 15.95 -2.72
CA THR A 4 -14.01 15.15 -3.74
C THR A 4 -13.18 15.07 -5.02
N GLY A 5 -12.55 13.92 -5.24
CA GLY A 5 -11.75 13.72 -6.45
C GLY A 5 -11.60 12.26 -6.85
N ALA A 6 -10.35 11.78 -6.90
CA ALA A 6 -10.05 10.40 -7.30
C ALA A 6 -9.56 9.52 -6.14
N LEU A 7 -9.24 10.14 -4.98
CA LEU A 7 -8.77 9.38 -3.82
C LEU A 7 -9.95 9.05 -2.92
N ALA A 8 -10.85 8.18 -3.43
CA ALA A 8 -12.08 7.78 -2.72
C ALA A 8 -12.92 9.03 -2.42
N MET A 9 -12.77 10.05 -3.31
CA MET A 9 -13.44 11.36 -3.22
C MET A 9 -12.75 12.25 -2.16
N ARG A 10 -11.40 12.28 -2.21
CA ARG A 10 -10.58 13.08 -1.25
C ARG A 10 -9.24 13.53 -1.86
N LEU A 11 -9.06 13.29 -3.17
CA LEU A 11 -7.82 13.69 -3.90
C LEU A 11 -7.56 15.20 -3.80
N ASN A 12 -8.54 15.94 -3.25
CA ASN A 12 -8.40 17.39 -3.07
C ASN A 12 -7.27 17.71 -2.11
N ASP A 13 -6.64 18.83 -2.40
CA ASP A 13 -5.49 19.37 -1.66
C ASP A 13 -5.58 19.26 -0.13
N GLU A 14 -6.78 19.31 0.45
CA GLU A 14 -6.92 19.20 1.91
C GLU A 14 -6.53 17.81 2.41
N ASP A 15 -7.12 16.80 1.77
CA ASP A 15 -6.88 15.42 2.14
C ASP A 15 -5.63 14.91 1.47
N LEU A 16 -5.28 15.54 0.36
CA LEU A 16 -4.10 15.19 -0.43
C LEU A 16 -2.83 15.70 0.24
N ASP A 17 -2.94 16.84 0.94
CA ASP A 17 -1.82 17.41 1.68
C ASP A 17 -1.67 16.65 3.00
N PHE A 18 -2.79 16.60 3.76
CA PHE A 18 -2.80 15.88 5.03
C PHE A 18 -2.60 14.37 4.76
N LEU A 19 -2.82 13.96 3.49
CA LEU A 19 -2.56 12.59 3.03
C LEU A 19 -1.09 12.47 2.58
N THR A 20 -0.57 13.55 1.96
CA THR A 20 0.81 13.60 1.44
C THR A 20 1.87 13.60 2.54
N LYS A 21 1.42 13.87 3.78
CA LYS A 21 2.30 13.89 4.99
C LYS A 21 3.47 12.88 4.94
N TRP A 22 3.20 11.66 4.44
CA TRP A 22 4.20 10.57 4.36
C TRP A 22 3.69 9.47 3.41
N THR A 23 4.49 8.40 3.25
CA THR A 23 4.11 7.29 2.37
C THR A 23 3.74 6.05 3.18
N ASP A 24 3.31 4.99 2.49
CA ASP A 24 2.88 3.76 3.17
C ASP A 24 3.81 2.59 2.87
N PHE A 25 4.99 2.89 2.32
CA PHE A 25 5.96 1.86 1.98
C PHE A 25 7.16 1.91 2.93
N LYS A 26 6.80 1.85 4.21
CA LYS A 26 7.73 1.74 5.32
C LYS A 26 7.26 0.51 6.09
N CYS A 27 6.19 -0.08 5.52
CA CYS A 27 5.54 -1.24 6.05
C CYS A 27 5.48 -2.33 5.00
N PHE A 28 6.04 -3.48 5.40
CA PHE A 28 6.07 -4.69 4.59
C PHE A 28 4.83 -5.49 4.90
N VAL A 29 4.03 -5.80 3.89
CA VAL A 29 2.82 -6.55 4.12
C VAL A 29 3.06 -8.03 3.76
N SER A 30 2.42 -8.87 4.58
CA SER A 30 2.57 -10.35 4.60
C SER A 30 3.15 -10.97 3.34
N ALA A 31 4.48 -11.10 3.43
CA ALA A 31 5.31 -11.69 2.38
C ALA A 31 5.22 -13.21 2.46
N SER A 32 5.02 -13.70 3.70
CA SER A 32 4.77 -15.12 4.00
C SER A 32 6.02 -15.98 4.29
N ASN A 33 6.89 -16.14 3.30
CA ASN A 33 8.11 -16.94 3.46
C ASN A 33 9.23 -16.00 3.85
N MET A 34 8.95 -14.73 3.61
CA MET A 34 9.82 -13.63 3.94
C MET A 34 9.36 -13.08 5.30
N ARG A 35 8.04 -13.01 5.47
CA ARG A 35 7.41 -12.53 6.68
C ARG A 35 6.73 -13.72 7.32
N ASN A 36 7.09 -13.98 8.56
CA ASN A 36 6.55 -15.12 9.33
C ASN A 36 7.25 -15.23 10.69
N ALA A 37 8.48 -14.70 10.79
CA ALA A 37 9.27 -14.74 12.03
C ALA A 37 8.91 -13.61 12.99
N ALA A 38 8.93 -12.35 12.51
CA ALA A 38 8.61 -11.21 13.37
C ALA A 38 7.25 -10.60 13.04
N GLY A 39 7.01 -10.30 11.74
CA GLY A 39 5.73 -9.75 11.32
C GLY A 39 5.41 -8.39 11.91
N GLN A 40 6.45 -7.65 12.30
CA GLN A 40 6.25 -6.31 12.86
C GLN A 40 6.22 -5.29 11.74
N PHE A 41 5.03 -5.20 11.18
CA PHE A 41 4.72 -4.33 10.06
C PHE A 41 3.42 -3.56 10.34
N ILE A 42 2.50 -4.24 11.05
CA ILE A 42 1.20 -3.68 11.44
C ILE A 42 1.36 -2.36 12.22
N GLU A 43 2.58 -2.13 12.76
CA GLU A 43 2.86 -0.88 13.50
C GLU A 43 2.75 0.32 12.56
N ALA A 44 3.61 0.36 11.51
CA ALA A 44 3.58 1.45 10.53
C ALA A 44 2.30 1.40 9.68
N ALA A 45 1.77 0.18 9.45
CA ALA A 45 0.55 0.00 8.67
C ALA A 45 -0.65 0.66 9.35
N TYR A 46 -0.72 0.49 10.69
CA TYR A 46 -1.80 1.06 11.49
C TYR A 46 -1.62 2.58 11.63
N ALA A 47 -0.35 2.99 11.81
CA ALA A 47 0.00 4.41 11.95
C ALA A 47 -0.29 5.21 10.68
N LYS A 48 0.13 4.66 9.51
CA LYS A 48 -0.08 5.33 8.23
C LYS A 48 -1.55 5.28 7.82
N ALA A 49 -2.20 4.13 8.06
CA ALA A 49 -3.64 4.01 7.78
C ALA A 49 -4.41 5.08 8.57
N LEU A 50 -3.97 5.29 9.82
CA LEU A 50 -4.54 6.31 10.69
C LEU A 50 -4.17 7.71 10.17
N ARG A 51 -2.97 7.84 9.56
CA ARG A 51 -2.54 9.12 8.97
C ARG A 51 -3.35 9.41 7.71
N ILE A 52 -3.81 8.33 7.03
CA ILE A 52 -4.68 8.47 5.85
C ILE A 52 -6.04 8.98 6.35
N GLU A 53 -6.39 8.51 7.56
CA GLU A 53 -7.62 8.94 8.25
C GLU A 53 -7.39 10.29 8.91
N LEU A 54 -6.12 10.70 9.08
CA LEU A 54 -5.81 12.02 9.62
C LEU A 54 -5.91 13.05 8.50
N ALA A 55 -5.62 12.57 7.30
CA ALA A 55 -5.70 13.34 6.05
C ALA A 55 -7.05 14.06 5.91
N GLN A 56 -7.97 13.60 6.74
CA GLN A 56 -9.33 14.12 6.82
C GLN A 56 -9.49 15.06 7.99
N LEU A 57 -8.37 15.72 8.35
CA LEU A 57 -8.35 16.70 9.44
C LEU A 57 -9.34 17.80 9.18
N VAL A 58 -10.56 17.46 9.51
CA VAL A 58 -11.64 18.38 9.46
C VAL A 58 -11.57 19.10 10.80
N GLN A 59 -10.91 18.40 11.77
CA GLN A 59 -10.71 18.95 13.13
C GLN A 59 -9.64 18.22 13.97
N VAL A 60 -9.77 16.89 14.15
CA VAL A 60 -8.84 16.12 15.00
C VAL A 60 -8.08 15.01 14.29
N ASP A 61 -8.60 14.60 13.13
CA ASP A 61 -8.04 13.49 12.36
C ASP A 61 -6.51 13.57 12.28
N LYS A 62 -5.98 14.71 11.83
CA LYS A 62 -4.51 14.92 11.72
C LYS A 62 -3.77 14.57 13.04
N VAL A 63 -4.38 14.92 14.18
CA VAL A 63 -3.78 14.67 15.50
C VAL A 63 -3.71 13.18 15.82
N ARG A 64 -4.79 12.44 15.49
CA ARG A 64 -4.81 10.97 15.74
C ARG A 64 -3.73 10.28 14.91
N GLY A 65 -3.66 10.62 13.61
CA GLY A 65 -2.66 10.02 12.73
C GLY A 65 -1.22 10.37 13.10
N THR A 66 -0.99 11.62 13.57
CA THR A 66 0.37 12.04 13.96
C THR A 66 0.86 11.27 15.20
N LEU A 67 -0.03 11.11 16.21
CA LEU A 67 0.30 10.36 17.44
C LEU A 67 0.56 8.88 17.12
N ALA A 68 -0.26 8.34 16.19
CA ALA A 68 -0.13 6.94 15.74
C ALA A 68 1.16 6.77 14.93
N LYS A 69 1.46 7.79 14.12
CA LYS A 69 2.65 7.84 13.29
C LYS A 69 3.90 7.69 14.13
N LEU A 70 3.98 8.46 15.23
CA LEU A 70 5.11 8.37 16.15
C LEU A 70 5.13 6.97 16.81
N GLU A 71 3.91 6.53 17.24
CA GLU A 71 3.71 5.22 17.88
C GLU A 71 4.43 4.11 17.11
N ALA A 72 4.33 4.18 15.79
CA ALA A 72 5.01 3.22 14.91
C ALA A 72 6.40 3.70 14.52
N PHE A 73 6.51 4.99 14.20
CA PHE A 73 7.79 5.63 13.77
C PHE A 73 8.91 5.44 14.81
N ALA A 74 8.57 4.77 15.92
CA ALA A 74 9.52 4.46 17.00
C ALA A 74 10.92 4.00 16.53
N ASP A 75 11.04 2.82 15.89
CA ASP A 75 12.38 2.35 15.45
C ASP A 75 12.45 1.73 14.06
N THR A 76 11.83 0.56 13.91
CA THR A 76 11.88 -0.19 12.65
C THR A 76 10.57 -0.03 11.90
N VAL A 77 10.03 1.17 12.01
CA VAL A 77 8.76 1.53 11.40
C VAL A 77 8.70 3.05 11.19
N ALA A 78 9.83 3.63 10.70
CA ALA A 78 9.92 5.08 10.48
C ALA A 78 10.75 5.49 9.24
N PRO A 79 12.10 5.21 9.16
CA PRO A 79 12.94 5.62 8.03
C PRO A 79 13.16 4.54 6.97
N GLN A 80 12.09 3.83 6.60
CA GLN A 80 12.19 2.76 5.61
C GLN A 80 11.14 2.91 4.50
N LEU A 81 11.41 3.82 3.55
CA LEU A 81 10.48 4.09 2.43
C LEU A 81 11.14 4.84 1.27
N SER A 82 10.37 5.00 0.19
CA SER A 82 10.81 5.73 -1.00
C SER A 82 10.16 7.14 -1.02
N PRO A 83 10.56 8.07 -1.96
CA PRO A 83 10.01 9.46 -2.03
C PRO A 83 8.49 9.61 -1.90
N GLY A 84 7.72 8.69 -2.48
CA GLY A 84 6.27 8.82 -2.37
C GLY A 84 5.49 7.79 -3.17
N ASP A 85 4.15 7.81 -2.99
CA ASP A 85 3.17 6.90 -3.66
C ASP A 85 3.57 5.40 -3.64
N ILE A 86 3.85 4.86 -2.45
CA ILE A 86 4.22 3.44 -2.30
C ILE A 86 3.79 2.83 -0.95
N VAL A 87 3.48 1.51 -0.97
CA VAL A 87 3.14 0.68 0.22
C VAL A 87 3.63 -0.77 -0.05
N VAL A 88 4.30 -1.44 0.94
CA VAL A 88 4.82 -2.80 0.69
C VAL A 88 3.78 -3.89 1.02
N ALA A 89 3.47 -4.73 0.01
CA ALA A 89 2.57 -5.88 0.13
C ALA A 89 3.02 -6.97 -0.84
N LEU A 90 3.75 -7.98 -0.33
CA LEU A 90 4.27 -9.05 -1.21
C LEU A 90 3.92 -10.44 -0.71
N GLY A 91 3.73 -11.38 -1.64
CA GLY A 91 3.46 -12.77 -1.27
C GLY A 91 2.03 -13.06 -0.83
N HIS A 92 1.89 -13.54 0.42
CA HIS A 92 0.56 -13.87 1.00
C HIS A 92 -0.20 -12.58 1.31
N THR A 93 -0.57 -11.93 0.23
CA THR A 93 -1.28 -10.66 0.27
C THR A 93 -2.55 -10.77 -0.61
N PRO A 94 -3.75 -11.07 0.01
CA PRO A 94 -5.02 -11.26 -0.73
C PRO A 94 -5.45 -10.05 -1.57
N VAL A 95 -5.01 -10.05 -2.84
CA VAL A 95 -5.30 -9.00 -3.82
C VAL A 95 -4.90 -9.43 -5.23
N GLY A 96 -3.83 -10.23 -5.32
CA GLY A 96 -3.31 -10.73 -6.59
C GLY A 96 -4.17 -11.77 -7.27
N GLY A 97 -4.42 -12.89 -6.59
CA GLY A 97 -5.18 -13.99 -7.18
C GLY A 97 -4.26 -14.88 -8.01
N ILE A 98 -3.05 -14.34 -8.23
CA ILE A 98 -1.98 -15.00 -8.98
C ILE A 98 -1.20 -15.93 -8.00
N PHE A 99 -0.21 -16.70 -8.51
CA PHE A 99 0.56 -17.59 -7.65
C PHE A 99 2.08 -17.44 -7.85
N ASP A 100 2.68 -16.54 -7.05
CA ASP A 100 4.13 -16.27 -7.05
C ASP A 100 4.54 -15.57 -5.74
N LEU A 101 5.46 -16.18 -5.00
CA LEU A 101 5.95 -15.60 -3.75
C LEU A 101 7.41 -15.21 -3.90
N LYS A 102 7.70 -13.91 -3.75
CA LYS A 102 9.07 -13.43 -3.85
C LYS A 102 9.74 -13.32 -2.47
N VAL A 103 10.67 -14.25 -2.22
CA VAL A 103 11.42 -14.30 -0.97
C VAL A 103 12.88 -14.72 -1.26
N GLY A 104 13.72 -13.71 -1.55
CA GLY A 104 15.14 -13.93 -1.83
C GLY A 104 15.44 -14.96 -2.91
N SER A 105 15.84 -16.17 -2.48
CA SER A 105 16.13 -17.28 -3.40
C SER A 105 14.84 -17.92 -3.93
N THR A 106 13.74 -17.21 -3.67
CA THR A 106 12.40 -17.60 -4.06
C THR A 106 11.69 -16.34 -4.56
N LYS A 107 12.48 -15.46 -5.17
CA LYS A 107 12.02 -14.17 -5.65
C LYS A 107 11.10 -14.27 -6.90
N HIS A 108 9.79 -14.47 -6.64
CA HIS A 108 8.75 -14.53 -7.67
C HIS A 108 7.50 -13.87 -7.08
N THR A 109 7.20 -12.66 -7.49
CA THR A 109 6.09 -11.90 -6.89
C THR A 109 4.74 -12.00 -7.60
N LEU A 110 3.71 -12.22 -6.78
CA LEU A 110 2.32 -12.26 -7.23
C LEU A 110 1.58 -11.04 -6.61
N GLN A 111 1.46 -9.92 -7.34
CA GLN A 111 0.74 -8.78 -6.76
C GLN A 111 0.01 -7.95 -7.83
N ALA A 112 -1.27 -8.29 -8.02
CA ALA A 112 -2.14 -7.60 -8.96
C ALA A 112 -3.25 -6.87 -8.21
N ILE A 113 -3.06 -5.57 -7.96
CA ILE A 113 -4.09 -4.81 -7.24
C ILE A 113 -4.76 -3.76 -8.14
N GLU A 114 -4.02 -2.73 -8.58
CA GLU A 114 -4.63 -1.66 -9.44
C GLU A 114 -3.54 -0.80 -10.09
N THR A 115 -3.93 0.27 -10.80
CA THR A 115 -2.98 1.20 -11.37
C THR A 115 -3.31 2.61 -10.84
N ARG A 116 -2.87 2.86 -9.60
CA ARG A 116 -3.09 4.14 -8.91
C ARG A 116 -1.79 4.62 -8.26
N VAL A 117 -1.35 5.82 -8.61
CA VAL A 117 -0.12 6.39 -8.06
C VAL A 117 -0.31 7.83 -7.50
N LEU A 118 -0.63 7.99 -6.20
CA LEU A 118 -0.75 9.33 -5.66
C LEU A 118 0.43 9.60 -4.73
N ALA A 119 1.27 10.58 -5.12
CA ALA A 119 2.49 10.96 -4.37
C ALA A 119 2.21 11.29 -2.91
N GLY A 120 2.68 10.40 -2.01
CA GLY A 120 2.48 10.58 -0.59
C GLY A 120 1.17 9.99 -0.13
N SER A 121 0.38 9.54 -1.11
CA SER A 121 -0.90 8.93 -0.88
C SER A 121 -0.86 7.50 -1.40
N LYS A 122 -2.02 6.85 -1.49
CA LYS A 122 -2.11 5.45 -1.88
C LYS A 122 -1.68 5.17 -3.31
N MET A 123 -1.13 3.98 -3.48
CA MET A 123 -0.66 3.47 -4.76
C MET A 123 -0.87 1.98 -4.84
N THR A 124 -1.58 1.58 -5.89
CA THR A 124 -1.87 0.18 -6.16
C THR A 124 -1.36 -0.17 -7.53
N VAL A 125 -0.62 -1.29 -7.62
CA VAL A 125 -0.04 -1.73 -8.88
C VAL A 125 -0.28 -3.22 -9.17
N ALA A 126 -0.22 -3.58 -10.46
CA ALA A 126 -0.38 -4.97 -10.87
C ALA A 126 0.90 -5.46 -11.54
N ARG A 127 1.63 -6.30 -10.80
CA ARG A 127 2.90 -6.87 -11.27
C ARG A 127 3.12 -8.29 -10.74
N VAL A 128 3.48 -9.19 -11.65
CA VAL A 128 3.80 -10.57 -11.31
C VAL A 128 5.22 -10.90 -11.79
N VAL A 129 6.17 -10.94 -10.84
CA VAL A 129 7.57 -11.24 -11.16
C VAL A 129 7.79 -12.76 -11.12
N ASP A 130 7.86 -13.36 -12.31
CA ASP A 130 8.07 -14.80 -12.49
C ASP A 130 8.92 -15.04 -13.77
N PRO A 131 9.78 -16.12 -13.83
CA PRO A 131 10.63 -16.40 -15.02
C PRO A 131 9.84 -16.65 -16.32
N THR A 132 8.51 -16.81 -16.21
CA THR A 132 7.65 -17.05 -17.38
C THR A 132 7.19 -15.73 -18.02
N PRO A 133 7.45 -15.52 -19.34
CA PRO A 133 7.04 -14.27 -20.04
C PRO A 133 5.54 -14.22 -20.35
N THR A 134 5.03 -15.31 -20.93
CA THR A 134 3.61 -15.44 -21.29
C THR A 134 2.80 -16.11 -20.18
N PRO A 135 1.78 -15.41 -19.60
CA PRO A 135 0.93 -15.98 -18.53
C PRO A 135 -0.14 -16.96 -19.09
N PRO A 136 -0.14 -18.26 -18.63
CA PRO A 136 -1.11 -19.29 -19.09
C PRO A 136 -2.61 -18.87 -18.98
N PRO A 137 -3.08 -18.24 -17.85
CA PRO A 137 -4.49 -17.86 -17.71
C PRO A 137 -4.80 -16.46 -18.28
N ALA A 138 -4.73 -15.42 -17.43
CA ALA A 138 -5.01 -14.05 -17.85
C ALA A 138 -3.77 -13.14 -17.67
N PRO A 139 -3.69 -11.95 -18.36
CA PRO A 139 -2.54 -11.03 -18.22
C PRO A 139 -2.53 -10.30 -16.87
N VAL A 140 -3.70 -9.78 -16.46
CA VAL A 140 -3.83 -9.08 -15.19
C VAL A 140 -5.16 -9.49 -14.51
N PRO A 141 -5.11 -10.45 -13.53
CA PRO A 141 -6.32 -10.93 -12.83
C PRO A 141 -6.74 -10.09 -11.61
N ILE A 142 -7.57 -9.08 -11.86
CA ILE A 142 -8.10 -8.23 -10.79
C ILE A 142 -9.64 -8.33 -10.76
N PRO A 143 -10.25 -8.82 -9.63
CA PRO A 143 -11.72 -8.96 -9.53
C PRO A 143 -12.45 -7.62 -9.34
N LEU A 144 -13.04 -7.13 -10.43
CA LEU A 144 -13.77 -5.86 -10.44
C LEU A 144 -14.91 -5.92 -11.48
N PRO A 145 -16.22 -5.75 -11.07
CA PRO A 145 -17.38 -5.80 -11.99
C PRO A 145 -17.29 -4.86 -13.23
N PRO A 146 -16.85 -3.57 -13.11
CA PRO A 146 -16.76 -2.65 -14.27
C PRO A 146 -15.58 -2.96 -15.22
N LYS A 147 -14.49 -3.48 -14.63
CA LYS A 147 -13.28 -3.83 -15.40
C LYS A 147 -13.29 -5.30 -15.82
N VAL A 148 -12.52 -5.59 -16.86
CA VAL A 148 -12.41 -6.93 -17.42
C VAL A 148 -11.29 -7.73 -16.74
N LEU A 149 -10.12 -7.13 -16.62
CA LEU A 149 -8.96 -7.77 -16.01
C LEU A 149 -8.31 -6.81 -15.00
N GLU A 150 -7.66 -5.75 -15.49
CA GLU A 150 -7.04 -4.74 -14.60
C GLU A 150 -8.08 -3.71 -14.15
N GLY A 1 -11.33 23.80 0.30
CA GLY A 1 -11.66 22.39 0.65
C GLY A 1 -12.83 21.86 -0.14
N SER A 2 -12.59 20.80 -0.92
CA SER A 2 -13.64 20.18 -1.73
C SER A 2 -13.75 18.68 -1.45
N LEU A 3 -12.60 17.98 -1.35
CA LEU A 3 -12.55 16.53 -1.07
C LEU A 3 -13.35 15.70 -2.10
N THR A 4 -12.97 15.81 -3.38
CA THR A 4 -13.64 15.05 -4.47
C THR A 4 -12.74 14.94 -5.71
N GLY A 5 -12.16 13.74 -5.89
CA GLY A 5 -11.29 13.50 -7.04
C GLY A 5 -11.15 12.03 -7.39
N ALA A 6 -9.91 11.54 -7.37
CA ALA A 6 -9.61 10.14 -7.72
C ALA A 6 -9.22 9.28 -6.50
N LEU A 7 -8.93 9.92 -5.36
CA LEU A 7 -8.53 9.21 -4.15
C LEU A 7 -9.77 8.93 -3.29
N ALA A 8 -10.65 8.04 -3.81
CA ALA A 8 -11.93 7.70 -3.15
C ALA A 8 -12.77 8.97 -2.97
N MET A 9 -12.54 9.94 -3.89
CA MET A 9 -13.18 11.27 -3.91
C MET A 9 -12.57 12.18 -2.84
N ARG A 10 -11.21 12.21 -2.79
CA ARG A 10 -10.44 13.04 -1.82
C ARG A 10 -9.07 13.44 -2.37
N LEU A 11 -8.79 13.15 -3.65
CA LEU A 11 -7.51 13.50 -4.32
C LEU A 11 -7.21 15.01 -4.23
N ASN A 12 -8.19 15.80 -3.76
CA ASN A 12 -8.02 17.25 -3.61
C ASN A 12 -6.94 17.55 -2.61
N ASP A 13 -6.26 18.64 -2.89
CA ASP A 13 -5.12 19.17 -2.12
C ASP A 13 -5.29 19.12 -0.60
N GLU A 14 -6.53 19.14 -0.08
CA GLU A 14 -6.73 19.09 1.38
C GLU A 14 -6.39 17.70 1.92
N ASP A 15 -6.99 16.70 1.28
CA ASP A 15 -6.81 15.32 1.68
C ASP A 15 -5.56 14.76 1.06
N LEU A 16 -5.16 15.36 -0.04
CA LEU A 16 -3.98 14.97 -0.79
C LEU A 16 -2.71 15.46 -0.09
N ASP A 17 -2.80 16.63 0.56
CA ASP A 17 -1.68 17.17 1.32
C ASP A 17 -1.59 16.42 2.65
N PHE A 18 -2.72 16.39 3.38
CA PHE A 18 -2.78 15.68 4.66
C PHE A 18 -2.64 14.15 4.43
N LEU A 19 -2.85 13.73 3.16
CA LEU A 19 -2.65 12.34 2.72
C LEU A 19 -1.18 12.14 2.30
N THR A 20 -0.59 13.22 1.71
CA THR A 20 0.79 13.19 1.21
C THR A 20 1.83 13.25 2.34
N LYS A 21 1.37 13.58 3.56
CA LYS A 21 2.24 13.65 4.77
C LYS A 21 3.39 12.62 4.80
N TRP A 22 3.11 11.40 4.29
CA TRP A 22 4.09 10.30 4.26
C TRP A 22 3.58 9.15 3.39
N THR A 23 4.44 8.15 3.16
CA THR A 23 4.10 6.98 2.35
C THR A 23 3.67 5.80 3.21
N ASP A 24 3.46 4.64 2.59
CA ASP A 24 3.02 3.44 3.31
C ASP A 24 3.95 2.26 3.02
N PHE A 25 5.10 2.54 2.41
CA PHE A 25 6.06 1.50 2.05
C PHE A 25 7.27 1.52 2.99
N LYS A 26 6.91 1.43 4.26
CA LYS A 26 7.86 1.28 5.36
C LYS A 26 7.41 0.03 6.10
N CYS A 27 6.29 -0.51 5.60
CA CYS A 27 5.65 -1.68 6.12
C CYS A 27 5.64 -2.76 5.04
N PHE A 28 6.22 -3.90 5.43
CA PHE A 28 6.28 -5.09 4.59
C PHE A 28 5.06 -5.93 4.87
N VAL A 29 4.28 -6.21 3.84
CA VAL A 29 3.09 -7.00 4.01
C VAL A 29 3.35 -8.44 3.59
N SER A 30 2.78 -9.35 4.41
CA SER A 30 2.97 -10.81 4.37
C SER A 30 3.50 -11.41 3.09
N ALA A 31 4.83 -11.51 3.09
CA ALA A 31 5.59 -12.12 2.00
C ALA A 31 5.56 -13.63 2.17
N SER A 32 5.23 -14.04 3.42
CA SER A 32 5.02 -15.43 3.83
C SER A 32 6.27 -16.23 4.19
N ASN A 33 7.12 -16.52 3.20
CA ASN A 33 8.34 -17.30 3.42
C ASN A 33 9.48 -16.33 3.66
N MET A 34 9.20 -15.07 3.32
CA MET A 34 10.11 -13.98 3.51
C MET A 34 9.78 -13.27 4.82
N ARG A 35 8.47 -13.23 5.12
CA ARG A 35 7.95 -12.61 6.34
C ARG A 35 7.14 -13.66 7.06
N ASN A 36 7.51 -13.88 8.32
CA ASN A 36 6.86 -14.86 9.20
C ASN A 36 7.56 -14.94 10.58
N ALA A 37 8.78 -14.35 10.70
CA ALA A 37 9.55 -14.36 11.95
C ALA A 37 9.15 -13.22 12.91
N ALA A 38 9.36 -11.96 12.50
CA ALA A 38 9.04 -10.82 13.38
C ALA A 38 7.66 -10.23 13.08
N GLY A 39 7.40 -9.92 11.79
CA GLY A 39 6.11 -9.40 11.39
C GLY A 39 5.76 -8.04 11.95
N GLN A 40 6.78 -7.22 12.24
CA GLN A 40 6.55 -5.89 12.75
C GLN A 40 6.49 -4.90 11.59
N PHE A 41 5.29 -4.87 11.03
CA PHE A 41 4.95 -4.04 9.88
C PHE A 41 3.59 -3.37 10.10
N ILE A 42 2.68 -4.12 10.74
CA ILE A 42 1.33 -3.66 11.07
C ILE A 42 1.35 -2.40 11.94
N GLU A 43 2.50 -2.14 12.60
CA GLU A 43 2.63 -0.96 13.46
C GLU A 43 2.55 0.32 12.62
N ALA A 44 3.50 0.49 11.68
CA ALA A 44 3.52 1.68 10.82
C ALA A 44 2.32 1.68 9.87
N ALA A 45 1.97 0.48 9.38
CA ALA A 45 0.83 0.31 8.46
C ALA A 45 -0.48 0.78 9.09
N TYR A 46 -0.68 0.45 10.39
CA TYR A 46 -1.89 0.86 11.12
C TYR A 46 -1.86 2.36 11.39
N ALA A 47 -0.68 2.86 11.80
CA ALA A 47 -0.48 4.29 12.08
C ALA A 47 -0.68 5.13 10.83
N LYS A 48 -0.22 4.61 9.68
CA LYS A 48 -0.35 5.30 8.40
C LYS A 48 -1.80 5.29 7.94
N ALA A 49 -2.47 4.13 8.10
CA ALA A 49 -3.91 4.01 7.80
C ALA A 49 -4.67 5.12 8.53
N LEU A 50 -4.29 5.31 9.81
CA LEU A 50 -4.87 6.37 10.66
C LEU A 50 -4.46 7.74 10.11
N ARG A 51 -3.23 7.82 9.55
CA ARG A 51 -2.72 9.06 8.94
C ARG A 51 -3.52 9.39 7.67
N ILE A 52 -3.99 8.33 6.97
CA ILE A 52 -4.84 8.50 5.79
C ILE A 52 -6.19 9.02 6.28
N GLU A 53 -6.54 8.61 7.51
CA GLU A 53 -7.75 9.07 8.20
C GLU A 53 -7.49 10.46 8.80
N LEU A 54 -6.21 10.84 8.93
CA LEU A 54 -5.87 12.19 9.40
C LEU A 54 -5.95 13.16 8.22
N ALA A 55 -5.69 12.59 7.04
CA ALA A 55 -5.74 13.30 5.75
C ALA A 55 -7.09 14.01 5.54
N GLN A 56 -8.02 13.64 6.40
CA GLN A 56 -9.37 14.17 6.43
C GLN A 56 -9.54 15.17 7.55
N LEU A 57 -8.43 15.84 7.90
CA LEU A 57 -8.42 16.86 8.93
C LEU A 57 -9.40 17.97 8.59
N VAL A 58 -10.62 17.66 8.90
CA VAL A 58 -11.71 18.58 8.77
C VAL A 58 -11.66 19.36 10.08
N GLN A 59 -11.04 18.71 11.09
CA GLN A 59 -10.87 19.32 12.43
C GLN A 59 -9.82 18.62 13.34
N VAL A 60 -9.97 17.30 13.58
CA VAL A 60 -9.07 16.56 14.49
C VAL A 60 -8.31 15.41 13.83
N ASP A 61 -8.82 14.95 12.69
CA ASP A 61 -8.25 13.79 11.99
C ASP A 61 -6.72 13.83 11.94
N LYS A 62 -6.16 14.96 11.45
CA LYS A 62 -4.68 15.13 11.37
C LYS A 62 -3.99 14.81 12.71
N VAL A 63 -4.62 15.19 13.82
CA VAL A 63 -4.06 14.99 15.17
C VAL A 63 -4.03 13.50 15.53
N ARG A 64 -5.11 12.77 15.18
CA ARG A 64 -5.15 11.30 15.48
C ARG A 64 -4.05 10.58 14.71
N GLY A 65 -3.94 10.91 13.41
CA GLY A 65 -2.94 10.29 12.56
C GLY A 65 -1.51 10.61 12.96
N THR A 66 -1.27 11.86 13.43
CA THR A 66 0.08 12.28 13.84
C THR A 66 0.55 11.52 15.10
N LEU A 67 -0.37 11.40 16.10
CA LEU A 67 -0.06 10.69 17.35
C LEU A 67 0.16 9.19 17.06
N ALA A 68 -0.65 8.63 16.15
CA ALA A 68 -0.54 7.23 15.74
C ALA A 68 0.75 7.02 14.96
N LYS A 69 1.05 8.01 14.10
CA LYS A 69 2.26 8.02 13.27
C LYS A 69 3.49 7.83 14.12
N LEU A 70 3.64 8.68 15.15
CA LEU A 70 4.77 8.59 16.07
C LEU A 70 4.74 7.23 16.80
N GLU A 71 3.52 6.87 17.27
CA GLU A 71 3.28 5.62 18.00
C GLU A 71 3.96 4.42 17.33
N ALA A 72 3.84 4.35 16.01
CA ALA A 72 4.49 3.29 15.23
C ALA A 72 5.87 3.71 14.76
N PHE A 73 5.97 4.95 14.27
CA PHE A 73 7.23 5.55 13.75
C PHE A 73 8.37 5.50 14.77
N ALA A 74 8.09 4.95 15.95
CA ALA A 74 9.07 4.80 17.04
C ALA A 74 10.49 4.38 16.60
N ASP A 75 10.70 3.14 16.08
CA ASP A 75 12.06 2.74 15.69
C ASP A 75 12.18 2.00 14.36
N THR A 76 11.61 0.80 14.28
CA THR A 76 11.73 -0.04 13.09
C THR A 76 10.45 0.04 12.27
N VAL A 77 9.88 1.24 12.28
CA VAL A 77 8.64 1.53 11.58
C VAL A 77 8.53 3.04 11.28
N ALA A 78 9.66 3.63 10.80
CA ALA A 78 9.69 5.07 10.52
C ALA A 78 10.57 5.46 9.30
N PRO A 79 11.94 5.23 9.31
CA PRO A 79 12.82 5.64 8.22
C PRO A 79 13.16 4.52 7.21
N GLN A 80 12.16 3.72 6.87
CA GLN A 80 12.37 2.60 5.93
C GLN A 80 11.35 2.65 4.77
N LEU A 81 11.60 3.54 3.79
CA LEU A 81 10.69 3.72 2.64
C LEU A 81 11.35 4.46 1.47
N SER A 82 10.59 4.55 0.37
CA SER A 82 11.01 5.25 -0.84
C SER A 82 10.35 6.65 -0.89
N PRO A 83 10.74 7.57 -1.85
CA PRO A 83 10.18 8.95 -1.93
C PRO A 83 8.66 9.10 -1.81
N GLY A 84 7.88 8.18 -2.39
CA GLY A 84 6.43 8.32 -2.29
C GLY A 84 5.64 7.32 -3.10
N ASP A 85 4.29 7.38 -2.96
CA ASP A 85 3.32 6.49 -3.67
C ASP A 85 3.68 4.98 -3.64
N ILE A 86 3.99 4.46 -2.43
CA ILE A 86 4.32 3.04 -2.27
C ILE A 86 3.93 2.47 -0.89
N VAL A 87 3.57 1.16 -0.90
CA VAL A 87 3.26 0.35 0.30
C VAL A 87 3.76 -1.10 0.03
N VAL A 88 4.45 -1.78 1.00
CA VAL A 88 4.98 -3.13 0.74
C VAL A 88 3.94 -4.23 1.02
N ALA A 89 3.62 -5.02 -0.03
CA ALA A 89 2.71 -6.17 0.04
C ALA A 89 3.15 -7.21 -0.98
N LEU A 90 3.93 -8.20 -0.52
CA LEU A 90 4.45 -9.24 -1.42
C LEU A 90 4.17 -10.64 -0.91
N GLY A 91 3.95 -11.58 -1.82
CA GLY A 91 3.71 -12.98 -1.46
C GLY A 91 2.30 -13.25 -0.97
N HIS A 92 2.18 -13.86 0.22
CA HIS A 92 0.88 -14.19 0.83
C HIS A 92 0.15 -12.92 1.28
N THR A 93 -0.30 -12.20 0.28
CA THR A 93 -0.99 -10.92 0.47
C THR A 93 -2.35 -10.94 -0.24
N PRO A 94 -3.48 -10.72 0.49
CA PRO A 94 -4.84 -10.77 -0.10
C PRO A 94 -5.09 -9.66 -1.14
N VAL A 95 -4.60 -9.90 -2.35
CA VAL A 95 -4.73 -8.96 -3.47
C VAL A 95 -4.65 -9.68 -4.82
N GLY A 96 -3.61 -10.51 -4.98
CA GLY A 96 -3.39 -11.23 -6.21
C GLY A 96 -3.94 -12.65 -6.21
N GLY A 97 -4.80 -12.92 -7.20
CA GLY A 97 -5.37 -14.26 -7.36
C GLY A 97 -4.43 -15.18 -8.13
N ILE A 98 -3.22 -14.66 -8.37
CA ILE A 98 -2.14 -15.36 -9.07
C ILE A 98 -1.39 -16.26 -8.06
N PHE A 99 -0.40 -17.05 -8.54
CA PHE A 99 0.37 -17.94 -7.66
C PHE A 99 1.88 -17.81 -7.92
N ASP A 100 2.51 -16.91 -7.16
CA ASP A 100 3.96 -16.66 -7.20
C ASP A 100 4.42 -16.01 -5.89
N LEU A 101 5.37 -16.65 -5.21
CA LEU A 101 5.92 -16.12 -3.96
C LEU A 101 7.39 -15.76 -4.16
N LYS A 102 7.71 -14.48 -3.95
CA LYS A 102 9.08 -14.02 -4.09
C LYS A 102 9.84 -14.05 -2.75
N VAL A 103 10.78 -15.00 -2.66
CA VAL A 103 11.62 -15.14 -1.45
C VAL A 103 13.04 -15.58 -1.87
N GLY A 104 13.91 -14.60 -2.14
CA GLY A 104 15.30 -14.85 -2.52
C GLY A 104 15.48 -15.78 -3.70
N SER A 105 15.87 -17.03 -3.41
CA SER A 105 16.07 -18.07 -4.44
C SER A 105 14.70 -18.63 -4.90
N THR A 106 13.65 -17.91 -4.49
CA THR A 106 12.27 -18.23 -4.79
C THR A 106 11.57 -16.93 -5.16
N LYS A 107 12.34 -16.00 -5.72
CA LYS A 107 11.88 -14.67 -6.09
C LYS A 107 10.89 -14.68 -7.27
N HIS A 108 9.60 -14.87 -6.94
CA HIS A 108 8.50 -14.87 -7.92
C HIS A 108 7.30 -14.21 -7.24
N THR A 109 7.00 -12.97 -7.59
CA THR A 109 5.93 -12.22 -6.91
C THR A 109 4.56 -12.27 -7.59
N LEU A 110 3.55 -12.58 -6.77
CA LEU A 110 2.14 -12.57 -7.18
C LEU A 110 1.42 -11.37 -6.51
N GLN A 111 1.27 -10.22 -7.20
CA GLN A 111 0.57 -9.08 -6.58
C GLN A 111 -0.21 -8.26 -7.61
N ALA A 112 -1.49 -8.59 -7.74
CA ALA A 112 -2.42 -7.90 -8.63
C ALA A 112 -3.49 -7.15 -7.85
N ILE A 113 -3.34 -5.82 -7.71
CA ILE A 113 -4.35 -5.04 -6.99
C ILE A 113 -5.03 -4.01 -7.90
N GLU A 114 -4.30 -2.99 -8.37
CA GLU A 114 -4.88 -1.92 -9.23
C GLU A 114 -3.74 -1.16 -9.91
N THR A 115 -4.04 -0.08 -10.63
CA THR A 115 -2.97 0.76 -11.20
C THR A 115 -3.22 2.22 -10.80
N ARG A 116 -2.83 2.52 -9.55
CA ARG A 116 -2.97 3.86 -8.97
C ARG A 116 -1.67 4.26 -8.28
N VAL A 117 -1.14 5.42 -8.64
CA VAL A 117 0.10 5.94 -8.06
C VAL A 117 -0.05 7.40 -7.57
N LEU A 118 -0.41 7.60 -6.28
CA LEU A 118 -0.50 8.98 -5.79
C LEU A 118 0.67 9.25 -4.85
N ALA A 119 1.55 10.18 -5.29
CA ALA A 119 2.77 10.56 -4.54
C ALA A 119 2.49 10.96 -3.09
N GLY A 120 2.92 10.10 -2.15
CA GLY A 120 2.70 10.36 -0.73
C GLY A 120 1.37 9.81 -0.27
N SER A 121 0.59 9.35 -1.24
CA SER A 121 -0.71 8.77 -1.01
C SER A 121 -0.67 7.30 -1.47
N LYS A 122 -1.84 6.67 -1.54
CA LYS A 122 -1.95 5.26 -1.87
C LYS A 122 -1.54 4.92 -3.30
N MET A 123 -1.03 3.70 -3.42
CA MET A 123 -0.59 3.14 -4.69
C MET A 123 -0.88 1.64 -4.71
N THR A 124 -1.63 1.24 -5.71
CA THR A 124 -2.00 -0.15 -5.91
C THR A 124 -1.68 -0.53 -7.34
N VAL A 125 -0.89 -1.60 -7.51
CA VAL A 125 -0.47 -2.04 -8.83
C VAL A 125 -0.65 -3.56 -9.05
N ALA A 126 -0.76 -3.96 -10.32
CA ALA A 126 -0.88 -5.36 -10.66
C ALA A 126 0.36 -5.83 -11.42
N ARG A 127 1.18 -6.62 -10.71
CA ARG A 127 2.42 -7.16 -11.26
C ARG A 127 2.72 -8.56 -10.72
N VAL A 128 3.10 -9.45 -11.63
CA VAL A 128 3.48 -10.81 -11.28
C VAL A 128 4.90 -11.09 -11.79
N VAL A 129 5.87 -11.07 -10.86
CA VAL A 129 7.28 -11.33 -11.18
C VAL A 129 7.51 -12.84 -11.24
N ASP A 130 7.53 -13.36 -12.48
CA ASP A 130 7.72 -14.80 -12.73
C ASP A 130 8.82 -15.02 -13.79
N PRO A 131 9.47 -16.24 -13.82
CA PRO A 131 10.54 -16.54 -14.80
C PRO A 131 10.05 -16.67 -16.25
N THR A 132 8.72 -16.58 -16.46
CA THR A 132 8.12 -16.68 -17.79
C THR A 132 8.03 -15.30 -18.46
N PRO A 133 8.42 -15.19 -19.77
CA PRO A 133 8.38 -13.90 -20.51
C PRO A 133 6.96 -13.46 -20.90
N THR A 134 6.21 -14.39 -21.51
CA THR A 134 4.83 -14.12 -21.94
C THR A 134 3.82 -14.35 -20.81
N PRO A 135 2.95 -13.33 -20.47
CA PRO A 135 1.94 -13.45 -19.40
C PRO A 135 0.72 -14.30 -19.84
N PRO A 136 -0.20 -14.69 -18.88
CA PRO A 136 -1.40 -15.48 -19.22
C PRO A 136 -2.38 -14.74 -20.16
N PRO A 137 -2.99 -15.44 -21.16
CA PRO A 137 -3.94 -14.82 -22.11
C PRO A 137 -5.29 -14.47 -21.50
N ALA A 138 -5.51 -14.88 -20.25
CA ALA A 138 -6.77 -14.61 -19.56
C ALA A 138 -6.64 -13.39 -18.62
N PRO A 139 -7.77 -12.70 -18.26
CA PRO A 139 -7.74 -11.52 -17.36
C PRO A 139 -7.34 -11.88 -15.92
N VAL A 140 -7.05 -10.86 -15.10
CA VAL A 140 -6.66 -11.06 -13.71
C VAL A 140 -7.83 -10.75 -12.75
N PRO A 141 -7.96 -11.48 -11.59
CA PRO A 141 -9.04 -11.23 -10.62
C PRO A 141 -8.75 -10.08 -9.65
N ILE A 142 -9.64 -9.08 -9.66
CA ILE A 142 -9.52 -7.90 -8.79
C ILE A 142 -10.89 -7.60 -8.15
N PRO A 143 -10.94 -7.27 -6.82
CA PRO A 143 -12.22 -6.97 -6.12
C PRO A 143 -12.96 -5.70 -6.60
N LEU A 144 -12.40 -5.04 -7.63
CA LEU A 144 -13.00 -3.82 -8.20
C LEU A 144 -13.97 -4.16 -9.34
N PRO A 145 -15.32 -4.09 -9.11
CA PRO A 145 -16.34 -4.39 -10.15
C PRO A 145 -16.20 -3.60 -11.48
N PRO A 146 -15.89 -2.25 -11.49
CA PRO A 146 -15.77 -1.47 -12.75
C PRO A 146 -14.71 -2.01 -13.72
N LYS A 147 -13.67 -2.65 -13.18
CA LYS A 147 -12.59 -3.21 -14.01
C LYS A 147 -12.49 -4.72 -13.86
N VAL A 148 -11.92 -5.37 -14.87
CA VAL A 148 -11.75 -6.82 -14.88
C VAL A 148 -10.29 -7.22 -15.13
N LEU A 149 -9.61 -6.47 -16.02
CA LEU A 149 -8.21 -6.74 -16.34
C LEU A 149 -7.32 -5.66 -15.70
N GLU A 150 -7.38 -5.62 -14.36
CA GLU A 150 -6.61 -4.66 -13.50
C GLU A 150 -6.67 -3.21 -14.00
N GLY A 1 -12.96 21.31 -5.75
CA GLY A 1 -12.67 22.23 -4.62
C GLY A 1 -12.99 21.64 -3.26
N SER A 2 -11.94 21.39 -2.45
CA SER A 2 -12.04 20.80 -1.10
C SER A 2 -12.83 19.49 -1.07
N LEU A 3 -12.11 18.35 -0.91
CA LEU A 3 -12.70 17.00 -0.86
C LEU A 3 -13.40 16.62 -2.17
N THR A 4 -13.67 15.31 -2.31
CA THR A 4 -14.34 14.71 -3.50
C THR A 4 -13.59 14.99 -4.80
N GLY A 5 -12.82 14.00 -5.25
CA GLY A 5 -12.06 14.11 -6.49
C GLY A 5 -11.91 12.78 -7.21
N ALA A 6 -10.79 12.10 -6.97
CA ALA A 6 -10.50 10.81 -7.59
C ALA A 6 -9.78 9.84 -6.64
N LEU A 7 -9.52 10.29 -5.40
CA LEU A 7 -8.85 9.46 -4.40
C LEU A 7 -9.87 9.06 -3.36
N ALA A 8 -10.78 8.13 -3.75
CA ALA A 8 -11.89 7.69 -2.89
C ALA A 8 -12.80 8.87 -2.55
N MET A 9 -12.71 9.93 -3.43
CA MET A 9 -13.46 11.19 -3.31
C MET A 9 -12.76 12.12 -2.29
N ARG A 10 -11.41 12.12 -2.34
CA ARG A 10 -10.57 12.93 -1.41
C ARG A 10 -9.23 13.34 -2.07
N LEU A 11 -9.13 13.18 -3.39
CA LEU A 11 -7.93 13.55 -4.16
C LEU A 11 -7.62 15.05 -4.03
N ASN A 12 -8.58 15.82 -3.52
CA ASN A 12 -8.41 17.27 -3.34
C ASN A 12 -7.30 17.55 -2.34
N ASP A 13 -6.64 18.65 -2.62
CA ASP A 13 -5.49 19.16 -1.85
C ASP A 13 -5.63 19.10 -0.32
N GLU A 14 -6.85 19.14 0.22
CA GLU A 14 -7.04 19.07 1.68
C GLU A 14 -6.68 17.69 2.21
N ASP A 15 -7.30 16.68 1.59
CA ASP A 15 -7.11 15.30 1.99
C ASP A 15 -5.84 14.76 1.38
N LEU A 16 -5.47 15.34 0.25
CA LEU A 16 -4.27 14.96 -0.51
C LEU A 16 -3.01 15.48 0.17
N ASP A 17 -3.11 16.64 0.81
CA ASP A 17 -1.99 17.22 1.55
C ASP A 17 -1.85 16.48 2.88
N PHE A 18 -2.97 16.43 3.63
CA PHE A 18 -2.99 15.72 4.91
C PHE A 18 -2.79 14.22 4.67
N LEU A 19 -3.00 13.77 3.42
CA LEU A 19 -2.74 12.39 2.97
C LEU A 19 -1.27 12.27 2.53
N THR A 20 -0.74 13.35 1.92
CA THR A 20 0.63 13.38 1.39
C THR A 20 1.71 13.42 2.49
N LYS A 21 1.27 13.75 3.72
CA LYS A 21 2.16 13.81 4.92
C LYS A 21 3.33 12.79 4.91
N TRP A 22 3.05 11.56 4.43
CA TRP A 22 4.04 10.47 4.38
C TRP A 22 3.54 9.35 3.47
N THR A 23 4.35 8.29 3.31
CA THR A 23 3.98 7.15 2.45
C THR A 23 3.58 5.94 3.29
N ASP A 24 3.21 4.85 2.62
CA ASP A 24 2.76 3.64 3.30
C ASP A 24 3.69 2.45 3.03
N PHE A 25 4.88 2.75 2.50
CA PHE A 25 5.84 1.71 2.17
C PHE A 25 7.04 1.75 3.13
N LYS A 26 6.68 1.71 4.40
CA LYS A 26 7.59 1.59 5.52
C LYS A 26 7.10 0.39 6.31
N CYS A 27 6.01 -0.19 5.75
CA CYS A 27 5.34 -1.33 6.29
C CYS A 27 5.31 -2.44 5.25
N PHE A 28 5.83 -3.59 5.68
CA PHE A 28 5.88 -4.80 4.89
C PHE A 28 4.64 -5.61 5.15
N VAL A 29 3.89 -5.93 4.10
CA VAL A 29 2.69 -6.72 4.27
C VAL A 29 3.00 -8.17 3.93
N SER A 30 2.46 -9.04 4.81
CA SER A 30 2.68 -10.51 4.85
C SER A 30 3.20 -11.16 3.59
N ALA A 31 4.51 -11.39 3.63
CA ALA A 31 5.25 -12.06 2.57
C ALA A 31 5.07 -13.56 2.72
N SER A 32 4.97 -13.99 4.01
CA SER A 32 4.66 -15.38 4.39
C SER A 32 5.89 -16.21 4.79
N ASN A 33 6.78 -16.47 3.85
CA ASN A 33 7.99 -17.26 4.11
C ASN A 33 9.13 -16.31 4.39
N MET A 34 8.91 -15.08 3.97
CA MET A 34 9.81 -13.98 4.16
C MET A 34 9.44 -13.28 5.48
N ARG A 35 8.13 -13.17 5.72
CA ARG A 35 7.59 -12.56 6.92
C ARG A 35 6.79 -13.61 7.65
N ASN A 36 7.15 -13.83 8.93
CA ASN A 36 6.51 -14.82 9.78
C ASN A 36 7.21 -14.93 11.16
N ALA A 37 8.46 -14.42 11.25
CA ALA A 37 9.25 -14.48 12.49
C ALA A 37 8.93 -13.32 13.47
N ALA A 38 9.26 -12.07 13.07
CA ALA A 38 9.01 -10.91 13.95
C ALA A 38 7.63 -10.30 13.67
N GLY A 39 7.35 -10.01 12.40
CA GLY A 39 6.05 -9.48 12.00
C GLY A 39 5.77 -8.07 12.49
N GLN A 40 6.83 -7.28 12.72
CA GLN A 40 6.65 -5.91 13.15
C GLN A 40 6.49 -5.02 11.93
N PHE A 41 5.26 -5.02 11.45
CA PHE A 41 4.83 -4.28 10.29
C PHE A 41 3.49 -3.59 10.57
N ILE A 42 2.65 -4.28 11.37
CA ILE A 42 1.33 -3.77 11.77
C ILE A 42 1.43 -2.43 12.50
N GLU A 43 2.61 -2.14 13.07
CA GLU A 43 2.85 -0.88 13.77
C GLU A 43 2.70 0.31 12.81
N ALA A 44 3.55 0.35 11.76
CA ALA A 44 3.48 1.41 10.74
C ALA A 44 2.19 1.31 9.92
N ALA A 45 1.67 0.08 9.73
CA ALA A 45 0.43 -0.14 8.97
C ALA A 45 -0.75 0.57 9.65
N TYR A 46 -0.81 0.44 11.00
CA TYR A 46 -1.86 1.07 11.80
C TYR A 46 -1.65 2.58 11.87
N ALA A 47 -0.37 2.99 12.00
CA ALA A 47 0.00 4.41 12.08
C ALA A 47 -0.31 5.17 10.79
N LYS A 48 0.04 4.58 9.63
CA LYS A 48 -0.21 5.21 8.34
C LYS A 48 -1.68 5.14 7.96
N ALA A 49 -2.33 4.00 8.27
CA ALA A 49 -3.78 3.87 8.05
C ALA A 49 -4.51 4.97 8.83
N LEU A 50 -3.99 5.23 10.05
CA LEU A 50 -4.51 6.28 10.92
C LEU A 50 -4.16 7.66 10.35
N ARG A 51 -2.97 7.79 9.72
CA ARG A 51 -2.56 9.05 9.08
C ARG A 51 -3.40 9.32 7.83
N ILE A 52 -3.87 8.23 7.19
CA ILE A 52 -4.76 8.34 6.02
C ILE A 52 -6.11 8.83 6.54
N GLU A 53 -6.44 8.39 7.77
CA GLU A 53 -7.64 8.83 8.48
C GLU A 53 -7.42 10.21 9.09
N LEU A 54 -6.14 10.63 9.21
CA LEU A 54 -5.82 11.98 9.69
C LEU A 54 -5.95 12.95 8.54
N ALA A 55 -5.68 12.42 7.34
CA ALA A 55 -5.78 13.15 6.06
C ALA A 55 -7.14 13.85 5.91
N GLN A 56 -8.04 13.44 6.78
CA GLN A 56 -9.40 13.95 6.85
C GLN A 56 -9.54 14.94 8.00
N LEU A 57 -8.43 15.62 8.32
CA LEU A 57 -8.38 16.63 9.35
C LEU A 57 -9.36 17.73 9.05
N VAL A 58 -10.57 17.42 9.39
CA VAL A 58 -11.65 18.36 9.30
C VAL A 58 -11.57 19.13 10.62
N GLN A 59 -10.92 18.45 11.60
CA GLN A 59 -10.70 19.04 12.94
C GLN A 59 -9.63 18.34 13.81
N VAL A 60 -9.76 17.02 14.03
CA VAL A 60 -8.81 16.28 14.92
C VAL A 60 -8.06 15.14 14.23
N ASP A 61 -8.59 14.70 13.10
CA ASP A 61 -8.04 13.55 12.36
C ASP A 61 -6.51 13.63 12.27
N LYS A 62 -5.98 14.75 11.78
CA LYS A 62 -4.51 14.95 11.66
C LYS A 62 -3.76 14.62 12.98
N VAL A 63 -4.35 15.00 14.11
CA VAL A 63 -3.73 14.79 15.42
C VAL A 63 -3.68 13.30 15.79
N ARG A 64 -4.77 12.58 15.49
CA ARG A 64 -4.81 11.12 15.78
C ARG A 64 -3.73 10.40 14.96
N GLY A 65 -3.65 10.75 13.67
CA GLY A 65 -2.67 10.13 12.78
C GLY A 65 -1.22 10.46 13.15
N THR A 66 -0.96 11.70 13.61
CA THR A 66 0.40 12.09 13.99
C THR A 66 0.86 11.32 15.24
N LEU A 67 -0.04 11.16 16.23
CA LEU A 67 0.26 10.42 17.46
C LEU A 67 0.50 8.92 17.15
N ALA A 68 -0.31 8.38 16.23
CA ALA A 68 -0.20 6.98 15.80
C ALA A 68 1.09 6.77 15.01
N LYS A 69 1.40 7.79 14.17
CA LYS A 69 2.60 7.82 13.34
C LYS A 69 3.83 7.67 14.20
N LEU A 70 3.92 8.47 15.28
CA LEU A 70 5.06 8.40 16.19
C LEU A 70 5.07 7.02 16.90
N GLU A 71 3.85 6.59 17.33
CA GLU A 71 3.64 5.31 18.01
C GLU A 71 4.36 4.17 17.28
N ALA A 72 4.27 4.21 15.94
CA ALA A 72 4.94 3.22 15.09
C ALA A 72 6.34 3.69 14.70
N PHE A 73 6.45 4.97 14.34
CA PHE A 73 7.73 5.59 13.90
C PHE A 73 8.85 5.42 14.94
N ALA A 74 8.52 4.78 16.07
CA ALA A 74 9.48 4.49 17.14
C ALA A 74 10.86 4.01 16.67
N ASP A 75 10.98 2.81 16.06
CA ASP A 75 12.30 2.33 15.62
C ASP A 75 12.35 1.65 14.24
N THR A 76 11.73 0.48 14.14
CA THR A 76 11.76 -0.33 12.90
C THR A 76 10.47 -0.12 12.10
N VAL A 77 9.96 1.08 12.23
CA VAL A 77 8.71 1.48 11.60
C VAL A 77 8.68 3.00 11.36
N ALA A 78 9.81 3.56 10.88
CA ALA A 78 9.91 5.00 10.64
C ALA A 78 10.74 5.38 9.39
N PRO A 79 12.08 5.10 9.30
CA PRO A 79 12.91 5.49 8.16
C PRO A 79 13.11 4.38 7.11
N GLN A 80 12.02 3.70 6.76
CA GLN A 80 12.09 2.60 5.80
C GLN A 80 11.04 2.75 4.69
N LEU A 81 11.32 3.63 3.72
CA LEU A 81 10.39 3.90 2.60
C LEU A 81 11.06 4.66 1.44
N SER A 82 10.30 4.81 0.35
CA SER A 82 10.73 5.53 -0.84
C SER A 82 10.08 6.93 -0.87
N PRO A 83 10.49 7.87 -1.80
CA PRO A 83 9.94 9.25 -1.88
C PRO A 83 8.42 9.39 -1.76
N GLY A 84 7.64 8.47 -2.33
CA GLY A 84 6.19 8.59 -2.23
C GLY A 84 5.43 7.55 -3.02
N ASP A 85 4.08 7.58 -2.86
CA ASP A 85 3.11 6.66 -3.54
C ASP A 85 3.50 5.17 -3.52
N ILE A 86 3.78 4.64 -2.31
CA ILE A 86 4.13 3.21 -2.15
C ILE A 86 3.71 2.63 -0.79
N VAL A 87 3.37 1.31 -0.81
CA VAL A 87 3.03 0.50 0.39
C VAL A 87 3.55 -0.95 0.15
N VAL A 88 4.23 -1.60 1.13
CA VAL A 88 4.77 -2.96 0.91
C VAL A 88 3.74 -4.07 1.19
N ALA A 89 3.50 -4.91 0.16
CA ALA A 89 2.61 -6.07 0.23
C ALA A 89 3.14 -7.16 -0.72
N LEU A 90 3.86 -8.13 -0.16
CA LEU A 90 4.44 -9.22 -0.96
C LEU A 90 4.09 -10.59 -0.42
N GLY A 91 3.85 -11.55 -1.33
CA GLY A 91 3.54 -12.92 -0.93
C GLY A 91 2.12 -13.12 -0.44
N HIS A 92 1.98 -13.70 0.76
CA HIS A 92 0.65 -13.96 1.38
C HIS A 92 -0.04 -12.65 1.73
N THR A 93 -0.56 -12.03 0.69
CA THR A 93 -1.22 -10.74 0.78
C THR A 93 -2.58 -10.82 0.06
N PRO A 94 -3.73 -10.66 0.80
CA PRO A 94 -5.09 -10.77 0.20
C PRO A 94 -5.39 -9.68 -0.84
N VAL A 95 -4.89 -9.91 -2.06
CA VAL A 95 -5.07 -8.99 -3.19
C VAL A 95 -4.94 -9.72 -4.53
N GLY A 96 -3.88 -10.51 -4.67
CA GLY A 96 -3.61 -11.24 -5.89
C GLY A 96 -4.14 -12.65 -5.90
N GLY A 97 -4.94 -12.95 -6.94
CA GLY A 97 -5.51 -14.28 -7.12
C GLY A 97 -4.52 -15.20 -7.84
N ILE A 98 -3.30 -14.67 -8.03
CA ILE A 98 -2.20 -15.36 -8.68
C ILE A 98 -1.47 -16.25 -7.65
N PHE A 99 -0.48 -17.05 -8.08
CA PHE A 99 0.26 -17.92 -7.18
C PHE A 99 1.78 -17.81 -7.37
N ASP A 100 2.39 -16.88 -6.59
CA ASP A 100 3.84 -16.64 -6.60
C ASP A 100 4.27 -15.99 -5.29
N LEU A 101 5.20 -16.63 -4.58
CA LEU A 101 5.73 -16.10 -3.32
C LEU A 101 7.20 -15.73 -3.51
N LYS A 102 7.53 -14.46 -3.28
CA LYS A 102 8.90 -14.00 -3.40
C LYS A 102 9.66 -14.06 -2.07
N VAL A 103 10.61 -15.01 -1.99
CA VAL A 103 11.44 -15.21 -0.80
C VAL A 103 12.85 -15.65 -1.22
N GLY A 104 13.74 -14.66 -1.43
CA GLY A 104 15.14 -14.92 -1.82
C GLY A 104 15.30 -15.79 -3.05
N SER A 105 15.71 -17.06 -2.82
CA SER A 105 15.90 -18.04 -3.90
C SER A 105 14.54 -18.59 -4.36
N THR A 106 13.50 -17.89 -3.93
CA THR A 106 12.11 -18.21 -4.23
C THR A 106 11.39 -16.91 -4.53
N LYS A 107 12.16 -15.94 -5.05
CA LYS A 107 11.68 -14.60 -5.36
C LYS A 107 10.71 -14.57 -6.58
N HIS A 108 9.42 -14.79 -6.28
CA HIS A 108 8.34 -14.75 -7.28
C HIS A 108 7.13 -14.13 -6.59
N THR A 109 6.83 -12.88 -6.88
CA THR A 109 5.74 -12.17 -6.21
C THR A 109 4.39 -12.19 -6.93
N LEU A 110 3.37 -12.55 -6.15
CA LEU A 110 1.97 -12.55 -6.60
C LEU A 110 1.23 -11.36 -5.95
N GLN A 111 1.10 -10.21 -6.64
CA GLN A 111 0.38 -9.08 -6.03
C GLN A 111 -0.34 -8.23 -7.07
N ALA A 112 -1.63 -8.56 -7.24
CA ALA A 112 -2.52 -7.84 -8.16
C ALA A 112 -3.62 -7.12 -7.39
N ILE A 113 -3.54 -5.78 -7.33
CA ILE A 113 -4.58 -5.02 -6.63
C ILE A 113 -5.31 -4.02 -7.56
N GLU A 114 -4.60 -2.98 -8.02
CA GLU A 114 -5.21 -1.94 -8.88
C GLU A 114 -4.09 -1.15 -9.59
N THR A 115 -4.42 -0.08 -10.32
CA THR A 115 -3.39 0.75 -10.91
C THR A 115 -3.65 2.21 -10.52
N ARG A 116 -3.26 2.53 -9.28
CA ARG A 116 -3.40 3.87 -8.70
C ARG A 116 -2.10 4.26 -8.01
N VAL A 117 -1.51 5.38 -8.44
CA VAL A 117 -0.25 5.86 -7.88
C VAL A 117 -0.36 7.34 -7.46
N LEU A 118 -0.72 7.63 -6.19
CA LEU A 118 -0.79 9.03 -5.75
C LEU A 118 0.38 9.32 -4.80
N ALA A 119 1.24 10.28 -5.20
CA ALA A 119 2.44 10.67 -4.42
C ALA A 119 2.13 11.05 -2.98
N GLY A 120 2.59 10.21 -2.04
CA GLY A 120 2.37 10.44 -0.63
C GLY A 120 1.05 9.83 -0.16
N SER A 121 0.25 9.41 -1.15
CA SER A 121 -1.02 8.78 -0.91
C SER A 121 -0.95 7.33 -1.37
N LYS A 122 -2.09 6.66 -1.43
CA LYS A 122 -2.17 5.25 -1.76
C LYS A 122 -1.74 4.93 -3.20
N MET A 123 -1.16 3.73 -3.33
CA MET A 123 -0.71 3.19 -4.59
C MET A 123 -0.96 1.69 -4.61
N THR A 124 -1.90 1.30 -5.46
CA THR A 124 -2.28 -0.09 -5.64
C THR A 124 -1.98 -0.49 -7.08
N VAL A 125 -1.17 -1.54 -7.24
CA VAL A 125 -0.77 -2.01 -8.58
C VAL A 125 -0.92 -3.53 -8.75
N ALA A 126 -1.04 -3.96 -10.01
CA ALA A 126 -1.14 -5.38 -10.32
C ALA A 126 0.15 -5.85 -10.99
N ARG A 127 0.95 -6.61 -10.22
CA ARG A 127 2.23 -7.12 -10.70
C ARG A 127 2.55 -8.51 -10.14
N VAL A 128 2.99 -9.39 -11.03
CA VAL A 128 3.40 -10.74 -10.67
C VAL A 128 4.86 -10.96 -11.11
N VAL A 129 5.78 -10.89 -10.14
CA VAL A 129 7.22 -11.07 -10.42
C VAL A 129 7.56 -12.56 -10.46
N ASP A 130 7.42 -13.16 -11.66
CA ASP A 130 7.72 -14.58 -11.88
C ASP A 130 8.21 -14.76 -13.34
N PRO A 131 9.39 -15.42 -13.56
CA PRO A 131 9.93 -15.63 -14.92
C PRO A 131 9.14 -16.68 -15.72
N THR A 132 8.66 -16.26 -16.90
CA THR A 132 7.88 -17.15 -17.78
C THR A 132 8.25 -16.92 -19.25
N PRO A 133 8.28 -17.99 -20.10
CA PRO A 133 8.60 -17.86 -21.53
C PRO A 133 7.49 -17.21 -22.35
N THR A 134 6.26 -17.74 -22.20
CA THR A 134 5.09 -17.23 -22.91
C THR A 134 4.29 -16.26 -22.03
N PRO A 135 3.69 -15.17 -22.63
CA PRO A 135 2.90 -14.18 -21.87
C PRO A 135 1.53 -14.73 -21.38
N PRO A 136 0.83 -14.05 -20.43
CA PRO A 136 -0.48 -14.51 -19.92
C PRO A 136 -1.64 -14.26 -20.91
N PRO A 137 -2.35 -15.33 -21.37
CA PRO A 137 -3.48 -15.19 -22.31
C PRO A 137 -4.79 -14.74 -21.64
N ALA A 138 -4.80 -14.73 -20.32
CA ALA A 138 -5.98 -14.33 -19.56
C ALA A 138 -5.80 -12.95 -18.90
N PRO A 139 -6.90 -12.24 -18.49
CA PRO A 139 -6.80 -10.90 -17.84
C PRO A 139 -6.13 -10.96 -16.46
N VAL A 140 -6.46 -10.00 -15.58
CA VAL A 140 -5.87 -9.95 -14.23
C VAL A 140 -6.88 -10.50 -13.20
N PRO A 141 -6.43 -11.36 -12.21
CA PRO A 141 -7.31 -11.95 -11.18
C PRO A 141 -8.16 -10.95 -10.37
N ILE A 142 -7.84 -9.65 -10.48
CA ILE A 142 -8.57 -8.60 -9.75
C ILE A 142 -10.04 -8.50 -10.22
N PRO A 143 -10.99 -7.91 -9.40
CA PRO A 143 -12.42 -7.76 -9.77
C PRO A 143 -12.63 -7.17 -11.17
N LEU A 144 -13.90 -7.15 -11.64
CA LEU A 144 -14.25 -6.64 -12.97
C LEU A 144 -14.54 -5.11 -12.96
N PRO A 145 -13.53 -4.26 -13.33
CA PRO A 145 -13.70 -2.80 -13.39
C PRO A 145 -14.08 -2.31 -14.81
N PRO A 146 -14.34 -0.98 -15.04
CA PRO A 146 -14.67 -0.45 -16.39
C PRO A 146 -13.58 -0.72 -17.44
N LYS A 147 -12.41 -1.14 -16.96
CA LYS A 147 -11.26 -1.46 -17.82
C LYS A 147 -11.22 -2.94 -18.17
N VAL A 148 -10.40 -3.27 -19.15
CA VAL A 148 -10.23 -4.64 -19.64
C VAL A 148 -9.19 -5.39 -18.79
N LEU A 149 -7.96 -4.85 -18.75
CA LEU A 149 -6.88 -5.46 -17.97
C LEU A 149 -6.22 -4.40 -17.07
N GLU A 150 -6.60 -4.46 -15.76
CA GLU A 150 -6.10 -3.54 -14.71
C GLU A 150 -6.07 -2.06 -15.12
N GLY A 1 -16.16 20.24 -5.28
CA GLY A 1 -15.14 21.33 -5.24
C GLY A 1 -13.92 20.95 -4.42
N SER A 2 -14.17 20.59 -3.15
CA SER A 2 -13.09 20.20 -2.23
C SER A 2 -13.44 18.90 -1.51
N LEU A 3 -12.41 18.09 -1.22
CA LEU A 3 -12.55 16.78 -0.54
C LEU A 3 -13.48 15.82 -1.30
N THR A 4 -13.29 15.76 -2.61
CA THR A 4 -14.06 14.87 -3.51
C THR A 4 -13.51 14.94 -4.94
N GLY A 5 -12.70 13.94 -5.30
CA GLY A 5 -12.12 13.89 -6.64
C GLY A 5 -11.97 12.48 -7.18
N ALA A 6 -10.74 11.95 -7.13
CA ALA A 6 -10.45 10.60 -7.63
C ALA A 6 -9.69 9.72 -6.62
N LEU A 7 -9.45 10.26 -5.41
CA LEU A 7 -8.74 9.53 -4.38
C LEU A 7 -9.73 9.18 -3.28
N ALA A 8 -10.67 8.27 -3.62
CA ALA A 8 -11.76 7.87 -2.70
C ALA A 8 -12.63 9.09 -2.37
N MET A 9 -12.58 10.09 -3.29
CA MET A 9 -13.29 11.37 -3.19
C MET A 9 -12.55 12.27 -2.20
N ARG A 10 -11.20 12.24 -2.28
CA ARG A 10 -10.32 13.01 -1.38
C ARG A 10 -9.03 13.46 -2.11
N LEU A 11 -8.99 13.28 -3.43
CA LEU A 11 -7.85 13.67 -4.27
C LEU A 11 -7.54 15.18 -4.16
N ASN A 12 -8.46 15.94 -3.57
CA ASN A 12 -8.28 17.39 -3.39
C ASN A 12 -7.12 17.66 -2.46
N ASP A 13 -6.47 18.78 -2.77
CA ASP A 13 -5.29 19.30 -2.09
C ASP A 13 -5.35 19.24 -0.55
N GLU A 14 -6.54 19.24 0.05
CA GLU A 14 -6.65 19.18 1.52
C GLU A 14 -6.31 17.78 2.03
N ASP A 15 -6.95 16.80 1.42
CA ASP A 15 -6.76 15.41 1.80
C ASP A 15 -5.53 14.84 1.14
N LEU A 16 -5.16 15.44 0.01
CA LEU A 16 -4.00 15.05 -0.77
C LEU A 16 -2.72 15.52 -0.10
N ASP A 17 -2.75 16.75 0.45
CA ASP A 17 -1.61 17.30 1.19
C ASP A 17 -1.47 16.54 2.51
N PHE A 18 -2.57 16.52 3.30
CA PHE A 18 -2.56 15.81 4.56
C PHE A 18 -2.42 14.29 4.33
N LEU A 19 -2.68 13.85 3.08
CA LEU A 19 -2.49 12.45 2.66
C LEU A 19 -1.03 12.26 2.20
N THR A 20 -0.46 13.33 1.63
CA THR A 20 0.90 13.31 1.08
C THR A 20 1.97 13.39 2.18
N LYS A 21 1.56 13.72 3.42
CA LYS A 21 2.47 13.80 4.59
C LYS A 21 3.63 12.80 4.55
N TRP A 22 3.33 11.57 4.10
CA TRP A 22 4.31 10.48 4.02
C TRP A 22 3.78 9.34 3.12
N THR A 23 4.54 8.24 2.98
CA THR A 23 4.14 7.11 2.12
C THR A 23 3.79 5.89 2.96
N ASP A 24 3.33 4.82 2.29
CA ASP A 24 2.91 3.62 2.99
C ASP A 24 3.84 2.43 2.69
N PHE A 25 5.03 2.74 2.16
CA PHE A 25 6.00 1.71 1.81
C PHE A 25 7.20 1.76 2.77
N LYS A 26 6.83 1.70 4.03
CA LYS A 26 7.75 1.59 5.16
C LYS A 26 7.30 0.36 5.90
N CYS A 27 6.26 -0.26 5.32
CA CYS A 27 5.62 -1.42 5.84
C CYS A 27 5.63 -2.52 4.81
N PHE A 28 6.25 -3.63 5.24
CA PHE A 28 6.32 -4.84 4.45
C PHE A 28 5.13 -5.68 4.82
N VAL A 29 4.32 -6.02 3.83
CA VAL A 29 3.12 -6.79 4.09
C VAL A 29 3.38 -8.25 3.76
N SER A 30 2.82 -9.10 4.65
CA SER A 30 3.01 -10.56 4.70
C SER A 30 3.52 -11.20 3.43
N ALA A 31 4.85 -11.36 3.46
CA ALA A 31 5.63 -11.97 2.39
C ALA A 31 5.56 -13.48 2.49
N SER A 32 5.26 -13.94 3.72
CA SER A 32 4.99 -15.34 4.05
C SER A 32 6.25 -16.19 4.34
N ASN A 33 7.07 -16.46 3.32
CA ASN A 33 8.27 -17.27 3.46
C ASN A 33 9.43 -16.36 3.78
N MET A 34 9.21 -15.08 3.46
CA MET A 34 10.16 -14.04 3.72
C MET A 34 9.89 -13.47 5.11
N ARG A 35 8.59 -13.34 5.41
CA ARG A 35 8.11 -12.83 6.67
C ARG A 35 7.13 -13.82 7.26
N ASN A 36 7.43 -14.20 8.48
CA ASN A 36 6.65 -15.17 9.26
C ASN A 36 7.19 -15.22 10.69
N ALA A 37 8.50 -14.90 10.85
CA ALA A 37 9.16 -14.88 12.14
C ALA A 37 8.96 -13.54 12.86
N ALA A 38 9.03 -12.42 12.11
CA ALA A 38 8.86 -11.09 12.71
C ALA A 38 7.43 -10.58 12.55
N GLY A 39 6.92 -10.57 11.29
CA GLY A 39 5.54 -10.18 11.03
C GLY A 39 5.18 -8.78 11.53
N GLN A 40 6.18 -7.97 11.86
CA GLN A 40 5.95 -6.62 12.34
C GLN A 40 5.76 -5.66 11.18
N PHE A 41 4.50 -5.56 10.79
CA PHE A 41 4.07 -4.74 9.68
C PHE A 41 2.80 -3.95 10.05
N ILE A 42 1.96 -4.58 10.89
CA ILE A 42 0.71 -3.98 11.36
C ILE A 42 0.94 -2.65 12.09
N GLU A 43 2.19 -2.41 12.53
CA GLU A 43 2.53 -1.17 13.23
C GLU A 43 2.48 0.03 12.27
N ALA A 44 3.32 0.02 11.21
CA ALA A 44 3.32 1.11 10.23
C ALA A 44 2.06 1.07 9.36
N ALA A 45 1.47 -0.13 9.19
CA ALA A 45 0.26 -0.31 8.39
C ALA A 45 -0.96 0.34 9.07
N TYR A 46 -1.10 0.11 10.40
CA TYR A 46 -2.20 0.68 11.18
C TYR A 46 -2.00 2.18 11.38
N ALA A 47 -0.74 2.57 11.61
CA ALA A 47 -0.37 3.97 11.83
C ALA A 47 -0.53 4.79 10.54
N LYS A 48 -0.08 4.23 9.40
CA LYS A 48 -0.20 4.91 8.11
C LYS A 48 -1.65 5.02 7.70
N ALA A 49 -2.42 3.93 7.90
CA ALA A 49 -3.86 3.93 7.66
C ALA A 49 -4.50 5.08 8.44
N LEU A 50 -4.09 5.19 9.72
CA LEU A 50 -4.55 6.27 10.59
C LEU A 50 -4.09 7.63 10.04
N ARG A 51 -2.92 7.63 9.36
CA ARG A 51 -2.41 8.86 8.71
C ARG A 51 -3.27 9.17 7.48
N ILE A 52 -3.68 8.14 6.73
CA ILE A 52 -4.59 8.36 5.58
C ILE A 52 -5.90 8.96 6.12
N GLU A 53 -6.13 8.70 7.42
CA GLU A 53 -7.27 9.24 8.15
C GLU A 53 -6.96 10.65 8.69
N LEU A 54 -5.66 10.95 8.96
CA LEU A 54 -5.24 12.31 9.37
C LEU A 54 -5.43 13.27 8.21
N ALA A 55 -5.29 12.69 7.03
CA ALA A 55 -5.45 13.35 5.73
C ALA A 55 -6.79 14.09 5.63
N GLN A 56 -7.66 13.75 6.57
CA GLN A 56 -9.00 14.32 6.67
C GLN A 56 -9.13 15.29 7.82
N LEU A 57 -8.01 15.94 8.16
CA LEU A 57 -7.99 16.94 9.23
C LEU A 57 -8.97 18.05 8.94
N VAL A 58 -10.20 17.73 9.25
CA VAL A 58 -11.28 18.65 9.17
C VAL A 58 -11.23 19.36 10.52
N GLN A 59 -10.60 18.65 11.49
CA GLN A 59 -10.42 19.17 12.86
C GLN A 59 -9.38 18.42 13.73
N VAL A 60 -9.54 17.09 13.89
CA VAL A 60 -8.65 16.29 14.77
C VAL A 60 -7.88 15.17 14.07
N ASP A 61 -8.31 14.84 12.86
CA ASP A 61 -7.72 13.73 12.10
C ASP A 61 -6.20 13.82 12.00
N LYS A 62 -5.69 14.98 11.59
CA LYS A 62 -4.23 15.17 11.51
C LYS A 62 -3.49 14.75 12.80
N VAL A 63 -4.11 15.03 13.95
CA VAL A 63 -3.50 14.75 15.25
C VAL A 63 -3.48 13.26 15.56
N ARG A 64 -4.60 12.61 15.30
CA ARG A 64 -4.70 11.17 15.55
C ARG A 64 -3.69 10.38 14.69
N GLY A 65 -3.56 10.80 13.40
CA GLY A 65 -2.64 10.16 12.50
C GLY A 65 -1.17 10.43 12.83
N THR A 66 -0.87 11.66 13.29
CA THR A 66 0.51 12.01 13.65
C THR A 66 0.99 11.19 14.87
N LEU A 67 0.10 11.06 15.87
CA LEU A 67 0.39 10.29 17.10
C LEU A 67 0.55 8.80 16.76
N ALA A 68 -0.27 8.32 15.82
CA ALA A 68 -0.22 6.92 15.36
C ALA A 68 1.07 6.69 14.57
N LYS A 69 1.41 7.68 13.74
CA LYS A 69 2.60 7.70 12.91
C LYS A 69 3.84 7.46 13.77
N LEU A 70 3.96 8.24 14.85
CA LEU A 70 5.08 8.11 15.79
C LEU A 70 5.03 6.73 16.47
N GLU A 71 3.78 6.36 16.88
CA GLU A 71 3.50 5.06 17.55
C GLU A 71 4.19 3.91 16.82
N ALA A 72 4.12 3.95 15.48
CA ALA A 72 4.77 2.96 14.64
C ALA A 72 6.22 3.36 14.34
N PHE A 73 6.41 4.63 13.98
CA PHE A 73 7.73 5.20 13.63
C PHE A 73 8.84 4.90 14.67
N ALA A 74 8.43 4.33 15.81
CA ALA A 74 9.33 3.96 16.90
C ALA A 74 10.68 3.30 16.48
N ASP A 75 10.70 2.09 15.90
CA ASP A 75 12.00 1.46 15.54
C ASP A 75 12.05 0.76 14.18
N THR A 76 11.26 -0.31 14.02
CA THR A 76 11.27 -1.12 12.79
C THR A 76 10.08 -0.78 11.92
N VAL A 77 9.74 0.49 12.02
CA VAL A 77 8.60 1.08 11.33
C VAL A 77 8.85 2.60 11.21
N ALA A 78 10.15 2.92 11.11
CA ALA A 78 10.67 4.30 11.03
C ALA A 78 11.03 4.69 9.56
N PRO A 79 11.89 5.76 9.29
CA PRO A 79 12.25 6.17 7.89
C PRO A 79 12.79 5.04 7.00
N GLN A 80 11.88 4.17 6.56
CA GLN A 80 12.21 3.06 5.68
C GLN A 80 11.22 3.03 4.50
N LEU A 81 11.44 3.91 3.51
CA LEU A 81 10.52 4.03 2.35
C LEU A 81 11.18 4.73 1.16
N SER A 82 10.43 4.76 0.04
CA SER A 82 10.85 5.43 -1.20
C SER A 82 10.21 6.84 -1.27
N PRO A 83 10.60 7.73 -2.26
CA PRO A 83 10.07 9.11 -2.38
C PRO A 83 8.55 9.29 -2.23
N GLY A 84 7.75 8.37 -2.78
CA GLY A 84 6.31 8.53 -2.65
C GLY A 84 5.50 7.50 -3.42
N ASP A 85 4.16 7.55 -3.23
CA ASP A 85 3.17 6.64 -3.87
C ASP A 85 3.55 5.13 -3.83
N ILE A 86 3.85 4.61 -2.64
CA ILE A 86 4.19 3.18 -2.47
C ILE A 86 3.79 2.59 -1.10
N VAL A 87 3.46 1.28 -1.13
CA VAL A 87 3.14 0.45 0.07
C VAL A 87 3.65 -0.99 -0.21
N VAL A 88 4.39 -1.65 0.73
CA VAL A 88 4.92 -3.00 0.43
C VAL A 88 3.96 -4.13 0.85
N ALA A 89 3.64 -5.01 -0.12
CA ALA A 89 2.79 -6.19 0.07
C ALA A 89 3.25 -7.30 -0.88
N LEU A 90 3.98 -8.29 -0.37
CA LEU A 90 4.48 -9.38 -1.22
C LEU A 90 4.14 -10.76 -0.67
N GLY A 91 3.90 -11.72 -1.56
CA GLY A 91 3.61 -13.10 -1.14
C GLY A 91 2.20 -13.32 -0.61
N HIS A 92 2.10 -13.80 0.64
CA HIS A 92 0.80 -14.06 1.29
C HIS A 92 0.08 -12.74 1.59
N THR A 93 -0.41 -12.15 0.52
CA THR A 93 -1.09 -10.87 0.57
C THR A 93 -2.43 -10.98 -0.18
N PRO A 94 -3.60 -11.01 0.55
CA PRO A 94 -4.94 -11.17 -0.08
C PRO A 94 -5.32 -10.03 -1.03
N VAL A 95 -4.90 -10.18 -2.28
CA VAL A 95 -5.17 -9.20 -3.36
C VAL A 95 -4.96 -9.82 -4.74
N GLY A 96 -3.88 -10.58 -4.87
CA GLY A 96 -3.51 -11.23 -6.13
C GLY A 96 -4.46 -12.30 -6.63
N GLY A 97 -4.56 -13.40 -5.89
CA GLY A 97 -5.38 -14.52 -6.32
C GLY A 97 -4.54 -15.46 -7.20
N ILE A 98 -3.39 -14.92 -7.62
CA ILE A 98 -2.38 -15.60 -8.43
C ILE A 98 -1.53 -16.50 -7.51
N PHE A 99 -0.55 -17.24 -8.06
CA PHE A 99 0.30 -18.10 -7.23
C PHE A 99 1.80 -17.91 -7.55
N ASP A 100 2.41 -16.99 -6.80
CA ASP A 100 3.85 -16.68 -6.89
C ASP A 100 4.32 -15.98 -5.61
N LEU A 101 5.32 -16.56 -4.94
CA LEU A 101 5.87 -15.96 -3.72
C LEU A 101 7.32 -15.56 -3.96
N LYS A 102 7.61 -14.27 -3.80
CA LYS A 102 8.97 -13.78 -3.98
C LYS A 102 9.72 -13.68 -2.63
N VAL A 103 10.67 -14.60 -2.46
CA VAL A 103 11.49 -14.65 -1.25
C VAL A 103 12.94 -15.00 -1.67
N GLY A 104 13.72 -13.97 -2.06
CA GLY A 104 15.12 -14.14 -2.47
C GLY A 104 15.35 -15.20 -3.54
N SER A 105 15.81 -16.38 -3.12
CA SER A 105 16.07 -17.50 -4.04
C SER A 105 14.76 -18.19 -4.45
N THR A 106 13.67 -17.49 -4.14
CA THR A 106 12.31 -17.91 -4.44
C THR A 106 11.54 -16.67 -4.90
N LYS A 107 12.27 -15.81 -5.60
CA LYS A 107 11.76 -14.53 -6.07
C LYS A 107 10.75 -14.63 -7.24
N HIS A 108 9.46 -14.78 -6.87
CA HIS A 108 8.34 -14.83 -7.81
C HIS A 108 7.14 -14.20 -7.11
N THR A 109 6.79 -12.98 -7.47
CA THR A 109 5.72 -12.25 -6.78
C THR A 109 4.34 -12.33 -7.40
N LEU A 110 3.36 -12.62 -6.52
CA LEU A 110 1.94 -12.64 -6.89
C LEU A 110 1.23 -11.45 -6.19
N GLN A 111 1.07 -10.30 -6.87
CA GLN A 111 0.38 -9.16 -6.23
C GLN A 111 -0.38 -8.31 -7.24
N ALA A 112 -1.66 -8.63 -7.38
CA ALA A 112 -2.58 -7.92 -8.27
C ALA A 112 -3.65 -7.17 -7.47
N ILE A 113 -3.47 -5.86 -7.26
CA ILE A 113 -4.47 -5.10 -6.52
C ILE A 113 -5.23 -4.11 -7.43
N GLU A 114 -4.53 -3.09 -7.96
CA GLU A 114 -5.18 -2.08 -8.84
C GLU A 114 -4.10 -1.25 -9.57
N THR A 115 -4.51 -0.21 -10.31
CA THR A 115 -3.55 0.68 -10.98
C THR A 115 -3.82 2.13 -10.53
N ARG A 116 -3.31 2.45 -9.32
CA ARG A 116 -3.44 3.78 -8.73
C ARG A 116 -2.09 4.23 -8.16
N VAL A 117 -1.58 5.38 -8.62
CA VAL A 117 -0.31 5.91 -8.16
C VAL A 117 -0.44 7.39 -7.72
N LEU A 118 -0.70 7.64 -6.41
CA LEU A 118 -0.75 9.03 -5.95
C LEU A 118 0.43 9.32 -5.03
N ALA A 119 1.29 10.28 -5.45
CA ALA A 119 2.51 10.66 -4.71
C ALA A 119 2.24 11.03 -3.25
N GLY A 120 2.72 10.17 -2.33
CA GLY A 120 2.53 10.39 -0.91
C GLY A 120 1.22 9.79 -0.44
N SER A 121 0.36 9.48 -1.40
CA SER A 121 -0.92 8.87 -1.14
C SER A 121 -0.85 7.41 -1.59
N LYS A 122 -2.00 6.74 -1.63
CA LYS A 122 -2.07 5.32 -1.94
C LYS A 122 -1.69 4.98 -3.38
N MET A 123 -1.12 3.79 -3.50
CA MET A 123 -0.70 3.24 -4.78
C MET A 123 -0.98 1.75 -4.79
N THR A 124 -1.89 1.38 -5.66
CA THR A 124 -2.27 0.00 -5.85
C THR A 124 -1.78 -0.43 -7.21
N VAL A 125 -1.05 -1.54 -7.23
CA VAL A 125 -0.46 -2.05 -8.47
C VAL A 125 -0.76 -3.54 -8.65
N ALA A 126 -0.87 -3.97 -9.91
CA ALA A 126 -1.11 -5.36 -10.21
C ALA A 126 0.03 -5.91 -11.07
N ARG A 127 0.88 -6.72 -10.42
CA ARG A 127 2.02 -7.34 -11.09
C ARG A 127 2.32 -8.72 -10.51
N VAL A 128 2.68 -9.63 -11.42
CA VAL A 128 3.05 -10.99 -11.06
C VAL A 128 4.46 -11.28 -11.61
N VAL A 129 5.47 -11.18 -10.73
CA VAL A 129 6.86 -11.41 -11.11
C VAL A 129 7.15 -12.92 -11.15
N ASP A 130 7.24 -13.43 -12.38
CA ASP A 130 7.50 -14.84 -12.65
C ASP A 130 8.82 -15.02 -13.41
N PRO A 131 9.40 -16.27 -13.50
CA PRO A 131 10.66 -16.52 -14.24
C PRO A 131 10.55 -16.30 -15.76
N THR A 132 9.32 -16.07 -16.24
CA THR A 132 9.06 -15.83 -17.67
C THR A 132 9.13 -14.34 -18.02
N PRO A 133 9.56 -13.98 -19.27
CA PRO A 133 9.66 -12.56 -19.69
C PRO A 133 8.30 -11.90 -19.95
N THR A 134 7.46 -12.58 -20.75
CA THR A 134 6.13 -12.08 -21.10
C THR A 134 5.07 -12.51 -20.07
N PRO A 135 4.00 -11.67 -19.85
CA PRO A 135 2.93 -11.99 -18.88
C PRO A 135 2.00 -13.13 -19.36
N PRO A 136 1.10 -13.69 -18.48
CA PRO A 136 0.18 -14.79 -18.86
C PRO A 136 -0.90 -14.34 -19.85
N PRO A 137 -1.36 -15.24 -20.79
CA PRO A 137 -2.40 -14.91 -21.79
C PRO A 137 -3.81 -14.76 -21.20
N ALA A 138 -3.95 -15.03 -19.90
CA ALA A 138 -5.24 -14.92 -19.22
C ALA A 138 -5.43 -13.54 -18.58
N PRO A 139 -6.70 -13.09 -18.32
CA PRO A 139 -6.97 -11.76 -17.69
C PRO A 139 -6.51 -11.69 -16.23
N VAL A 140 -6.43 -10.46 -15.71
CA VAL A 140 -5.99 -10.23 -14.32
C VAL A 140 -7.19 -9.89 -13.40
N PRO A 141 -7.74 -10.88 -12.63
CA PRO A 141 -8.87 -10.64 -11.73
C PRO A 141 -8.46 -9.85 -10.47
N ILE A 142 -8.99 -8.62 -10.36
CA ILE A 142 -8.70 -7.75 -9.22
C ILE A 142 -9.99 -7.12 -8.67
N PRO A 143 -10.08 -6.88 -7.33
CA PRO A 143 -11.29 -6.30 -6.69
C PRO A 143 -11.60 -4.87 -7.14
N LEU A 144 -12.56 -4.74 -8.07
CA LEU A 144 -13.00 -3.45 -8.61
C LEU A 144 -14.43 -3.57 -9.16
N PRO A 145 -15.43 -2.80 -8.62
CA PRO A 145 -16.84 -2.84 -9.08
C PRO A 145 -17.04 -2.65 -10.62
N PRO A 146 -16.36 -1.68 -11.32
CA PRO A 146 -16.55 -1.46 -12.75
C PRO A 146 -15.79 -2.46 -13.65
N LYS A 147 -14.54 -2.76 -13.29
CA LYS A 147 -13.70 -3.68 -14.07
C LYS A 147 -13.18 -4.83 -13.23
N VAL A 148 -12.94 -5.94 -13.92
CA VAL A 148 -12.42 -7.16 -13.31
C VAL A 148 -10.95 -7.32 -13.68
N LEU A 149 -10.68 -7.33 -15.00
CA LEU A 149 -9.33 -7.47 -15.52
C LEU A 149 -8.73 -6.08 -15.80
N GLU A 150 -7.65 -5.77 -15.09
CA GLU A 150 -6.97 -4.48 -15.24
C GLU A 150 -6.00 -4.45 -16.43
N GLY A 1 -14.70 23.04 -5.36
CA GLY A 1 -14.60 21.58 -5.08
C GLY A 1 -13.56 21.27 -4.02
N SER A 2 -14.04 20.76 -2.87
CA SER A 2 -13.17 20.41 -1.75
C SER A 2 -13.51 19.02 -1.21
N LEU A 3 -12.48 18.15 -1.11
CA LEU A 3 -12.62 16.77 -0.59
C LEU A 3 -13.54 15.92 -1.48
N THR A 4 -13.25 15.91 -2.79
CA THR A 4 -14.02 15.13 -3.77
C THR A 4 -13.32 15.10 -5.14
N GLY A 5 -12.56 14.02 -5.39
CA GLY A 5 -11.85 13.88 -6.66
C GLY A 5 -11.78 12.43 -7.13
N ALA A 6 -10.56 11.88 -7.18
CA ALA A 6 -10.33 10.51 -7.65
C ALA A 6 -9.72 9.61 -6.56
N LEU A 7 -9.46 10.17 -5.38
CA LEU A 7 -8.88 9.42 -4.27
C LEU A 7 -10.00 9.08 -3.28
N ALA A 8 -10.97 8.27 -3.74
CA ALA A 8 -12.15 7.89 -2.94
C ALA A 8 -12.94 9.15 -2.55
N MET A 9 -12.83 10.18 -3.44
CA MET A 9 -13.45 11.51 -3.28
C MET A 9 -12.71 12.35 -2.23
N ARG A 10 -11.35 12.29 -2.29
CA ARG A 10 -10.47 13.03 -1.36
C ARG A 10 -9.14 13.42 -2.01
N LEU A 11 -9.02 13.21 -3.33
CA LEU A 11 -7.81 13.56 -4.11
C LEU A 11 -7.52 15.07 -4.02
N ASN A 12 -8.46 15.84 -3.47
CA ASN A 12 -8.31 17.28 -3.31
C ASN A 12 -7.15 17.59 -2.37
N ASP A 13 -6.51 18.69 -2.68
CA ASP A 13 -5.33 19.22 -1.97
C ASP A 13 -5.41 19.17 -0.43
N GLU A 14 -6.61 19.23 0.15
CA GLU A 14 -6.74 19.17 1.62
C GLU A 14 -6.37 17.80 2.15
N ASP A 15 -6.98 16.77 1.55
CA ASP A 15 -6.76 15.39 1.96
C ASP A 15 -5.53 14.84 1.29
N LEU A 16 -5.18 15.43 0.15
CA LEU A 16 -4.03 15.05 -0.64
C LEU A 16 -2.74 15.55 -0.01
N ASP A 17 -2.82 16.71 0.66
CA ASP A 17 -1.67 17.29 1.37
C ASP A 17 -1.53 16.57 2.72
N PHE A 18 -2.63 16.57 3.49
CA PHE A 18 -2.64 15.88 4.78
C PHE A 18 -2.46 14.36 4.56
N LEU A 19 -2.70 13.91 3.30
CA LEU A 19 -2.46 12.52 2.87
C LEU A 19 -0.99 12.40 2.41
N THR A 20 -0.49 13.48 1.75
CA THR A 20 0.88 13.50 1.20
C THR A 20 1.95 13.50 2.30
N LYS A 21 1.52 13.75 3.54
CA LYS A 21 2.40 13.75 4.75
C LYS A 21 3.58 12.73 4.69
N TRP A 22 3.31 11.54 4.15
CA TRP A 22 4.32 10.46 4.07
C TRP A 22 3.82 9.33 3.14
N THR A 23 4.64 8.27 2.98
CA THR A 23 4.29 7.13 2.11
C THR A 23 3.85 5.93 2.94
N ASP A 24 3.51 4.83 2.26
CA ASP A 24 3.06 3.63 2.94
C ASP A 24 4.00 2.46 2.70
N PHE A 25 5.17 2.74 2.11
CA PHE A 25 6.15 1.70 1.82
C PHE A 25 7.32 1.76 2.81
N LYS A 26 6.93 1.73 4.07
CA LYS A 26 7.82 1.65 5.22
C LYS A 26 7.32 0.44 6.00
N CYS A 27 6.33 -0.20 5.37
CA CYS A 27 5.67 -1.37 5.90
C CYS A 27 5.68 -2.47 4.86
N PHE A 28 6.21 -3.61 5.31
CA PHE A 28 6.30 -4.82 4.52
C PHE A 28 5.08 -5.66 4.80
N VAL A 29 4.33 -5.98 3.76
CA VAL A 29 3.14 -6.78 3.93
C VAL A 29 3.42 -8.23 3.55
N SER A 30 2.89 -9.11 4.42
CA SER A 30 3.08 -10.58 4.42
C SER A 30 3.53 -11.22 3.13
N ALA A 31 4.86 -11.43 3.09
CA ALA A 31 5.53 -12.11 2.00
C ALA A 31 5.32 -13.60 2.15
N SER A 32 5.26 -14.04 3.44
CA SER A 32 4.92 -15.42 3.84
C SER A 32 6.13 -16.28 4.23
N ASN A 33 7.00 -16.59 3.27
CA ASN A 33 8.19 -17.40 3.51
C ASN A 33 9.36 -16.48 3.77
N MET A 34 9.15 -15.23 3.38
CA MET A 34 10.10 -14.16 3.57
C MET A 34 9.76 -13.43 4.87
N ARG A 35 8.45 -13.32 5.14
CA ARG A 35 7.95 -12.66 6.32
C ARG A 35 7.05 -13.64 7.06
N ASN A 36 7.38 -13.86 8.35
CA ASN A 36 6.64 -14.79 9.21
C ASN A 36 7.29 -14.89 10.62
N ALA A 37 8.57 -14.50 10.73
CA ALA A 37 9.32 -14.56 12.00
C ALA A 37 8.88 -13.47 13.01
N ALA A 38 9.12 -12.19 12.68
CA ALA A 38 8.75 -11.09 13.58
C ALA A 38 7.41 -10.48 13.15
N GLY A 39 7.30 -10.12 11.86
CA GLY A 39 6.07 -9.58 11.31
C GLY A 39 5.64 -8.25 11.90
N GLN A 40 6.61 -7.45 12.32
CA GLN A 40 6.31 -6.13 12.85
C GLN A 40 6.27 -5.12 11.72
N PHE A 41 5.10 -5.12 11.09
CA PHE A 41 4.80 -4.29 9.94
C PHE A 41 3.46 -3.57 10.16
N ILE A 42 2.54 -4.28 10.85
CA ILE A 42 1.20 -3.77 11.19
C ILE A 42 1.29 -2.45 11.99
N GLU A 43 2.46 -2.20 12.60
CA GLU A 43 2.67 -0.97 13.36
C GLU A 43 2.61 0.25 12.45
N ALA A 44 3.52 0.32 11.45
CA ALA A 44 3.51 1.45 10.49
C ALA A 44 2.28 1.40 9.57
N ALA A 45 1.79 0.19 9.28
CA ALA A 45 0.60 0.01 8.43
C ALA A 45 -0.63 0.66 9.07
N TYR A 46 -0.77 0.44 10.40
CA TYR A 46 -1.88 1.00 11.18
C TYR A 46 -1.69 2.51 11.39
N ALA A 47 -0.42 2.91 11.60
CA ALA A 47 -0.06 4.32 11.81
C ALA A 47 -0.30 5.16 10.55
N LYS A 48 0.18 4.66 9.39
CA LYS A 48 0.02 5.37 8.12
C LYS A 48 -1.44 5.37 7.69
N ALA A 49 -2.11 4.21 7.81
CA ALA A 49 -3.55 4.12 7.52
C ALA A 49 -4.31 5.16 8.37
N LEU A 50 -3.85 5.28 9.65
CA LEU A 50 -4.39 6.25 10.59
C LEU A 50 -4.08 7.67 10.07
N ARG A 51 -2.91 7.80 9.42
CA ARG A 51 -2.51 9.07 8.81
C ARG A 51 -3.34 9.35 7.55
N ILE A 52 -3.83 8.28 6.90
CA ILE A 52 -4.71 8.40 5.73
C ILE A 52 -6.03 9.01 6.19
N GLU A 53 -6.50 8.56 7.37
CA GLU A 53 -7.71 9.11 7.98
C GLU A 53 -7.40 10.44 8.68
N LEU A 54 -6.11 10.75 8.93
CA LEU A 54 -5.73 12.06 9.49
C LEU A 54 -5.81 13.11 8.38
N ALA A 55 -5.51 12.64 7.17
CA ALA A 55 -5.55 13.44 5.94
C ALA A 55 -6.87 14.21 5.77
N GLN A 56 -7.82 13.80 6.57
CA GLN A 56 -9.16 14.37 6.62
C GLN A 56 -9.30 15.32 7.78
N LEU A 57 -8.18 15.93 8.17
CA LEU A 57 -8.14 16.91 9.25
C LEU A 57 -9.08 18.04 8.98
N VAL A 58 -10.32 17.74 9.29
CA VAL A 58 -11.37 18.70 9.22
C VAL A 58 -11.31 19.40 10.57
N GLN A 59 -10.69 18.67 11.54
CA GLN A 59 -10.49 19.19 12.90
C GLN A 59 -9.46 18.42 13.77
N VAL A 60 -9.65 17.09 13.91
CA VAL A 60 -8.76 16.28 14.78
C VAL A 60 -8.03 15.14 14.06
N ASP A 61 -8.53 14.77 12.89
CA ASP A 61 -7.99 13.65 12.12
C ASP A 61 -6.45 13.68 12.07
N LYS A 62 -5.87 14.81 11.64
CA LYS A 62 -4.40 14.98 11.58
C LYS A 62 -3.70 14.59 12.91
N VAL A 63 -4.35 14.94 14.04
CA VAL A 63 -3.78 14.69 15.37
C VAL A 63 -3.76 13.18 15.69
N ARG A 64 -4.85 12.48 15.32
CA ARG A 64 -4.90 11.01 15.57
C ARG A 64 -3.82 10.31 14.75
N GLY A 65 -3.70 10.71 13.46
CA GLY A 65 -2.70 10.12 12.58
C GLY A 65 -1.27 10.42 12.98
N THR A 66 -1.02 11.63 13.53
CA THR A 66 0.33 12.01 13.97
C THR A 66 0.77 11.19 15.20
N LEU A 67 -0.16 11.01 16.16
CA LEU A 67 0.10 10.22 17.37
C LEU A 67 0.32 8.74 17.01
N ALA A 68 -0.44 8.26 16.02
CA ALA A 68 -0.34 6.88 15.53
C ALA A 68 0.98 6.69 14.77
N LYS A 69 1.31 7.72 13.96
CA LYS A 69 2.52 7.77 13.18
C LYS A 69 3.75 7.56 14.06
N LEU A 70 3.84 8.34 15.14
CA LEU A 70 4.94 8.23 16.10
C LEU A 70 4.89 6.84 16.78
N GLU A 71 3.66 6.45 17.18
CA GLU A 71 3.39 5.17 17.87
C GLU A 71 4.10 4.02 17.17
N ALA A 72 4.06 4.06 15.83
CA ALA A 72 4.75 3.06 15.01
C ALA A 72 6.16 3.50 14.67
N PHE A 73 6.31 4.76 14.26
CA PHE A 73 7.60 5.35 13.84
C PHE A 73 8.71 5.17 14.89
N ALA A 74 8.35 4.59 16.04
CA ALA A 74 9.29 4.32 17.15
C ALA A 74 10.68 3.78 16.74
N ASP A 75 10.78 2.56 16.17
CA ASP A 75 12.12 2.02 15.81
C ASP A 75 12.18 1.31 14.45
N THR A 76 11.49 0.19 14.33
CA THR A 76 11.54 -0.64 13.10
C THR A 76 10.33 -0.34 12.22
N VAL A 77 9.89 0.90 12.32
CA VAL A 77 8.72 1.41 11.62
C VAL A 77 8.84 2.94 11.48
N ALA A 78 10.10 3.40 11.44
CA ALA A 78 10.46 4.81 11.34
C ALA A 78 10.70 5.22 9.86
N PRO A 79 11.31 6.44 9.54
CA PRO A 79 11.56 6.85 8.13
C PRO A 79 12.35 5.82 7.30
N GLN A 80 11.63 4.79 6.85
CA GLN A 80 12.22 3.74 6.03
C GLN A 80 11.33 3.51 4.78
N LEU A 81 11.48 4.41 3.79
CA LEU A 81 10.68 4.37 2.56
C LEU A 81 11.20 5.34 1.50
N SER A 82 10.59 5.28 0.31
CA SER A 82 10.92 6.16 -0.82
C SER A 82 10.13 7.49 -0.74
N PRO A 83 10.45 8.52 -1.60
CA PRO A 83 9.76 9.85 -1.59
C PRO A 83 8.23 9.84 -1.54
N GLY A 84 7.57 8.92 -2.26
CA GLY A 84 6.11 8.92 -2.24
C GLY A 84 5.46 7.93 -3.19
N ASP A 85 4.15 7.66 -2.94
CA ASP A 85 3.27 6.74 -3.73
C ASP A 85 3.73 5.26 -3.78
N ILE A 86 4.02 4.69 -2.61
CA ILE A 86 4.43 3.28 -2.49
C ILE A 86 4.01 2.66 -1.13
N VAL A 87 3.71 1.34 -1.17
CA VAL A 87 3.38 0.51 0.01
C VAL A 87 3.87 -0.94 -0.25
N VAL A 88 4.56 -1.62 0.71
CA VAL A 88 5.08 -2.97 0.42
C VAL A 88 4.09 -4.09 0.78
N ALA A 89 3.78 -4.93 -0.23
CA ALA A 89 2.89 -6.09 -0.09
C ALA A 89 3.36 -7.18 -1.07
N LEU A 90 4.09 -8.17 -0.55
CA LEU A 90 4.61 -9.24 -1.42
C LEU A 90 4.27 -10.61 -0.90
N GLY A 91 4.04 -11.57 -1.81
CA GLY A 91 3.74 -12.95 -1.43
C GLY A 91 2.32 -13.16 -0.93
N HIS A 92 2.21 -13.72 0.29
CA HIS A 92 0.89 -13.99 0.92
C HIS A 92 0.21 -12.68 1.29
N THR A 93 -0.33 -12.05 0.27
CA THR A 93 -0.99 -10.77 0.38
C THR A 93 -2.37 -10.85 -0.31
N PRO A 94 -3.51 -10.81 0.46
CA PRO A 94 -4.87 -10.94 -0.11
C PRO A 94 -5.27 -9.81 -1.07
N VAL A 95 -4.81 -9.94 -2.32
CA VAL A 95 -5.08 -8.98 -3.40
C VAL A 95 -4.88 -9.62 -4.78
N GLY A 96 -3.79 -10.39 -4.91
CA GLY A 96 -3.47 -11.06 -6.16
C GLY A 96 -4.05 -12.45 -6.27
N GLY A 97 -4.81 -12.66 -7.35
CA GLY A 97 -5.41 -13.96 -7.61
C GLY A 97 -4.45 -14.87 -8.38
N ILE A 98 -3.20 -14.41 -8.46
CA ILE A 98 -2.11 -15.12 -9.13
C ILE A 98 -1.40 -16.05 -8.11
N PHE A 99 -0.46 -16.87 -8.58
CA PHE A 99 0.27 -17.79 -7.70
C PHE A 99 1.79 -17.73 -7.92
N ASP A 100 2.45 -16.85 -7.14
CA ASP A 100 3.91 -16.66 -7.18
C ASP A 100 4.39 -16.03 -5.87
N LEU A 101 5.31 -16.70 -5.17
CA LEU A 101 5.87 -16.18 -3.92
C LEU A 101 7.35 -15.86 -4.11
N LYS A 102 7.72 -14.59 -3.91
CA LYS A 102 9.11 -14.18 -4.05
C LYS A 102 9.85 -14.22 -2.70
N VAL A 103 10.76 -15.20 -2.58
CA VAL A 103 11.58 -15.35 -1.37
C VAL A 103 13.00 -15.80 -1.77
N GLY A 104 13.85 -14.82 -2.08
CA GLY A 104 15.25 -15.07 -2.47
C GLY A 104 15.43 -16.06 -3.60
N SER A 105 15.80 -17.31 -3.24
CA SER A 105 16.00 -18.38 -4.23
C SER A 105 14.63 -18.94 -4.70
N THR A 106 13.60 -18.19 -4.34
CA THR A 106 12.22 -18.49 -4.67
C THR A 106 11.54 -17.18 -5.08
N LYS A 107 12.35 -16.30 -5.67
CA LYS A 107 11.93 -14.96 -6.06
C LYS A 107 10.94 -14.96 -7.26
N HIS A 108 9.64 -15.10 -6.91
CA HIS A 108 8.53 -15.07 -7.89
C HIS A 108 7.36 -14.38 -7.22
N THR A 109 7.10 -13.14 -7.58
CA THR A 109 6.06 -12.34 -6.92
C THR A 109 4.69 -12.34 -7.60
N LEU A 110 3.66 -12.60 -6.77
CA LEU A 110 2.26 -12.55 -7.19
C LEU A 110 1.62 -11.29 -6.54
N GLN A 111 1.54 -10.16 -7.25
CA GLN A 111 0.95 -8.96 -6.65
C GLN A 111 0.15 -8.14 -7.66
N ALA A 112 -1.15 -8.42 -7.70
CA ALA A 112 -2.10 -7.72 -8.57
C ALA A 112 -3.08 -6.91 -7.74
N ILE A 113 -2.98 -5.59 -7.79
CA ILE A 113 -3.90 -4.73 -7.03
C ILE A 113 -4.67 -3.79 -7.96
N GLU A 114 -3.97 -2.78 -8.54
CA GLU A 114 -4.63 -1.79 -9.41
C GLU A 114 -3.57 -0.93 -10.12
N THR A 115 -4.00 0.11 -10.86
CA THR A 115 -3.04 1.03 -11.47
C THR A 115 -3.37 2.44 -10.96
N ARG A 116 -2.92 2.71 -9.72
CA ARG A 116 -3.12 4.00 -9.05
C ARG A 116 -1.83 4.44 -8.38
N VAL A 117 -1.34 5.63 -8.75
CA VAL A 117 -0.11 6.19 -8.22
C VAL A 117 -0.31 7.62 -7.69
N LEU A 118 -0.63 7.80 -6.39
CA LEU A 118 -0.77 9.15 -5.86
C LEU A 118 0.42 9.48 -4.94
N ALA A 119 1.17 10.54 -5.32
CA ALA A 119 2.38 10.98 -4.58
C ALA A 119 2.12 11.24 -3.09
N GLY A 120 2.65 10.34 -2.25
CA GLY A 120 2.47 10.46 -0.81
C GLY A 120 1.19 9.79 -0.35
N SER A 121 0.37 9.41 -1.31
CA SER A 121 -0.87 8.73 -1.07
C SER A 121 -0.77 7.29 -1.60
N LYS A 122 -1.89 6.60 -1.66
CA LYS A 122 -1.92 5.19 -2.04
C LYS A 122 -1.55 4.95 -3.50
N MET A 123 -0.94 3.78 -3.71
CA MET A 123 -0.52 3.32 -5.02
C MET A 123 -0.66 1.81 -5.10
N THR A 124 -1.49 1.37 -6.04
CA THR A 124 -1.71 -0.03 -6.28
C THR A 124 -1.21 -0.38 -7.67
N VAL A 125 -0.52 -1.52 -7.80
CA VAL A 125 0.05 -1.92 -9.10
C VAL A 125 -0.23 -3.39 -9.46
N ALA A 126 -0.20 -3.70 -10.76
CA ALA A 126 -0.37 -5.07 -11.20
C ALA A 126 0.99 -5.61 -11.66
N ARG A 127 1.58 -6.49 -10.83
CA ARG A 127 2.90 -7.05 -11.13
C ARG A 127 3.07 -8.49 -10.64
N VAL A 128 3.40 -9.37 -11.58
CA VAL A 128 3.68 -10.78 -11.27
C VAL A 128 5.09 -11.13 -11.77
N VAL A 129 6.05 -11.19 -10.84
CA VAL A 129 7.44 -11.52 -11.18
C VAL A 129 7.60 -13.04 -11.23
N ASP A 130 7.63 -13.57 -12.46
CA ASP A 130 7.76 -15.01 -12.71
C ASP A 130 8.91 -15.29 -13.71
N PRO A 131 9.48 -16.53 -13.74
CA PRO A 131 10.59 -16.89 -14.67
C PRO A 131 10.23 -16.79 -16.16
N THR A 132 8.93 -16.67 -16.46
CA THR A 132 8.44 -16.57 -17.84
C THR A 132 8.37 -15.10 -18.30
N PRO A 133 8.84 -14.79 -19.55
CA PRO A 133 8.82 -13.41 -20.08
C PRO A 133 7.43 -12.92 -20.47
N THR A 134 6.71 -13.75 -21.25
CA THR A 134 5.36 -13.43 -21.72
C THR A 134 4.28 -13.79 -20.66
N PRO A 135 3.27 -12.88 -20.44
CA PRO A 135 2.19 -13.13 -19.46
C PRO A 135 1.17 -14.21 -19.92
N PRO A 136 0.26 -14.70 -19.02
CA PRO A 136 -0.74 -15.72 -19.39
C PRO A 136 -1.85 -15.17 -20.31
N PRO A 137 -2.46 -16.03 -21.18
CA PRO A 137 -3.54 -15.61 -22.10
C PRO A 137 -4.88 -15.32 -21.41
N ALA A 138 -4.93 -15.55 -20.10
CA ALA A 138 -6.15 -15.32 -19.33
C ALA A 138 -6.17 -13.90 -18.72
N PRO A 139 -7.38 -13.34 -18.35
CA PRO A 139 -7.49 -11.98 -17.76
C PRO A 139 -6.74 -11.83 -16.43
N VAL A 140 -6.83 -10.64 -15.82
CA VAL A 140 -6.17 -10.36 -14.55
C VAL A 140 -7.18 -10.41 -13.38
N PRO A 141 -7.26 -11.56 -12.63
CA PRO A 141 -8.22 -11.70 -11.50
C PRO A 141 -7.96 -10.71 -10.34
N ILE A 142 -8.80 -9.67 -10.28
CA ILE A 142 -8.72 -8.64 -9.25
C ILE A 142 -10.14 -8.26 -8.78
N PRO A 143 -10.39 -8.10 -7.43
CA PRO A 143 -11.72 -7.75 -6.90
C PRO A 143 -12.28 -6.41 -7.44
N LEU A 144 -13.31 -5.85 -6.74
CA LEU A 144 -13.97 -4.57 -7.11
C LEU A 144 -14.87 -4.75 -8.36
N PRO A 145 -16.23 -4.69 -8.20
CA PRO A 145 -17.19 -4.85 -9.32
C PRO A 145 -16.99 -3.90 -10.54
N PRO A 146 -16.66 -2.56 -10.35
CA PRO A 146 -16.47 -1.62 -11.49
C PRO A 146 -15.48 -2.12 -12.55
N LYS A 147 -14.48 -2.90 -12.12
CA LYS A 147 -13.47 -3.45 -13.03
C LYS A 147 -13.72 -4.92 -13.29
N VAL A 148 -13.36 -5.35 -14.49
CA VAL A 148 -13.53 -6.73 -14.93
C VAL A 148 -12.31 -7.58 -14.56
N LEU A 149 -11.13 -7.00 -14.74
CA LEU A 149 -9.87 -7.67 -14.41
C LEU A 149 -8.94 -6.70 -13.70
N GLU A 150 -8.29 -5.81 -14.47
CA GLU A 150 -7.38 -4.82 -13.91
C GLU A 150 -7.94 -3.40 -14.08
N GLY A 1 -15.91 22.64 -4.73
CA GLY A 1 -15.22 21.41 -5.20
C GLY A 1 -14.04 21.04 -4.33
N SER A 2 -14.32 20.68 -3.07
CA SER A 2 -13.29 20.30 -2.11
C SER A 2 -13.67 19.01 -1.38
N LEU A 3 -12.65 18.16 -1.14
CA LEU A 3 -12.82 16.86 -0.45
C LEU A 3 -13.81 15.93 -1.18
N THR A 4 -13.66 15.86 -2.51
CA THR A 4 -14.50 15.01 -3.37
C THR A 4 -13.91 14.93 -4.79
N GLY A 5 -13.13 13.88 -5.05
CA GLY A 5 -12.52 13.69 -6.36
C GLY A 5 -12.47 12.23 -6.79
N ALA A 6 -11.25 11.70 -6.94
CA ALA A 6 -11.04 10.32 -7.38
C ALA A 6 -10.34 9.45 -6.33
N LEU A 7 -10.00 10.04 -5.17
CA LEU A 7 -9.34 9.31 -4.10
C LEU A 7 -10.37 9.01 -3.02
N ALA A 8 -11.37 8.18 -3.38
CA ALA A 8 -12.48 7.82 -2.49
C ALA A 8 -13.26 9.08 -2.09
N MET A 9 -13.21 10.09 -3.01
CA MET A 9 -13.84 11.41 -2.84
C MET A 9 -13.04 12.30 -1.87
N ARG A 10 -11.70 12.23 -1.99
CA ARG A 10 -10.78 13.02 -1.12
C ARG A 10 -9.48 13.39 -1.86
N LEU A 11 -9.42 13.13 -3.18
CA LEU A 11 -8.26 13.46 -4.03
C LEU A 11 -7.91 14.96 -3.98
N ASN A 12 -8.81 15.78 -3.41
CA ASN A 12 -8.59 17.22 -3.29
C ASN A 12 -7.40 17.50 -2.39
N ASP A 13 -6.74 18.58 -2.75
CA ASP A 13 -5.53 19.09 -2.10
C ASP A 13 -5.57 19.09 -0.55
N GLU A 14 -6.76 19.17 0.05
CA GLU A 14 -6.85 19.17 1.52
C GLU A 14 -6.48 17.80 2.08
N ASP A 15 -7.14 16.77 1.54
CA ASP A 15 -6.94 15.40 1.98
C ASP A 15 -5.74 14.81 1.29
N LEU A 16 -5.40 15.36 0.13
CA LEU A 16 -4.27 14.94 -0.68
C LEU A 16 -2.96 15.44 -0.08
N ASP A 17 -2.99 16.63 0.52
CA ASP A 17 -1.83 17.20 1.20
C ASP A 17 -1.66 16.50 2.55
N PHE A 18 -2.75 16.50 3.35
CA PHE A 18 -2.74 15.83 4.64
C PHE A 18 -2.60 14.31 4.44
N LEU A 19 -2.86 13.85 3.20
CA LEU A 19 -2.67 12.45 2.78
C LEU A 19 -1.22 12.25 2.29
N THR A 20 -0.67 13.32 1.67
CA THR A 20 0.68 13.29 1.10
C THR A 20 1.80 13.36 2.15
N LYS A 21 1.43 13.74 3.40
CA LYS A 21 2.38 13.84 4.53
C LYS A 21 3.47 12.74 4.55
N TRP A 22 3.14 11.54 4.04
CA TRP A 22 4.07 10.40 4.01
C TRP A 22 3.49 9.27 3.14
N THR A 23 4.25 8.17 2.98
CA THR A 23 3.82 7.04 2.15
C THR A 23 3.40 5.86 3.03
N ASP A 24 3.02 4.74 2.38
CA ASP A 24 2.57 3.56 3.10
C ASP A 24 3.46 2.35 2.80
N PHE A 25 4.63 2.61 2.20
CA PHE A 25 5.56 1.54 1.84
C PHE A 25 6.79 1.57 2.76
N LYS A 26 6.49 1.53 4.04
CA LYS A 26 7.44 1.39 5.12
C LYS A 26 6.93 0.21 5.94
N CYS A 27 5.84 -0.36 5.41
CA CYS A 27 5.16 -1.48 5.99
C CYS A 27 5.07 -2.61 4.98
N PHE A 28 5.53 -3.77 5.46
CA PHE A 28 5.53 -5.00 4.68
C PHE A 28 4.26 -5.78 4.95
N VAL A 29 3.53 -6.09 3.91
CA VAL A 29 2.31 -6.85 4.06
C VAL A 29 2.59 -8.32 3.70
N SER A 30 2.01 -9.20 4.55
CA SER A 30 2.22 -10.67 4.57
C SER A 30 2.79 -11.30 3.32
N ALA A 31 4.12 -11.49 3.40
CA ALA A 31 4.92 -12.11 2.37
C ALA A 31 4.83 -13.62 2.47
N SER A 32 4.53 -14.08 3.71
CA SER A 32 4.28 -15.48 4.04
C SER A 32 5.52 -16.30 4.43
N ASN A 33 6.43 -16.54 3.48
CA ASN A 33 7.64 -17.31 3.74
C ASN A 33 8.77 -16.35 4.06
N MET A 34 8.52 -15.09 3.72
CA MET A 34 9.42 -14.00 3.98
C MET A 34 9.03 -13.35 5.31
N ARG A 35 7.71 -13.33 5.56
CA ARG A 35 7.13 -12.78 6.76
C ARG A 35 6.31 -13.87 7.42
N ASN A 36 6.63 -14.14 8.69
CA ASN A 36 5.97 -15.19 9.48
C ASN A 36 6.64 -15.34 10.85
N ALA A 37 7.90 -14.88 10.97
CA ALA A 37 8.67 -14.98 12.22
C ALA A 37 8.48 -13.77 13.15
N ALA A 38 8.74 -12.54 12.64
CA ALA A 38 8.60 -11.34 13.46
C ALA A 38 7.21 -10.71 13.34
N GLY A 39 6.75 -10.50 12.09
CA GLY A 39 5.42 -9.94 11.85
C GLY A 39 5.25 -8.50 12.29
N GLN A 40 6.36 -7.79 12.49
CA GLN A 40 6.30 -6.39 12.90
C GLN A 40 6.19 -5.48 11.68
N PHE A 41 4.95 -5.37 11.23
CA PHE A 41 4.57 -4.57 10.09
C PHE A 41 3.31 -3.76 10.41
N ILE A 42 2.43 -4.37 11.25
CA ILE A 42 1.18 -3.74 11.70
C ILE A 42 1.43 -2.41 12.40
N GLU A 43 2.68 -2.18 12.87
CA GLU A 43 3.04 -0.93 13.52
C GLU A 43 2.91 0.24 12.53
N ALA A 44 3.70 0.21 11.43
CA ALA A 44 3.63 1.25 10.40
C ALA A 44 2.30 1.21 9.65
N ALA A 45 1.70 0.01 9.50
CA ALA A 45 0.41 -0.14 8.82
C ALA A 45 -0.69 0.61 9.56
N TYR A 46 -0.68 0.48 10.90
CA TYR A 46 -1.68 1.14 11.76
C TYR A 46 -1.41 2.65 11.80
N ALA A 47 -0.13 3.02 11.87
CA ALA A 47 0.30 4.42 11.92
C ALA A 47 -0.05 5.18 10.64
N LYS A 48 0.28 4.59 9.47
CA LYS A 48 0.01 5.26 8.20
C LYS A 48 -1.48 5.23 7.86
N ALA A 49 -2.17 4.12 8.19
CA ALA A 49 -3.62 4.04 7.99
C ALA A 49 -4.30 5.17 8.77
N LEU A 50 -3.80 5.37 10.01
CA LEU A 50 -4.27 6.46 10.88
C LEU A 50 -3.86 7.81 10.30
N ARG A 51 -2.69 7.84 9.60
CA ARG A 51 -2.23 9.07 8.93
C ARG A 51 -3.14 9.40 7.75
N ILE A 52 -3.71 8.35 7.13
CA ILE A 52 -4.68 8.53 6.03
C ILE A 52 -5.97 9.09 6.66
N GLU A 53 -6.21 8.68 7.91
CA GLU A 53 -7.33 9.18 8.71
C GLU A 53 -7.00 10.56 9.29
N LEU A 54 -5.70 10.93 9.28
CA LEU A 54 -5.28 12.26 9.71
C LEU A 54 -5.44 13.22 8.53
N ALA A 55 -5.28 12.64 7.34
CA ALA A 55 -5.43 13.34 6.05
C ALA A 55 -6.75 14.11 5.95
N GLN A 56 -7.64 13.76 6.86
CA GLN A 56 -8.96 14.34 6.98
C GLN A 56 -9.02 15.36 8.09
N LEU A 57 -7.85 15.99 8.35
CA LEU A 57 -7.74 17.03 9.36
C LEU A 57 -8.68 18.17 9.07
N VAL A 58 -9.90 17.91 9.48
CA VAL A 58 -10.94 18.87 9.41
C VAL A 58 -10.79 19.66 10.71
N GLN A 59 -10.12 18.98 11.68
CA GLN A 59 -9.83 19.58 13.00
C GLN A 59 -8.75 18.85 13.84
N VAL A 60 -8.93 17.53 14.09
CA VAL A 60 -7.99 16.77 14.94
C VAL A 60 -7.32 15.58 14.24
N ASP A 61 -7.92 15.15 13.14
CA ASP A 61 -7.45 13.97 12.41
C ASP A 61 -5.93 13.96 12.25
N LYS A 62 -5.35 15.06 11.72
CA LYS A 62 -3.89 15.19 11.55
C LYS A 62 -3.11 14.84 12.84
N VAL A 63 -3.67 15.25 13.99
CA VAL A 63 -3.02 15.02 15.29
C VAL A 63 -3.01 13.53 15.66
N ARG A 64 -4.14 12.83 15.39
CA ARG A 64 -4.20 11.37 15.69
C ARG A 64 -3.19 10.61 14.83
N GLY A 65 -3.16 10.95 13.54
CA GLY A 65 -2.23 10.30 12.61
C GLY A 65 -0.77 10.59 12.89
N THR A 66 -0.46 11.82 13.35
CA THR A 66 0.93 12.19 13.66
C THR A 66 1.42 11.40 14.89
N LEU A 67 0.53 11.27 15.91
CA LEU A 67 0.85 10.52 17.13
C LEU A 67 1.04 9.03 16.82
N ALA A 68 0.22 8.52 15.88
CA ALA A 68 0.27 7.13 15.43
C ALA A 68 1.55 6.91 14.63
N LYS A 69 1.86 7.91 13.79
CA LYS A 69 3.04 7.95 12.95
C LYS A 69 4.29 7.73 13.78
N LEU A 70 4.43 8.51 14.86
CA LEU A 70 5.57 8.39 15.78
C LEU A 70 5.54 7.00 16.45
N GLU A 71 4.32 6.62 16.91
CA GLU A 71 4.07 5.33 17.58
C GLU A 71 4.77 4.18 16.85
N ALA A 72 4.65 4.21 15.51
CA ALA A 72 5.29 3.20 14.66
C ALA A 72 6.68 3.64 14.24
N PHE A 73 6.81 4.92 13.86
CA PHE A 73 8.09 5.51 13.40
C PHE A 73 9.23 5.32 14.42
N ALA A 74 8.91 4.68 15.55
CA ALA A 74 9.88 4.37 16.61
C ALA A 74 11.25 3.86 16.10
N ASP A 75 11.32 2.66 15.49
CA ASP A 75 12.63 2.15 15.03
C ASP A 75 12.64 1.48 13.66
N THR A 76 11.99 0.33 13.56
CA THR A 76 11.98 -0.45 12.32
C THR A 76 10.65 -0.29 11.61
N VAL A 77 10.15 0.93 11.70
CA VAL A 77 8.86 1.31 11.12
C VAL A 77 8.83 2.82 10.87
N ALA A 78 9.95 3.37 10.32
CA ALA A 78 10.08 4.81 10.06
C ALA A 78 10.85 5.15 8.77
N PRO A 79 12.18 4.82 8.64
CA PRO A 79 12.99 5.17 7.46
C PRO A 79 13.11 4.06 6.41
N GLN A 80 11.99 3.40 6.12
CA GLN A 80 11.99 2.31 5.15
C GLN A 80 10.89 2.48 4.09
N LEU A 81 11.14 3.35 3.10
CA LEU A 81 10.15 3.64 2.04
C LEU A 81 10.79 4.35 0.83
N SER A 82 9.97 4.52 -0.21
CA SER A 82 10.37 5.19 -1.44
C SER A 82 9.74 6.61 -1.49
N PRO A 83 10.15 7.52 -2.45
CA PRO A 83 9.61 8.90 -2.56
C PRO A 83 8.11 9.09 -2.38
N GLY A 84 7.28 8.17 -2.89
CA GLY A 84 5.84 8.33 -2.74
C GLY A 84 5.02 7.29 -3.47
N ASP A 85 3.68 7.36 -3.24
CA ASP A 85 2.66 6.44 -3.85
C ASP A 85 3.03 4.94 -3.79
N ILE A 86 3.35 4.44 -2.60
CA ILE A 86 3.69 3.01 -2.40
C ILE A 86 3.32 2.47 -1.02
N VAL A 87 2.96 1.16 -1.00
CA VAL A 87 2.66 0.37 0.22
C VAL A 87 3.13 -1.08 -0.05
N VAL A 88 3.88 -1.74 0.88
CA VAL A 88 4.39 -3.09 0.57
C VAL A 88 3.38 -4.20 0.92
N ALA A 89 3.10 -5.05 -0.09
CA ALA A 89 2.21 -6.21 0.02
C ALA A 89 2.74 -7.29 -0.92
N LEU A 90 3.50 -8.22 -0.37
CA LEU A 90 4.11 -9.28 -1.18
C LEU A 90 3.76 -10.68 -0.68
N GLY A 91 3.56 -11.60 -1.63
CA GLY A 91 3.26 -13.00 -1.28
C GLY A 91 1.84 -13.23 -0.83
N HIS A 92 1.68 -13.82 0.37
CA HIS A 92 0.35 -14.12 0.94
C HIS A 92 -0.38 -12.83 1.30
N THR A 93 -0.88 -12.20 0.26
CA THR A 93 -1.57 -10.93 0.35
C THR A 93 -2.91 -11.03 -0.39
N PRO A 94 -4.08 -10.88 0.32
CA PRO A 94 -5.42 -11.01 -0.31
C PRO A 94 -5.69 -9.92 -1.37
N VAL A 95 -5.14 -10.15 -2.56
CA VAL A 95 -5.28 -9.23 -3.70
C VAL A 95 -5.15 -9.97 -5.04
N GLY A 96 -4.08 -10.77 -5.15
CA GLY A 96 -3.82 -11.50 -6.39
C GLY A 96 -4.30 -12.93 -6.37
N GLY A 97 -5.11 -13.26 -7.38
CA GLY A 97 -5.63 -14.62 -7.54
C GLY A 97 -4.62 -15.51 -8.24
N ILE A 98 -3.44 -14.93 -8.49
CA ILE A 98 -2.30 -15.60 -9.13
C ILE A 98 -1.57 -16.47 -8.08
N PHE A 99 -0.53 -17.22 -8.50
CA PHE A 99 0.22 -18.07 -7.59
C PHE A 99 1.73 -17.90 -7.77
N ASP A 100 2.30 -16.96 -6.98
CA ASP A 100 3.74 -16.68 -6.97
C ASP A 100 4.14 -16.02 -5.66
N LEU A 101 5.07 -16.64 -4.94
CA LEU A 101 5.57 -16.09 -3.67
C LEU A 101 7.03 -15.70 -3.83
N LYS A 102 7.33 -14.42 -3.60
CA LYS A 102 8.70 -13.93 -3.69
C LYS A 102 9.40 -13.94 -2.33
N VAL A 103 10.34 -14.88 -2.18
CA VAL A 103 11.15 -15.01 -0.96
C VAL A 103 12.59 -15.41 -1.33
N GLY A 104 13.43 -14.40 -1.59
CA GLY A 104 14.84 -14.60 -1.95
C GLY A 104 15.08 -15.55 -3.12
N SER A 105 15.47 -16.79 -2.80
CA SER A 105 15.71 -17.83 -3.81
C SER A 105 14.38 -18.40 -4.33
N THR A 106 13.31 -17.71 -3.95
CA THR A 106 11.94 -18.06 -4.31
C THR A 106 11.22 -16.76 -4.69
N LYS A 107 12.01 -15.82 -5.24
CA LYS A 107 11.53 -14.50 -5.62
C LYS A 107 10.58 -14.53 -6.84
N HIS A 108 9.28 -14.74 -6.56
CA HIS A 108 8.21 -14.74 -7.56
C HIS A 108 6.97 -14.12 -6.92
N THR A 109 6.66 -12.89 -7.26
CA THR A 109 5.54 -12.17 -6.63
C THR A 109 4.20 -12.27 -7.35
N LEU A 110 3.17 -12.61 -6.56
CA LEU A 110 1.78 -12.65 -7.02
C LEU A 110 1.00 -11.47 -6.37
N GLN A 111 0.85 -10.34 -7.08
CA GLN A 111 0.10 -9.21 -6.48
C GLN A 111 -0.67 -8.38 -7.52
N ALA A 112 -1.94 -8.74 -7.70
CA ALA A 112 -2.85 -8.05 -8.61
C ALA A 112 -3.95 -7.32 -7.85
N ILE A 113 -3.81 -6.00 -7.70
CA ILE A 113 -4.83 -5.23 -6.99
C ILE A 113 -5.53 -4.21 -7.91
N GLU A 114 -4.81 -3.18 -8.39
CA GLU A 114 -5.45 -2.14 -9.26
C GLU A 114 -4.36 -1.30 -9.95
N THR A 115 -4.77 -0.25 -10.68
CA THR A 115 -3.81 0.67 -11.28
C THR A 115 -4.10 2.09 -10.78
N ARG A 116 -3.63 2.35 -9.54
CA ARG A 116 -3.79 3.65 -8.89
C ARG A 116 -2.48 4.10 -8.26
N VAL A 117 -1.99 5.28 -8.65
CA VAL A 117 -0.73 5.83 -8.12
C VAL A 117 -0.89 7.28 -7.61
N LEU A 118 -1.20 7.50 -6.32
CA LEU A 118 -1.28 8.86 -5.82
C LEU A 118 -0.06 9.15 -4.94
N ALA A 119 0.78 10.10 -5.39
CA ALA A 119 2.02 10.48 -4.69
C ALA A 119 1.80 10.85 -3.23
N GLY A 120 2.28 9.98 -2.33
CA GLY A 120 2.13 10.20 -0.90
C GLY A 120 0.83 9.62 -0.38
N SER A 121 -0.03 9.24 -1.32
CA SER A 121 -1.31 8.65 -1.03
C SER A 121 -1.29 7.19 -1.50
N LYS A 122 -2.46 6.55 -1.52
CA LYS A 122 -2.59 5.14 -1.85
C LYS A 122 -2.22 4.81 -3.28
N MET A 123 -1.71 3.58 -3.43
CA MET A 123 -1.28 3.04 -4.70
C MET A 123 -1.53 1.54 -4.73
N THR A 124 -2.28 1.12 -5.73
CA THR A 124 -2.61 -0.28 -5.93
C THR A 124 -2.21 -0.66 -7.34
N VAL A 125 -1.43 -1.74 -7.46
CA VAL A 125 -0.93 -2.18 -8.76
C VAL A 125 -1.12 -3.69 -8.98
N ALA A 126 -1.16 -4.09 -10.26
CA ALA A 126 -1.28 -5.50 -10.62
C ALA A 126 -0.01 -5.95 -11.32
N ARG A 127 0.79 -6.73 -10.59
CA ARG A 127 2.07 -7.25 -11.10
C ARG A 127 2.38 -8.63 -10.54
N VAL A 128 2.82 -9.51 -11.43
CA VAL A 128 3.23 -10.87 -11.07
C VAL A 128 4.69 -11.08 -11.51
N VAL A 129 5.61 -11.00 -10.54
CA VAL A 129 7.04 -11.18 -10.80
C VAL A 129 7.38 -12.67 -10.87
N ASP A 130 7.66 -13.12 -12.11
CA ASP A 130 8.00 -14.52 -12.39
C ASP A 130 9.37 -14.61 -13.08
N PRO A 131 10.02 -15.82 -13.13
CA PRO A 131 11.34 -15.99 -13.79
C PRO A 131 11.31 -15.79 -15.32
N THR A 132 10.10 -15.59 -15.87
CA THR A 132 9.91 -15.38 -17.31
C THR A 132 9.96 -13.88 -17.67
N PRO A 133 10.44 -13.52 -18.90
CA PRO A 133 10.53 -12.11 -19.34
C PRO A 133 9.16 -11.46 -19.59
N THR A 134 8.32 -12.14 -20.37
CA THR A 134 6.98 -11.66 -20.71
C THR A 134 5.94 -12.10 -19.67
N PRO A 135 4.86 -11.27 -19.44
CA PRO A 135 3.80 -11.60 -18.45
C PRO A 135 2.91 -12.79 -18.90
N PRO A 136 2.04 -13.36 -18.01
CA PRO A 136 1.16 -14.49 -18.37
C PRO A 136 0.08 -14.12 -19.41
N PRO A 137 -0.25 -15.05 -20.36
CA PRO A 137 -1.26 -14.80 -21.41
C PRO A 137 -2.71 -14.75 -20.89
N ALA A 138 -2.89 -15.06 -19.61
CA ALA A 138 -4.22 -15.06 -19.00
C ALA A 138 -4.51 -13.72 -18.28
N PRO A 139 -5.82 -13.34 -18.09
CA PRO A 139 -6.19 -12.07 -17.42
C PRO A 139 -6.02 -12.14 -15.90
N VAL A 140 -5.98 -10.97 -15.26
CA VAL A 140 -5.82 -10.89 -13.80
C VAL A 140 -7.12 -10.40 -13.12
N PRO A 141 -7.47 -10.91 -11.90
CA PRO A 141 -8.69 -10.50 -11.19
C PRO A 141 -8.51 -9.23 -10.36
N ILE A 142 -9.38 -8.25 -10.62
CA ILE A 142 -9.36 -6.96 -9.90
C ILE A 142 -10.73 -6.73 -9.24
N PRO A 143 -10.80 -6.64 -7.87
CA PRO A 143 -12.07 -6.45 -7.15
C PRO A 143 -12.62 -5.02 -7.21
N LEU A 144 -13.95 -4.92 -7.42
CA LEU A 144 -14.74 -3.66 -7.53
C LEU A 144 -14.94 -3.20 -9.00
N PRO A 145 -13.91 -2.67 -9.76
CA PRO A 145 -14.13 -2.25 -11.16
C PRO A 145 -14.13 -3.44 -12.16
N PRO A 146 -14.60 -3.25 -13.44
CA PRO A 146 -14.61 -4.33 -14.46
C PRO A 146 -13.19 -4.80 -14.83
N LYS A 147 -12.47 -3.98 -15.63
CA LYS A 147 -11.08 -4.23 -16.09
C LYS A 147 -10.85 -5.64 -16.64
N VAL A 148 -10.81 -6.66 -15.74
CA VAL A 148 -10.60 -8.08 -16.12
C VAL A 148 -9.11 -8.38 -16.40
N LEU A 149 -8.37 -7.38 -16.92
CA LEU A 149 -6.94 -7.54 -17.25
C LEU A 149 -6.11 -6.33 -16.81
N GLU A 150 -6.42 -5.81 -15.60
CA GLU A 150 -5.76 -4.63 -14.98
C GLU A 150 -5.58 -3.43 -15.93
N GLY A 1 -15.40 22.81 -4.57
CA GLY A 1 -15.11 21.35 -4.49
C GLY A 1 -14.07 21.04 -3.44
N SER A 2 -14.49 20.34 -2.38
CA SER A 2 -13.60 19.96 -1.28
C SER A 2 -13.72 18.46 -1.00
N LEU A 3 -12.55 17.81 -0.77
CA LEU A 3 -12.45 16.36 -0.48
C LEU A 3 -12.84 15.50 -1.68
N THR A 4 -14.14 15.49 -2.01
CA THR A 4 -14.69 14.66 -3.11
C THR A 4 -13.95 14.85 -4.45
N GLY A 5 -13.09 13.88 -4.76
CA GLY A 5 -12.34 13.90 -6.00
C GLY A 5 -12.28 12.54 -6.67
N ALA A 6 -11.10 11.88 -6.58
CA ALA A 6 -10.89 10.56 -7.18
C ALA A 6 -10.15 9.62 -6.22
N LEU A 7 -9.82 10.11 -5.02
CA LEU A 7 -9.12 9.31 -4.01
C LEU A 7 -10.13 8.93 -2.93
N ALA A 8 -11.11 8.08 -3.32
CA ALA A 8 -12.20 7.65 -2.42
C ALA A 8 -13.00 8.88 -1.95
N MET A 9 -12.98 9.93 -2.82
CA MET A 9 -13.66 11.22 -2.59
C MET A 9 -12.84 12.10 -1.62
N ARG A 10 -11.50 12.08 -1.78
CA ARG A 10 -10.57 12.87 -0.94
C ARG A 10 -9.28 13.25 -1.68
N LEU A 11 -9.30 13.10 -3.01
CA LEU A 11 -8.16 13.46 -3.88
C LEU A 11 -7.89 14.97 -3.85
N ASN A 12 -8.82 15.75 -3.28
CA ASN A 12 -8.66 17.20 -3.20
C ASN A 12 -7.47 17.55 -2.33
N ASP A 13 -6.84 18.65 -2.73
CA ASP A 13 -5.64 19.21 -2.12
C ASP A 13 -5.64 19.23 -0.57
N GLU A 14 -6.82 19.35 0.06
CA GLU A 14 -6.89 19.36 1.53
C GLU A 14 -6.52 18.00 2.11
N ASP A 15 -7.18 16.97 1.58
CA ASP A 15 -6.98 15.62 2.05
C ASP A 15 -5.77 15.01 1.39
N LEU A 16 -5.43 15.54 0.22
CA LEU A 16 -4.28 15.09 -0.57
C LEU A 16 -2.98 15.60 0.03
N ASP A 17 -3.02 16.81 0.61
CA ASP A 17 -1.85 17.39 1.27
C ASP A 17 -1.69 16.72 2.64
N PHE A 18 -2.78 16.77 3.43
CA PHE A 18 -2.80 16.14 4.74
C PHE A 18 -2.66 14.60 4.59
N LEU A 19 -2.93 14.11 3.35
CA LEU A 19 -2.75 12.70 2.96
C LEU A 19 -1.30 12.48 2.50
N THR A 20 -0.72 13.53 1.87
CA THR A 20 0.64 13.47 1.31
C THR A 20 1.74 13.56 2.37
N LYS A 21 1.36 13.96 3.61
CA LYS A 21 2.31 14.08 4.75
C LYS A 21 3.40 12.98 4.78
N TRP A 22 3.05 11.77 4.32
CA TRP A 22 3.98 10.62 4.31
C TRP A 22 3.43 9.49 3.43
N THR A 23 4.24 8.44 3.22
CA THR A 23 3.84 7.30 2.37
C THR A 23 3.50 6.08 3.22
N ASP A 24 3.08 4.99 2.56
CA ASP A 24 2.67 3.78 3.26
C ASP A 24 3.61 2.60 2.98
N PHE A 25 4.80 2.90 2.45
CA PHE A 25 5.78 1.87 2.11
C PHE A 25 6.97 1.91 3.08
N LYS A 26 6.60 1.84 4.34
CA LYS A 26 7.51 1.73 5.46
C LYS A 26 7.04 0.48 6.21
N CYS A 27 6.00 -0.12 5.61
CA CYS A 27 5.37 -1.30 6.12
C CYS A 27 5.45 -2.40 5.09
N PHE A 28 6.08 -3.49 5.52
CA PHE A 28 6.22 -4.69 4.72
C PHE A 28 5.04 -5.58 5.00
N VAL A 29 4.29 -5.93 3.96
CA VAL A 29 3.12 -6.76 4.13
C VAL A 29 3.47 -8.20 3.74
N SER A 30 2.98 -9.10 4.61
CA SER A 30 3.24 -10.56 4.61
C SER A 30 3.73 -11.19 3.33
N ALA A 31 5.07 -11.33 3.30
CA ALA A 31 5.80 -11.97 2.22
C ALA A 31 5.75 -13.49 2.40
N SER A 32 5.51 -13.89 3.68
CA SER A 32 5.28 -15.28 4.09
C SER A 32 6.53 -16.11 4.42
N ASN A 33 7.38 -16.39 3.42
CA ASN A 33 8.59 -17.18 3.62
C ASN A 33 9.78 -16.23 3.78
N MET A 34 9.49 -14.97 3.48
CA MET A 34 10.42 -13.88 3.60
C MET A 34 10.17 -13.15 4.92
N ARG A 35 8.95 -13.31 5.40
CA ARG A 35 8.47 -12.74 6.61
C ARG A 35 8.01 -13.90 7.48
N ASN A 36 7.50 -13.58 8.66
CA ASN A 36 6.98 -14.57 9.61
C ASN A 36 7.89 -14.59 10.85
N ALA A 37 9.03 -13.91 10.74
CA ALA A 37 10.00 -13.80 11.83
C ALA A 37 9.72 -12.59 12.73
N ALA A 38 9.38 -11.44 12.12
CA ALA A 38 9.10 -10.22 12.88
C ALA A 38 7.62 -9.87 12.90
N GLY A 39 6.98 -9.82 11.72
CA GLY A 39 5.54 -9.54 11.63
C GLY A 39 5.16 -8.11 12.03
N GLN A 40 6.15 -7.22 12.11
CA GLN A 40 5.89 -5.82 12.48
C GLN A 40 5.53 -5.00 11.24
N PHE A 41 4.25 -5.10 10.89
CA PHE A 41 3.69 -4.40 9.75
C PHE A 41 2.41 -3.67 10.16
N ILE A 42 1.65 -4.31 11.04
CA ILE A 42 0.39 -3.75 11.55
C ILE A 42 0.60 -2.44 12.30
N GLU A 43 1.84 -2.22 12.80
CA GLU A 43 2.16 -0.98 13.52
C GLU A 43 2.15 0.23 12.59
N ALA A 44 3.03 0.24 11.56
CA ALA A 44 3.06 1.37 10.63
C ALA A 44 1.82 1.39 9.73
N ALA A 45 1.22 0.21 9.50
CA ALA A 45 0.00 0.10 8.68
C ALA A 45 -1.18 0.78 9.37
N TYR A 46 -1.31 0.54 10.69
CA TYR A 46 -2.38 1.15 11.48
C TYR A 46 -2.13 2.65 11.67
N ALA A 47 -0.84 3.01 11.89
CA ALA A 47 -0.43 4.40 12.08
C ALA A 47 -0.62 5.24 10.82
N LYS A 48 -0.21 4.68 9.65
CA LYS A 48 -0.34 5.39 8.38
C LYS A 48 -1.79 5.48 7.96
N ALA A 49 -2.55 4.40 8.18
CA ALA A 49 -4.00 4.39 7.93
C ALA A 49 -4.65 5.51 8.77
N LEU A 50 -4.15 5.64 10.02
CA LEU A 50 -4.58 6.69 10.94
C LEU A 50 -4.13 8.06 10.40
N ARG A 51 -2.98 8.07 9.71
CA ARG A 51 -2.46 9.29 9.07
C ARG A 51 -3.33 9.67 7.88
N ILE A 52 -3.93 8.64 7.24
CA ILE A 52 -4.87 8.85 6.13
C ILE A 52 -6.15 9.44 6.74
N GLU A 53 -6.40 9.05 8.00
CA GLU A 53 -7.52 9.56 8.81
C GLU A 53 -7.15 10.92 9.43
N LEU A 54 -5.84 11.24 9.46
CA LEU A 54 -5.37 12.55 9.93
C LEU A 54 -5.51 13.54 8.79
N ALA A 55 -5.34 12.97 7.58
CA ALA A 55 -5.46 13.69 6.30
C ALA A 55 -6.77 14.47 6.19
N GLN A 56 -7.68 14.14 7.10
CA GLN A 56 -8.98 14.75 7.20
C GLN A 56 -9.02 15.79 8.28
N LEU A 57 -7.85 16.40 8.51
CA LEU A 57 -7.71 17.47 9.48
C LEU A 57 -8.61 18.60 9.13
N VAL A 58 -9.80 18.44 9.60
CA VAL A 58 -10.79 19.44 9.53
C VAL A 58 -10.48 20.25 10.78
N GLN A 59 -9.89 19.52 11.78
CA GLN A 59 -9.48 20.13 13.06
C GLN A 59 -8.52 19.30 13.95
N VAL A 60 -8.88 18.03 14.25
CA VAL A 60 -8.11 17.19 15.21
C VAL A 60 -7.50 15.93 14.56
N ASP A 61 -7.95 15.60 13.36
CA ASP A 61 -7.51 14.39 12.68
C ASP A 61 -5.98 14.34 12.52
N LYS A 62 -5.40 15.41 11.97
CA LYS A 62 -3.92 15.50 11.78
C LYS A 62 -3.12 15.15 13.06
N VAL A 63 -3.68 15.50 14.23
CA VAL A 63 -3.00 15.29 15.51
C VAL A 63 -3.09 13.84 15.93
N ARG A 64 -4.27 13.26 15.70
CA ARG A 64 -4.50 11.86 16.04
C ARG A 64 -3.61 10.95 15.17
N GLY A 65 -3.44 11.34 13.89
CA GLY A 65 -2.61 10.59 12.97
C GLY A 65 -1.13 10.74 13.24
N THR A 66 -0.71 11.95 13.68
CA THR A 66 0.71 12.20 14.00
C THR A 66 1.14 11.37 15.23
N LEU A 67 0.23 11.30 16.23
CA LEU A 67 0.45 10.53 17.46
C LEU A 67 0.51 9.03 17.14
N ALA A 68 -0.38 8.59 16.22
CA ALA A 68 -0.42 7.18 15.78
C ALA A 68 0.87 6.86 14.99
N LYS A 69 1.26 7.84 14.16
CA LYS A 69 2.46 7.77 13.33
C LYS A 69 3.69 7.47 14.19
N LEU A 70 3.87 8.24 15.27
CA LEU A 70 4.98 8.05 16.20
C LEU A 70 4.83 6.70 16.93
N GLU A 71 3.56 6.42 17.34
CA GLU A 71 3.20 5.18 18.06
C GLU A 71 3.83 3.97 17.36
N ALA A 72 3.79 4.00 16.02
CA ALA A 72 4.39 2.95 15.23
C ALA A 72 5.83 3.28 14.87
N PHE A 73 6.05 4.54 14.44
CA PHE A 73 7.38 5.03 14.01
C PHE A 73 8.50 4.83 15.05
N ALA A 74 8.13 4.27 16.20
CA ALA A 74 9.06 3.96 17.29
C ALA A 74 10.42 3.36 16.84
N ASP A 75 10.45 2.14 16.28
CA ASP A 75 11.75 1.55 15.88
C ASP A 75 11.76 0.86 14.52
N THR A 76 11.04 -0.26 14.40
CA THR A 76 11.02 -1.06 13.17
C THR A 76 9.80 -0.72 12.34
N VAL A 77 9.44 0.55 12.40
CA VAL A 77 8.28 1.11 11.71
C VAL A 77 8.47 2.65 11.61
N ALA A 78 9.75 3.04 11.59
CA ALA A 78 10.19 4.43 11.55
C ALA A 78 10.38 4.93 10.08
N PRO A 79 11.06 6.12 9.79
CA PRO A 79 11.27 6.60 8.41
C PRO A 79 12.03 5.60 7.52
N GLN A 80 11.30 4.60 7.05
CA GLN A 80 11.85 3.55 6.19
C GLN A 80 10.95 3.37 4.95
N LEU A 81 11.09 4.29 3.98
CA LEU A 81 10.24 4.29 2.77
C LEU A 81 10.88 5.07 1.61
N SER A 82 10.21 5.00 0.45
CA SER A 82 10.62 5.70 -0.77
C SER A 82 9.95 7.10 -0.83
N PRO A 83 10.35 8.00 -1.80
CA PRO A 83 9.79 9.39 -1.94
C PRO A 83 8.26 9.53 -1.86
N GLY A 84 7.50 8.58 -2.43
CA GLY A 84 6.06 8.73 -2.38
C GLY A 84 5.28 7.67 -3.15
N ASP A 85 3.93 7.71 -2.97
CA ASP A 85 2.96 6.77 -3.61
C ASP A 85 3.36 5.28 -3.56
N ILE A 86 3.65 4.76 -2.35
CA ILE A 86 4.02 3.35 -2.16
C ILE A 86 3.60 2.76 -0.80
N VAL A 87 3.32 1.44 -0.82
CA VAL A 87 2.98 0.60 0.37
C VAL A 87 3.52 -0.83 0.08
N VAL A 88 4.27 -1.49 1.00
CA VAL A 88 4.83 -2.82 0.68
C VAL A 88 3.89 -3.98 1.03
N ALA A 89 3.59 -4.82 0.00
CA ALA A 89 2.76 -6.02 0.13
C ALA A 89 3.24 -7.07 -0.87
N LEU A 90 4.03 -8.05 -0.38
CA LEU A 90 4.59 -9.08 -1.26
C LEU A 90 4.32 -10.49 -0.73
N GLY A 91 4.11 -11.44 -1.64
CA GLY A 91 3.88 -12.83 -1.26
C GLY A 91 2.47 -13.10 -0.73
N HIS A 92 2.40 -13.68 0.48
CA HIS A 92 1.11 -14.01 1.13
C HIS A 92 0.38 -12.74 1.52
N THR A 93 -0.18 -12.12 0.51
CA THR A 93 -0.89 -10.85 0.65
C THR A 93 -2.26 -10.95 -0.05
N PRO A 94 -3.40 -10.89 0.72
CA PRO A 94 -4.77 -11.03 0.15
C PRO A 94 -5.13 -9.93 -0.87
N VAL A 95 -4.68 -10.14 -2.10
CA VAL A 95 -4.92 -9.20 -3.21
C VAL A 95 -4.83 -9.91 -4.57
N GLY A 96 -3.78 -10.74 -4.72
CA GLY A 96 -3.55 -11.46 -5.95
C GLY A 96 -4.16 -12.84 -5.99
N GLY A 97 -4.95 -13.08 -7.05
CA GLY A 97 -5.58 -14.39 -7.27
C GLY A 97 -4.61 -15.34 -7.97
N ILE A 98 -3.39 -14.84 -8.16
CA ILE A 98 -2.28 -15.56 -8.79
C ILE A 98 -1.55 -16.41 -7.73
N PHE A 99 -0.57 -17.22 -8.14
CA PHE A 99 0.19 -18.07 -7.20
C PHE A 99 1.70 -17.98 -7.45
N ASP A 100 2.34 -17.02 -6.75
CA ASP A 100 3.78 -16.80 -6.83
C ASP A 100 4.29 -16.10 -5.57
N LEU A 101 5.25 -16.73 -4.89
CA LEU A 101 5.84 -16.15 -3.67
C LEU A 101 7.30 -15.78 -3.93
N LYS A 102 7.62 -14.50 -3.78
CA LYS A 102 8.99 -14.04 -3.97
C LYS A 102 9.79 -14.04 -2.66
N VAL A 103 10.72 -14.99 -2.55
CA VAL A 103 11.58 -15.11 -1.38
C VAL A 103 13.00 -15.52 -1.83
N GLY A 104 13.81 -14.51 -2.21
CA GLY A 104 15.19 -14.73 -2.65
C GLY A 104 15.36 -15.74 -3.77
N SER A 105 15.78 -16.96 -3.39
CA SER A 105 15.97 -18.07 -4.35
C SER A 105 14.60 -18.67 -4.75
N THR A 106 13.56 -17.93 -4.39
CA THR A 106 12.17 -18.28 -4.65
C THR A 106 11.44 -16.99 -5.06
N LYS A 107 12.21 -16.08 -5.66
CA LYS A 107 11.71 -14.77 -6.07
C LYS A 107 10.67 -14.82 -7.21
N HIS A 108 9.39 -15.01 -6.82
CA HIS A 108 8.26 -15.02 -7.75
C HIS A 108 7.09 -14.32 -7.05
N THR A 109 6.80 -13.09 -7.43
CA THR A 109 5.77 -12.31 -6.75
C THR A 109 4.38 -12.36 -7.38
N LEU A 110 3.39 -12.67 -6.52
CA LEU A 110 1.98 -12.68 -6.89
C LEU A 110 1.27 -11.47 -6.21
N GLN A 111 1.11 -10.34 -6.91
CA GLN A 111 0.43 -9.20 -6.28
C GLN A 111 -0.36 -8.36 -7.29
N ALA A 112 -1.63 -8.69 -7.40
CA ALA A 112 -2.57 -7.99 -8.27
C ALA A 112 -3.63 -7.24 -7.47
N ILE A 113 -3.43 -5.94 -7.29
CA ILE A 113 -4.40 -5.13 -6.54
C ILE A 113 -5.09 -4.10 -7.45
N GLU A 114 -4.36 -3.08 -7.95
CA GLU A 114 -4.98 -2.05 -8.84
C GLU A 114 -3.90 -1.22 -9.53
N THR A 115 -4.29 -0.18 -10.28
CA THR A 115 -3.33 0.72 -10.91
C THR A 115 -3.64 2.16 -10.47
N ARG A 116 -3.19 2.50 -9.25
CA ARG A 116 -3.39 3.82 -8.66
C ARG A 116 -2.08 4.31 -8.04
N VAL A 117 -1.64 5.51 -8.43
CA VAL A 117 -0.40 6.09 -7.91
C VAL A 117 -0.60 7.54 -7.39
N LEU A 118 -0.90 7.73 -6.10
CA LEU A 118 -1.02 9.10 -5.58
C LEU A 118 0.18 9.41 -4.70
N ALA A 119 1.01 10.37 -5.14
CA ALA A 119 2.24 10.80 -4.44
C ALA A 119 1.99 11.18 -2.98
N GLY A 120 2.47 10.32 -2.06
CA GLY A 120 2.29 10.57 -0.64
C GLY A 120 0.99 9.97 -0.14
N SER A 121 0.18 9.51 -1.08
CA SER A 121 -1.09 8.88 -0.80
C SER A 121 -1.04 7.42 -1.27
N LYS A 122 -2.18 6.76 -1.31
CA LYS A 122 -2.27 5.34 -1.64
C LYS A 122 -1.87 5.03 -3.08
N MET A 123 -1.32 3.83 -3.23
CA MET A 123 -0.87 3.30 -4.51
C MET A 123 -1.08 1.80 -4.54
N THR A 124 -1.82 1.36 -5.55
CA THR A 124 -2.12 -0.04 -5.76
C THR A 124 -1.61 -0.46 -7.13
N VAL A 125 -0.93 -1.62 -7.17
CA VAL A 125 -0.35 -2.12 -8.42
C VAL A 125 -0.66 -3.60 -8.68
N ALA A 126 -0.63 -3.98 -9.96
CA ALA A 126 -0.86 -5.35 -10.35
C ALA A 126 0.37 -5.90 -11.08
N ARG A 127 1.12 -6.75 -10.38
CA ARG A 127 2.35 -7.34 -10.92
C ARG A 127 2.59 -8.77 -10.43
N VAL A 128 2.92 -9.64 -11.37
CA VAL A 128 3.25 -11.04 -11.09
C VAL A 128 4.66 -11.33 -11.65
N VAL A 129 5.66 -11.32 -10.76
CA VAL A 129 7.05 -11.57 -11.16
C VAL A 129 7.37 -13.07 -11.06
N ASP A 130 7.18 -13.77 -12.19
CA ASP A 130 7.45 -15.21 -12.29
C ASP A 130 7.88 -15.56 -13.73
N PRO A 131 8.96 -16.38 -13.93
CA PRO A 131 9.41 -16.78 -15.27
C PRO A 131 8.43 -17.74 -15.96
N THR A 132 7.94 -17.35 -17.14
CA THR A 132 6.99 -18.17 -17.89
C THR A 132 7.57 -18.60 -19.25
N PRO A 133 7.18 -19.80 -19.78
CA PRO A 133 7.67 -20.30 -21.08
C PRO A 133 7.06 -19.55 -22.27
N THR A 134 5.74 -19.33 -22.19
CA THR A 134 4.99 -18.63 -23.24
C THR A 134 5.32 -17.12 -23.28
N PRO A 135 6.01 -16.63 -24.37
CA PRO A 135 6.38 -15.19 -24.50
C PRO A 135 5.22 -14.17 -24.34
N PRO A 136 3.98 -14.41 -24.92
CA PRO A 136 2.86 -13.45 -24.78
C PRO A 136 2.46 -13.18 -23.33
N PRO A 137 1.93 -11.95 -23.00
CA PRO A 137 1.52 -11.59 -21.62
C PRO A 137 0.28 -12.36 -21.13
N ALA A 138 0.10 -12.39 -19.80
CA ALA A 138 -1.03 -13.07 -19.18
C ALA A 138 -2.12 -12.06 -18.73
N PRO A 139 -3.40 -12.51 -18.51
CA PRO A 139 -4.49 -11.60 -18.08
C PRO A 139 -4.30 -11.09 -16.64
N VAL A 140 -5.08 -10.05 -16.27
CA VAL A 140 -5.01 -9.45 -14.93
C VAL A 140 -6.19 -9.93 -14.08
N PRO A 141 -5.96 -10.79 -13.04
CA PRO A 141 -7.05 -11.29 -12.17
C PRO A 141 -7.45 -10.30 -11.05
N ILE A 142 -8.30 -9.33 -11.40
CA ILE A 142 -8.81 -8.33 -10.44
C ILE A 142 -10.31 -8.09 -10.69
N PRO A 143 -11.22 -8.60 -9.79
CA PRO A 143 -12.67 -8.40 -9.95
C PRO A 143 -13.16 -7.02 -9.47
N LEU A 144 -13.67 -6.22 -10.42
CA LEU A 144 -14.19 -4.89 -10.12
C LEU A 144 -15.45 -4.60 -10.95
N PRO A 145 -16.38 -3.70 -10.47
CA PRO A 145 -17.62 -3.36 -11.20
C PRO A 145 -17.43 -2.88 -12.67
N PRO A 146 -16.47 -1.94 -12.99
CA PRO A 146 -16.28 -1.46 -14.37
C PRO A 146 -15.38 -2.37 -15.23
N LYS A 147 -14.24 -2.79 -14.66
CA LYS A 147 -13.29 -3.65 -15.37
C LYS A 147 -13.39 -5.09 -14.90
N VAL A 148 -13.11 -6.00 -15.83
CA VAL A 148 -13.16 -7.44 -15.57
C VAL A 148 -11.76 -7.97 -15.21
N LEU A 149 -10.72 -7.43 -15.86
CA LEU A 149 -9.34 -7.84 -15.62
C LEU A 149 -8.70 -6.95 -14.54
N GLU A 150 -8.21 -5.77 -14.95
CA GLU A 150 -7.59 -4.82 -14.02
C GLU A 150 -8.61 -3.79 -13.51
N GLY A 1 -15.94 21.71 -4.38
CA GLY A 1 -15.99 20.28 -3.98
C GLY A 1 -15.43 20.05 -2.58
N SER A 2 -14.10 20.22 -2.43
CA SER A 2 -13.37 20.05 -1.16
C SER A 2 -13.63 18.68 -0.50
N LEU A 3 -12.56 17.86 -0.41
CA LEU A 3 -12.62 16.51 0.21
C LEU A 3 -13.55 15.57 -0.56
N THR A 4 -13.53 15.68 -1.90
CA THR A 4 -14.34 14.84 -2.79
C THR A 4 -13.73 14.82 -4.20
N GLY A 5 -13.17 13.67 -4.58
CA GLY A 5 -12.56 13.54 -5.89
C GLY A 5 -12.45 12.10 -6.36
N ALA A 6 -11.22 11.65 -6.62
CA ALA A 6 -10.96 10.28 -7.11
C ALA A 6 -10.17 9.42 -6.12
N LEU A 7 -9.85 9.97 -4.94
CA LEU A 7 -9.11 9.24 -3.91
C LEU A 7 -10.06 8.94 -2.76
N ALA A 8 -10.97 7.98 -2.99
CA ALA A 8 -12.03 7.61 -2.02
C ALA A 8 -12.90 8.84 -1.74
N MET A 9 -12.87 9.78 -2.73
CA MET A 9 -13.59 11.07 -2.69
C MET A 9 -12.85 12.02 -1.74
N ARG A 10 -11.50 11.97 -1.82
CA ARG A 10 -10.61 12.78 -0.96
C ARG A 10 -9.33 13.19 -1.70
N LEU A 11 -9.33 13.00 -3.03
CA LEU A 11 -8.20 13.35 -3.92
C LEU A 11 -7.90 14.86 -3.87
N ASN A 12 -8.82 15.64 -3.27
CA ASN A 12 -8.65 17.08 -3.13
C ASN A 12 -7.44 17.41 -2.27
N ASP A 13 -6.81 18.51 -2.64
CA ASP A 13 -5.60 19.04 -2.00
C ASP A 13 -5.59 19.00 -0.47
N GLU A 14 -6.75 19.10 0.19
CA GLU A 14 -6.80 19.06 1.66
C GLU A 14 -6.43 17.68 2.18
N ASP A 15 -7.08 16.66 1.62
CA ASP A 15 -6.86 15.29 2.03
C ASP A 15 -5.67 14.71 1.32
N LEU A 16 -5.37 15.29 0.15
CA LEU A 16 -4.25 14.86 -0.68
C LEU A 16 -2.93 15.37 -0.11
N ASP A 17 -2.96 16.55 0.53
CA ASP A 17 -1.78 17.12 1.17
C ASP A 17 -1.58 16.41 2.52
N PHE A 18 -2.65 16.41 3.34
CA PHE A 18 -2.60 15.75 4.64
C PHE A 18 -2.46 14.22 4.43
N LEU A 19 -2.77 13.76 3.19
CA LEU A 19 -2.59 12.36 2.78
C LEU A 19 -1.15 12.17 2.26
N THR A 20 -0.64 13.21 1.56
CA THR A 20 0.70 13.19 0.95
C THR A 20 1.83 13.23 1.99
N LYS A 21 1.48 13.59 3.24
CA LYS A 21 2.43 13.66 4.38
C LYS A 21 3.58 12.62 4.32
N TRP A 22 3.24 11.39 3.92
CA TRP A 22 4.20 10.28 3.85
C TRP A 22 3.63 9.13 3.00
N THR A 23 4.39 8.04 2.86
CA THR A 23 3.96 6.89 2.05
C THR A 23 3.52 5.73 2.93
N ASP A 24 3.15 4.61 2.30
CA ASP A 24 2.68 3.43 3.03
C ASP A 24 3.57 2.22 2.74
N PHE A 25 4.76 2.46 2.15
CA PHE A 25 5.68 1.39 1.81
C PHE A 25 6.91 1.41 2.73
N LYS A 26 6.59 1.40 4.01
CA LYS A 26 7.55 1.27 5.09
C LYS A 26 7.05 0.10 5.92
N CYS A 27 5.92 -0.45 5.43
CA CYS A 27 5.23 -1.56 6.02
C CYS A 27 5.14 -2.69 5.01
N PHE A 28 5.63 -3.84 5.46
CA PHE A 28 5.64 -5.07 4.69
C PHE A 28 4.37 -5.85 4.98
N VAL A 29 3.62 -6.17 3.94
CA VAL A 29 2.40 -6.93 4.11
C VAL A 29 2.67 -8.40 3.76
N SER A 30 2.11 -9.26 4.63
CA SER A 30 2.30 -10.72 4.68
C SER A 30 2.84 -11.39 3.43
N ALA A 31 4.17 -11.61 3.50
CA ALA A 31 4.93 -12.28 2.46
C ALA A 31 4.78 -13.78 2.59
N SER A 32 4.44 -14.20 3.83
CA SER A 32 4.14 -15.59 4.20
C SER A 32 5.33 -16.45 4.60
N ASN A 33 6.23 -16.77 3.66
CA ASN A 33 7.40 -17.60 3.92
C ASN A 33 8.58 -16.71 4.23
N MET A 34 8.37 -15.44 3.89
CA MET A 34 9.33 -14.39 4.14
C MET A 34 8.96 -13.68 5.45
N ARG A 35 7.65 -13.60 5.70
CA ARG A 35 7.09 -12.99 6.88
C ARG A 35 6.20 -14.01 7.56
N ASN A 36 6.49 -14.24 8.84
CA ASN A 36 5.76 -15.23 9.66
C ASN A 36 6.40 -15.36 11.06
N ALA A 37 7.66 -14.92 11.20
CA ALA A 37 8.38 -15.01 12.48
C ALA A 37 8.17 -13.78 13.38
N ALA A 38 8.45 -12.57 12.86
CA ALA A 38 8.31 -11.34 13.65
C ALA A 38 6.93 -10.70 13.45
N GLY A 39 6.54 -10.49 12.18
CA GLY A 39 5.24 -9.92 11.86
C GLY A 39 5.06 -8.48 12.28
N GLN A 40 6.16 -7.76 12.50
CA GLN A 40 6.09 -6.36 12.89
C GLN A 40 5.95 -5.47 11.68
N PHE A 41 4.70 -5.34 11.27
CA PHE A 41 4.28 -4.57 10.12
C PHE A 41 3.06 -3.71 10.48
N ILE A 42 2.19 -4.27 11.34
CA ILE A 42 0.98 -3.60 11.81
C ILE A 42 1.28 -2.26 12.48
N GLU A 43 2.55 -2.06 12.91
CA GLU A 43 2.95 -0.80 13.54
C GLU A 43 2.87 0.35 12.54
N ALA A 44 3.68 0.27 11.45
CA ALA A 44 3.66 1.32 10.42
C ALA A 44 2.35 1.32 9.64
N ALA A 45 1.72 0.14 9.50
CA ALA A 45 0.44 0.02 8.79
C ALA A 45 -0.68 0.77 9.52
N TYR A 46 -0.71 0.63 10.86
CA TYR A 46 -1.71 1.29 11.70
C TYR A 46 -1.44 2.80 11.76
N ALA A 47 -0.15 3.16 11.82
CA ALA A 47 0.27 4.57 11.88
C ALA A 47 -0.07 5.34 10.59
N LYS A 48 0.33 4.77 9.43
CA LYS A 48 0.07 5.42 8.14
C LYS A 48 -1.41 5.40 7.81
N ALA A 49 -2.09 4.28 8.13
CA ALA A 49 -3.55 4.17 7.93
C ALA A 49 -4.25 5.28 8.72
N LEU A 50 -3.78 5.48 9.97
CA LEU A 50 -4.29 6.55 10.84
C LEU A 50 -3.91 7.92 10.27
N ARG A 51 -2.78 7.95 9.51
CA ARG A 51 -2.34 9.19 8.85
C ARG A 51 -3.21 9.46 7.61
N ILE A 52 -3.72 8.37 7.00
CA ILE A 52 -4.64 8.49 5.85
C ILE A 52 -5.96 9.06 6.39
N GLU A 53 -6.26 8.70 7.64
CA GLU A 53 -7.44 9.21 8.35
C GLU A 53 -7.14 10.61 8.91
N LEU A 54 -5.84 10.91 9.14
CA LEU A 54 -5.43 12.25 9.57
C LEU A 54 -5.60 13.22 8.41
N ALA A 55 -5.40 12.68 7.20
CA ALA A 55 -5.54 13.41 5.94
C ALA A 55 -6.88 14.14 5.84
N GLN A 56 -7.75 13.77 6.74
CA GLN A 56 -9.09 14.32 6.88
C GLN A 56 -9.17 15.30 8.03
N LEU A 57 -8.03 15.96 8.29
CA LEU A 57 -7.93 16.97 9.34
C LEU A 57 -8.91 18.08 9.10
N VAL A 58 -10.11 17.78 9.49
CA VAL A 58 -11.17 18.72 9.46
C VAL A 58 -11.03 19.47 10.78
N GLN A 59 -10.36 18.76 11.74
CA GLN A 59 -10.08 19.34 13.08
C GLN A 59 -9.02 18.59 13.92
N VAL A 60 -9.18 17.27 14.12
CA VAL A 60 -8.28 16.49 15.00
C VAL A 60 -7.54 15.34 14.29
N ASP A 61 -8.03 14.99 13.12
CA ASP A 61 -7.48 13.87 12.35
C ASP A 61 -5.96 13.97 12.15
N LYS A 62 -5.46 15.09 11.62
CA LYS A 62 -4.00 15.27 11.41
C LYS A 62 -3.18 14.92 12.67
N VAL A 63 -3.71 15.28 13.85
CA VAL A 63 -3.01 15.08 15.11
C VAL A 63 -2.95 13.59 15.48
N ARG A 64 -4.08 12.91 15.33
CA ARG A 64 -4.14 11.48 15.66
C ARG A 64 -3.19 10.66 14.76
N GLY A 65 -3.14 11.04 13.46
CA GLY A 65 -2.26 10.36 12.52
C GLY A 65 -0.79 10.59 12.78
N THR A 66 -0.42 11.83 13.16
CA THR A 66 1.00 12.15 13.45
C THR A 66 1.47 11.41 14.72
N LEU A 67 0.60 11.35 15.75
CA LEU A 67 0.92 10.65 17.01
C LEU A 67 1.09 9.14 16.76
N ALA A 68 0.22 8.59 15.90
CA ALA A 68 0.27 7.16 15.54
C ALA A 68 1.53 6.90 14.71
N LYS A 69 1.83 7.90 13.88
CA LYS A 69 3.00 7.92 13.02
C LYS A 69 4.27 7.70 13.82
N LEU A 70 4.45 8.51 14.87
CA LEU A 70 5.60 8.38 15.76
C LEU A 70 5.57 7.02 16.46
N GLU A 71 4.35 6.64 16.93
CA GLU A 71 4.11 5.36 17.63
C GLU A 71 4.78 4.20 16.88
N ALA A 72 4.65 4.23 15.55
CA ALA A 72 5.26 3.22 14.70
C ALA A 72 6.66 3.63 14.26
N PHE A 73 6.80 4.90 13.86
CA PHE A 73 8.07 5.47 13.38
C PHE A 73 9.23 5.30 14.39
N ALA A 74 8.91 4.69 15.54
CA ALA A 74 9.88 4.40 16.60
C ALA A 74 11.25 3.87 16.10
N ASP A 75 11.32 2.66 15.51
CA ASP A 75 12.63 2.15 15.05
C ASP A 75 12.62 1.47 13.68
N THR A 76 11.97 0.31 13.60
CA THR A 76 11.95 -0.50 12.37
C THR A 76 10.63 -0.33 11.66
N VAL A 77 10.12 0.90 11.74
CA VAL A 77 8.85 1.27 11.14
C VAL A 77 8.82 2.79 10.88
N ALA A 78 9.95 3.31 10.33
CA ALA A 78 10.07 4.75 10.06
C ALA A 78 10.87 5.08 8.77
N PRO A 79 12.21 4.74 8.66
CA PRO A 79 13.03 5.09 7.49
C PRO A 79 13.18 3.95 6.46
N GLN A 80 12.07 3.28 6.15
CA GLN A 80 12.10 2.17 5.20
C GLN A 80 11.01 2.32 4.12
N LEU A 81 11.28 3.18 3.12
CA LEU A 81 10.32 3.45 2.03
C LEU A 81 10.96 4.16 0.83
N SER A 82 10.16 4.31 -0.24
CA SER A 82 10.57 5.00 -1.46
C SER A 82 9.94 6.42 -1.49
N PRO A 83 10.32 7.32 -2.46
CA PRO A 83 9.79 8.71 -2.56
C PRO A 83 8.28 8.90 -2.34
N GLY A 84 7.45 7.99 -2.87
CA GLY A 84 6.01 8.15 -2.69
C GLY A 84 5.17 7.13 -3.45
N ASP A 85 3.83 7.22 -3.22
CA ASP A 85 2.81 6.33 -3.86
C ASP A 85 3.16 4.81 -3.84
N ILE A 86 3.49 4.29 -2.64
CA ILE A 86 3.81 2.85 -2.48
C ILE A 86 3.45 2.31 -1.08
N VAL A 87 3.09 1.00 -1.06
CA VAL A 87 2.78 0.23 0.17
C VAL A 87 3.26 -1.24 -0.06
N VAL A 88 3.97 -1.89 0.91
CA VAL A 88 4.49 -3.26 0.68
C VAL A 88 3.44 -4.36 0.98
N ALA A 89 3.17 -5.20 -0.04
CA ALA A 89 2.25 -6.34 0.06
C ALA A 89 2.74 -7.44 -0.90
N LEU A 90 3.46 -8.43 -0.35
CA LEU A 90 4.01 -9.51 -1.16
C LEU A 90 3.64 -10.89 -0.62
N GLY A 91 3.41 -11.85 -1.52
CA GLY A 91 3.09 -13.22 -1.12
C GLY A 91 1.66 -13.40 -0.62
N HIS A 92 1.52 -13.94 0.59
CA HIS A 92 0.19 -14.17 1.21
C HIS A 92 -0.49 -12.85 1.52
N THR A 93 -0.99 -12.24 0.47
CA THR A 93 -1.65 -10.95 0.53
C THR A 93 -3.00 -11.04 -0.22
N PRO A 94 -4.16 -10.97 0.52
CA PRO A 94 -5.51 -11.10 -0.09
C PRO A 94 -5.81 -10.01 -1.13
N VAL A 95 -5.31 -10.23 -2.35
CA VAL A 95 -5.49 -9.30 -3.48
C VAL A 95 -5.36 -10.02 -4.82
N GLY A 96 -4.28 -10.80 -4.95
CA GLY A 96 -3.99 -11.52 -6.19
C GLY A 96 -4.52 -12.94 -6.22
N GLY A 97 -5.27 -13.23 -7.28
CA GLY A 97 -5.82 -14.57 -7.50
C GLY A 97 -4.81 -15.46 -8.22
N ILE A 98 -3.60 -14.93 -8.35
CA ILE A 98 -2.46 -15.58 -8.99
C ILE A 98 -1.74 -16.49 -7.96
N PHE A 99 -0.70 -17.23 -8.38
CA PHE A 99 0.04 -18.11 -7.48
C PHE A 99 1.56 -17.94 -7.65
N ASP A 100 2.12 -17.03 -6.85
CA ASP A 100 3.56 -16.74 -6.82
C ASP A 100 3.95 -16.12 -5.48
N LEU A 101 4.90 -16.73 -4.78
CA LEU A 101 5.38 -16.21 -3.50
C LEU A 101 6.85 -15.84 -3.60
N LYS A 102 7.16 -14.57 -3.34
CA LYS A 102 8.54 -14.11 -3.37
C LYS A 102 9.25 -14.26 -2.02
N VAL A 103 10.23 -15.16 -1.99
CA VAL A 103 11.04 -15.39 -0.79
C VAL A 103 12.48 -15.77 -1.20
N GLY A 104 13.31 -14.73 -1.43
CA GLY A 104 14.72 -14.91 -1.82
C GLY A 104 14.93 -15.81 -3.03
N SER A 105 15.32 -17.06 -2.77
CA SER A 105 15.55 -18.06 -3.83
C SER A 105 14.21 -18.61 -4.34
N THR A 106 13.14 -17.92 -3.92
CA THR A 106 11.77 -18.24 -4.26
C THR A 106 11.05 -16.93 -4.58
N LYS A 107 11.83 -15.97 -5.08
CA LYS A 107 11.37 -14.63 -5.40
C LYS A 107 10.39 -14.61 -6.60
N HIS A 108 9.09 -14.83 -6.29
CA HIS A 108 8.01 -14.82 -7.29
C HIS A 108 6.79 -14.17 -6.65
N THR A 109 6.48 -12.93 -7.02
CA THR A 109 5.36 -12.22 -6.39
C THR A 109 4.02 -12.34 -7.11
N LEU A 110 2.99 -12.70 -6.33
CA LEU A 110 1.61 -12.75 -6.80
C LEU A 110 0.84 -11.57 -6.15
N GLN A 111 0.70 -10.42 -6.84
CA GLN A 111 -0.02 -9.30 -6.24
C GLN A 111 -0.78 -8.45 -7.27
N ALA A 112 -2.05 -8.78 -7.44
CA ALA A 112 -2.96 -8.07 -8.34
C ALA A 112 -4.04 -7.34 -7.55
N ILE A 113 -3.96 -6.01 -7.49
CA ILE A 113 -4.97 -5.25 -6.79
C ILE A 113 -5.70 -4.23 -7.70
N GLU A 114 -4.98 -3.19 -8.17
CA GLU A 114 -5.62 -2.15 -9.02
C GLU A 114 -4.55 -1.34 -9.76
N THR A 115 -4.94 -0.29 -10.49
CA THR A 115 -3.98 0.59 -11.12
C THR A 115 -4.25 2.02 -10.62
N ARG A 116 -3.75 2.28 -9.40
CA ARG A 116 -3.89 3.58 -8.74
C ARG A 116 -2.54 3.99 -8.14
N VAL A 117 -2.02 5.14 -8.58
CA VAL A 117 -0.74 5.64 -8.10
C VAL A 117 -0.85 7.11 -7.65
N LEU A 118 -1.13 7.38 -6.35
CA LEU A 118 -1.18 8.76 -5.88
C LEU A 118 0.04 9.05 -5.02
N ALA A 119 0.87 10.01 -5.48
CA ALA A 119 2.14 10.41 -4.80
C ALA A 119 1.92 10.79 -3.33
N GLY A 120 2.42 9.93 -2.43
CA GLY A 120 2.29 10.16 -1.01
C GLY A 120 0.98 9.61 -0.46
N SER A 121 0.14 9.17 -1.39
CA SER A 121 -1.14 8.58 -1.07
C SER A 121 -1.13 7.12 -1.52
N LYS A 122 -2.31 6.48 -1.52
CA LYS A 122 -2.44 5.07 -1.83
C LYS A 122 -2.09 4.72 -3.27
N MET A 123 -1.56 3.51 -3.42
CA MET A 123 -1.16 2.95 -4.68
C MET A 123 -1.42 1.45 -4.70
N THR A 124 -2.29 1.05 -5.60
CA THR A 124 -2.67 -0.34 -5.78
C THR A 124 -2.31 -0.73 -7.20
N VAL A 125 -1.54 -1.81 -7.35
CA VAL A 125 -1.08 -2.26 -8.65
C VAL A 125 -1.27 -3.77 -8.88
N ALA A 126 -1.33 -4.15 -10.16
CA ALA A 126 -1.45 -5.55 -10.53
C ALA A 126 -0.13 -6.00 -11.15
N ARG A 127 0.63 -6.78 -10.38
CA ARG A 127 1.94 -7.27 -10.82
C ARG A 127 2.24 -8.67 -10.27
N VAL A 128 2.72 -9.53 -11.17
CA VAL A 128 3.13 -10.88 -10.84
C VAL A 128 4.60 -11.09 -11.26
N VAL A 129 5.51 -11.09 -10.29
CA VAL A 129 6.94 -11.27 -10.56
C VAL A 129 7.25 -12.77 -10.63
N ASP A 130 7.50 -13.25 -11.85
CA ASP A 130 7.80 -14.66 -12.14
C ASP A 130 9.25 -14.82 -12.64
N PRO A 131 9.86 -16.05 -12.51
CA PRO A 131 11.25 -16.30 -12.96
C PRO A 131 11.49 -16.05 -14.46
N THR A 132 10.41 -16.05 -15.25
CA THR A 132 10.50 -15.83 -16.70
C THR A 132 10.43 -14.32 -17.04
N PRO A 133 11.24 -13.83 -18.03
CA PRO A 133 11.23 -12.42 -18.44
C PRO A 133 9.94 -12.00 -19.15
N THR A 134 9.57 -12.79 -20.17
CA THR A 134 8.36 -12.54 -20.94
C THR A 134 7.31 -13.63 -20.71
N PRO A 135 6.32 -13.41 -19.78
CA PRO A 135 5.27 -14.39 -19.49
C PRO A 135 4.07 -14.29 -20.46
N PRO A 136 3.14 -15.31 -20.50
CA PRO A 136 1.96 -15.28 -21.38
C PRO A 136 0.86 -14.33 -20.87
N PRO A 137 0.00 -13.77 -21.77
CA PRO A 137 -1.07 -12.85 -21.36
C PRO A 137 -2.23 -13.55 -20.64
N ALA A 138 -2.37 -13.26 -19.34
CA ALA A 138 -3.42 -13.84 -18.50
C ALA A 138 -4.36 -12.75 -17.95
N PRO A 139 -5.61 -13.10 -17.51
CA PRO A 139 -6.56 -12.12 -16.95
C PRO A 139 -6.14 -11.60 -15.57
N VAL A 140 -6.72 -10.47 -15.15
CA VAL A 140 -6.39 -9.88 -13.85
C VAL A 140 -7.49 -10.17 -12.82
N PRO A 141 -7.29 -11.15 -11.87
CA PRO A 141 -8.29 -11.48 -10.83
C PRO A 141 -8.44 -10.35 -9.81
N ILE A 142 -9.22 -9.34 -10.20
CA ILE A 142 -9.46 -8.15 -9.37
C ILE A 142 -10.89 -7.61 -9.57
N PRO A 143 -11.45 -6.78 -8.62
CA PRO A 143 -12.81 -6.20 -8.74
C PRO A 143 -13.04 -5.46 -10.07
N LEU A 144 -14.24 -4.89 -10.25
CA LEU A 144 -14.62 -4.18 -11.49
C LEU A 144 -14.00 -2.75 -11.56
N PRO A 145 -12.90 -2.55 -12.34
CA PRO A 145 -12.26 -1.24 -12.50
C PRO A 145 -12.71 -0.49 -13.78
N PRO A 146 -12.23 0.78 -14.04
CA PRO A 146 -12.59 1.53 -15.28
C PRO A 146 -12.09 0.84 -16.56
N LYS A 147 -11.24 -0.18 -16.38
CA LYS A 147 -10.66 -0.95 -17.49
C LYS A 147 -11.51 -2.21 -17.76
N VAL A 148 -10.90 -3.16 -18.47
CA VAL A 148 -11.57 -4.42 -18.82
C VAL A 148 -10.94 -5.61 -18.08
N LEU A 149 -9.65 -5.51 -17.75
CA LEU A 149 -8.95 -6.58 -17.04
C LEU A 149 -8.43 -6.07 -15.68
N GLU A 150 -7.33 -5.32 -15.70
CA GLU A 150 -6.72 -4.74 -14.49
C GLU A 150 -7.40 -3.43 -14.06
N GLY A 1 -15.59 19.56 -5.77
CA GLY A 1 -15.09 20.87 -5.25
C GLY A 1 -14.10 20.70 -4.12
N SER A 2 -14.59 20.19 -2.98
CA SER A 2 -13.76 19.97 -1.79
C SER A 2 -14.00 18.58 -1.22
N LEU A 3 -12.91 17.79 -1.05
CA LEU A 3 -12.97 16.43 -0.50
C LEU A 3 -13.84 15.49 -1.34
N THR A 4 -13.55 15.47 -2.66
CA THR A 4 -14.28 14.62 -3.62
C THR A 4 -13.59 14.64 -5.00
N GLY A 5 -12.77 13.62 -5.25
CA GLY A 5 -12.07 13.52 -6.53
C GLY A 5 -11.92 12.10 -7.03
N ALA A 6 -10.68 11.59 -7.08
CA ALA A 6 -10.40 10.24 -7.58
C ALA A 6 -9.69 9.36 -6.54
N LEU A 7 -9.46 9.90 -5.34
CA LEU A 7 -8.79 9.15 -4.27
C LEU A 7 -9.82 8.88 -3.18
N ALA A 8 -10.73 7.94 -3.48
CA ALA A 8 -11.84 7.57 -2.57
C ALA A 8 -12.72 8.80 -2.27
N MET A 9 -12.75 9.74 -3.25
CA MET A 9 -13.50 11.01 -3.16
C MET A 9 -12.84 11.95 -2.13
N ARG A 10 -11.49 11.94 -2.12
CA ARG A 10 -10.69 12.78 -1.20
C ARG A 10 -9.37 13.22 -1.85
N LEU A 11 -9.22 12.95 -3.15
CA LEU A 11 -8.03 13.35 -3.94
C LEU A 11 -7.77 14.87 -3.85
N ASN A 12 -8.75 15.61 -3.30
CA ASN A 12 -8.63 17.05 -3.12
C ASN A 12 -7.48 17.38 -2.19
N ASP A 13 -6.87 18.51 -2.49
CA ASP A 13 -5.70 19.05 -1.78
C ASP A 13 -5.77 18.99 -0.24
N GLU A 14 -6.97 19.01 0.36
CA GLU A 14 -7.08 18.94 1.83
C GLU A 14 -6.67 17.57 2.34
N ASP A 15 -7.29 16.54 1.73
CA ASP A 15 -7.05 15.17 2.13
C ASP A 15 -5.82 14.63 1.45
N LEU A 16 -5.49 15.25 0.31
CA LEU A 16 -4.32 14.88 -0.48
C LEU A 16 -3.05 15.39 0.16
N ASP A 17 -3.12 16.57 0.79
CA ASP A 17 -1.99 17.16 1.50
C ASP A 17 -1.81 16.41 2.82
N PHE A 18 -2.91 16.33 3.60
CA PHE A 18 -2.89 15.62 4.87
C PHE A 18 -2.74 14.10 4.65
N LEU A 19 -2.99 13.65 3.39
CA LEU A 19 -2.78 12.25 2.95
C LEU A 19 -1.32 12.09 2.49
N THR A 20 -0.78 13.16 1.88
CA THR A 20 0.57 13.17 1.33
C THR A 20 1.66 13.27 2.41
N LYS A 21 1.27 13.69 3.63
CA LYS A 21 2.19 13.84 4.79
C LYS A 21 3.32 12.79 4.83
N TRP A 22 3.00 11.54 4.43
CA TRP A 22 3.97 10.43 4.42
C TRP A 22 3.45 9.30 3.52
N THR A 23 4.27 8.24 3.35
CA THR A 23 3.91 7.10 2.49
C THR A 23 3.47 5.89 3.33
N ASP A 24 3.18 4.78 2.65
CA ASP A 24 2.73 3.56 3.32
C ASP A 24 3.66 2.37 3.01
N PHE A 25 4.85 2.67 2.49
CA PHE A 25 5.81 1.63 2.14
C PHE A 25 7.01 1.66 3.10
N LYS A 26 6.65 1.60 4.37
CA LYS A 26 7.57 1.46 5.47
C LYS A 26 7.06 0.25 6.26
N CYS A 27 5.99 -0.33 5.68
CA CYS A 27 5.32 -1.48 6.21
C CYS A 27 5.28 -2.57 5.14
N PHE A 28 5.78 -3.74 5.55
CA PHE A 28 5.83 -4.93 4.73
C PHE A 28 4.58 -5.76 4.98
N VAL A 29 3.83 -6.05 3.93
CA VAL A 29 2.62 -6.83 4.06
C VAL A 29 2.90 -8.28 3.64
N SER A 30 2.33 -9.19 4.46
CA SER A 30 2.52 -10.66 4.43
C SER A 30 3.06 -11.27 3.14
N ALA A 31 4.40 -11.40 3.18
CA ALA A 31 5.18 -12.02 2.11
C ALA A 31 5.12 -13.53 2.26
N SER A 32 4.77 -13.95 3.50
CA SER A 32 4.52 -15.34 3.89
C SER A 32 5.75 -16.17 4.29
N ASN A 33 6.62 -16.48 3.33
CA ASN A 33 7.81 -17.28 3.58
C ASN A 33 8.97 -16.35 3.86
N MET A 34 8.72 -15.08 3.54
CA MET A 34 9.65 -14.01 3.76
C MET A 34 9.28 -13.31 5.08
N ARG A 35 7.96 -13.27 5.35
CA ARG A 35 7.41 -12.68 6.55
C ARG A 35 6.57 -13.74 7.24
N ASN A 36 6.91 -13.99 8.49
CA ASN A 36 6.24 -15.00 9.33
C ASN A 36 6.92 -15.14 10.70
N ALA A 37 8.19 -14.69 10.81
CA ALA A 37 8.96 -14.79 12.05
C ALA A 37 8.70 -13.60 13.01
N ALA A 38 8.93 -12.36 12.54
CA ALA A 38 8.74 -11.18 13.39
C ALA A 38 7.33 -10.59 13.22
N GLY A 39 6.92 -10.36 11.96
CA GLY A 39 5.59 -9.85 11.67
C GLY A 39 5.34 -8.44 12.17
N GLN A 40 6.41 -7.70 12.46
CA GLN A 40 6.26 -6.33 12.94
C GLN A 40 6.18 -5.36 11.77
N PHE A 41 4.97 -5.28 11.27
CA PHE A 41 4.61 -4.43 10.13
C PHE A 41 3.30 -3.70 10.44
N ILE A 42 2.42 -4.37 11.19
CA ILE A 42 1.11 -3.83 11.60
C ILE A 42 1.25 -2.51 12.37
N GLU A 43 2.48 -2.24 12.89
CA GLU A 43 2.75 -1.00 13.60
C GLU A 43 2.63 0.20 12.66
N ALA A 44 3.48 0.22 11.61
CA ALA A 44 3.44 1.30 10.61
C ALA A 44 2.18 1.22 9.75
N ALA A 45 1.62 0.01 9.59
CA ALA A 45 0.39 -0.19 8.80
C ALA A 45 -0.81 0.47 9.49
N TYR A 46 -0.94 0.23 10.80
CA TYR A 46 -2.04 0.79 11.59
C TYR A 46 -1.87 2.31 11.77
N ALA A 47 -0.61 2.72 11.98
CA ALA A 47 -0.26 4.13 12.16
C ALA A 47 -0.44 4.94 10.87
N LYS A 48 0.11 4.44 9.75
CA LYS A 48 -0.01 5.14 8.48
C LYS A 48 -1.46 5.13 7.99
N ALA A 49 -2.19 4.03 8.26
CA ALA A 49 -3.62 3.96 7.94
C ALA A 49 -4.35 5.08 8.70
N LEU A 50 -3.96 5.24 9.99
CA LEU A 50 -4.50 6.29 10.85
C LEU A 50 -4.04 7.67 10.32
N ARG A 51 -2.90 7.68 9.59
CA ARG A 51 -2.37 8.91 8.98
C ARG A 51 -3.19 9.30 7.75
N ILE A 52 -3.53 8.32 6.90
CA ILE A 52 -4.36 8.58 5.72
C ILE A 52 -5.77 8.98 6.19
N GLU A 53 -6.10 8.57 7.43
CA GLU A 53 -7.35 8.95 8.09
C GLU A 53 -7.16 10.33 8.74
N LEU A 54 -5.92 10.67 9.14
CA LEU A 54 -5.60 12.01 9.65
C LEU A 54 -5.80 13.01 8.53
N ALA A 55 -5.56 12.52 7.31
CA ALA A 55 -5.72 13.26 6.06
C ALA A 55 -7.08 13.94 5.95
N GLN A 56 -7.98 13.51 6.80
CA GLN A 56 -9.34 14.01 6.87
C GLN A 56 -9.51 14.96 8.04
N LEU A 57 -8.40 15.65 8.38
CA LEU A 57 -8.40 16.64 9.45
C LEU A 57 -9.40 17.73 9.17
N VAL A 58 -10.61 17.38 9.48
CA VAL A 58 -11.70 18.29 9.42
C VAL A 58 -11.65 18.98 10.79
N GLN A 59 -11.01 18.26 11.75
CA GLN A 59 -10.83 18.77 13.13
C GLN A 59 -9.79 18.01 14.00
N VAL A 60 -9.91 16.68 14.13
CA VAL A 60 -9.04 15.89 15.04
C VAL A 60 -8.22 14.81 14.33
N ASP A 61 -8.58 14.51 13.08
CA ASP A 61 -7.93 13.44 12.32
C ASP A 61 -6.41 13.62 12.22
N LYS A 62 -5.94 14.77 11.74
CA LYS A 62 -4.47 15.02 11.63
C LYS A 62 -3.70 14.69 12.93
N VAL A 63 -4.33 14.94 14.08
CA VAL A 63 -3.70 14.73 15.37
C VAL A 63 -3.62 13.25 15.73
N ARG A 64 -4.72 12.53 15.49
CA ARG A 64 -4.76 11.10 15.79
C ARG A 64 -3.75 10.32 14.94
N GLY A 65 -3.63 10.73 13.65
CA GLY A 65 -2.69 10.08 12.74
C GLY A 65 -1.24 10.43 13.05
N THR A 66 -0.97 11.69 13.46
CA THR A 66 0.41 12.09 13.79
C THR A 66 0.91 11.33 15.04
N LEU A 67 0.04 11.20 16.06
CA LEU A 67 0.36 10.47 17.29
C LEU A 67 0.56 8.98 16.97
N ALA A 68 -0.27 8.46 16.05
CA ALA A 68 -0.17 7.08 15.58
C ALA A 68 1.14 6.88 14.84
N LYS A 69 1.48 7.89 14.02
CA LYS A 69 2.69 7.94 13.23
C LYS A 69 3.91 7.71 14.11
N LEU A 70 4.01 8.48 15.20
CA LEU A 70 5.11 8.33 16.15
C LEU A 70 5.06 6.94 16.81
N GLU A 71 3.83 6.54 17.20
CA GLU A 71 3.55 5.23 17.84
C GLU A 71 4.26 4.10 17.09
N ALA A 72 4.20 4.16 15.76
CA ALA A 72 4.86 3.17 14.90
C ALA A 72 6.28 3.61 14.55
N PHE A 73 6.44 4.90 14.22
CA PHE A 73 7.73 5.49 13.83
C PHE A 73 8.82 5.29 14.90
N ALA A 74 8.45 4.64 16.01
CA ALA A 74 9.36 4.32 17.10
C ALA A 74 10.77 3.82 16.66
N ASP A 75 10.88 2.63 16.04
CA ASP A 75 12.22 2.13 15.64
C ASP A 75 12.29 1.48 14.25
N THR A 76 11.66 0.32 14.12
CA THR A 76 11.71 -0.45 12.87
C THR A 76 10.42 -0.28 12.10
N VAL A 77 9.92 0.94 12.16
CA VAL A 77 8.66 1.32 11.52
C VAL A 77 8.64 2.84 11.30
N ALA A 78 9.78 3.39 10.80
CA ALA A 78 9.90 4.84 10.58
C ALA A 78 10.74 5.21 9.33
N PRO A 79 12.08 4.89 9.26
CA PRO A 79 12.94 5.29 8.14
C PRO A 79 13.13 4.19 7.08
N GLN A 80 12.04 3.51 6.70
CA GLN A 80 12.11 2.44 5.72
C GLN A 80 11.05 2.60 4.62
N LEU A 81 11.33 3.50 3.66
CA LEU A 81 10.39 3.79 2.55
C LEU A 81 11.05 4.56 1.40
N SER A 82 10.28 4.73 0.32
CA SER A 82 10.72 5.48 -0.86
C SER A 82 10.04 6.88 -0.87
N PRO A 83 10.44 7.84 -1.79
CA PRO A 83 9.88 9.21 -1.84
C PRO A 83 8.36 9.34 -1.70
N GLY A 84 7.58 8.42 -2.29
CA GLY A 84 6.14 8.54 -2.18
C GLY A 84 5.36 7.51 -3.00
N ASP A 85 4.01 7.55 -2.84
CA ASP A 85 3.05 6.64 -3.55
C ASP A 85 3.46 5.15 -3.53
N ILE A 86 3.74 4.63 -2.33
CA ILE A 86 4.12 3.21 -2.16
C ILE A 86 3.69 2.61 -0.80
N VAL A 87 3.32 1.31 -0.84
CA VAL A 87 2.98 0.48 0.34
C VAL A 87 3.46 -0.97 0.08
N VAL A 88 4.14 -1.65 1.06
CA VAL A 88 4.66 -3.01 0.80
C VAL A 88 3.61 -4.09 1.07
N ALA A 89 3.30 -4.88 0.01
CA ALA A 89 2.36 -6.02 0.07
C ALA A 89 2.81 -7.07 -0.94
N LEU A 90 3.57 -8.06 -0.46
CA LEU A 90 4.10 -9.11 -1.33
C LEU A 90 3.80 -10.51 -0.82
N GLY A 91 3.58 -11.45 -1.74
CA GLY A 91 3.30 -12.85 -1.37
C GLY A 91 1.88 -13.09 -0.91
N HIS A 92 1.74 -13.68 0.30
CA HIS A 92 0.41 -13.97 0.88
C HIS A 92 -0.30 -12.68 1.27
N THR A 93 -0.78 -11.99 0.25
CA THR A 93 -1.44 -10.71 0.42
C THR A 93 -2.78 -10.72 -0.33
N PRO A 94 -3.95 -10.55 0.39
CA PRO A 94 -5.29 -10.61 -0.24
C PRO A 94 -5.53 -9.50 -1.27
N VAL A 95 -5.00 -9.74 -2.49
CA VAL A 95 -5.12 -8.80 -3.61
C VAL A 95 -4.99 -9.51 -4.95
N GLY A 96 -3.96 -10.35 -5.08
CA GLY A 96 -3.70 -11.08 -6.31
C GLY A 96 -4.26 -12.47 -6.32
N GLY A 97 -5.07 -12.74 -7.36
CA GLY A 97 -5.66 -14.07 -7.54
C GLY A 97 -4.71 -14.99 -8.29
N ILE A 98 -3.46 -14.51 -8.45
CA ILE A 98 -2.38 -15.21 -9.11
C ILE A 98 -1.65 -16.13 -8.09
N PHE A 99 -0.66 -16.91 -8.54
CA PHE A 99 0.07 -17.81 -7.65
C PHE A 99 1.59 -17.71 -7.87
N ASP A 100 2.22 -16.80 -7.09
CA ASP A 100 3.66 -16.58 -7.11
C ASP A 100 4.12 -15.94 -5.80
N LEU A 101 5.05 -16.59 -5.10
CA LEU A 101 5.57 -16.06 -3.84
C LEU A 101 7.06 -15.73 -3.99
N LYS A 102 7.40 -14.45 -3.77
CA LYS A 102 8.78 -14.01 -3.86
C LYS A 102 9.48 -14.05 -2.50
N VAL A 103 10.46 -14.93 -2.39
CA VAL A 103 11.27 -15.08 -1.18
C VAL A 103 12.72 -15.38 -1.57
N GLY A 104 13.45 -14.32 -1.93
CA GLY A 104 14.86 -14.42 -2.33
C GLY A 104 15.13 -15.43 -3.44
N SER A 105 15.61 -16.62 -3.06
CA SER A 105 15.90 -17.69 -4.02
C SER A 105 14.60 -18.36 -4.48
N THR A 106 13.49 -17.70 -4.16
CA THR A 106 12.14 -18.11 -4.50
C THR A 106 11.38 -16.85 -4.91
N LYS A 107 12.12 -15.93 -5.52
CA LYS A 107 11.62 -14.62 -5.93
C LYS A 107 10.60 -14.69 -7.10
N HIS A 108 9.32 -14.87 -6.74
CA HIS A 108 8.21 -14.89 -7.70
C HIS A 108 7.03 -14.17 -7.05
N THR A 109 6.76 -12.94 -7.45
CA THR A 109 5.70 -12.15 -6.79
C THR A 109 4.34 -12.17 -7.49
N LEU A 110 3.31 -12.49 -6.69
CA LEU A 110 1.91 -12.47 -7.13
C LEU A 110 1.19 -11.26 -6.49
N GLN A 111 1.07 -10.12 -7.19
CA GLN A 111 0.36 -8.97 -6.60
C GLN A 111 -0.37 -8.13 -7.65
N ALA A 112 -1.65 -8.47 -7.82
CA ALA A 112 -2.54 -7.77 -8.75
C ALA A 112 -3.63 -7.03 -8.00
N ILE A 113 -3.47 -5.71 -7.84
CA ILE A 113 -4.48 -4.91 -7.15
C ILE A 113 -5.13 -3.87 -8.08
N GLU A 114 -4.37 -2.84 -8.50
CA GLU A 114 -4.94 -1.78 -9.36
C GLU A 114 -3.82 -0.95 -10.02
N THR A 115 -4.19 0.11 -10.75
CA THR A 115 -3.20 1.01 -11.31
C THR A 115 -3.50 2.44 -10.82
N ARG A 116 -3.10 2.69 -9.57
CA ARG A 116 -3.27 3.99 -8.92
C ARG A 116 -2.00 4.41 -8.22
N VAL A 117 -1.47 5.56 -8.60
CA VAL A 117 -0.22 6.09 -8.03
C VAL A 117 -0.40 7.53 -7.52
N LEU A 118 -0.74 7.73 -6.23
CA LEU A 118 -0.84 9.09 -5.71
C LEU A 118 0.34 9.36 -4.77
N ALA A 119 1.21 10.32 -5.15
CA ALA A 119 2.42 10.68 -4.39
C ALA A 119 2.12 11.04 -2.93
N GLY A 120 2.59 10.18 -2.01
CA GLY A 120 2.36 10.40 -0.59
C GLY A 120 1.05 9.77 -0.14
N SER A 121 0.24 9.42 -1.14
CA SER A 121 -1.03 8.79 -0.92
C SER A 121 -0.94 7.34 -1.41
N LYS A 122 -2.08 6.67 -1.50
CA LYS A 122 -2.14 5.26 -1.85
C LYS A 122 -1.77 4.97 -3.30
N MET A 123 -1.17 3.79 -3.48
CA MET A 123 -0.76 3.29 -4.78
C MET A 123 -0.97 1.78 -4.83
N THR A 124 -1.82 1.39 -5.75
CA THR A 124 -2.15 -0.01 -5.98
C THR A 124 -1.69 -0.39 -7.36
N VAL A 125 -0.95 -1.50 -7.47
CA VAL A 125 -0.38 -1.93 -8.75
C VAL A 125 -0.62 -3.43 -9.04
N ALA A 126 -0.57 -3.77 -10.33
CA ALA A 126 -0.73 -5.14 -10.75
C ALA A 126 0.57 -5.64 -11.38
N ARG A 127 1.27 -6.51 -10.64
CA ARG A 127 2.55 -7.07 -11.08
C ARG A 127 2.75 -8.51 -10.59
N VAL A 128 3.07 -9.38 -11.54
CA VAL A 128 3.38 -10.78 -11.25
C VAL A 128 4.78 -11.13 -11.78
N VAL A 129 5.75 -11.17 -10.86
CA VAL A 129 7.14 -11.49 -11.21
C VAL A 129 7.35 -13.01 -11.13
N ASP A 130 7.43 -13.64 -12.31
CA ASP A 130 7.62 -15.09 -12.42
C ASP A 130 8.56 -15.42 -13.60
N PRO A 131 9.31 -16.58 -13.55
CA PRO A 131 10.22 -16.97 -14.64
C PRO A 131 9.50 -17.58 -15.87
N THR A 132 8.16 -17.64 -15.80
CA THR A 132 7.35 -18.19 -16.88
C THR A 132 6.93 -17.07 -17.86
N PRO A 133 7.02 -17.31 -19.21
CA PRO A 133 6.63 -16.31 -20.22
C PRO A 133 5.13 -16.00 -20.23
N THR A 134 4.33 -17.08 -20.22
CA THR A 134 2.87 -16.97 -20.22
C THR A 134 2.32 -16.81 -18.79
N PRO A 135 1.58 -15.70 -18.48
CA PRO A 135 1.03 -15.47 -17.14
C PRO A 135 -0.25 -16.30 -16.86
N PRO A 136 -0.35 -16.99 -15.67
CA PRO A 136 -1.55 -17.81 -15.32
C PRO A 136 -2.84 -16.99 -15.29
N PRO A 137 -4.04 -17.65 -15.39
CA PRO A 137 -5.35 -16.95 -15.37
C PRO A 137 -5.70 -16.35 -14.01
N ALA A 138 -6.05 -15.07 -14.00
CA ALA A 138 -6.42 -14.36 -12.78
C ALA A 138 -7.88 -13.87 -12.84
N PRO A 139 -8.55 -13.57 -11.67
CA PRO A 139 -9.95 -13.09 -11.65
C PRO A 139 -10.10 -11.68 -12.25
N VAL A 140 -9.30 -10.74 -11.74
CA VAL A 140 -9.33 -9.36 -12.21
C VAL A 140 -8.13 -9.08 -13.14
N PRO A 141 -8.32 -9.14 -14.51
CA PRO A 141 -7.23 -8.86 -15.47
C PRO A 141 -6.84 -7.38 -15.47
N ILE A 142 -5.70 -7.09 -14.84
CA ILE A 142 -5.20 -5.72 -14.75
C ILE A 142 -3.88 -5.57 -15.55
N PRO A 143 -3.97 -5.40 -16.90
CA PRO A 143 -2.79 -5.24 -17.76
C PRO A 143 -2.33 -3.77 -17.89
N LEU A 144 -3.12 -2.95 -18.63
CA LEU A 144 -2.80 -1.53 -18.84
C LEU A 144 -4.08 -0.71 -19.12
N PRO A 145 -4.97 -1.09 -20.12
CA PRO A 145 -6.21 -0.32 -20.40
C PRO A 145 -7.17 -0.26 -19.21
N PRO A 146 -8.22 0.63 -19.21
CA PRO A 146 -9.17 0.75 -18.08
C PRO A 146 -10.07 -0.48 -17.93
N LYS A 147 -10.28 -0.91 -16.69
CA LYS A 147 -11.11 -2.08 -16.38
C LYS A 147 -12.08 -1.77 -15.23
N VAL A 148 -12.73 -2.81 -14.71
CA VAL A 148 -13.69 -2.68 -13.61
C VAL A 148 -13.52 -3.84 -12.60
N LEU A 149 -12.41 -4.59 -12.72
CA LEU A 149 -12.12 -5.72 -11.84
C LEU A 149 -10.98 -5.41 -10.87
N GLU A 150 -10.13 -4.45 -11.25
CA GLU A 150 -8.98 -4.04 -10.43
C GLU A 150 -9.40 -3.50 -9.06
N GLY A 1 -16.79 22.28 -4.89
CA GLY A 1 -15.92 21.08 -4.95
C GLY A 1 -15.26 20.78 -3.62
N SER A 2 -13.93 20.56 -3.66
CA SER A 2 -13.10 20.25 -2.47
C SER A 2 -13.51 18.94 -1.80
N LEU A 3 -12.49 18.12 -1.44
CA LEU A 3 -12.68 16.80 -0.78
C LEU A 3 -13.55 15.84 -1.62
N THR A 4 -13.42 15.96 -2.95
CA THR A 4 -14.15 15.10 -3.91
C THR A 4 -13.44 15.09 -5.26
N GLY A 5 -12.64 14.05 -5.51
CA GLY A 5 -11.91 13.94 -6.75
C GLY A 5 -11.77 12.51 -7.26
N ALA A 6 -10.52 12.06 -7.44
CA ALA A 6 -10.24 10.71 -7.94
C ALA A 6 -9.54 9.82 -6.89
N LEU A 7 -9.31 10.35 -5.69
CA LEU A 7 -8.67 9.59 -4.62
C LEU A 7 -9.73 9.19 -3.61
N ALA A 8 -10.67 8.32 -4.06
CA ALA A 8 -11.81 7.86 -3.24
C ALA A 8 -12.67 9.07 -2.83
N MET A 9 -12.63 10.11 -3.70
CA MET A 9 -13.35 11.39 -3.51
C MET A 9 -12.65 12.26 -2.45
N ARG A 10 -11.30 12.27 -2.48
CA ARG A 10 -10.47 13.05 -1.53
C ARG A 10 -9.14 13.51 -2.16
N LEU A 11 -9.02 13.34 -3.49
CA LEU A 11 -7.82 13.75 -4.25
C LEU A 11 -7.51 15.25 -4.09
N ASN A 12 -8.47 16.01 -3.54
CA ASN A 12 -8.29 17.45 -3.33
C ASN A 12 -7.16 17.72 -2.35
N ASP A 13 -6.52 18.84 -2.61
CA ASP A 13 -5.38 19.35 -1.85
C ASP A 13 -5.52 19.28 -0.32
N GLU A 14 -6.75 19.26 0.21
CA GLU A 14 -6.94 19.19 1.66
C GLU A 14 -6.58 17.80 2.18
N ASP A 15 -7.17 16.80 1.55
CA ASP A 15 -6.98 15.41 1.94
C ASP A 15 -5.69 14.88 1.35
N LEU A 16 -5.28 15.51 0.25
CA LEU A 16 -4.06 15.13 -0.47
C LEU A 16 -2.84 15.63 0.28
N ASP A 17 -2.94 16.84 0.85
CA ASP A 17 -1.86 17.41 1.66
C ASP A 17 -1.78 16.63 2.99
N PHE A 18 -2.92 16.57 3.70
CA PHE A 18 -2.99 15.83 4.95
C PHE A 18 -2.78 14.32 4.71
N LEU A 19 -2.94 13.91 3.42
CA LEU A 19 -2.67 12.53 2.97
C LEU A 19 -1.18 12.39 2.59
N THR A 20 -0.60 13.50 2.10
CA THR A 20 0.78 13.53 1.63
C THR A 20 1.80 13.58 2.77
N LYS A 21 1.32 13.90 3.99
CA LYS A 21 2.16 13.94 5.22
C LYS A 21 3.30 12.90 5.25
N TRP A 22 3.05 11.72 4.66
CA TRP A 22 4.02 10.60 4.64
C TRP A 22 3.55 9.51 3.65
N THR A 23 4.37 8.46 3.47
CA THR A 23 4.02 7.36 2.55
C THR A 23 3.71 6.09 3.33
N ASP A 24 3.30 5.04 2.63
CA ASP A 24 2.91 3.79 3.27
C ASP A 24 3.92 2.67 3.00
N PHE A 25 5.11 3.05 2.53
CA PHE A 25 6.15 2.08 2.21
C PHE A 25 7.31 2.19 3.21
N LYS A 26 6.90 2.08 4.46
CA LYS A 26 7.77 2.01 5.61
C LYS A 26 7.34 0.75 6.33
N CYS A 27 6.39 0.07 5.67
CA CYS A 27 5.79 -1.14 6.15
C CYS A 27 5.87 -2.22 5.09
N PHE A 28 6.48 -3.33 5.51
CA PHE A 28 6.61 -4.52 4.68
C PHE A 28 5.44 -5.41 4.99
N VAL A 29 4.67 -5.74 3.98
CA VAL A 29 3.50 -6.57 4.18
C VAL A 29 3.79 -8.02 3.78
N SER A 30 3.32 -8.91 4.68
CA SER A 30 3.53 -10.37 4.67
C SER A 30 3.90 -11.00 3.35
N ALA A 31 5.22 -11.25 3.26
CA ALA A 31 5.85 -11.89 2.12
C ALA A 31 5.69 -13.40 2.22
N SER A 32 5.45 -13.85 3.48
CA SER A 32 5.13 -15.25 3.82
C SER A 32 6.36 -16.15 4.07
N ASN A 33 7.13 -16.45 3.03
CA ASN A 33 8.30 -17.32 3.13
C ASN A 33 9.52 -16.45 3.36
N MET A 34 9.34 -15.17 3.02
CA MET A 34 10.35 -14.16 3.21
C MET A 34 10.17 -13.54 4.58
N ARG A 35 8.89 -13.36 4.96
CA ARG A 35 8.50 -12.80 6.22
C ARG A 35 7.59 -13.78 6.93
N ASN A 36 7.98 -14.14 8.15
CA ASN A 36 7.24 -15.07 9.00
C ASN A 36 7.89 -15.19 10.42
N ALA A 37 8.92 -14.37 10.70
CA ALA A 37 9.63 -14.39 11.98
C ALA A 37 8.98 -13.44 13.00
N ALA A 38 9.02 -12.13 12.73
CA ALA A 38 8.44 -11.13 13.64
C ALA A 38 7.17 -10.51 13.06
N GLY A 39 7.24 -10.03 11.81
CA GLY A 39 6.09 -9.44 11.15
C GLY A 39 5.59 -8.16 11.78
N GLN A 40 6.51 -7.39 12.37
CA GLN A 40 6.14 -6.13 12.97
C GLN A 40 6.13 -5.07 11.89
N PHE A 41 5.01 -5.06 11.19
CA PHE A 41 4.74 -4.17 10.08
C PHE A 41 3.39 -3.49 10.27
N ILE A 42 2.45 -4.25 10.89
CA ILE A 42 1.10 -3.77 11.20
C ILE A 42 1.15 -2.48 12.04
N GLU A 43 2.30 -2.23 12.69
CA GLU A 43 2.48 -1.02 13.50
C GLU A 43 2.39 0.23 12.60
N ALA A 44 3.31 0.35 11.61
CA ALA A 44 3.30 1.48 10.69
C ALA A 44 2.11 1.41 9.73
N ALA A 45 1.64 0.19 9.42
CA ALA A 45 0.48 0.00 8.54
C ALA A 45 -0.78 0.59 9.17
N TYR A 46 -0.92 0.39 10.50
CA TYR A 46 -2.06 0.91 11.26
C TYR A 46 -1.90 2.42 11.47
N ALA A 47 -0.65 2.85 11.71
CA ALA A 47 -0.33 4.26 11.93
C ALA A 47 -0.55 5.09 10.66
N LYS A 48 -0.12 4.54 9.51
CA LYS A 48 -0.29 5.23 8.22
C LYS A 48 -1.74 5.20 7.78
N ALA A 49 -2.41 4.04 7.96
CA ALA A 49 -3.85 3.92 7.65
C ALA A 49 -4.62 4.99 8.46
N LEU A 50 -4.22 5.15 9.73
CA LEU A 50 -4.80 6.16 10.61
C LEU A 50 -4.40 7.55 10.15
N ARG A 51 -3.19 7.67 9.55
CA ARG A 51 -2.70 8.93 9.00
C ARG A 51 -3.50 9.29 7.74
N ILE A 52 -3.98 8.25 7.03
CA ILE A 52 -4.85 8.43 5.85
C ILE A 52 -6.20 8.93 6.37
N GLU A 53 -6.53 8.46 7.59
CA GLU A 53 -7.74 8.88 8.31
C GLU A 53 -7.51 10.24 8.97
N LEU A 54 -6.23 10.65 9.09
CA LEU A 54 -5.90 11.98 9.61
C LEU A 54 -5.98 12.98 8.46
N ALA A 55 -5.69 12.46 7.26
CA ALA A 55 -5.75 13.21 6.00
C ALA A 55 -7.10 13.93 5.82
N GLN A 56 -8.05 13.50 6.64
CA GLN A 56 -9.39 14.03 6.67
C GLN A 56 -9.60 14.99 7.82
N LEU A 57 -8.50 15.65 8.21
CA LEU A 57 -8.51 16.64 9.28
C LEU A 57 -9.47 17.76 8.95
N VAL A 58 -10.70 17.43 9.23
CA VAL A 58 -11.77 18.36 9.11
C VAL A 58 -11.77 19.09 10.44
N GLN A 59 -11.16 18.40 11.44
CA GLN A 59 -11.01 18.96 12.80
C GLN A 59 -9.99 18.23 13.71
N VAL A 60 -10.13 16.91 13.88
CA VAL A 60 -9.24 16.13 14.79
C VAL A 60 -8.47 15.01 14.10
N ASP A 61 -8.96 14.59 12.94
CA ASP A 61 -8.38 13.46 12.21
C ASP A 61 -6.85 13.51 12.17
N LYS A 62 -6.29 14.65 11.76
CA LYS A 62 -4.81 14.84 11.72
C LYS A 62 -4.14 14.44 13.04
N VAL A 63 -4.79 14.79 14.17
CA VAL A 63 -4.25 14.50 15.51
C VAL A 63 -4.23 13.00 15.79
N ARG A 64 -5.30 12.29 15.39
CA ARG A 64 -5.35 10.81 15.61
C ARG A 64 -4.23 10.13 14.82
N GLY A 65 -4.07 10.53 13.56
CA GLY A 65 -3.05 9.96 12.70
C GLY A 65 -1.63 10.28 13.15
N THR A 66 -1.40 11.49 13.69
CA THR A 66 -0.07 11.88 14.16
C THR A 66 0.34 11.05 15.40
N LEU A 67 -0.62 10.86 16.32
CA LEU A 67 -0.38 10.06 17.54
C LEU A 67 -0.13 8.58 17.18
N ALA A 68 -0.86 8.10 16.17
CA ALA A 68 -0.72 6.72 15.68
C ALA A 68 0.63 6.56 14.96
N LYS A 69 0.97 7.61 14.20
CA LYS A 69 2.21 7.70 13.45
C LYS A 69 3.41 7.50 14.37
N LEU A 70 3.44 8.26 15.47
CA LEU A 70 4.51 8.15 16.47
C LEU A 70 4.46 6.76 17.13
N GLU A 71 3.23 6.34 17.48
CA GLU A 71 2.95 5.04 18.12
C GLU A 71 3.71 3.91 17.42
N ALA A 72 3.72 3.99 16.09
CA ALA A 72 4.43 3.02 15.26
C ALA A 72 5.86 3.47 14.99
N PHE A 73 6.01 4.76 14.62
CA PHE A 73 7.32 5.36 14.28
C PHE A 73 8.39 5.16 15.35
N ALA A 74 7.99 4.54 16.47
CA ALA A 74 8.89 4.25 17.59
C ALA A 74 10.30 3.72 17.21
N ASP A 75 10.42 2.52 16.62
CA ASP A 75 11.76 2.00 16.27
C ASP A 75 11.88 1.34 14.89
N THR A 76 11.21 0.19 14.71
CA THR A 76 11.29 -0.58 13.46
C THR A 76 10.10 -0.27 12.56
N VAL A 77 9.66 0.97 12.67
CA VAL A 77 8.51 1.49 11.96
C VAL A 77 8.63 3.02 11.86
N ALA A 78 9.89 3.49 11.86
CA ALA A 78 10.26 4.90 11.80
C ALA A 78 10.53 5.36 10.34
N PRO A 79 11.14 6.58 10.06
CA PRO A 79 11.42 7.04 8.68
C PRO A 79 12.21 6.03 7.82
N GLN A 80 11.49 5.02 7.33
CA GLN A 80 12.07 3.98 6.47
C GLN A 80 11.17 3.81 5.23
N LEU A 81 11.32 4.75 4.27
CA LEU A 81 10.49 4.76 3.05
C LEU A 81 11.13 5.57 1.91
N SER A 82 10.47 5.51 0.74
CA SER A 82 10.89 6.25 -0.46
C SER A 82 10.16 7.61 -0.53
N PRO A 83 10.53 8.55 -1.47
CA PRO A 83 9.91 9.89 -1.61
C PRO A 83 8.37 9.95 -1.54
N GLY A 84 7.67 8.99 -2.16
CA GLY A 84 6.22 9.04 -2.12
C GLY A 84 5.53 7.98 -2.96
N ASP A 85 4.17 7.94 -2.85
CA ASP A 85 3.29 6.98 -3.58
C ASP A 85 3.76 5.51 -3.53
N ILE A 86 4.03 5.00 -2.31
CA ILE A 86 4.49 3.60 -2.12
C ILE A 86 4.05 2.97 -0.78
N VAL A 87 3.77 1.65 -0.85
CA VAL A 87 3.44 0.78 0.32
C VAL A 87 3.99 -0.64 0.02
N VAL A 88 4.70 -1.32 0.98
CA VAL A 88 5.27 -2.64 0.66
C VAL A 88 4.32 -3.79 1.05
N ALA A 89 3.97 -4.62 0.04
CA ALA A 89 3.12 -5.81 0.20
C ALA A 89 3.52 -6.88 -0.82
N LEU A 90 4.25 -7.92 -0.37
CA LEU A 90 4.69 -8.98 -1.29
C LEU A 90 4.34 -10.37 -0.76
N GLY A 91 4.05 -11.30 -1.68
CA GLY A 91 3.75 -12.69 -1.31
C GLY A 91 2.35 -12.87 -0.73
N HIS A 92 2.28 -13.40 0.50
CA HIS A 92 0.99 -13.64 1.20
C HIS A 92 0.32 -12.31 1.53
N THR A 93 -0.26 -11.73 0.50
CA THR A 93 -0.90 -10.43 0.59
C THR A 93 -2.26 -10.47 -0.13
N PRO A 94 -3.42 -10.46 0.62
CA PRO A 94 -4.77 -10.58 0.01
C PRO A 94 -5.16 -9.37 -0.86
N VAL A 95 -4.84 -9.50 -2.16
CA VAL A 95 -5.13 -8.47 -3.18
C VAL A 95 -4.90 -9.01 -4.60
N GLY A 96 -3.90 -9.91 -4.72
CA GLY A 96 -3.53 -10.50 -6.01
C GLY A 96 -4.53 -11.52 -6.55
N GLY A 97 -4.75 -12.59 -5.79
CA GLY A 97 -5.63 -13.66 -6.26
C GLY A 97 -4.84 -14.64 -7.14
N ILE A 98 -3.62 -14.19 -7.49
CA ILE A 98 -2.67 -14.92 -8.31
C ILE A 98 -1.86 -15.87 -7.38
N PHE A 99 -0.97 -16.69 -7.95
CA PHE A 99 -0.15 -17.61 -7.14
C PHE A 99 1.33 -17.55 -7.53
N ASP A 100 2.07 -16.66 -6.83
CA ASP A 100 3.52 -16.48 -7.01
C ASP A 100 4.12 -15.81 -5.77
N LEU A 101 5.09 -16.47 -5.15
CA LEU A 101 5.75 -15.92 -3.96
C LEU A 101 7.22 -15.65 -4.26
N LYS A 102 7.62 -14.39 -4.15
CA LYS A 102 9.01 -14.01 -4.38
C LYS A 102 9.83 -13.98 -3.09
N VAL A 103 10.70 -14.97 -2.94
CA VAL A 103 11.59 -15.08 -1.78
C VAL A 103 12.98 -15.58 -2.23
N GLY A 104 13.83 -14.63 -2.66
CA GLY A 104 15.20 -14.92 -3.11
C GLY A 104 15.30 -15.99 -4.18
N SER A 105 15.67 -17.21 -3.77
CA SER A 105 15.79 -18.36 -4.70
C SER A 105 14.39 -18.91 -5.05
N THR A 106 13.39 -18.12 -4.69
CA THR A 106 11.98 -18.41 -4.93
C THR A 106 11.31 -17.12 -5.37
N LYS A 107 12.10 -16.29 -6.07
CA LYS A 107 11.68 -14.98 -6.53
C LYS A 107 10.61 -15.03 -7.66
N HIS A 108 9.34 -15.10 -7.23
CA HIS A 108 8.19 -15.09 -8.14
C HIS A 108 7.07 -14.34 -7.43
N THR A 109 6.81 -13.11 -7.83
CA THR A 109 5.83 -12.25 -7.14
C THR A 109 4.41 -12.26 -7.70
N LEU A 110 3.45 -12.42 -6.77
CA LEU A 110 2.02 -12.36 -7.07
C LEU A 110 1.43 -11.07 -6.42
N GLN A 111 1.31 -9.97 -7.17
CA GLN A 111 0.73 -8.76 -6.58
C GLN A 111 -0.04 -7.93 -7.60
N ALA A 112 -1.35 -8.17 -7.65
CA ALA A 112 -2.26 -7.44 -8.53
C ALA A 112 -3.21 -6.58 -7.70
N ILE A 113 -2.85 -5.30 -7.52
CA ILE A 113 -3.68 -4.39 -6.74
C ILE A 113 -4.47 -3.43 -7.64
N GLU A 114 -3.78 -2.48 -8.31
CA GLU A 114 -4.45 -1.50 -9.21
C GLU A 114 -3.39 -0.65 -9.92
N THR A 115 -3.80 0.36 -10.70
CA THR A 115 -2.84 1.26 -11.31
C THR A 115 -3.13 2.69 -10.82
N ARG A 116 -2.66 2.98 -9.59
CA ARG A 116 -2.83 4.28 -8.95
C ARG A 116 -1.54 4.74 -8.31
N VAL A 117 -1.11 5.95 -8.65
CA VAL A 117 0.13 6.54 -8.12
C VAL A 117 -0.09 7.95 -7.54
N LEU A 118 -0.38 8.09 -6.23
CA LEU A 118 -0.52 9.44 -5.67
C LEU A 118 0.61 9.69 -4.68
N ALA A 119 1.51 10.63 -5.04
CA ALA A 119 2.69 10.98 -4.23
C ALA A 119 2.33 11.35 -2.79
N GLY A 120 2.76 10.49 -1.85
CA GLY A 120 2.47 10.71 -0.45
C GLY A 120 1.16 10.05 -0.05
N SER A 121 0.36 9.77 -1.07
CA SER A 121 -0.91 9.10 -0.91
C SER A 121 -0.76 7.65 -1.40
N LYS A 122 -1.88 6.95 -1.53
CA LYS A 122 -1.89 5.55 -1.89
C LYS A 122 -1.47 5.28 -3.33
N MET A 123 -0.90 4.09 -3.51
CA MET A 123 -0.46 3.61 -4.80
C MET A 123 -0.61 2.10 -4.86
N THR A 124 -1.27 1.65 -5.91
CA THR A 124 -1.50 0.24 -6.16
C THR A 124 -0.97 -0.10 -7.54
N VAL A 125 -0.30 -1.26 -7.65
CA VAL A 125 0.26 -1.70 -8.93
C VAL A 125 -0.05 -3.17 -9.27
N ALA A 126 -0.07 -3.47 -10.57
CA ALA A 126 -0.31 -4.83 -11.03
C ALA A 126 1.00 -5.45 -11.52
N ARG A 127 1.55 -6.37 -10.72
CA ARG A 127 2.83 -7.02 -11.05
C ARG A 127 2.88 -8.48 -10.57
N VAL A 128 3.01 -9.38 -11.55
CA VAL A 128 3.16 -10.81 -11.28
C VAL A 128 4.46 -11.30 -11.95
N VAL A 129 5.53 -11.39 -11.15
CA VAL A 129 6.83 -11.83 -11.64
C VAL A 129 6.95 -13.35 -11.53
N ASP A 130 6.72 -14.03 -12.65
CA ASP A 130 6.77 -15.50 -12.73
C ASP A 130 7.22 -15.96 -14.13
N PRO A 131 7.80 -17.19 -14.30
CA PRO A 131 8.21 -17.69 -15.61
C PRO A 131 7.02 -18.23 -16.43
N THR A 132 6.69 -17.52 -17.51
CA THR A 132 5.55 -17.90 -18.37
C THR A 132 6.01 -18.73 -19.58
N PRO A 133 5.48 -20.00 -19.74
CA PRO A 133 5.85 -20.86 -20.88
C PRO A 133 5.10 -20.48 -22.17
N THR A 134 3.79 -20.25 -22.02
CA THR A 134 2.91 -19.88 -23.15
C THR A 134 3.02 -18.37 -23.47
N PRO A 135 3.42 -17.99 -24.73
CA PRO A 135 3.56 -16.56 -25.14
C PRO A 135 2.31 -15.67 -24.89
N PRO A 136 1.04 -16.12 -25.18
CA PRO A 136 -0.16 -15.28 -24.96
C PRO A 136 -0.47 -15.08 -23.46
N PRO A 137 -0.63 -13.79 -22.99
CA PRO A 137 -0.93 -13.50 -21.58
C PRO A 137 -2.40 -13.72 -21.22
N ALA A 138 -2.68 -13.82 -19.91
CA ALA A 138 -4.03 -14.03 -19.40
C ALA A 138 -4.48 -12.85 -18.52
N PRO A 139 -5.83 -12.64 -18.30
CA PRO A 139 -6.34 -11.53 -17.47
C PRO A 139 -5.98 -11.69 -15.99
N VAL A 140 -5.98 -10.57 -15.26
CA VAL A 140 -5.65 -10.57 -13.83
C VAL A 140 -6.88 -10.22 -12.97
N PRO A 141 -7.49 -11.21 -12.23
CA PRO A 141 -8.66 -10.95 -11.36
C PRO A 141 -8.33 -10.08 -10.15
N ILE A 142 -8.96 -8.90 -10.09
CA ILE A 142 -8.74 -7.94 -8.99
C ILE A 142 -10.10 -7.48 -8.44
N PRO A 143 -10.49 -7.92 -7.19
CA PRO A 143 -11.79 -7.55 -6.60
C PRO A 143 -11.83 -6.14 -5.96
N LEU A 144 -10.80 -5.32 -6.23
CA LEU A 144 -10.73 -3.96 -5.69
C LEU A 144 -11.21 -2.90 -6.70
N PRO A 145 -10.73 -2.91 -7.99
CA PRO A 145 -11.14 -1.92 -8.99
C PRO A 145 -12.39 -2.36 -9.80
N PRO A 146 -13.03 -1.43 -10.58
CA PRO A 146 -14.22 -1.76 -11.40
C PRO A 146 -13.86 -2.54 -12.69
N LYS A 147 -12.55 -2.73 -12.92
CA LYS A 147 -12.06 -3.44 -14.10
C LYS A 147 -11.72 -4.89 -13.79
N VAL A 148 -11.73 -5.70 -14.84
CA VAL A 148 -11.44 -7.13 -14.75
C VAL A 148 -9.97 -7.41 -15.12
N LEU A 149 -9.54 -6.85 -16.26
CA LEU A 149 -8.17 -7.00 -16.74
C LEU A 149 -7.30 -5.79 -16.38
N GLU A 150 -7.27 -5.49 -15.06
CA GLU A 150 -6.52 -4.34 -14.47
C GLU A 150 -6.67 -3.03 -15.26
N GLY A 1 -17.89 19.58 -4.69
CA GLY A 1 -16.49 20.10 -4.73
C GLY A 1 -15.82 20.03 -3.36
N SER A 2 -14.48 19.95 -3.37
CA SER A 2 -13.64 19.88 -2.13
C SER A 2 -13.93 18.62 -1.32
N LEU A 3 -12.86 17.86 -1.00
CA LEU A 3 -12.94 16.60 -0.21
C LEU A 3 -13.88 15.57 -0.86
N THR A 4 -13.81 15.48 -2.19
CA THR A 4 -14.62 14.53 -2.98
C THR A 4 -14.11 14.47 -4.43
N GLY A 5 -13.31 13.44 -4.73
CA GLY A 5 -12.77 13.29 -6.08
C GLY A 5 -12.61 11.85 -6.52
N ALA A 6 -11.35 11.38 -6.55
CA ALA A 6 -11.04 10.01 -6.98
C ALA A 6 -10.19 9.23 -5.96
N LEU A 7 -9.90 9.82 -4.79
CA LEU A 7 -9.12 9.14 -3.76
C LEU A 7 -10.03 8.90 -2.57
N ALA A 8 -10.92 7.89 -2.72
CA ALA A 8 -11.93 7.55 -1.71
C ALA A 8 -12.86 8.76 -1.49
N MET A 9 -12.90 9.63 -2.52
CA MET A 9 -13.69 10.89 -2.52
C MET A 9 -12.98 11.93 -1.64
N ARG A 10 -11.63 11.93 -1.72
CA ARG A 10 -10.76 12.83 -0.93
C ARG A 10 -9.51 13.23 -1.72
N LEU A 11 -9.51 12.94 -3.02
CA LEU A 11 -8.40 13.27 -3.94
C LEU A 11 -8.09 14.79 -3.95
N ASN A 12 -9.01 15.60 -3.38
CA ASN A 12 -8.82 17.05 -3.31
C ASN A 12 -7.62 17.39 -2.45
N ASP A 13 -6.98 18.47 -2.86
CA ASP A 13 -5.77 19.02 -2.25
C ASP A 13 -5.76 19.06 -0.71
N GLU A 14 -6.94 19.14 -0.06
CA GLU A 14 -6.99 19.17 1.41
C GLU A 14 -6.60 17.81 1.98
N ASP A 15 -7.27 16.77 1.48
CA ASP A 15 -7.05 15.42 1.95
C ASP A 15 -5.85 14.82 1.25
N LEU A 16 -5.55 15.36 0.07
CA LEU A 16 -4.44 14.91 -0.75
C LEU A 16 -3.11 15.42 -0.20
N ASP A 17 -3.14 16.64 0.37
CA ASP A 17 -1.95 17.23 1.01
C ASP A 17 -1.75 16.56 2.37
N PHE A 18 -2.81 16.57 3.19
CA PHE A 18 -2.77 15.94 4.49
C PHE A 18 -2.64 14.40 4.34
N LEU A 19 -2.95 13.91 3.11
CA LEU A 19 -2.77 12.49 2.73
C LEU A 19 -1.35 12.27 2.21
N THR A 20 -0.80 13.31 1.55
CA THR A 20 0.54 13.25 0.93
C THR A 20 1.67 13.33 1.96
N LYS A 21 1.34 13.78 3.18
CA LYS A 21 2.31 13.92 4.30
C LYS A 21 3.42 12.83 4.32
N TRP A 22 3.05 11.59 3.98
CA TRP A 22 4.00 10.45 3.98
C TRP A 22 3.47 9.31 3.09
N THR A 23 4.26 8.25 2.94
CA THR A 23 3.89 7.08 2.11
C THR A 23 3.48 5.90 2.99
N ASP A 24 3.22 4.76 2.35
CA ASP A 24 2.80 3.56 3.06
C ASP A 24 3.70 2.35 2.74
N PHE A 25 4.89 2.63 2.18
CA PHE A 25 5.82 1.57 1.82
C PHE A 25 7.06 1.58 2.73
N LYS A 26 6.74 1.52 4.01
CA LYS A 26 7.69 1.38 5.10
C LYS A 26 7.17 0.21 5.91
N CYS A 27 6.09 -0.37 5.35
CA CYS A 27 5.39 -1.48 5.92
C CYS A 27 5.28 -2.59 4.89
N PHE A 28 5.68 -3.77 5.36
CA PHE A 28 5.64 -5.00 4.58
C PHE A 28 4.34 -5.72 4.85
N VAL A 29 3.61 -6.02 3.79
CA VAL A 29 2.36 -6.73 3.93
C VAL A 29 2.59 -8.20 3.60
N SER A 30 1.95 -9.05 4.43
CA SER A 30 2.10 -10.52 4.46
C SER A 30 2.68 -11.16 3.22
N ALA A 31 3.99 -11.42 3.36
CA ALA A 31 4.81 -12.08 2.35
C ALA A 31 4.61 -13.58 2.43
N SER A 32 4.16 -14.02 3.63
CA SER A 32 3.78 -15.40 3.93
C SER A 32 4.92 -16.30 4.44
N ASN A 33 5.87 -16.63 3.56
CA ASN A 33 7.00 -17.50 3.92
C ASN A 33 8.17 -16.64 4.34
N MET A 34 8.04 -15.36 3.98
CA MET A 34 9.02 -14.35 4.31
C MET A 34 8.57 -13.64 5.60
N ARG A 35 7.24 -13.53 5.75
CA ARG A 35 6.62 -12.91 6.90
C ARG A 35 5.65 -13.92 7.49
N ASN A 36 5.84 -14.21 8.77
CA ASN A 36 5.03 -15.17 9.52
C ASN A 36 5.60 -15.37 10.94
N ALA A 37 6.88 -15.04 11.13
CA ALA A 37 7.56 -15.20 12.42
C ALA A 37 7.42 -13.97 13.33
N ALA A 38 7.83 -12.78 12.85
CA ALA A 38 7.75 -11.55 13.66
C ALA A 38 6.45 -10.80 13.43
N GLY A 39 6.11 -10.54 12.15
CA GLY A 39 4.87 -9.86 11.82
C GLY A 39 4.78 -8.42 12.26
N GLN A 40 5.94 -7.78 12.48
CA GLN A 40 5.94 -6.39 12.90
C GLN A 40 5.95 -5.49 11.69
N PHE A 41 4.73 -5.30 11.19
CA PHE A 41 4.43 -4.49 10.02
C PHE A 41 3.16 -3.67 10.28
N ILE A 42 2.23 -4.28 11.04
CA ILE A 42 0.95 -3.65 11.43
C ILE A 42 1.18 -2.32 12.17
N GLU A 43 2.40 -2.14 12.72
CA GLU A 43 2.74 -0.89 13.42
C GLU A 43 2.69 0.30 12.46
N ALA A 44 3.54 0.27 11.41
CA ALA A 44 3.54 1.35 10.41
C ALA A 44 2.25 1.36 9.60
N ALA A 45 1.68 0.17 9.35
CA ALA A 45 0.43 0.06 8.59
C ALA A 45 -0.74 0.76 9.30
N TYR A 46 -0.85 0.53 10.62
CA TYR A 46 -1.92 1.13 11.43
C TYR A 46 -1.68 2.63 11.63
N ALA A 47 -0.41 3.00 11.82
CA ALA A 47 -0.02 4.40 12.03
C ALA A 47 -0.20 5.25 10.77
N LYS A 48 0.27 4.74 9.63
CA LYS A 48 0.17 5.45 8.35
C LYS A 48 -1.28 5.49 7.87
N ALA A 49 -2.01 4.38 8.11
CA ALA A 49 -3.45 4.32 7.79
C ALA A 49 -4.17 5.40 8.60
N LEU A 50 -3.76 5.53 9.88
CA LEU A 50 -4.31 6.56 10.77
C LEU A 50 -3.93 7.93 10.20
N ARG A 51 -2.75 8.00 9.54
CA ARG A 51 -2.30 9.23 8.87
C ARG A 51 -3.26 9.56 7.73
N ILE A 52 -3.76 8.50 7.06
CA ILE A 52 -4.77 8.68 5.99
C ILE A 52 -6.02 9.27 6.64
N GLU A 53 -6.23 8.88 7.92
CA GLU A 53 -7.32 9.41 8.74
C GLU A 53 -6.96 10.79 9.29
N LEU A 54 -5.65 11.14 9.27
CA LEU A 54 -5.23 12.48 9.68
C LEU A 54 -5.41 13.43 8.51
N ALA A 55 -5.32 12.84 7.32
CA ALA A 55 -5.50 13.54 6.02
C ALA A 55 -6.81 14.31 5.98
N GLN A 56 -7.66 13.98 6.94
CA GLN A 56 -8.97 14.58 7.12
C GLN A 56 -8.94 15.62 8.23
N LEU A 57 -7.75 16.23 8.39
CA LEU A 57 -7.54 17.28 9.36
C LEU A 57 -8.46 18.44 9.10
N VAL A 58 -9.67 18.24 9.55
CA VAL A 58 -10.68 19.23 9.50
C VAL A 58 -10.44 20.07 10.75
N GLN A 59 -9.74 19.41 11.72
CA GLN A 59 -9.36 20.05 12.99
C GLN A 59 -8.27 19.31 13.80
N VAL A 60 -8.48 18.01 14.11
CA VAL A 60 -7.52 17.24 14.94
C VAL A 60 -6.94 16.00 14.26
N ASP A 61 -7.62 15.53 13.22
CA ASP A 61 -7.23 14.29 12.53
C ASP A 61 -5.72 14.21 12.28
N LYS A 62 -5.13 15.28 11.70
CA LYS A 62 -3.67 15.35 11.46
C LYS A 62 -2.86 15.00 12.73
N VAL A 63 -3.30 15.53 13.88
CA VAL A 63 -2.60 15.31 15.15
C VAL A 63 -2.63 13.84 15.57
N ARG A 64 -3.80 13.18 15.35
CA ARG A 64 -3.92 11.74 15.71
C ARG A 64 -2.95 10.91 14.89
N GLY A 65 -2.94 11.15 13.57
CA GLY A 65 -2.05 10.41 12.68
C GLY A 65 -0.58 10.61 13.01
N THR A 66 -0.17 11.86 13.33
CA THR A 66 1.24 12.14 13.67
C THR A 66 1.68 11.34 14.91
N LEU A 67 0.81 11.33 15.94
CA LEU A 67 1.06 10.57 17.18
C LEU A 67 1.17 9.07 16.84
N ALA A 68 0.37 8.65 15.84
CA ALA A 68 0.37 7.27 15.33
C ALA A 68 1.71 6.98 14.67
N LYS A 69 2.14 7.97 13.87
CA LYS A 69 3.39 7.94 13.14
C LYS A 69 4.55 7.60 14.06
N LEU A 70 4.68 8.35 15.16
CA LEU A 70 5.75 8.09 16.13
C LEU A 70 5.54 6.69 16.76
N GLU A 71 4.27 6.41 17.12
CA GLU A 71 3.86 5.13 17.74
C GLU A 71 4.48 3.94 17.00
N ALA A 72 4.48 4.02 15.67
CA ALA A 72 5.05 2.98 14.84
C ALA A 72 6.52 3.29 14.52
N PHE A 73 6.79 4.54 14.14
CA PHE A 73 8.13 5.03 13.76
C PHE A 73 9.22 4.73 14.80
N ALA A 74 8.81 4.15 15.94
CA ALA A 74 9.73 3.75 17.01
C ALA A 74 11.06 3.11 16.56
N ASP A 75 11.05 1.90 15.95
CA ASP A 75 12.32 1.26 15.55
C ASP A 75 12.32 0.60 14.16
N THR A 76 11.54 -0.46 14.01
CA THR A 76 11.50 -1.25 12.76
C THR A 76 10.29 -0.84 11.93
N VAL A 77 9.98 0.44 12.04
CA VAL A 77 8.82 1.04 11.39
C VAL A 77 9.05 2.57 11.26
N ALA A 78 10.34 2.92 11.13
CA ALA A 78 10.81 4.30 11.01
C ALA A 78 10.94 4.72 9.52
N PRO A 79 11.58 5.90 9.15
CA PRO A 79 11.72 6.31 7.73
C PRO A 79 12.44 5.27 6.86
N GLN A 80 11.67 4.26 6.44
CA GLN A 80 12.16 3.19 5.59
C GLN A 80 11.20 3.01 4.40
N LEU A 81 11.33 3.91 3.42
CA LEU A 81 10.45 3.93 2.22
C LEU A 81 11.02 4.77 1.08
N SER A 82 10.31 4.72 -0.06
CA SER A 82 10.67 5.48 -1.26
C SER A 82 9.93 6.85 -1.27
N PRO A 83 10.26 7.80 -2.22
CA PRO A 83 9.65 9.16 -2.28
C PRO A 83 8.13 9.26 -2.12
N GLY A 84 7.36 8.34 -2.71
CA GLY A 84 5.91 8.45 -2.57
C GLY A 84 5.11 7.42 -3.36
N ASP A 85 3.76 7.44 -3.15
CA ASP A 85 2.78 6.52 -3.81
C ASP A 85 3.21 5.03 -3.80
N ILE A 86 3.55 4.52 -2.61
CA ILE A 86 3.96 3.12 -2.44
C ILE A 86 3.60 2.54 -1.06
N VAL A 87 3.24 1.23 -1.07
CA VAL A 87 2.93 0.42 0.14
C VAL A 87 3.39 -1.03 -0.16
N VAL A 88 4.13 -1.71 0.77
CA VAL A 88 4.62 -3.06 0.45
C VAL A 88 3.60 -4.16 0.78
N ALA A 89 3.31 -5.00 -0.22
CA ALA A 89 2.41 -6.15 -0.11
C ALA A 89 2.92 -7.26 -1.04
N LEU A 90 3.61 -8.23 -0.47
CA LEU A 90 4.19 -9.33 -1.24
C LEU A 90 3.76 -10.69 -0.73
N GLY A 91 3.56 -11.64 -1.65
CA GLY A 91 3.16 -13.00 -1.27
C GLY A 91 1.70 -13.11 -0.86
N HIS A 92 1.47 -13.65 0.35
CA HIS A 92 0.09 -13.82 0.89
C HIS A 92 -0.55 -12.46 1.11
N THR A 93 -1.11 -11.92 0.04
CA THR A 93 -1.73 -10.60 0.07
C THR A 93 -3.19 -10.69 -0.40
N PRO A 94 -4.15 -9.99 0.31
CA PRO A 94 -5.60 -10.07 -0.02
C PRO A 94 -5.98 -9.60 -1.43
N VAL A 95 -5.75 -10.51 -2.40
CA VAL A 95 -6.06 -10.28 -3.83
C VAL A 95 -5.89 -11.58 -4.62
N GLY A 96 -4.63 -12.01 -4.79
CA GLY A 96 -4.32 -13.24 -5.50
C GLY A 96 -4.55 -13.18 -7.00
N GLY A 97 -5.18 -14.24 -7.53
CA GLY A 97 -5.43 -14.34 -8.96
C GLY A 97 -4.28 -15.04 -9.67
N ILE A 98 -3.07 -14.77 -9.17
CA ILE A 98 -1.82 -15.32 -9.68
C ILE A 98 -1.19 -16.23 -8.59
N PHE A 99 -0.11 -16.95 -8.92
CA PHE A 99 0.55 -17.84 -7.96
C PHE A 99 2.08 -17.66 -7.99
N ASP A 100 2.57 -16.76 -7.13
CA ASP A 100 4.01 -16.47 -6.99
C ASP A 100 4.32 -15.87 -5.62
N LEU A 101 5.21 -16.50 -4.88
CA LEU A 101 5.62 -15.99 -3.56
C LEU A 101 7.10 -15.64 -3.57
N LYS A 102 7.41 -14.39 -3.26
CA LYS A 102 8.80 -13.93 -3.20
C LYS A 102 9.41 -14.11 -1.81
N VAL A 103 10.39 -15.01 -1.71
CA VAL A 103 11.11 -15.27 -0.46
C VAL A 103 12.58 -15.60 -0.79
N GLY A 104 13.40 -14.55 -0.98
CA GLY A 104 14.83 -14.70 -1.28
C GLY A 104 15.13 -15.58 -2.47
N SER A 105 15.53 -16.84 -2.20
CA SER A 105 15.83 -17.81 -3.26
C SER A 105 14.53 -18.38 -3.86
N THR A 106 13.43 -17.71 -3.51
CA THR A 106 12.09 -18.03 -3.95
C THR A 106 11.39 -16.72 -4.31
N LYS A 107 12.20 -15.77 -4.77
CA LYS A 107 11.76 -14.42 -5.11
C LYS A 107 10.85 -14.38 -6.36
N HIS A 108 9.53 -14.58 -6.13
CA HIS A 108 8.52 -14.55 -7.19
C HIS A 108 7.25 -13.93 -6.61
N THR A 109 6.97 -12.68 -6.94
CA THR A 109 5.80 -11.97 -6.37
C THR A 109 4.49 -12.09 -7.15
N LEU A 110 3.43 -12.45 -6.41
CA LEU A 110 2.08 -12.48 -6.95
C LEU A 110 1.28 -11.33 -6.28
N GLN A 111 1.16 -10.16 -6.94
CA GLN A 111 0.41 -9.05 -6.33
C GLN A 111 -0.41 -8.28 -7.36
N ALA A 112 -1.66 -8.68 -7.48
CA ALA A 112 -2.62 -8.05 -8.39
C ALA A 112 -3.72 -7.33 -7.61
N ILE A 113 -3.55 -6.01 -7.41
CA ILE A 113 -4.56 -5.24 -6.68
C ILE A 113 -5.33 -4.26 -7.59
N GLU A 114 -4.66 -3.22 -8.11
CA GLU A 114 -5.34 -2.21 -8.98
C GLU A 114 -4.30 -1.36 -9.71
N THR A 115 -4.74 -0.32 -10.44
CA THR A 115 -3.80 0.59 -11.10
C THR A 115 -4.12 2.03 -10.63
N ARG A 116 -3.67 2.34 -9.41
CA ARG A 116 -3.83 3.66 -8.80
C ARG A 116 -2.54 4.11 -8.17
N VAL A 117 -2.02 5.26 -8.60
CA VAL A 117 -0.78 5.81 -8.09
C VAL A 117 -0.93 7.28 -7.64
N LEU A 118 -1.18 7.52 -6.34
CA LEU A 118 -1.27 8.90 -5.86
C LEU A 118 -0.05 9.21 -4.99
N ALA A 119 0.79 10.17 -5.46
CA ALA A 119 2.03 10.56 -4.77
C ALA A 119 1.80 10.97 -3.32
N GLY A 120 2.31 10.13 -2.40
CA GLY A 120 2.16 10.39 -0.97
C GLY A 120 0.87 9.79 -0.44
N SER A 121 0.01 9.41 -1.37
CA SER A 121 -1.25 8.79 -1.06
C SER A 121 -1.18 7.31 -1.50
N LYS A 122 -2.31 6.63 -1.50
CA LYS A 122 -2.36 5.19 -1.80
C LYS A 122 -2.05 4.87 -3.26
N MET A 123 -1.47 3.68 -3.43
CA MET A 123 -1.13 3.14 -4.73
C MET A 123 -1.31 1.63 -4.72
N THR A 124 -2.19 1.18 -5.60
CA THR A 124 -2.49 -0.23 -5.77
C THR A 124 -2.13 -0.61 -7.19
N VAL A 125 -1.29 -1.66 -7.32
CA VAL A 125 -0.81 -2.09 -8.63
C VAL A 125 -0.93 -3.61 -8.85
N ALA A 126 -0.95 -3.99 -10.13
CA ALA A 126 -1.00 -5.39 -10.51
C ALA A 126 0.34 -5.77 -11.13
N ARG A 127 1.13 -6.53 -10.36
CA ARG A 127 2.47 -6.95 -10.78
C ARG A 127 2.83 -8.34 -10.26
N VAL A 128 3.35 -9.15 -11.17
CA VAL A 128 3.80 -10.49 -10.84
C VAL A 128 5.28 -10.65 -11.24
N VAL A 129 6.16 -10.78 -10.24
CA VAL A 129 7.60 -10.94 -10.49
C VAL A 129 7.93 -12.44 -10.50
N ASP A 130 8.04 -13.00 -11.71
CA ASP A 130 8.35 -14.42 -11.91
C ASP A 130 9.30 -14.61 -13.12
N PRO A 131 9.99 -15.80 -13.27
CA PRO A 131 10.90 -16.04 -14.40
C PRO A 131 10.16 -16.47 -15.67
N THR A 132 9.84 -15.50 -16.52
CA THR A 132 9.13 -15.75 -17.78
C THR A 132 9.61 -14.81 -18.90
N PRO A 133 9.96 -15.35 -20.10
CA PRO A 133 10.43 -14.52 -21.23
C PRO A 133 9.29 -13.75 -21.92
N THR A 134 8.23 -14.48 -22.25
CA THR A 134 7.05 -13.91 -22.90
C THR A 134 5.95 -13.56 -21.88
N PRO A 135 5.11 -12.52 -22.15
CA PRO A 135 4.02 -12.09 -21.23
C PRO A 135 2.98 -13.21 -20.96
N PRO A 136 2.09 -13.06 -19.93
CA PRO A 136 1.07 -14.09 -19.61
C PRO A 136 0.01 -14.24 -20.71
N PRO A 137 -0.54 -15.49 -20.93
CA PRO A 137 -1.56 -15.74 -21.97
C PRO A 137 -2.94 -15.15 -21.65
N ALA A 138 -3.29 -15.12 -20.35
CA ALA A 138 -4.56 -14.59 -19.91
C ALA A 138 -4.38 -13.36 -19.00
N PRO A 139 -5.40 -12.44 -18.89
CA PRO A 139 -5.30 -11.24 -18.04
C PRO A 139 -5.55 -11.54 -16.55
N VAL A 140 -5.48 -10.50 -15.70
CA VAL A 140 -5.69 -10.66 -14.27
C VAL A 140 -7.09 -10.18 -13.83
N PRO A 141 -8.02 -11.10 -13.41
CA PRO A 141 -9.37 -10.72 -12.96
C PRO A 141 -9.36 -10.06 -11.57
N ILE A 142 -9.88 -8.83 -11.52
CA ILE A 142 -9.95 -8.06 -10.26
C ILE A 142 -11.39 -7.53 -10.06
N PRO A 143 -12.10 -7.97 -8.98
CA PRO A 143 -13.50 -7.54 -8.72
C PRO A 143 -13.66 -6.14 -8.09
N LEU A 144 -12.54 -5.49 -7.74
CA LEU A 144 -12.60 -4.15 -7.13
C LEU A 144 -12.58 -3.01 -8.17
N PRO A 145 -11.61 -2.97 -9.15
CA PRO A 145 -11.57 -1.90 -10.17
C PRO A 145 -12.61 -2.10 -11.29
N PRO A 146 -12.87 -1.06 -12.17
CA PRO A 146 -13.85 -1.18 -13.27
C PRO A 146 -13.29 -1.96 -14.49
N LYS A 147 -12.03 -2.40 -14.38
CA LYS A 147 -11.38 -3.15 -15.46
C LYS A 147 -11.25 -4.63 -15.13
N VAL A 148 -11.07 -5.43 -16.18
CA VAL A 148 -10.93 -6.89 -16.04
C VAL A 148 -9.46 -7.33 -16.26
N LEU A 149 -8.68 -6.50 -16.97
CA LEU A 149 -7.26 -6.78 -17.24
C LEU A 149 -6.37 -5.72 -16.58
N GLU A 150 -6.68 -5.43 -15.30
CA GLU A 150 -5.98 -4.43 -14.45
C GLU A 150 -5.76 -3.07 -15.15
N GLY A 1 -16.67 20.37 -4.76
CA GLY A 1 -15.38 20.96 -5.25
C GLY A 1 -14.18 20.49 -4.46
N SER A 2 -14.24 20.68 -3.14
CA SER A 2 -13.16 20.26 -2.24
C SER A 2 -13.49 18.94 -1.55
N LEU A 3 -12.46 18.12 -1.32
CA LEU A 3 -12.58 16.80 -0.67
C LEU A 3 -13.50 15.83 -1.45
N THR A 4 -13.41 15.92 -2.78
CA THR A 4 -14.19 15.06 -3.70
C THR A 4 -13.52 15.01 -5.07
N GLY A 5 -12.76 13.93 -5.32
CA GLY A 5 -12.07 13.77 -6.59
C GLY A 5 -12.00 12.32 -7.06
N ALA A 6 -10.77 11.82 -7.24
CA ALA A 6 -10.55 10.45 -7.71
C ALA A 6 -9.83 9.56 -6.67
N LEU A 7 -9.55 10.12 -5.50
CA LEU A 7 -8.88 9.38 -4.42
C LEU A 7 -9.92 9.04 -3.35
N ALA A 8 -10.88 8.19 -3.73
CA ALA A 8 -12.00 7.78 -2.86
C ALA A 8 -12.81 9.03 -2.45
N MET A 9 -12.77 10.05 -3.36
CA MET A 9 -13.45 11.35 -3.19
C MET A 9 -12.69 12.23 -2.19
N ARG A 10 -11.34 12.22 -2.29
CA ARG A 10 -10.46 13.02 -1.40
C ARG A 10 -9.15 13.41 -2.10
N LEU A 11 -9.08 13.18 -3.43
CA LEU A 11 -7.90 13.52 -4.26
C LEU A 11 -7.55 15.02 -4.17
N ASN A 12 -8.46 15.83 -3.60
CA ASN A 12 -8.23 17.27 -3.44
C ASN A 12 -7.05 17.54 -2.53
N ASP A 13 -6.39 18.63 -2.86
CA ASP A 13 -5.20 19.13 -2.18
C ASP A 13 -5.27 19.13 -0.64
N GLU A 14 -6.46 19.16 -0.05
CA GLU A 14 -6.59 19.14 1.42
C GLU A 14 -6.25 17.76 1.97
N ASP A 15 -6.89 16.75 1.40
CA ASP A 15 -6.70 15.38 1.83
C ASP A 15 -5.47 14.79 1.19
N LEU A 16 -5.10 15.35 0.04
CA LEU A 16 -3.93 14.93 -0.72
C LEU A 16 -2.65 15.43 -0.06
N ASP A 17 -2.70 16.65 0.47
CA ASP A 17 -1.56 17.23 1.20
C ASP A 17 -1.43 16.50 2.55
N PHE A 18 -2.53 16.52 3.33
CA PHE A 18 -2.55 15.85 4.63
C PHE A 18 -2.39 14.32 4.44
N LEU A 19 -2.63 13.85 3.18
CA LEU A 19 -2.41 12.45 2.79
C LEU A 19 -0.94 12.29 2.33
N THR A 20 -0.40 13.35 1.71
CA THR A 20 0.97 13.34 1.15
C THR A 20 2.05 13.36 2.25
N LYS A 21 1.62 13.67 3.48
CA LYS A 21 2.51 13.69 4.68
C LYS A 21 3.65 12.65 4.66
N TRP A 22 3.35 11.45 4.13
CA TRP A 22 4.31 10.33 4.06
C TRP A 22 3.75 9.22 3.17
N THR A 23 4.53 8.12 2.99
CA THR A 23 4.11 6.99 2.16
C THR A 23 3.70 5.80 3.02
N ASP A 24 3.30 4.70 2.37
CA ASP A 24 2.85 3.51 3.08
C ASP A 24 3.77 2.31 2.81
N PHE A 25 4.95 2.58 2.24
CA PHE A 25 5.90 1.54 1.92
C PHE A 25 7.11 1.60 2.86
N LYS A 26 6.76 1.56 4.13
CA LYS A 26 7.68 1.48 5.24
C LYS A 26 7.18 0.30 6.06
N CYS A 27 6.17 -0.35 5.46
CA CYS A 27 5.50 -1.48 6.02
C CYS A 27 5.47 -2.61 5.00
N PHE A 28 6.04 -3.74 5.44
CA PHE A 28 6.09 -4.96 4.66
C PHE A 28 4.89 -5.80 5.00
N VAL A 29 4.09 -6.12 4.00
CA VAL A 29 2.90 -6.92 4.23
C VAL A 29 3.16 -8.38 3.86
N SER A 30 2.68 -9.23 4.77
CA SER A 30 2.86 -10.70 4.79
C SER A 30 3.21 -11.35 3.47
N ALA A 31 4.50 -11.67 3.39
CA ALA A 31 5.10 -12.35 2.25
C ALA A 31 4.86 -13.84 2.37
N SER A 32 4.95 -14.34 3.63
CA SER A 32 4.63 -15.74 3.99
C SER A 32 5.87 -16.60 4.30
N ASN A 33 6.71 -16.84 3.30
CA ASN A 33 7.92 -17.65 3.45
C ASN A 33 9.08 -16.71 3.69
N MET A 34 8.86 -15.47 3.26
CA MET A 34 9.80 -14.38 3.44
C MET A 34 9.52 -13.72 4.80
N ARG A 35 8.22 -13.60 5.12
CA ARG A 35 7.79 -13.03 6.38
C ARG A 35 6.96 -14.06 7.13
N ASN A 36 7.37 -14.35 8.36
CA ASN A 36 6.69 -15.33 9.21
C ASN A 36 7.35 -15.41 10.63
N ALA A 37 8.42 -14.61 10.87
CA ALA A 37 9.12 -14.61 12.16
C ALA A 37 8.53 -13.61 13.16
N ALA A 38 8.61 -12.30 12.86
CA ALA A 38 8.09 -11.27 13.78
C ALA A 38 6.82 -10.61 13.24
N GLY A 39 6.86 -10.14 11.98
CA GLY A 39 5.70 -9.52 11.37
C GLY A 39 5.32 -8.19 11.98
N GLN A 40 6.32 -7.46 12.49
CA GLN A 40 6.05 -6.14 13.04
C GLN A 40 6.08 -5.12 11.92
N PHE A 41 4.93 -5.06 11.27
CA PHE A 41 4.68 -4.20 10.13
C PHE A 41 3.38 -3.44 10.35
N ILE A 42 2.43 -4.11 11.03
CA ILE A 42 1.11 -3.54 11.38
C ILE A 42 1.25 -2.23 12.13
N GLU A 43 2.45 -1.99 12.73
CA GLU A 43 2.73 -0.75 13.45
C GLU A 43 2.63 0.44 12.49
N ALA A 44 3.50 0.46 11.46
CA ALA A 44 3.49 1.53 10.47
C ALA A 44 2.23 1.47 9.58
N ALA A 45 1.69 0.26 9.39
CA ALA A 45 0.48 0.06 8.57
C ALA A 45 -0.74 0.69 9.23
N TYR A 46 -0.90 0.47 10.55
CA TYR A 46 -2.02 1.02 11.32
C TYR A 46 -1.85 2.52 11.53
N ALA A 47 -0.60 2.93 11.79
CA ALA A 47 -0.27 4.34 12.02
C ALA A 47 -0.41 5.18 10.74
N LYS A 48 0.08 4.65 9.61
CA LYS A 48 -0.03 5.36 8.33
C LYS A 48 -1.48 5.40 7.87
N ALA A 49 -2.19 4.25 8.02
CA ALA A 49 -3.62 4.18 7.69
C ALA A 49 -4.38 5.26 8.49
N LEU A 50 -3.98 5.42 9.77
CA LEU A 50 -4.55 6.45 10.64
C LEU A 50 -4.15 7.83 10.11
N ARG A 51 -2.93 7.91 9.52
CA ARG A 51 -2.46 9.16 8.91
C ARG A 51 -3.30 9.46 7.65
N ILE A 52 -3.82 8.39 7.01
CA ILE A 52 -4.74 8.52 5.86
C ILE A 52 -6.04 9.13 6.40
N GLU A 53 -6.35 8.71 7.64
CA GLU A 53 -7.52 9.22 8.37
C GLU A 53 -7.22 10.59 8.96
N LEU A 54 -5.93 10.98 9.03
CA LEU A 54 -5.56 12.32 9.50
C LEU A 54 -5.65 13.29 8.33
N ALA A 55 -5.41 12.73 7.13
CA ALA A 55 -5.48 13.45 5.85
C ALA A 55 -6.81 14.18 5.68
N GLN A 56 -7.74 13.80 6.54
CA GLN A 56 -9.09 14.34 6.59
C GLN A 56 -9.22 15.33 7.72
N LEU A 57 -8.10 16.00 8.04
CA LEU A 57 -8.06 17.02 9.08
C LEU A 57 -9.03 18.13 8.76
N VAL A 58 -10.25 17.84 9.09
CA VAL A 58 -11.32 18.77 8.98
C VAL A 58 -11.26 19.56 10.29
N GLN A 59 -10.62 18.88 11.29
CA GLN A 59 -10.42 19.48 12.62
C GLN A 59 -9.37 18.77 13.52
N VAL A 60 -9.53 17.46 13.75
CA VAL A 60 -8.62 16.71 14.64
C VAL A 60 -7.89 15.54 13.97
N ASP A 61 -8.42 15.11 12.84
CA ASP A 61 -7.89 13.94 12.12
C ASP A 61 -6.37 13.95 12.05
N LYS A 62 -5.79 15.07 11.56
CA LYS A 62 -4.32 15.24 11.46
C LYS A 62 -3.60 14.88 12.79
N VAL A 63 -4.21 15.27 13.91
CA VAL A 63 -3.62 15.04 15.24
C VAL A 63 -3.61 13.55 15.59
N ARG A 64 -4.71 12.83 15.25
CA ARG A 64 -4.76 11.37 15.53
C ARG A 64 -3.68 10.64 14.74
N GLY A 65 -3.59 10.98 13.44
CA GLY A 65 -2.61 10.36 12.57
C GLY A 65 -1.17 10.68 12.94
N THR A 66 -0.91 11.91 13.42
CA THR A 66 0.45 12.31 13.81
C THR A 66 0.93 11.52 15.06
N LEU A 67 0.04 11.40 16.06
CA LEU A 67 0.35 10.66 17.29
C LEU A 67 0.58 9.17 16.97
N ALA A 68 -0.25 8.63 16.05
CA ALA A 68 -0.15 7.24 15.62
C ALA A 68 1.13 7.05 14.81
N LYS A 69 1.42 8.06 13.97
CA LYS A 69 2.61 8.12 13.12
C LYS A 69 3.86 7.89 13.96
N LEU A 70 3.99 8.66 15.05
CA LEU A 70 5.12 8.54 15.96
C LEU A 70 5.10 7.14 16.62
N GLU A 71 3.87 6.74 17.05
CA GLU A 71 3.64 5.43 17.72
C GLU A 71 4.35 4.31 16.95
N ALA A 72 4.25 4.36 15.62
CA ALA A 72 4.90 3.38 14.76
C ALA A 72 6.30 3.84 14.37
N PHE A 73 6.44 5.12 14.01
CA PHE A 73 7.71 5.72 13.58
C PHE A 73 8.83 5.56 14.63
N ALA A 74 8.48 4.92 15.76
CA ALA A 74 9.41 4.63 16.84
C ALA A 74 10.82 4.15 16.39
N ASP A 75 10.95 2.95 15.79
CA ASP A 75 12.28 2.48 15.38
C ASP A 75 12.35 1.80 14.01
N THR A 76 11.73 0.64 13.89
CA THR A 76 11.78 -0.17 12.67
C THR A 76 10.48 -0.02 11.90
N VAL A 77 9.94 1.19 11.97
CA VAL A 77 8.68 1.54 11.33
C VAL A 77 8.62 3.06 11.08
N ALA A 78 9.75 3.62 10.56
CA ALA A 78 9.85 5.06 10.32
C ALA A 78 10.68 5.43 9.06
N PRO A 79 12.03 5.14 9.00
CA PRO A 79 12.88 5.52 7.85
C PRO A 79 13.12 4.40 6.82
N GLN A 80 12.06 3.67 6.47
CA GLN A 80 12.19 2.57 5.52
C GLN A 80 11.14 2.67 4.40
N LEU A 81 11.40 3.54 3.41
CA LEU A 81 10.47 3.77 2.29
C LEU A 81 11.13 4.47 1.10
N SER A 82 10.36 4.58 0.01
CA SER A 82 10.78 5.26 -1.21
C SER A 82 10.12 6.67 -1.28
N PRO A 83 10.50 7.56 -2.27
CA PRO A 83 9.94 8.94 -2.39
C PRO A 83 8.42 9.09 -2.22
N GLY A 84 7.63 8.17 -2.76
CA GLY A 84 6.18 8.30 -2.61
C GLY A 84 5.37 7.27 -3.38
N ASP A 85 4.02 7.32 -3.18
CA ASP A 85 3.03 6.40 -3.84
C ASP A 85 3.42 4.91 -3.79
N ILE A 86 3.74 4.41 -2.58
CA ILE A 86 4.12 3.00 -2.38
C ILE A 86 3.71 2.44 -1.00
N VAL A 87 3.35 1.14 -1.00
CA VAL A 87 3.04 0.34 0.22
C VAL A 87 3.50 -1.12 -0.05
N VAL A 88 4.22 -1.79 0.90
CA VAL A 88 4.72 -3.15 0.59
C VAL A 88 3.74 -4.26 1.01
N ALA A 89 3.39 -5.11 0.02
CA ALA A 89 2.49 -6.27 0.19
C ALA A 89 2.93 -7.36 -0.79
N LEU A 90 3.67 -8.36 -0.29
CA LEU A 90 4.16 -9.45 -1.16
C LEU A 90 3.82 -10.82 -0.61
N GLY A 91 3.53 -11.77 -1.52
CA GLY A 91 3.23 -13.15 -1.13
C GLY A 91 1.84 -13.33 -0.54
N HIS A 92 1.77 -13.86 0.69
CA HIS A 92 0.48 -14.08 1.40
C HIS A 92 -0.19 -12.75 1.71
N THR A 93 -0.79 -12.18 0.69
CA THR A 93 -1.43 -10.89 0.79
C THR A 93 -2.82 -10.94 0.12
N PRO A 94 -3.93 -10.74 0.91
CA PRO A 94 -5.32 -10.83 0.36
C PRO A 94 -5.64 -9.74 -0.67
N VAL A 95 -5.18 -9.97 -1.91
CA VAL A 95 -5.40 -9.03 -3.02
C VAL A 95 -5.33 -9.77 -4.37
N GLY A 96 -4.29 -10.59 -4.54
CA GLY A 96 -4.09 -11.33 -5.78
C GLY A 96 -4.68 -12.71 -5.78
N GLY A 97 -5.52 -12.98 -6.79
CA GLY A 97 -6.13 -14.29 -6.96
C GLY A 97 -5.21 -15.24 -7.72
N ILE A 98 -3.98 -14.76 -7.94
CA ILE A 98 -2.92 -15.47 -8.63
C ILE A 98 -2.15 -16.37 -7.62
N PHE A 99 -1.20 -17.19 -8.09
CA PHE A 99 -0.43 -18.06 -7.21
C PHE A 99 1.07 -17.97 -7.52
N ASP A 100 1.75 -17.06 -6.80
CA ASP A 100 3.20 -16.84 -6.91
C ASP A 100 3.74 -16.19 -5.64
N LEU A 101 4.71 -16.82 -5.00
CA LEU A 101 5.33 -16.29 -3.79
C LEU A 101 6.80 -15.97 -4.06
N LYS A 102 7.17 -14.70 -3.87
CA LYS A 102 8.55 -14.27 -4.08
C LYS A 102 9.37 -14.32 -2.78
N VAL A 103 10.29 -15.29 -2.74
CA VAL A 103 11.18 -15.47 -1.59
C VAL A 103 12.58 -15.88 -2.09
N GLY A 104 13.40 -14.86 -2.46
CA GLY A 104 14.76 -15.08 -2.95
C GLY A 104 14.88 -16.07 -4.10
N SER A 105 15.30 -17.31 -3.77
CA SER A 105 15.45 -18.38 -4.77
C SER A 105 14.07 -18.96 -5.15
N THR A 106 13.04 -18.21 -4.73
CA THR A 106 11.64 -18.54 -4.99
C THR A 106 10.92 -17.23 -5.31
N LYS A 107 11.68 -16.33 -5.95
CA LYS A 107 11.21 -15.00 -6.30
C LYS A 107 10.14 -14.99 -7.42
N HIS A 108 8.87 -15.15 -6.99
CA HIS A 108 7.71 -15.12 -7.90
C HIS A 108 6.58 -14.43 -7.14
N THR A 109 6.28 -13.20 -7.49
CA THR A 109 5.27 -12.42 -6.75
C THR A 109 3.87 -12.43 -7.35
N LEU A 110 2.89 -12.74 -6.48
CA LEU A 110 1.46 -12.70 -6.82
C LEU A 110 0.79 -11.50 -6.13
N GLN A 111 0.64 -10.35 -6.83
CA GLN A 111 -0.01 -9.20 -6.18
C GLN A 111 -0.80 -8.35 -7.18
N ALA A 112 -2.09 -8.66 -7.26
CA ALA A 112 -3.03 -7.95 -8.13
C ALA A 112 -4.07 -7.19 -7.30
N ILE A 113 -3.96 -5.86 -7.27
CA ILE A 113 -4.93 -5.05 -6.53
C ILE A 113 -5.66 -4.04 -7.43
N GLU A 114 -4.94 -3.02 -7.95
CA GLU A 114 -5.58 -1.98 -8.80
C GLU A 114 -4.50 -1.22 -9.58
N THR A 115 -4.87 -0.17 -10.31
CA THR A 115 -3.89 0.66 -10.99
C THR A 115 -4.08 2.12 -10.58
N ARG A 116 -3.57 2.42 -9.37
CA ARG A 116 -3.63 3.78 -8.79
C ARG A 116 -2.30 4.15 -8.18
N VAL A 117 -1.73 5.27 -8.63
CA VAL A 117 -0.44 5.75 -8.14
C VAL A 117 -0.53 7.23 -7.71
N LEU A 118 -0.81 7.51 -6.41
CA LEU A 118 -0.84 8.89 -5.95
C LEU A 118 0.36 9.16 -5.05
N ALA A 119 1.26 10.06 -5.51
CA ALA A 119 2.49 10.42 -4.78
C ALA A 119 2.24 10.87 -3.34
N GLY A 120 2.70 10.03 -2.39
CA GLY A 120 2.51 10.31 -0.97
C GLY A 120 1.22 9.72 -0.48
N SER A 121 0.34 9.42 -1.42
CA SER A 121 -0.94 8.80 -1.15
C SER A 121 -0.88 7.34 -1.57
N LYS A 122 -2.03 6.67 -1.59
CA LYS A 122 -2.10 5.24 -1.88
C LYS A 122 -1.78 4.89 -3.33
N MET A 123 -1.22 3.70 -3.47
CA MET A 123 -0.90 3.13 -4.77
C MET A 123 -1.15 1.64 -4.74
N THR A 124 -2.09 1.23 -5.58
CA THR A 124 -2.47 -0.16 -5.71
C THR A 124 -2.18 -0.59 -7.13
N VAL A 125 -1.44 -1.70 -7.28
CA VAL A 125 -1.05 -2.19 -8.60
C VAL A 125 -1.30 -3.69 -8.78
N ALA A 126 -1.44 -4.09 -10.04
CA ALA A 126 -1.63 -5.49 -10.36
C ALA A 126 -0.43 -6.01 -11.12
N ARG A 127 0.39 -6.81 -10.43
CA ARG A 127 1.62 -7.38 -11.00
C ARG A 127 1.92 -8.76 -10.45
N VAL A 128 2.27 -9.66 -11.37
CA VAL A 128 2.65 -11.03 -11.03
C VAL A 128 4.05 -11.32 -11.58
N VAL A 129 5.05 -11.28 -10.69
CA VAL A 129 6.45 -11.54 -11.07
C VAL A 129 6.70 -13.05 -11.16
N ASP A 130 6.78 -13.53 -12.40
CA ASP A 130 6.99 -14.95 -12.71
C ASP A 130 8.35 -15.16 -13.39
N PRO A 131 8.85 -16.44 -13.55
CA PRO A 131 10.16 -16.72 -14.21
C PRO A 131 10.19 -16.40 -15.72
N THR A 132 9.05 -15.94 -16.26
CA THR A 132 8.93 -15.60 -17.68
C THR A 132 9.40 -14.16 -17.95
N PRO A 133 10.09 -13.91 -19.11
CA PRO A 133 10.58 -12.56 -19.46
C PRO A 133 9.48 -11.58 -19.86
N THR A 134 8.61 -12.01 -20.79
CA THR A 134 7.50 -11.21 -21.28
C THR A 134 6.24 -11.39 -20.42
N PRO A 135 5.38 -10.34 -20.28
CA PRO A 135 4.14 -10.41 -19.47
C PRO A 135 3.09 -11.38 -20.06
N PRO A 136 2.03 -11.79 -19.27
CA PRO A 136 0.99 -12.71 -19.75
C PRO A 136 -0.04 -12.02 -20.68
N PRO A 137 -0.40 -12.66 -21.85
CA PRO A 137 -1.37 -12.09 -22.80
C PRO A 137 -2.82 -12.17 -22.32
N ALA A 138 -3.02 -12.83 -21.18
CA ALA A 138 -4.35 -13.00 -20.60
C ALA A 138 -4.65 -11.91 -19.55
N PRO A 139 -5.96 -11.63 -19.22
CA PRO A 139 -6.34 -10.59 -18.21
C PRO A 139 -5.66 -10.78 -16.84
N VAL A 140 -5.84 -9.79 -15.96
CA VAL A 140 -5.24 -9.83 -14.62
C VAL A 140 -6.29 -10.21 -13.57
N PRO A 141 -6.07 -11.31 -12.77
CA PRO A 141 -7.03 -11.75 -11.73
C PRO A 141 -7.31 -10.66 -10.68
N ILE A 142 -8.54 -10.12 -10.75
CA ILE A 142 -8.97 -9.07 -9.82
C ILE A 142 -10.29 -9.50 -9.14
N PRO A 143 -10.36 -9.49 -7.77
CA PRO A 143 -11.56 -9.93 -7.02
C PRO A 143 -12.77 -8.96 -7.05
N LEU A 144 -12.80 -7.99 -6.12
CA LEU A 144 -13.93 -7.04 -6.02
C LEU A 144 -13.82 -5.83 -6.96
N PRO A 145 -12.69 -5.04 -6.95
CA PRO A 145 -12.55 -3.84 -7.83
C PRO A 145 -12.81 -4.14 -9.33
N PRO A 146 -13.92 -3.61 -9.92
CA PRO A 146 -14.27 -3.83 -11.34
C PRO A 146 -13.17 -3.42 -12.33
N LYS A 147 -12.64 -4.42 -13.05
CA LYS A 147 -11.57 -4.21 -14.04
C LYS A 147 -11.44 -5.43 -14.94
N VAL A 148 -11.00 -6.55 -14.31
CA VAL A 148 -10.80 -7.85 -15.00
C VAL A 148 -9.44 -7.90 -15.73
N LEU A 149 -8.98 -6.75 -16.23
CA LEU A 149 -7.70 -6.67 -16.94
C LEU A 149 -6.88 -5.43 -16.51
N GLU A 150 -7.12 -4.96 -15.26
CA GLU A 150 -6.45 -3.77 -14.69
C GLU A 150 -6.59 -2.53 -15.59
N GLY A 1 -16.78 20.09 -4.32
CA GLY A 1 -16.45 21.00 -3.19
C GLY A 1 -15.13 20.65 -2.54
N SER A 2 -15.20 20.01 -1.36
CA SER A 2 -13.99 19.62 -0.62
C SER A 2 -14.04 18.13 -0.27
N LEU A 3 -12.84 17.53 -0.11
CA LEU A 3 -12.66 16.10 0.23
C LEU A 3 -13.11 15.17 -0.92
N THR A 4 -14.43 15.02 -1.09
CA THR A 4 -15.02 14.14 -2.11
C THR A 4 -14.49 14.40 -3.52
N GLY A 5 -13.66 13.47 -4.00
CA GLY A 5 -13.08 13.57 -5.32
C GLY A 5 -12.99 12.22 -6.02
N ALA A 6 -11.81 11.58 -5.92
CA ALA A 6 -11.58 10.27 -6.56
C ALA A 6 -10.65 9.36 -5.72
N LEU A 7 -10.25 9.83 -4.54
CA LEU A 7 -9.39 9.03 -3.66
C LEU A 7 -10.17 8.80 -2.37
N ALA A 8 -11.04 7.76 -2.42
CA ALA A 8 -11.94 7.40 -1.30
C ALA A 8 -12.86 8.58 -0.98
N MET A 9 -13.01 9.50 -1.97
CA MET A 9 -13.83 10.73 -1.86
C MET A 9 -13.08 11.73 -0.99
N ARG A 10 -11.74 11.76 -1.17
CA ARG A 10 -10.83 12.63 -0.41
C ARG A 10 -9.65 13.11 -1.27
N LEU A 11 -9.72 12.83 -2.58
CA LEU A 11 -8.68 13.24 -3.54
C LEU A 11 -8.41 14.76 -3.52
N ASN A 12 -9.32 15.53 -2.90
CA ASN A 12 -9.16 16.98 -2.81
C ASN A 12 -7.92 17.33 -2.00
N ASP A 13 -7.32 18.43 -2.42
CA ASP A 13 -6.08 18.99 -1.87
C ASP A 13 -6.00 18.98 -0.33
N GLU A 14 -7.12 19.10 0.37
CA GLU A 14 -7.13 19.09 1.85
C GLU A 14 -6.70 17.72 2.39
N ASP A 15 -7.37 16.69 1.89
CA ASP A 15 -7.12 15.33 2.33
C ASP A 15 -5.95 14.74 1.57
N LEU A 16 -5.69 15.30 0.39
CA LEU A 16 -4.60 14.87 -0.47
C LEU A 16 -3.27 15.38 0.06
N ASP A 17 -3.29 16.56 0.68
CA ASP A 17 -2.09 17.15 1.29
C ASP A 17 -1.86 16.46 2.64
N PHE A 18 -2.90 16.48 3.49
CA PHE A 18 -2.84 15.82 4.78
C PHE A 18 -2.68 14.30 4.59
N LEU A 19 -2.99 13.84 3.36
CA LEU A 19 -2.80 12.43 2.92
C LEU A 19 -1.36 12.27 2.39
N THR A 20 -0.86 13.32 1.71
CA THR A 20 0.47 13.31 1.09
C THR A 20 1.61 13.36 2.11
N LYS A 21 1.28 13.71 3.38
CA LYS A 21 2.27 13.78 4.49
C LYS A 21 3.38 12.70 4.43
N TRP A 22 3.04 11.50 3.92
CA TRP A 22 3.97 10.37 3.83
C TRP A 22 3.38 9.25 2.98
N THR A 23 4.14 8.17 2.76
CA THR A 23 3.68 7.03 1.95
C THR A 23 3.39 5.81 2.82
N ASP A 24 2.86 4.75 2.21
CA ASP A 24 2.48 3.56 2.96
C ASP A 24 3.38 2.36 2.64
N PHE A 25 4.54 2.63 2.03
CA PHE A 25 5.46 1.58 1.65
C PHE A 25 6.72 1.61 2.53
N LYS A 26 6.42 1.58 3.82
CA LYS A 26 7.40 1.46 4.89
C LYS A 26 6.94 0.27 5.71
N CYS A 27 5.81 -0.30 5.24
CA CYS A 27 5.17 -1.44 5.84
C CYS A 27 5.02 -2.55 4.82
N PHE A 28 5.45 -3.73 5.26
CA PHE A 28 5.39 -4.97 4.49
C PHE A 28 4.09 -5.68 4.82
N VAL A 29 3.32 -6.00 3.78
CA VAL A 29 2.06 -6.70 3.98
C VAL A 29 2.27 -8.19 3.67
N SER A 30 1.63 -9.01 4.50
CA SER A 30 1.75 -10.49 4.54
C SER A 30 2.29 -11.16 3.30
N ALA A 31 3.59 -11.47 3.41
CA ALA A 31 4.35 -12.17 2.39
C ALA A 31 4.12 -13.66 2.50
N SER A 32 3.72 -14.09 3.72
CA SER A 32 3.33 -15.45 4.05
C SER A 32 4.48 -16.37 4.50
N ASN A 33 5.40 -16.72 3.58
CA ASN A 33 6.51 -17.61 3.89
C ASN A 33 7.72 -16.76 4.26
N MET A 34 7.60 -15.49 3.90
CA MET A 34 8.59 -14.49 4.19
C MET A 34 8.22 -13.77 5.50
N ARG A 35 6.91 -13.63 5.70
CA ARG A 35 6.34 -13.01 6.88
C ARG A 35 5.38 -14.00 7.51
N ASN A 36 5.64 -14.29 8.78
CA ASN A 36 4.84 -15.24 9.56
C ASN A 36 5.48 -15.45 10.95
N ALA A 37 6.79 -15.17 11.07
CA ALA A 37 7.53 -15.34 12.33
C ALA A 37 7.50 -14.09 13.23
N ALA A 38 7.89 -12.92 12.68
CA ALA A 38 7.91 -11.68 13.47
C ALA A 38 6.59 -10.91 13.35
N GLY A 39 6.14 -10.67 12.11
CA GLY A 39 4.88 -9.98 11.86
C GLY A 39 4.86 -8.54 12.29
N GLN A 40 6.04 -7.93 12.46
CA GLN A 40 6.12 -6.54 12.85
C GLN A 40 6.08 -5.64 11.63
N PHE A 41 4.85 -5.42 11.20
CA PHE A 41 4.51 -4.61 10.04
C PHE A 41 3.28 -3.76 10.36
N ILE A 42 2.37 -4.34 11.18
CA ILE A 42 1.14 -3.68 11.63
C ILE A 42 1.42 -2.35 12.34
N GLU A 43 2.68 -2.17 12.81
CA GLU A 43 3.07 -0.92 13.46
C GLU A 43 2.95 0.26 12.49
N ALA A 44 3.72 0.21 11.38
CA ALA A 44 3.65 1.27 10.35
C ALA A 44 2.31 1.25 9.62
N ALA A 45 1.73 0.03 9.47
CA ALA A 45 0.42 -0.13 8.80
C ALA A 45 -0.67 0.62 9.55
N TYR A 46 -0.64 0.52 10.90
CA TYR A 46 -1.60 1.20 11.76
C TYR A 46 -1.33 2.70 11.82
N ALA A 47 -0.03 3.06 11.83
CA ALA A 47 0.41 4.46 11.86
C ALA A 47 0.02 5.22 10.58
N LYS A 48 0.27 4.59 9.43
CA LYS A 48 -0.06 5.22 8.13
C LYS A 48 -1.56 5.20 7.88
N ALA A 49 -2.23 4.10 8.26
CA ALA A 49 -3.69 4.01 8.16
C ALA A 49 -4.33 5.15 8.97
N LEU A 50 -3.77 5.38 10.17
CA LEU A 50 -4.21 6.46 11.04
C LEU A 50 -3.81 7.82 10.46
N ARG A 51 -2.67 7.84 9.73
CA ARG A 51 -2.20 9.06 9.04
C ARG A 51 -3.13 9.39 7.87
N ILE A 52 -3.70 8.32 7.25
CA ILE A 52 -4.66 8.47 6.16
C ILE A 52 -5.95 9.03 6.77
N GLU A 53 -6.19 8.64 8.05
CA GLU A 53 -7.31 9.12 8.84
C GLU A 53 -6.97 10.51 9.42
N LEU A 54 -5.67 10.87 9.43
CA LEU A 54 -5.26 12.20 9.86
C LEU A 54 -5.44 13.17 8.71
N ALA A 55 -5.31 12.61 7.51
CA ALA A 55 -5.50 13.31 6.22
C ALA A 55 -6.83 14.07 6.18
N GLN A 56 -7.69 13.71 7.12
CA GLN A 56 -9.01 14.28 7.29
C GLN A 56 -9.04 15.28 8.43
N LEU A 57 -7.88 15.92 8.67
CA LEU A 57 -7.74 16.94 9.69
C LEU A 57 -8.71 18.07 9.46
N VAL A 58 -9.91 17.78 9.89
CA VAL A 58 -10.97 18.74 9.88
C VAL A 58 -10.78 19.50 11.17
N GLN A 59 -10.07 18.82 12.13
CA GLN A 59 -9.74 19.40 13.44
C GLN A 59 -8.64 18.68 14.22
N VAL A 60 -8.79 17.36 14.46
CA VAL A 60 -7.82 16.60 15.28
C VAL A 60 -7.16 15.43 14.54
N ASP A 61 -7.78 15.00 13.45
CA ASP A 61 -7.33 13.85 12.68
C ASP A 61 -5.80 13.86 12.47
N LYS A 62 -5.27 14.97 11.95
CA LYS A 62 -3.80 15.11 11.72
C LYS A 62 -2.98 14.76 12.99
N VAL A 63 -3.49 15.16 14.16
CA VAL A 63 -2.79 14.93 15.43
C VAL A 63 -2.77 13.45 15.80
N ARG A 64 -3.90 12.75 15.58
CA ARG A 64 -3.95 11.29 15.88
C ARG A 64 -2.97 10.53 15.00
N GLY A 65 -2.97 10.87 13.70
CA GLY A 65 -2.08 10.22 12.74
C GLY A 65 -0.61 10.52 12.98
N THR A 66 -0.28 11.76 13.44
CA THR A 66 1.11 12.12 13.71
C THR A 66 1.66 11.33 14.92
N LEU A 67 0.84 11.22 15.99
CA LEU A 67 1.21 10.46 17.19
C LEU A 67 1.36 8.97 16.87
N ALA A 68 0.50 8.47 15.97
CA ALA A 68 0.52 7.07 15.53
C ALA A 68 1.76 6.83 14.65
N LYS A 69 2.04 7.84 13.82
CA LYS A 69 3.19 7.85 12.92
C LYS A 69 4.47 7.62 13.70
N LEU A 70 4.68 8.41 14.77
CA LEU A 70 5.85 8.28 15.63
C LEU A 70 5.82 6.92 16.36
N GLU A 71 4.61 6.57 16.86
CA GLU A 71 4.35 5.31 17.58
C GLU A 71 4.98 4.12 16.84
N ALA A 72 4.83 4.15 15.52
CA ALA A 72 5.40 3.12 14.66
C ALA A 72 6.81 3.50 14.21
N PHE A 73 6.97 4.76 13.77
CA PHE A 73 8.26 5.30 13.26
C PHE A 73 9.44 5.09 14.23
N ALA A 74 9.13 4.53 15.42
CA ALA A 74 10.13 4.23 16.45
C ALA A 74 11.46 3.63 15.94
N ASP A 75 11.47 2.39 15.39
CA ASP A 75 12.74 1.80 14.93
C ASP A 75 12.68 1.08 13.58
N THR A 76 11.95 -0.02 13.53
CA THR A 76 11.87 -0.85 12.31
C THR A 76 10.58 -0.56 11.57
N VAL A 77 10.17 0.69 11.68
CA VAL A 77 8.95 1.21 11.09
C VAL A 77 9.10 2.73 10.90
N ALA A 78 10.36 3.15 10.71
CA ALA A 78 10.76 4.54 10.54
C ALA A 78 10.87 4.90 9.03
N PRO A 79 11.49 6.08 8.61
CA PRO A 79 11.63 6.47 7.18
C PRO A 79 12.27 5.37 6.30
N GLN A 80 11.47 4.38 5.95
CA GLN A 80 11.90 3.28 5.08
C GLN A 80 10.87 3.09 3.97
N LEU A 81 10.95 3.95 2.95
CA LEU A 81 10.00 3.95 1.81
C LEU A 81 10.54 4.72 0.60
N SER A 82 9.77 4.65 -0.50
CA SER A 82 10.11 5.35 -1.75
C SER A 82 9.46 6.76 -1.76
N PRO A 83 9.82 7.66 -2.74
CA PRO A 83 9.28 9.06 -2.82
C PRO A 83 7.77 9.22 -2.64
N GLY A 84 6.96 8.28 -3.13
CA GLY A 84 5.53 8.42 -2.97
C GLY A 84 4.69 7.37 -3.68
N ASP A 85 3.36 7.40 -3.43
CA ASP A 85 2.35 6.47 -4.00
C ASP A 85 2.76 4.97 -3.95
N ILE A 86 3.11 4.48 -2.75
CA ILE A 86 3.49 3.07 -2.56
C ILE A 86 3.14 2.51 -1.16
N VAL A 87 2.82 1.19 -1.14
CA VAL A 87 2.53 0.40 0.08
C VAL A 87 3.00 -1.06 -0.19
N VAL A 88 3.74 -1.71 0.76
CA VAL A 88 4.25 -3.07 0.50
C VAL A 88 3.21 -4.17 0.82
N ALA A 89 2.94 -5.03 -0.19
CA ALA A 89 2.04 -6.18 -0.08
C ALA A 89 2.57 -7.27 -0.99
N LEU A 90 3.21 -8.29 -0.41
CA LEU A 90 3.78 -9.40 -1.20
C LEU A 90 3.34 -10.75 -0.69
N GLY A 91 3.04 -11.67 -1.62
CA GLY A 91 2.65 -13.03 -1.24
C GLY A 91 1.20 -13.14 -0.81
N HIS A 92 0.98 -13.69 0.40
CA HIS A 92 -0.39 -13.85 0.97
C HIS A 92 -1.00 -12.48 1.23
N THR A 93 -1.58 -11.95 0.18
CA THR A 93 -2.17 -10.62 0.20
C THR A 93 -3.64 -10.69 -0.25
N PRO A 94 -4.58 -9.96 0.42
CA PRO A 94 -6.02 -10.00 0.10
C PRO A 94 -6.39 -9.54 -1.33
N VAL A 95 -6.16 -10.45 -2.30
CA VAL A 95 -6.45 -10.22 -3.72
C VAL A 95 -6.35 -11.52 -4.52
N GLY A 96 -5.11 -12.00 -4.69
CA GLY A 96 -4.85 -13.23 -5.42
C GLY A 96 -5.06 -13.13 -6.92
N GLY A 97 -5.77 -14.13 -7.48
CA GLY A 97 -6.02 -14.20 -8.90
C GLY A 97 -4.89 -14.93 -9.63
N ILE A 98 -3.67 -14.69 -9.13
CA ILE A 98 -2.45 -15.28 -9.63
C ILE A 98 -1.86 -16.17 -8.52
N PHE A 99 -0.83 -17.00 -8.84
CA PHE A 99 -0.22 -17.88 -7.83
C PHE A 99 1.30 -17.80 -7.87
N ASP A 100 1.86 -16.88 -7.05
CA ASP A 100 3.31 -16.68 -6.92
C ASP A 100 3.67 -16.05 -5.58
N LEU A 101 4.53 -16.71 -4.83
CA LEU A 101 4.99 -16.19 -3.54
C LEU A 101 6.49 -15.89 -3.63
N LYS A 102 6.87 -14.65 -3.34
CA LYS A 102 8.29 -14.28 -3.38
C LYS A 102 8.95 -14.37 -2.00
N VAL A 103 9.82 -15.37 -1.86
CA VAL A 103 10.56 -15.59 -0.61
C VAL A 103 11.99 -16.07 -0.96
N GLY A 104 12.89 -15.11 -1.21
CA GLY A 104 14.30 -15.40 -1.54
C GLY A 104 14.49 -16.37 -2.69
N SER A 105 14.79 -17.63 -2.34
CA SER A 105 14.98 -18.70 -3.35
C SER A 105 13.63 -19.18 -3.90
N THR A 106 12.61 -18.39 -3.59
CA THR A 106 11.23 -18.62 -4.01
C THR A 106 10.64 -17.27 -4.40
N LYS A 107 11.52 -16.41 -4.93
CA LYS A 107 11.18 -15.04 -5.31
C LYS A 107 10.26 -14.95 -6.56
N HIS A 108 8.94 -15.04 -6.31
CA HIS A 108 7.91 -14.91 -7.35
C HIS A 108 6.67 -14.29 -6.70
N THR A 109 6.42 -13.01 -6.94
CA THR A 109 5.30 -12.31 -6.30
C THR A 109 4.01 -12.26 -7.10
N LEU A 110 2.92 -12.59 -6.39
CA LEU A 110 1.57 -12.52 -6.94
C LEU A 110 0.81 -11.33 -6.28
N GLN A 111 0.76 -10.17 -6.95
CA GLN A 111 0.05 -9.02 -6.37
C GLN A 111 -0.79 -8.29 -7.41
N ALA A 112 -2.06 -8.68 -7.49
CA ALA A 112 -3.04 -8.10 -8.40
C ALA A 112 -4.12 -7.33 -7.63
N ILE A 113 -3.98 -6.01 -7.52
CA ILE A 113 -4.99 -5.23 -6.81
C ILE A 113 -5.72 -4.22 -7.70
N GLU A 114 -5.02 -3.21 -8.23
CA GLU A 114 -5.69 -2.19 -9.08
C GLU A 114 -4.64 -1.35 -9.81
N THR A 115 -5.09 -0.32 -10.54
CA THR A 115 -4.18 0.60 -11.19
C THR A 115 -4.52 2.02 -10.69
N ARG A 116 -4.03 2.32 -9.48
CA ARG A 116 -4.23 3.61 -8.82
C ARG A 116 -2.91 4.09 -8.21
N VAL A 117 -2.45 5.27 -8.61
CA VAL A 117 -1.20 5.84 -8.10
C VAL A 117 -1.35 7.29 -7.58
N LEU A 118 -1.61 7.48 -6.28
CA LEU A 118 -1.69 8.85 -5.76
C LEU A 118 -0.43 9.14 -4.93
N ALA A 119 0.37 10.09 -5.42
CA ALA A 119 1.65 10.48 -4.77
C ALA A 119 1.49 10.87 -3.30
N GLY A 120 1.99 10.01 -2.40
CA GLY A 120 1.89 10.24 -0.98
C GLY A 120 0.60 9.68 -0.41
N SER A 121 -0.26 9.24 -1.31
CA SER A 121 -1.53 8.65 -0.99
C SER A 121 -1.55 7.19 -1.46
N LYS A 122 -2.71 6.58 -1.44
CA LYS A 122 -2.87 5.16 -1.78
C LYS A 122 -2.54 4.83 -3.22
N MET A 123 -1.98 3.63 -3.38
CA MET A 123 -1.58 3.09 -4.66
C MET A 123 -1.80 1.58 -4.66
N THR A 124 -2.57 1.14 -5.64
CA THR A 124 -2.88 -0.27 -5.84
C THR A 124 -2.48 -0.64 -7.24
N VAL A 125 -1.66 -1.69 -7.36
CA VAL A 125 -1.14 -2.14 -8.66
C VAL A 125 -1.28 -3.65 -8.88
N ALA A 126 -1.28 -4.04 -10.17
CA ALA A 126 -1.33 -5.44 -10.53
C ALA A 126 -0.01 -5.84 -11.18
N ARG A 127 0.78 -6.60 -10.42
CA ARG A 127 2.09 -7.06 -10.86
C ARG A 127 2.42 -8.44 -10.31
N VAL A 128 2.93 -9.30 -11.19
CA VAL A 128 3.35 -10.64 -10.83
C VAL A 128 4.83 -10.82 -11.19
N VAL A 129 5.69 -10.86 -10.18
CA VAL A 129 7.14 -11.00 -10.36
C VAL A 129 7.54 -12.47 -10.43
N ASP A 130 8.14 -12.85 -11.57
CA ASP A 130 8.60 -14.23 -11.80
C ASP A 130 9.82 -14.22 -12.73
N PRO A 131 11.04 -14.64 -12.24
CA PRO A 131 12.26 -14.66 -13.08
C PRO A 131 12.22 -15.79 -14.14
N THR A 132 11.64 -15.47 -15.31
CA THR A 132 11.52 -16.41 -16.41
C THR A 132 11.69 -15.70 -17.76
N PRO A 133 12.19 -16.41 -18.82
CA PRO A 133 12.38 -15.83 -20.17
C PRO A 133 11.07 -15.37 -20.83
N THR A 134 10.10 -16.30 -20.87
CA THR A 134 8.79 -16.02 -21.47
C THR A 134 7.77 -15.60 -20.39
N PRO A 135 7.20 -14.36 -20.47
CA PRO A 135 6.22 -13.88 -19.48
C PRO A 135 4.80 -14.45 -19.71
N PRO A 136 4.23 -15.22 -18.72
CA PRO A 136 2.87 -15.80 -18.85
C PRO A 136 1.76 -14.74 -18.77
N PRO A 137 0.69 -14.84 -19.62
CA PRO A 137 -0.43 -13.88 -19.62
C PRO A 137 -1.37 -14.03 -18.42
N ALA A 138 -2.16 -12.98 -18.15
CA ALA A 138 -3.11 -12.99 -17.03
C ALA A 138 -4.55 -12.97 -17.54
N PRO A 139 -5.57 -13.40 -16.71
CA PRO A 139 -6.98 -13.43 -17.12
C PRO A 139 -7.62 -12.03 -17.16
N VAL A 140 -7.29 -11.20 -16.16
CA VAL A 140 -7.81 -9.84 -16.07
C VAL A 140 -6.75 -8.80 -16.51
N PRO A 141 -6.92 -8.14 -17.70
CA PRO A 141 -5.97 -7.12 -18.15
C PRO A 141 -6.26 -5.77 -17.47
N ILE A 142 -5.54 -5.51 -16.36
CA ILE A 142 -5.71 -4.25 -15.60
C ILE A 142 -4.67 -3.18 -16.06
N PRO A 143 -5.01 -2.34 -17.10
CA PRO A 143 -4.12 -1.28 -17.58
C PRO A 143 -4.34 0.06 -16.86
N LEU A 144 -5.61 0.48 -16.76
CA LEU A 144 -6.02 1.72 -16.09
C LEU A 144 -7.51 1.66 -15.69
N PRO A 145 -8.47 1.34 -16.62
CA PRO A 145 -9.92 1.25 -16.28
C PRO A 145 -10.24 0.19 -15.19
N PRO A 146 -11.49 0.16 -14.62
CA PRO A 146 -11.87 -0.83 -13.58
C PRO A 146 -12.18 -2.22 -14.15
N LYS A 147 -12.07 -3.23 -13.29
CA LYS A 147 -12.33 -4.63 -13.67
C LYS A 147 -12.89 -5.43 -12.48
N VAL A 148 -13.17 -6.72 -12.72
CA VAL A 148 -13.71 -7.60 -11.68
C VAL A 148 -12.57 -8.38 -10.97
N LEU A 149 -11.57 -8.82 -11.73
CA LEU A 149 -10.45 -9.57 -11.17
C LEU A 149 -9.20 -8.73 -10.99
N GLU A 150 -9.33 -7.43 -11.17
CA GLU A 150 -8.22 -6.52 -10.99
C GLU A 150 -7.69 -6.51 -9.55
N GLY A 1 -16.21 21.10 -4.84
CA GLY A 1 -15.11 22.11 -4.82
C GLY A 1 -13.91 21.64 -4.01
N SER A 2 -14.16 21.25 -2.76
CA SER A 2 -13.11 20.77 -1.86
C SER A 2 -13.49 19.43 -1.25
N LEU A 3 -12.49 18.53 -1.13
CA LEU A 3 -12.66 17.17 -0.57
C LEU A 3 -13.64 16.32 -1.39
N THR A 4 -13.39 16.28 -2.72
CA THR A 4 -14.21 15.49 -3.65
C THR A 4 -13.55 15.40 -5.03
N GLY A 5 -12.83 14.30 -5.28
CA GLY A 5 -12.15 14.11 -6.55
C GLY A 5 -12.13 12.65 -7.00
N ALA A 6 -10.93 12.07 -7.07
CA ALA A 6 -10.75 10.68 -7.51
C ALA A 6 -10.16 9.77 -6.42
N LEU A 7 -9.83 10.36 -5.25
CA LEU A 7 -9.26 9.61 -4.13
C LEU A 7 -10.36 9.33 -3.12
N ALA A 8 -11.37 8.54 -3.55
CA ALA A 8 -12.56 8.21 -2.72
C ALA A 8 -13.29 9.52 -2.34
N MET A 9 -13.15 10.52 -3.24
CA MET A 9 -13.74 11.87 -3.09
C MET A 9 -12.93 12.70 -2.08
N ARG A 10 -11.58 12.60 -2.18
CA ARG A 10 -10.66 13.33 -1.28
C ARG A 10 -9.32 13.67 -1.97
N LEU A 11 -9.25 13.42 -3.29
CA LEU A 11 -8.05 13.74 -4.10
C LEU A 11 -7.70 15.23 -4.05
N ASN A 12 -8.62 16.05 -3.48
CA ASN A 12 -8.41 17.49 -3.36
C ASN A 12 -7.23 17.77 -2.46
N ASP A 13 -6.56 18.86 -2.80
CA ASP A 13 -5.36 19.35 -2.13
C ASP A 13 -5.39 19.33 -0.58
N GLU A 14 -6.58 19.43 0.03
CA GLU A 14 -6.67 19.41 1.49
C GLU A 14 -6.33 18.03 2.03
N ASP A 15 -6.99 17.01 1.47
CA ASP A 15 -6.81 15.64 1.90
C ASP A 15 -5.60 15.04 1.22
N LEU A 16 -5.25 15.60 0.07
CA LEU A 16 -4.12 15.17 -0.74
C LEU A 16 -2.80 15.65 -0.13
N ASP A 17 -2.84 16.84 0.52
CA ASP A 17 -1.67 17.38 1.21
C ASP A 17 -1.52 16.66 2.55
N PHE A 18 -2.62 16.67 3.34
CA PHE A 18 -2.63 15.98 4.62
C PHE A 18 -2.49 14.46 4.40
N LEU A 19 -2.75 14.02 3.14
CA LEU A 19 -2.56 12.63 2.70
C LEU A 19 -1.11 12.44 2.22
N THR A 20 -0.55 13.51 1.62
CA THR A 20 0.82 13.49 1.05
C THR A 20 1.92 13.50 2.11
N LYS A 21 1.54 13.87 3.36
CA LYS A 21 2.48 13.92 4.52
C LYS A 21 3.56 12.81 4.51
N TRP A 22 3.22 11.62 3.98
CA TRP A 22 4.13 10.48 3.93
C TRP A 22 3.56 9.37 3.03
N THR A 23 4.35 8.31 2.79
CA THR A 23 3.93 7.20 1.94
C THR A 23 3.63 5.96 2.76
N ASP A 24 3.14 4.90 2.10
CA ASP A 24 2.75 3.67 2.81
C ASP A 24 3.73 2.53 2.52
N PHE A 25 4.90 2.88 1.97
CA PHE A 25 5.90 1.89 1.63
C PHE A 25 7.11 1.98 2.59
N LYS A 26 6.75 1.92 3.86
CA LYS A 26 7.68 1.84 4.98
C LYS A 26 7.26 0.59 5.74
N CYS A 27 6.19 -0.02 5.21
CA CYS A 27 5.60 -1.21 5.73
C CYS A 27 5.62 -2.31 4.70
N PHE A 28 6.25 -3.42 5.13
CA PHE A 28 6.32 -4.64 4.35
C PHE A 28 5.09 -5.45 4.69
N VAL A 29 4.31 -5.81 3.69
CA VAL A 29 3.10 -6.56 3.97
C VAL A 29 3.35 -8.04 3.71
N SER A 30 2.74 -8.83 4.61
CA SER A 30 2.90 -10.30 4.73
C SER A 30 3.42 -11.00 3.49
N ALA A 31 4.71 -11.34 3.62
CA ALA A 31 5.48 -12.05 2.60
C ALA A 31 5.19 -13.54 2.70
N SER A 32 4.73 -13.94 3.89
CA SER A 32 4.26 -15.30 4.20
C SER A 32 5.35 -16.29 4.63
N ASN A 33 6.24 -16.68 3.71
CA ASN A 33 7.31 -17.65 4.00
C ASN A 33 8.54 -16.88 4.41
N MET A 34 8.52 -15.60 4.04
CA MET A 34 9.57 -14.67 4.37
C MET A 34 9.24 -14.03 5.72
N ARG A 35 7.95 -13.75 5.89
CA ARG A 35 7.42 -13.16 7.10
C ARG A 35 6.27 -14.02 7.61
N ASN A 36 6.42 -14.40 8.87
CA ASN A 36 5.46 -15.25 9.58
C ASN A 36 5.88 -15.34 11.06
N ALA A 37 7.19 -15.18 11.31
CA ALA A 37 7.74 -15.21 12.66
C ALA A 37 7.73 -13.82 13.31
N ALA A 38 8.01 -12.77 12.51
CA ALA A 38 8.01 -11.41 13.05
C ALA A 38 6.68 -10.70 12.82
N GLY A 39 6.21 -10.68 11.56
CA GLY A 39 4.91 -10.09 11.25
C GLY A 39 4.75 -8.63 11.66
N GLN A 40 5.86 -7.96 11.95
CA GLN A 40 5.83 -6.57 12.37
C GLN A 40 5.72 -5.65 11.17
N PHE A 41 4.47 -5.47 10.76
CA PHE A 41 4.09 -4.67 9.63
C PHE A 41 2.86 -3.83 9.96
N ILE A 42 1.97 -4.42 10.79
CA ILE A 42 0.74 -3.78 11.24
C ILE A 42 1.01 -2.45 11.95
N GLU A 43 2.25 -2.26 12.44
CA GLU A 43 2.62 -1.03 13.13
C GLU A 43 2.58 0.18 12.17
N ALA A 44 3.42 0.15 11.11
CA ALA A 44 3.43 1.24 10.13
C ALA A 44 2.15 1.25 9.28
N ALA A 45 1.55 0.06 9.07
CA ALA A 45 0.32 -0.06 8.30
C ALA A 45 -0.85 0.66 9.01
N TYR A 46 -0.90 0.50 10.35
CA TYR A 46 -1.93 1.14 11.17
C TYR A 46 -1.65 2.64 11.31
N ALA A 47 -0.36 2.98 11.44
CA ALA A 47 0.08 4.38 11.57
C ALA A 47 -0.20 5.20 10.31
N LYS A 48 0.11 4.61 9.13
CA LYS A 48 -0.12 5.29 7.86
C LYS A 48 -1.60 5.33 7.51
N ALA A 49 -2.30 4.21 7.74
CA ALA A 49 -3.76 4.15 7.54
C ALA A 49 -4.43 5.25 8.39
N LEU A 50 -3.92 5.41 9.62
CA LEU A 50 -4.38 6.44 10.54
C LEU A 50 -3.96 7.82 10.01
N ARG A 51 -2.79 7.87 9.34
CA ARG A 51 -2.29 9.11 8.73
C ARG A 51 -3.17 9.48 7.53
N ILE A 52 -3.79 8.46 6.90
CA ILE A 52 -4.73 8.67 5.80
C ILE A 52 -6.00 9.25 6.42
N GLU A 53 -6.28 8.80 7.65
CA GLU A 53 -7.41 9.29 8.45
C GLU A 53 -7.06 10.65 9.05
N LEU A 54 -5.75 10.99 9.08
CA LEU A 54 -5.29 12.30 9.54
C LEU A 54 -5.43 13.29 8.40
N ALA A 55 -5.24 12.75 7.20
CA ALA A 55 -5.36 13.48 5.92
C ALA A 55 -6.67 14.26 5.82
N GLN A 56 -7.59 13.89 6.71
CA GLN A 56 -8.90 14.48 6.82
C GLN A 56 -8.97 15.47 7.96
N LEU A 57 -7.82 16.09 8.25
CA LEU A 57 -7.72 17.11 9.30
C LEU A 57 -8.66 18.26 9.02
N VAL A 58 -9.88 17.99 9.38
CA VAL A 58 -10.91 18.97 9.32
C VAL A 58 -10.79 19.71 10.64
N GLN A 59 -10.16 18.98 11.62
CA GLN A 59 -9.91 19.53 12.96
C GLN A 59 -8.88 18.75 13.82
N VAL A 60 -9.10 17.44 14.02
CA VAL A 60 -8.22 16.62 14.90
C VAL A 60 -7.54 15.45 14.20
N ASP A 61 -8.03 15.10 13.02
CA ASP A 61 -7.53 13.94 12.29
C ASP A 61 -6.00 13.95 12.15
N LYS A 62 -5.42 15.06 11.66
CA LYS A 62 -3.94 15.18 11.53
C LYS A 62 -3.21 14.80 12.83
N VAL A 63 -3.80 15.18 13.98
CA VAL A 63 -3.19 14.93 15.29
C VAL A 63 -3.19 13.44 15.63
N ARG A 64 -4.32 12.79 15.37
CA ARG A 64 -4.45 11.36 15.67
C ARG A 64 -3.49 10.53 14.78
N GLY A 65 -3.39 10.92 13.49
CA GLY A 65 -2.50 10.24 12.57
C GLY A 65 -1.03 10.48 12.86
N THR A 66 -0.68 11.68 13.36
CA THR A 66 0.72 12.00 13.70
C THR A 66 1.16 11.17 14.92
N LEU A 67 0.25 11.03 15.91
CA LEU A 67 0.52 10.22 17.11
C LEU A 67 0.67 8.73 16.74
N ALA A 68 -0.16 8.28 15.77
CA ALA A 68 -0.12 6.90 15.28
C ALA A 68 1.18 6.66 14.51
N LYS A 69 1.55 7.68 13.72
CA LYS A 69 2.76 7.70 12.92
C LYS A 69 3.98 7.43 13.79
N LEU A 70 4.11 8.19 14.89
CA LEU A 70 5.21 8.03 15.84
C LEU A 70 5.12 6.64 16.50
N GLU A 71 3.87 6.27 16.90
CA GLU A 71 3.56 5.00 17.55
C GLU A 71 4.24 3.84 16.82
N ALA A 72 4.21 3.90 15.49
CA ALA A 72 4.84 2.91 14.65
C ALA A 72 6.28 3.31 14.32
N PHE A 73 6.48 4.58 13.95
CA PHE A 73 7.79 5.14 13.57
C PHE A 73 8.90 4.87 14.60
N ALA A 74 8.52 4.26 15.73
CA ALA A 74 9.44 3.91 16.82
C ALA A 74 10.80 3.32 16.37
N ASP A 75 10.85 2.13 15.75
CA ASP A 75 12.15 1.55 15.35
C ASP A 75 12.20 0.92 13.96
N THR A 76 11.47 -0.19 13.79
CA THR A 76 11.48 -0.95 12.53
C THR A 76 10.24 -0.63 11.72
N VAL A 77 9.83 0.63 11.85
CA VAL A 77 8.65 1.18 11.21
C VAL A 77 8.79 2.71 11.10
N ALA A 78 10.07 3.13 11.01
CA ALA A 78 10.46 4.54 10.92
C ALA A 78 10.68 4.98 9.45
N PRO A 79 11.31 6.18 9.14
CA PRO A 79 11.54 6.63 7.73
C PRO A 79 12.26 5.60 6.85
N GLN A 80 11.48 4.61 6.39
CA GLN A 80 11.99 3.55 5.51
C GLN A 80 11.04 3.41 4.31
N LEU A 81 11.18 4.34 3.35
CA LEU A 81 10.29 4.37 2.17
C LEU A 81 10.90 5.11 0.97
N SER A 82 10.18 5.07 -0.16
CA SER A 82 10.58 5.73 -1.40
C SER A 82 9.90 7.12 -1.49
N PRO A 83 10.28 8.00 -2.49
CA PRO A 83 9.71 9.38 -2.63
C PRO A 83 8.19 9.52 -2.49
N GLY A 84 7.40 8.57 -3.03
CA GLY A 84 5.97 8.69 -2.92
C GLY A 84 5.17 7.63 -3.66
N ASP A 85 3.83 7.64 -3.43
CA ASP A 85 2.85 6.70 -4.04
C ASP A 85 3.29 5.21 -4.01
N ILE A 86 3.62 4.70 -2.81
CA ILE A 86 4.03 3.29 -2.65
C ILE A 86 3.66 2.68 -1.28
N VAL A 87 3.41 1.35 -1.29
CA VAL A 87 3.12 0.52 -0.09
C VAL A 87 3.71 -0.91 -0.34
N VAL A 88 4.44 -1.51 0.64
CA VAL A 88 5.04 -2.85 0.41
C VAL A 88 4.09 -4.00 0.76
N ALA A 89 3.88 -4.90 -0.22
CA ALA A 89 3.05 -6.10 -0.07
C ALA A 89 3.60 -7.22 -0.96
N LEU A 90 4.20 -8.24 -0.35
CA LEU A 90 4.76 -9.37 -1.11
C LEU A 90 4.26 -10.71 -0.59
N GLY A 91 3.96 -11.64 -1.50
CA GLY A 91 3.50 -12.97 -1.11
C GLY A 91 2.07 -13.00 -0.59
N HIS A 92 1.88 -13.49 0.63
CA HIS A 92 0.54 -13.57 1.26
C HIS A 92 0.00 -12.17 1.52
N THR A 93 -0.66 -11.66 0.50
CA THR A 93 -1.19 -10.30 0.52
C THR A 93 -2.69 -10.32 0.20
N PRO A 94 -3.53 -9.46 0.86
CA PRO A 94 -5.00 -9.43 0.67
C PRO A 94 -5.46 -9.07 -0.76
N VAL A 95 -5.24 -10.02 -1.68
CA VAL A 95 -5.63 -9.88 -3.11
C VAL A 95 -5.48 -11.21 -3.84
N GLY A 96 -4.23 -11.59 -4.15
CA GLY A 96 -3.95 -12.86 -4.83
C GLY A 96 -4.36 -12.90 -6.29
N GLY A 97 -5.01 -14.01 -6.65
CA GLY A 97 -5.45 -14.23 -8.03
C GLY A 97 -4.39 -14.99 -8.83
N ILE A 98 -3.14 -14.69 -8.51
CA ILE A 98 -1.97 -15.30 -9.12
C ILE A 98 -1.30 -16.24 -8.08
N PHE A 99 -0.26 -16.99 -8.48
CA PHE A 99 0.43 -17.90 -7.56
C PHE A 99 1.96 -17.76 -7.66
N ASP A 100 2.52 -16.87 -6.83
CA ASP A 100 3.97 -16.62 -6.75
C ASP A 100 4.34 -15.99 -5.41
N LEU A 101 5.25 -16.63 -4.68
CA LEU A 101 5.72 -16.11 -3.40
C LEU A 101 7.21 -15.80 -3.48
N LYS A 102 7.57 -14.55 -3.21
CA LYS A 102 8.98 -14.15 -3.23
C LYS A 102 9.63 -14.31 -1.85
N VAL A 103 10.57 -15.26 -1.75
CA VAL A 103 11.31 -15.51 -0.52
C VAL A 103 12.75 -15.96 -0.86
N GLY A 104 13.64 -14.97 -1.10
CA GLY A 104 15.04 -15.23 -1.43
C GLY A 104 15.25 -16.16 -2.61
N SER A 105 15.57 -17.43 -2.32
CA SER A 105 15.78 -18.45 -3.34
C SER A 105 14.43 -18.95 -3.90
N THR A 106 13.39 -18.20 -3.53
CA THR A 106 12.02 -18.45 -3.93
C THR A 106 11.38 -17.11 -4.29
N LYS A 107 12.23 -16.22 -4.80
CA LYS A 107 11.85 -14.86 -5.17
C LYS A 107 10.92 -14.81 -6.40
N HIS A 108 9.60 -14.94 -6.14
CA HIS A 108 8.57 -14.89 -7.19
C HIS A 108 7.33 -14.22 -6.58
N THR A 109 7.08 -12.98 -6.95
CA THR A 109 5.95 -12.22 -6.36
C THR A 109 4.61 -12.33 -7.07
N LEU A 110 3.57 -12.59 -6.26
CA LEU A 110 2.18 -12.59 -6.72
C LEU A 110 1.47 -11.39 -6.05
N GLN A 111 1.36 -10.25 -6.73
CA GLN A 111 0.69 -9.10 -6.10
C GLN A 111 -0.09 -8.26 -7.10
N ALA A 112 -1.39 -8.56 -7.17
CA ALA A 112 -2.33 -7.88 -8.04
C ALA A 112 -3.35 -7.06 -7.23
N ILE A 113 -3.18 -5.74 -7.24
CA ILE A 113 -4.11 -4.87 -6.50
C ILE A 113 -4.94 -4.00 -7.45
N GLU A 114 -4.32 -3.01 -8.13
CA GLU A 114 -5.07 -2.09 -9.04
C GLU A 114 -4.06 -1.19 -9.79
N THR A 115 -4.56 -0.21 -10.56
CA THR A 115 -3.68 0.75 -11.22
C THR A 115 -4.02 2.16 -10.71
N ARG A 116 -3.51 2.45 -9.51
CA ARG A 116 -3.70 3.75 -8.85
C ARG A 116 -2.38 4.26 -8.28
N VAL A 117 -1.96 5.46 -8.69
CA VAL A 117 -0.70 6.04 -8.22
C VAL A 117 -0.87 7.49 -7.71
N LEU A 118 -1.11 7.70 -6.41
CA LEU A 118 -1.20 9.07 -5.89
C LEU A 118 0.03 9.35 -5.03
N ALA A 119 0.87 10.31 -5.49
CA ALA A 119 2.12 10.69 -4.81
C ALA A 119 1.91 11.09 -3.35
N GLY A 120 2.41 10.23 -2.45
CA GLY A 120 2.27 10.49 -1.02
C GLY A 120 0.99 9.90 -0.48
N SER A 121 0.13 9.47 -1.40
CA SER A 121 -1.14 8.86 -1.10
C SER A 121 -1.10 7.40 -1.57
N LYS A 122 -2.25 6.73 -1.57
CA LYS A 122 -2.35 5.32 -1.90
C LYS A 122 -2.00 5.00 -3.34
N MET A 123 -1.44 3.81 -3.50
CA MET A 123 -1.03 3.28 -4.79
C MET A 123 -1.22 1.77 -4.81
N THR A 124 -2.00 1.34 -5.78
CA THR A 124 -2.26 -0.07 -5.98
C THR A 124 -1.73 -0.45 -7.36
N VAL A 125 -0.95 -1.54 -7.41
CA VAL A 125 -0.35 -1.99 -8.68
C VAL A 125 -0.53 -3.50 -8.94
N ALA A 126 -0.49 -3.86 -10.22
CA ALA A 126 -0.57 -5.25 -10.63
C ALA A 126 0.82 -5.71 -11.04
N ARG A 127 1.45 -6.55 -10.20
CA ARG A 127 2.81 -7.02 -10.47
C ARG A 127 3.06 -8.44 -9.99
N VAL A 128 3.48 -9.28 -10.93
CA VAL A 128 3.84 -10.67 -10.66
C VAL A 128 5.27 -10.93 -11.12
N VAL A 129 6.19 -11.08 -10.15
CA VAL A 129 7.60 -11.35 -10.46
C VAL A 129 7.79 -12.88 -10.54
N ASP A 130 7.84 -13.37 -11.78
CA ASP A 130 8.00 -14.80 -12.08
C ASP A 130 9.16 -15.03 -13.06
N PRO A 131 9.72 -16.29 -13.17
CA PRO A 131 10.83 -16.58 -14.11
C PRO A 131 10.45 -16.51 -15.60
N THR A 132 9.15 -16.28 -15.88
CA THR A 132 8.66 -16.19 -17.26
C THR A 132 8.70 -14.74 -17.77
N PRO A 133 9.26 -14.49 -19.00
CA PRO A 133 9.35 -13.13 -19.57
C PRO A 133 8.01 -12.59 -20.08
N THR A 134 7.30 -13.42 -20.86
CA THR A 134 6.00 -13.04 -21.45
C THR A 134 4.88 -12.97 -20.39
N PRO A 135 4.18 -11.80 -20.26
CA PRO A 135 3.09 -11.63 -19.29
C PRO A 135 1.76 -12.29 -19.73
N PRO A 136 0.72 -12.39 -18.84
CA PRO A 136 -0.59 -13.01 -19.21
C PRO A 136 -1.34 -12.24 -20.30
N PRO A 137 -2.32 -12.89 -21.02
CA PRO A 137 -3.10 -12.23 -22.08
C PRO A 137 -4.08 -11.15 -21.58
N ALA A 138 -4.24 -11.06 -20.27
CA ALA A 138 -5.14 -10.07 -19.67
C ALA A 138 -4.35 -8.88 -19.11
N PRO A 139 -4.83 -7.60 -19.32
CA PRO A 139 -4.14 -6.39 -18.81
C PRO A 139 -3.93 -6.40 -17.29
N VAL A 140 -5.02 -6.56 -16.52
CA VAL A 140 -4.95 -6.59 -15.06
C VAL A 140 -5.68 -7.83 -14.51
N PRO A 141 -4.94 -8.94 -14.17
CA PRO A 141 -5.56 -10.17 -13.63
C PRO A 141 -6.07 -9.99 -12.20
N ILE A 142 -7.35 -9.61 -12.07
CA ILE A 142 -7.98 -9.41 -10.77
C ILE A 142 -9.32 -10.17 -10.72
N PRO A 143 -9.35 -11.39 -10.10
CA PRO A 143 -10.58 -12.21 -10.01
C PRO A 143 -11.52 -11.80 -8.85
N LEU A 144 -11.17 -10.71 -8.15
CA LEU A 144 -11.98 -10.21 -7.03
C LEU A 144 -13.12 -9.28 -7.53
N PRO A 145 -12.85 -8.25 -8.41
CA PRO A 145 -13.90 -7.35 -8.91
C PRO A 145 -14.76 -8.00 -10.02
N PRO A 146 -15.91 -7.38 -10.45
CA PRO A 146 -16.77 -7.93 -11.52
C PRO A 146 -16.13 -7.83 -12.93
N LYS A 147 -14.95 -7.21 -13.00
CA LYS A 147 -14.23 -7.02 -14.26
C LYS A 147 -13.03 -7.97 -14.36
N VAL A 148 -12.56 -8.18 -15.59
CA VAL A 148 -11.42 -9.06 -15.85
C VAL A 148 -10.12 -8.25 -16.04
N LEU A 149 -10.25 -7.05 -16.64
CA LEU A 149 -9.11 -6.16 -16.88
C LEU A 149 -9.13 -4.98 -15.89
N GLU A 150 -9.62 -5.25 -14.67
CA GLU A 150 -9.78 -4.24 -13.59
C GLU A 150 -11.12 -3.52 -13.74
N GLY A 1 -14.35 20.33 -6.82
CA GLY A 1 -14.86 20.89 -5.54
C GLY A 1 -13.84 20.78 -4.42
N SER A 2 -14.29 20.28 -3.27
CA SER A 2 -13.43 20.10 -2.08
C SER A 2 -13.80 18.82 -1.34
N LEU A 3 -12.76 17.99 -1.06
CA LEU A 3 -12.91 16.71 -0.34
C LEU A 3 -13.82 15.71 -1.07
N THR A 4 -13.78 15.75 -2.41
CA THR A 4 -14.57 14.85 -3.27
C THR A 4 -13.96 14.76 -4.67
N GLY A 5 -13.18 13.70 -4.89
CA GLY A 5 -12.54 13.49 -6.19
C GLY A 5 -12.51 12.03 -6.61
N ALA A 6 -11.30 11.52 -6.88
CA ALA A 6 -11.12 10.14 -7.31
C ALA A 6 -10.41 9.28 -6.24
N LEU A 7 -10.00 9.91 -5.14
CA LEU A 7 -9.33 9.22 -4.04
C LEU A 7 -10.34 8.88 -2.96
N ALA A 8 -11.33 8.04 -3.32
CA ALA A 8 -12.43 7.64 -2.40
C ALA A 8 -13.20 8.90 -1.95
N MET A 9 -13.19 9.91 -2.85
CA MET A 9 -13.82 11.23 -2.65
C MET A 9 -13.00 12.10 -1.67
N ARG A 10 -11.67 12.09 -1.84
CA ARG A 10 -10.74 12.88 -0.98
C ARG A 10 -9.46 13.29 -1.72
N LEU A 11 -9.42 13.04 -3.04
CA LEU A 11 -8.27 13.39 -3.91
C LEU A 11 -7.97 14.90 -3.88
N ASN A 12 -8.88 15.69 -3.31
CA ASN A 12 -8.70 17.15 -3.22
C ASN A 12 -7.51 17.48 -2.34
N ASP A 13 -6.89 18.58 -2.74
CA ASP A 13 -5.69 19.15 -2.12
C ASP A 13 -5.68 19.16 -0.58
N GLU A 14 -6.85 19.17 0.08
CA GLU A 14 -6.89 19.17 1.55
C GLU A 14 -6.49 17.80 2.09
N ASP A 15 -7.14 16.78 1.56
CA ASP A 15 -6.93 15.41 2.00
C ASP A 15 -5.72 14.84 1.29
N LEU A 16 -5.42 15.40 0.12
CA LEU A 16 -4.28 14.99 -0.69
C LEU A 16 -2.98 15.48 -0.08
N ASP A 17 -3.00 16.72 0.43
CA ASP A 17 -1.84 17.30 1.11
C ASP A 17 -1.63 16.58 2.45
N PHE A 18 -2.71 16.56 3.26
CA PHE A 18 -2.66 15.88 4.54
C PHE A 18 -2.52 14.35 4.35
N LEU A 19 -2.82 13.89 3.12
CA LEU A 19 -2.64 12.47 2.71
C LEU A 19 -1.21 12.26 2.20
N THR A 20 -0.65 13.33 1.59
CA THR A 20 0.69 13.29 0.99
C THR A 20 1.81 13.38 2.02
N LYS A 21 1.47 13.80 3.26
CA LYS A 21 2.43 13.90 4.38
C LYS A 21 3.53 12.82 4.38
N TRP A 22 3.16 11.60 3.93
CA TRP A 22 4.08 10.45 3.89
C TRP A 22 3.48 9.32 3.02
N THR A 23 4.25 8.24 2.84
CA THR A 23 3.84 7.09 2.02
C THR A 23 3.21 6.00 2.87
N ASP A 24 3.17 4.78 2.32
CA ASP A 24 2.63 3.61 3.02
C ASP A 24 3.51 2.39 2.73
N PHE A 25 4.71 2.64 2.19
CA PHE A 25 5.65 1.58 1.83
C PHE A 25 6.88 1.59 2.74
N LYS A 26 6.56 1.57 4.02
CA LYS A 26 7.52 1.41 5.10
C LYS A 26 7.00 0.22 5.90
N CYS A 27 5.88 -0.31 5.38
CA CYS A 27 5.18 -1.43 5.94
C CYS A 27 5.07 -2.54 4.90
N PHE A 28 5.57 -3.70 5.32
CA PHE A 28 5.54 -4.92 4.52
C PHE A 28 4.30 -5.72 4.86
N VAL A 29 3.51 -6.02 3.84
CA VAL A 29 2.28 -6.77 4.06
C VAL A 29 2.53 -8.24 3.68
N SER A 30 1.92 -9.10 4.52
CA SER A 30 2.06 -10.57 4.53
C SER A 30 2.59 -11.22 3.26
N ALA A 31 3.90 -11.51 3.32
CA ALA A 31 4.63 -12.19 2.26
C ALA A 31 4.37 -13.68 2.35
N SER A 32 4.24 -14.16 3.61
CA SER A 32 3.85 -15.55 3.94
C SER A 32 5.01 -16.42 4.46
N ASN A 33 5.99 -16.70 3.60
CA ASN A 33 7.13 -17.52 3.98
C ASN A 33 8.27 -16.62 4.41
N MET A 34 8.12 -15.36 4.00
CA MET A 34 9.04 -14.30 4.32
C MET A 34 8.54 -13.63 5.62
N ARG A 35 7.21 -13.50 5.72
CA ARG A 35 6.57 -12.91 6.88
C ARG A 35 5.67 -13.97 7.48
N ASN A 36 5.90 -14.24 8.76
CA ASN A 36 5.14 -15.25 9.52
C ASN A 36 5.73 -15.43 10.93
N ALA A 37 7.02 -15.04 11.11
CA ALA A 37 7.70 -15.19 12.39
C ALA A 37 7.53 -13.97 13.32
N ALA A 38 7.95 -12.77 12.87
CA ALA A 38 7.85 -11.56 13.71
C ALA A 38 6.53 -10.82 13.47
N GLY A 39 6.20 -10.54 12.21
CA GLY A 39 4.95 -9.88 11.86
C GLY A 39 4.85 -8.44 12.30
N GLN A 40 6.01 -7.80 12.56
CA GLN A 40 6.00 -6.41 12.97
C GLN A 40 6.00 -5.49 11.76
N PHE A 41 4.79 -5.32 11.26
CA PHE A 41 4.49 -4.49 10.09
C PHE A 41 3.24 -3.65 10.37
N ILE A 42 2.31 -4.23 11.17
CA ILE A 42 1.06 -3.58 11.57
C ILE A 42 1.32 -2.26 12.29
N GLU A 43 2.55 -2.07 12.82
CA GLU A 43 2.92 -0.83 13.49
C GLU A 43 2.82 0.35 12.51
N ALA A 44 3.63 0.31 11.42
CA ALA A 44 3.59 1.36 10.40
C ALA A 44 2.27 1.33 9.62
N ALA A 45 1.68 0.13 9.45
CA ALA A 45 0.40 -0.02 8.75
C ALA A 45 -0.71 0.74 9.47
N TYR A 46 -0.73 0.63 10.81
CA TYR A 46 -1.72 1.30 11.66
C TYR A 46 -1.44 2.80 11.73
N ALA A 47 -0.15 3.16 11.79
CA ALA A 47 0.29 4.56 11.85
C ALA A 47 -0.05 5.32 10.56
N LYS A 48 0.26 4.72 9.41
CA LYS A 48 0.01 5.34 8.11
C LYS A 48 -1.49 5.35 7.80
N ALA A 49 -2.19 4.25 8.14
CA ALA A 49 -3.65 4.19 7.98
C ALA A 49 -4.28 5.33 8.80
N LEU A 50 -3.72 5.53 10.02
CA LEU A 50 -4.14 6.60 10.92
C LEU A 50 -3.73 7.96 10.34
N ARG A 51 -2.63 7.97 9.56
CA ARG A 51 -2.16 9.20 8.89
C ARG A 51 -3.06 9.51 7.70
N ILE A 52 -3.62 8.46 7.08
CA ILE A 52 -4.57 8.61 5.96
C ILE A 52 -5.87 9.17 6.55
N GLU A 53 -6.11 8.82 7.83
CA GLU A 53 -7.25 9.33 8.58
C GLU A 53 -6.92 10.72 9.12
N LEU A 54 -5.62 11.03 9.29
CA LEU A 54 -5.17 12.37 9.69
C LEU A 54 -5.35 13.32 8.51
N ALA A 55 -5.19 12.74 7.32
CA ALA A 55 -5.35 13.43 6.03
C ALA A 55 -6.68 14.20 5.94
N GLN A 56 -7.56 13.86 6.86
CA GLN A 56 -8.88 14.45 6.99
C GLN A 56 -8.94 15.47 8.11
N LEU A 57 -7.78 16.10 8.37
CA LEU A 57 -7.67 17.14 9.39
C LEU A 57 -8.64 18.26 9.13
N VAL A 58 -9.85 17.98 9.52
CA VAL A 58 -10.91 18.93 9.48
C VAL A 58 -10.75 19.69 10.79
N GLN A 59 -10.08 19.00 11.76
CA GLN A 59 -9.80 19.58 13.09
C GLN A 59 -8.73 18.84 13.92
N VAL A 60 -8.91 17.52 14.15
CA VAL A 60 -7.99 16.74 15.01
C VAL A 60 -7.30 15.57 14.30
N ASP A 61 -7.82 15.20 13.15
CA ASP A 61 -7.29 14.06 12.40
C ASP A 61 -5.77 14.11 12.22
N LYS A 62 -5.25 15.23 11.70
CA LYS A 62 -3.77 15.37 11.50
C LYS A 62 -2.98 15.03 12.79
N VAL A 63 -3.56 15.36 13.95
CA VAL A 63 -2.88 15.14 15.24
C VAL A 63 -2.87 13.66 15.63
N ARG A 64 -4.01 13.00 15.43
CA ARG A 64 -4.11 11.57 15.76
C ARG A 64 -3.16 10.74 14.88
N GLY A 65 -3.07 11.14 13.59
CA GLY A 65 -2.20 10.46 12.65
C GLY A 65 -0.73 10.71 12.91
N THR A 66 -0.38 11.95 13.34
CA THR A 66 1.02 12.28 13.64
C THR A 66 1.52 11.48 14.88
N LEU A 67 0.64 11.36 15.89
CA LEU A 67 0.96 10.60 17.12
C LEU A 67 1.11 9.11 16.82
N ALA A 68 0.23 8.59 15.93
CA ALA A 68 0.27 7.18 15.51
C ALA A 68 1.53 6.94 14.67
N LYS A 69 1.83 7.93 13.83
CA LYS A 69 2.99 7.94 12.95
C LYS A 69 4.27 7.72 13.76
N LEU A 70 4.44 8.52 14.82
CA LEU A 70 5.60 8.39 15.70
C LEU A 70 5.58 7.02 16.41
N GLU A 71 4.37 6.66 16.88
CA GLU A 71 4.12 5.38 17.59
C GLU A 71 4.77 4.21 16.83
N ALA A 72 4.65 4.24 15.51
CA ALA A 72 5.25 3.23 14.65
C ALA A 72 6.65 3.64 14.21
N PHE A 73 6.82 4.91 13.84
CA PHE A 73 8.10 5.47 13.36
C PHE A 73 9.25 5.26 14.38
N ALA A 74 8.91 4.64 15.52
CA ALA A 74 9.87 4.31 16.58
C ALA A 74 11.22 3.77 16.08
N ASP A 75 11.28 2.57 15.48
CA ASP A 75 12.58 2.03 15.02
C ASP A 75 12.57 1.34 13.65
N THR A 76 11.90 0.20 13.57
CA THR A 76 11.87 -0.60 12.34
C THR A 76 10.55 -0.41 11.62
N VAL A 77 10.09 0.84 11.68
CA VAL A 77 8.82 1.24 11.08
C VAL A 77 8.84 2.76 10.84
N ALA A 78 9.98 3.26 10.30
CA ALA A 78 10.16 4.70 10.06
C ALA A 78 10.98 5.02 8.78
N PRO A 79 12.30 4.62 8.68
CA PRO A 79 13.15 4.96 7.53
C PRO A 79 13.25 3.86 6.46
N GLN A 80 12.11 3.24 6.15
CA GLN A 80 12.09 2.16 5.15
C GLN A 80 10.99 2.40 4.11
N LEU A 81 11.27 3.29 3.13
CA LEU A 81 10.29 3.65 2.08
C LEU A 81 10.94 4.29 0.85
N SER A 82 10.09 4.52 -0.17
CA SER A 82 10.49 5.16 -1.43
C SER A 82 9.94 6.61 -1.48
N PRO A 83 10.34 7.46 -2.49
CA PRO A 83 9.89 8.88 -2.60
C PRO A 83 8.38 9.16 -2.48
N GLY A 84 7.52 8.28 -2.99
CA GLY A 84 6.09 8.55 -2.88
C GLY A 84 5.20 7.49 -3.54
N ASP A 85 3.87 7.56 -3.24
CA ASP A 85 2.81 6.64 -3.78
C ASP A 85 3.20 5.15 -3.77
N ILE A 86 3.50 4.61 -2.58
CA ILE A 86 3.87 3.19 -2.43
C ILE A 86 3.46 2.58 -1.07
N VAL A 87 3.12 1.27 -1.10
CA VAL A 87 2.78 0.45 0.09
C VAL A 87 3.26 -1.02 -0.17
N VAL A 88 3.91 -1.69 0.83
CA VAL A 88 4.41 -3.06 0.59
C VAL A 88 3.35 -4.14 0.91
N ALA A 89 3.06 -4.99 -0.10
CA ALA A 89 2.14 -6.13 0.01
C ALA A 89 2.62 -7.22 -0.94
N LEU A 90 3.36 -8.20 -0.39
CA LEU A 90 3.92 -9.27 -1.23
C LEU A 90 3.59 -10.65 -0.70
N GLY A 91 3.45 -11.62 -1.61
CA GLY A 91 3.17 -13.01 -1.24
C GLY A 91 1.71 -13.24 -0.85
N HIS A 92 1.51 -13.81 0.35
CA HIS A 92 0.14 -14.07 0.88
C HIS A 92 -0.58 -12.75 1.14
N THR A 93 -1.07 -12.20 0.06
CA THR A 93 -1.75 -10.91 0.06
C THR A 93 -3.06 -11.04 -0.76
N PRO A 94 -4.26 -11.10 -0.09
CA PRO A 94 -5.56 -11.29 -0.78
C PRO A 94 -5.93 -10.14 -1.74
N VAL A 95 -5.39 -10.23 -2.96
CA VAL A 95 -5.62 -9.24 -4.03
C VAL A 95 -5.21 -9.79 -5.40
N GLY A 96 -4.14 -10.60 -5.41
CA GLY A 96 -3.64 -11.19 -6.65
C GLY A 96 -4.16 -12.58 -6.90
N GLY A 97 -4.75 -12.76 -8.09
CA GLY A 97 -5.28 -14.06 -8.51
C GLY A 97 -4.19 -14.90 -9.17
N ILE A 98 -2.96 -14.39 -9.07
CA ILE A 98 -1.77 -15.01 -9.62
C ILE A 98 -1.16 -15.97 -8.56
N PHE A 99 -0.12 -16.74 -8.94
CA PHE A 99 0.52 -17.68 -8.01
C PHE A 99 2.06 -17.56 -8.07
N ASP A 100 2.60 -16.69 -7.20
CA ASP A 100 4.05 -16.47 -7.07
C ASP A 100 4.37 -15.89 -5.69
N LEU A 101 5.25 -16.57 -4.94
CA LEU A 101 5.65 -16.09 -3.62
C LEU A 101 7.14 -15.74 -3.63
N LYS A 102 7.45 -14.49 -3.32
CA LYS A 102 8.84 -14.06 -3.27
C LYS A 102 9.44 -14.19 -1.87
N VAL A 103 10.41 -15.09 -1.73
CA VAL A 103 11.11 -15.31 -0.48
C VAL A 103 12.59 -15.62 -0.77
N GLY A 104 13.38 -14.54 -0.96
CA GLY A 104 14.81 -14.65 -1.24
C GLY A 104 15.17 -15.57 -2.39
N SER A 105 15.61 -16.80 -2.07
CA SER A 105 15.98 -17.80 -3.08
C SER A 105 14.71 -18.42 -3.69
N THR A 106 13.59 -17.76 -3.42
CA THR A 106 12.27 -18.13 -3.90
C THR A 106 11.54 -16.85 -4.28
N LYS A 107 12.32 -15.87 -4.73
CA LYS A 107 11.84 -14.55 -5.07
C LYS A 107 10.95 -14.51 -6.34
N HIS A 108 9.64 -14.76 -6.13
CA HIS A 108 8.64 -14.71 -7.20
C HIS A 108 7.39 -14.06 -6.61
N THR A 109 7.14 -12.82 -6.96
CA THR A 109 6.01 -12.07 -6.36
C THR A 109 4.72 -12.07 -7.19
N LEU A 110 3.63 -12.42 -6.50
CA LEU A 110 2.28 -12.39 -7.07
C LEU A 110 1.51 -11.19 -6.46
N GLN A 111 1.47 -10.04 -7.14
CA GLN A 111 0.74 -8.90 -6.57
C GLN A 111 0.00 -8.08 -7.64
N ALA A 112 -1.27 -8.43 -7.82
CA ALA A 112 -2.15 -7.73 -8.76
C ALA A 112 -3.24 -6.99 -7.97
N ILE A 113 -3.01 -5.71 -7.71
CA ILE A 113 -3.98 -4.91 -6.96
C ILE A 113 -4.83 -4.02 -7.87
N GLU A 114 -4.21 -2.98 -8.48
CA GLU A 114 -4.96 -2.04 -9.36
C GLU A 114 -3.96 -1.09 -10.05
N THR A 115 -4.46 -0.09 -10.80
CA THR A 115 -3.57 0.90 -11.40
C THR A 115 -3.95 2.30 -10.86
N ARG A 116 -3.50 2.56 -9.63
CA ARG A 116 -3.72 3.84 -8.95
C ARG A 116 -2.44 4.32 -8.31
N VAL A 117 -1.94 5.49 -8.74
CA VAL A 117 -0.70 6.04 -8.23
C VAL A 117 -0.88 7.50 -7.77
N LEU A 118 -1.16 7.73 -6.46
CA LEU A 118 -1.26 9.10 -5.98
C LEU A 118 -0.04 9.41 -5.12
N ALA A 119 0.82 10.33 -5.63
CA ALA A 119 2.08 10.73 -4.96
C ALA A 119 1.88 11.12 -3.50
N GLY A 120 2.42 10.28 -2.59
CA GLY A 120 2.30 10.53 -1.16
C GLY A 120 1.05 9.92 -0.59
N SER A 121 0.17 9.49 -1.50
CA SER A 121 -1.08 8.86 -1.17
C SER A 121 -1.04 7.40 -1.63
N LYS A 122 -2.19 6.73 -1.60
CA LYS A 122 -2.30 5.32 -1.92
C LYS A 122 -1.98 5.00 -3.38
N MET A 123 -1.45 3.79 -3.56
CA MET A 123 -1.08 3.28 -4.87
C MET A 123 -1.23 1.76 -4.92
N THR A 124 -2.02 1.32 -5.89
CA THR A 124 -2.25 -0.08 -6.15
C THR A 124 -1.69 -0.39 -7.53
N VAL A 125 -0.88 -1.46 -7.63
CA VAL A 125 -0.24 -1.82 -8.90
C VAL A 125 -0.35 -3.32 -9.27
N ALA A 126 -0.25 -3.61 -10.56
CA ALA A 126 -0.28 -4.99 -11.04
C ALA A 126 1.13 -5.42 -11.42
N ARG A 127 1.72 -6.28 -10.56
CA ARG A 127 3.09 -6.76 -10.77
C ARG A 127 3.30 -8.20 -10.29
N VAL A 128 3.77 -9.04 -11.22
CA VAL A 128 4.10 -10.43 -10.92
C VAL A 128 5.56 -10.71 -11.28
N VAL A 129 6.42 -10.78 -10.24
CA VAL A 129 7.85 -11.05 -10.44
C VAL A 129 8.07 -12.56 -10.53
N ASP A 130 8.30 -13.03 -11.77
CA ASP A 130 8.51 -14.45 -12.07
C ASP A 130 9.84 -14.65 -12.84
N PRO A 131 10.43 -15.90 -12.84
CA PRO A 131 11.71 -16.16 -13.55
C PRO A 131 11.60 -16.04 -15.08
N THR A 132 10.45 -16.43 -15.63
CA THR A 132 10.22 -16.37 -17.07
C THR A 132 9.42 -15.12 -17.47
N PRO A 133 10.09 -14.02 -17.94
CA PRO A 133 9.38 -12.82 -18.37
C PRO A 133 8.86 -12.94 -19.79
N THR A 134 7.55 -13.05 -19.87
CA THR A 134 6.83 -13.18 -21.14
C THR A 134 5.52 -12.37 -21.10
N PRO A 135 5.26 -11.48 -22.12
CA PRO A 135 4.03 -10.66 -22.16
C PRO A 135 2.77 -11.49 -22.55
N PRO A 136 1.83 -11.75 -21.58
CA PRO A 136 0.60 -12.52 -21.86
C PRO A 136 -0.43 -11.72 -22.68
N PRO A 137 -1.04 -12.34 -23.73
CA PRO A 137 -2.06 -11.66 -24.57
C PRO A 137 -3.41 -11.50 -23.90
N ALA A 138 -3.55 -12.09 -22.71
CA ALA A 138 -4.80 -12.01 -21.95
C ALA A 138 -4.74 -10.90 -20.88
N PRO A 139 -5.92 -10.42 -20.35
CA PRO A 139 -5.95 -9.35 -19.33
C PRO A 139 -5.36 -9.81 -17.97
N VAL A 140 -5.58 -9.01 -16.91
CA VAL A 140 -5.05 -9.33 -15.58
C VAL A 140 -6.17 -9.88 -14.67
N PRO A 141 -6.13 -11.20 -14.30
CA PRO A 141 -7.14 -11.81 -13.42
C PRO A 141 -7.05 -11.30 -11.97
N ILE A 142 -8.01 -10.43 -11.62
CA ILE A 142 -8.07 -9.83 -10.27
C ILE A 142 -9.51 -9.91 -9.74
N PRO A 143 -9.77 -10.67 -8.64
CA PRO A 143 -11.13 -10.82 -8.08
C PRO A 143 -11.58 -9.61 -7.25
N LEU A 144 -12.49 -8.81 -7.83
CA LEU A 144 -13.07 -7.62 -7.19
C LEU A 144 -14.51 -7.42 -7.66
N PRO A 145 -15.46 -7.01 -6.75
CA PRO A 145 -16.89 -6.80 -7.12
C PRO A 145 -17.13 -5.86 -8.35
N PRO A 146 -16.45 -4.65 -8.46
CA PRO A 146 -16.68 -3.73 -9.60
C PRO A 146 -15.89 -4.11 -10.87
N LYS A 147 -14.61 -4.49 -10.68
CA LYS A 147 -13.75 -4.87 -11.80
C LYS A 147 -13.07 -6.21 -11.57
N VAL A 148 -12.65 -6.85 -12.67
CA VAL A 148 -11.97 -8.14 -12.61
C VAL A 148 -10.64 -8.08 -13.39
N LEU A 149 -10.64 -7.40 -14.56
CA LEU A 149 -9.42 -7.25 -15.35
C LEU A 149 -8.79 -5.90 -15.02
N GLU A 150 -8.27 -5.80 -13.78
CA GLU A 150 -7.61 -4.60 -13.23
C GLU A 150 -8.46 -3.32 -13.36
N GLY A 1 -14.44 21.38 -5.78
CA GLY A 1 -15.01 21.29 -4.40
C GLY A 1 -13.96 20.99 -3.35
N SER A 2 -14.39 20.37 -2.26
CA SER A 2 -13.50 20.01 -1.16
C SER A 2 -13.65 18.54 -0.77
N LEU A 3 -12.51 17.88 -0.48
CA LEU A 3 -12.45 16.46 -0.10
C LEU A 3 -12.89 15.52 -1.24
N THR A 4 -14.21 15.46 -1.50
CA THR A 4 -14.79 14.58 -2.53
C THR A 4 -14.16 14.77 -3.92
N GLY A 5 -13.29 13.82 -4.28
CA GLY A 5 -12.62 13.86 -5.58
C GLY A 5 -12.58 12.49 -6.25
N ALA A 6 -11.41 11.84 -6.19
CA ALA A 6 -11.22 10.52 -6.81
C ALA A 6 -10.41 9.57 -5.92
N LEU A 7 -10.00 10.05 -4.73
CA LEU A 7 -9.23 9.24 -3.78
C LEU A 7 -10.11 8.98 -2.58
N ALA A 8 -11.08 8.05 -2.76
CA ALA A 8 -12.06 7.69 -1.73
C ALA A 8 -12.88 8.93 -1.32
N MET A 9 -12.99 9.89 -2.27
CA MET A 9 -13.71 11.17 -2.09
C MET A 9 -12.91 12.11 -1.19
N ARG A 10 -11.56 12.08 -1.37
CA ARG A 10 -10.63 12.92 -0.57
C ARG A 10 -9.38 13.29 -1.38
N LEU A 11 -9.42 13.07 -2.70
CA LEU A 11 -8.32 13.41 -3.62
C LEU A 11 -8.01 14.91 -3.61
N ASN A 12 -8.91 15.72 -3.03
CA ASN A 12 -8.72 17.17 -2.96
C ASN A 12 -7.49 17.51 -2.12
N ASP A 13 -6.86 18.58 -2.55
CA ASP A 13 -5.63 19.13 -1.96
C ASP A 13 -5.60 19.14 -0.42
N GLU A 14 -6.75 19.30 0.24
CA GLU A 14 -6.79 19.31 1.71
C GLU A 14 -6.39 17.94 2.28
N ASP A 15 -7.07 16.91 1.77
CA ASP A 15 -6.84 15.55 2.24
C ASP A 15 -5.66 14.94 1.52
N LEU A 16 -5.37 15.48 0.34
CA LEU A 16 -4.26 15.02 -0.49
C LEU A 16 -2.93 15.52 0.06
N ASP A 17 -2.96 16.71 0.69
CA ASP A 17 -1.77 17.29 1.32
C ASP A 17 -1.57 16.61 2.69
N PHE A 18 -2.64 16.65 3.51
CA PHE A 18 -2.61 16.01 4.82
C PHE A 18 -2.46 14.48 4.65
N LEU A 19 -2.76 14.01 3.40
CA LEU A 19 -2.56 12.61 3.00
C LEU A 19 -1.12 12.42 2.49
N THR A 20 -0.61 13.46 1.78
CA THR A 20 0.74 13.44 1.18
C THR A 20 1.86 13.45 2.23
N LYS A 21 1.50 13.80 3.48
CA LYS A 21 2.45 13.83 4.63
C LYS A 21 3.56 12.77 4.57
N TRP A 22 3.20 11.54 4.16
CA TRP A 22 4.14 10.40 4.08
C TRP A 22 3.54 9.28 3.21
N THR A 23 4.26 8.15 3.08
CA THR A 23 3.78 7.02 2.26
C THR A 23 3.46 5.82 3.13
N ASP A 24 2.94 4.75 2.52
CA ASP A 24 2.52 3.55 3.25
C ASP A 24 3.44 2.36 2.95
N PHE A 25 4.60 2.63 2.37
CA PHE A 25 5.54 1.58 2.02
C PHE A 25 6.77 1.62 2.94
N LYS A 26 6.45 1.60 4.21
CA LYS A 26 7.41 1.50 5.30
C LYS A 26 6.94 0.29 6.13
N CYS A 27 5.83 -0.28 5.63
CA CYS A 27 5.19 -1.42 6.23
C CYS A 27 5.10 -2.54 5.21
N PHE A 28 5.64 -3.70 5.63
CA PHE A 28 5.65 -4.93 4.84
C PHE A 28 4.41 -5.73 5.18
N VAL A 29 3.62 -6.06 4.18
CA VAL A 29 2.41 -6.83 4.39
C VAL A 29 2.64 -8.31 4.05
N SER A 30 2.01 -9.16 4.88
CA SER A 30 2.13 -10.64 4.91
C SER A 30 2.66 -11.35 3.67
N ALA A 31 3.99 -11.56 3.72
CA ALA A 31 4.75 -12.29 2.72
C ALA A 31 4.65 -13.78 3.01
N SER A 32 4.33 -14.08 4.29
CA SER A 32 4.06 -15.44 4.76
C SER A 32 5.31 -16.29 5.08
N ASN A 33 6.12 -16.59 4.07
CA ASN A 33 7.33 -17.41 4.25
C ASN A 33 8.50 -16.49 4.48
N MET A 34 8.26 -15.22 4.13
CA MET A 34 9.21 -14.15 4.29
C MET A 34 8.91 -13.42 5.60
N ARG A 35 7.60 -13.29 5.89
CA ARG A 35 7.11 -12.63 7.08
C ARG A 35 6.29 -13.65 7.85
N ASN A 36 6.68 -13.83 9.11
CA ASN A 36 6.04 -14.79 10.02
C ASN A 36 6.78 -14.86 11.37
N ALA A 37 8.06 -14.44 11.38
CA ALA A 37 8.90 -14.47 12.58
C ALA A 37 8.62 -13.30 13.54
N ALA A 38 8.87 -12.05 13.09
CA ALA A 38 8.64 -10.87 13.92
C ALA A 38 7.24 -10.29 13.70
N GLY A 39 6.87 -10.05 12.43
CA GLY A 39 5.56 -9.54 12.10
C GLY A 39 5.29 -8.12 12.57
N GLN A 40 6.36 -7.36 12.81
CA GLN A 40 6.20 -5.99 13.25
C GLN A 40 6.13 -5.06 12.03
N PHE A 41 4.91 -5.02 11.51
CA PHE A 41 4.54 -4.23 10.34
C PHE A 41 3.25 -3.47 10.60
N ILE A 42 2.35 -4.12 11.38
CA ILE A 42 1.04 -3.55 11.75
C ILE A 42 1.20 -2.22 12.49
N GLU A 43 2.41 -1.98 13.05
CA GLU A 43 2.70 -0.73 13.76
C GLU A 43 2.59 0.46 12.80
N ALA A 44 3.44 0.47 11.75
CA ALA A 44 3.40 1.54 10.76
C ALA A 44 2.12 1.50 9.92
N ALA A 45 1.59 0.28 9.70
CA ALA A 45 0.34 0.10 8.94
C ALA A 45 -0.82 0.82 9.62
N TYR A 46 -0.88 0.70 10.97
CA TYR A 46 -1.91 1.35 11.77
C TYR A 46 -1.66 2.86 11.87
N ALA A 47 -0.36 3.23 11.98
CA ALA A 47 0.05 4.64 12.06
C ALA A 47 -0.24 5.40 10.77
N LYS A 48 0.05 4.77 9.61
CA LYS A 48 -0.20 5.39 8.31
C LYS A 48 -1.69 5.41 7.99
N ALA A 49 -2.38 4.30 8.34
CA ALA A 49 -3.84 4.23 8.17
C ALA A 49 -4.49 5.39 8.94
N LEU A 50 -3.93 5.64 10.14
CA LEU A 50 -4.37 6.73 11.01
C LEU A 50 -3.96 8.09 10.41
N ARG A 51 -2.80 8.13 9.72
CA ARG A 51 -2.35 9.37 9.07
C ARG A 51 -3.21 9.65 7.82
N ILE A 52 -3.72 8.58 7.20
CA ILE A 52 -4.64 8.71 6.06
C ILE A 52 -5.95 9.27 6.61
N GLU A 53 -6.24 8.88 7.87
CA GLU A 53 -7.40 9.37 8.62
C GLU A 53 -7.09 10.75 9.22
N LEU A 54 -5.80 11.11 9.28
CA LEU A 54 -5.42 12.45 9.76
C LEU A 54 -5.55 13.43 8.60
N ALA A 55 -5.37 12.87 7.39
CA ALA A 55 -5.51 13.62 6.12
C ALA A 55 -6.83 14.37 6.04
N GLN A 56 -7.72 13.99 6.95
CA GLN A 56 -9.04 14.55 7.08
C GLN A 56 -9.09 15.56 8.23
N LEU A 57 -7.92 16.20 8.46
CA LEU A 57 -7.78 17.22 9.49
C LEU A 57 -8.75 18.35 9.23
N VAL A 58 -9.96 18.09 9.64
CA VAL A 58 -11.00 19.05 9.59
C VAL A 58 -10.82 19.85 10.88
N GLN A 59 -10.11 19.18 11.85
CA GLN A 59 -9.79 19.80 13.15
C GLN A 59 -8.70 19.08 13.97
N VAL A 60 -8.88 17.78 14.24
CA VAL A 60 -7.92 17.01 15.07
C VAL A 60 -7.28 15.81 14.37
N ASP A 61 -7.90 15.36 13.29
CA ASP A 61 -7.45 14.16 12.56
C ASP A 61 -5.93 14.14 12.38
N LYS A 62 -5.37 15.24 11.83
CA LYS A 62 -3.90 15.37 11.62
C LYS A 62 -3.10 15.02 12.90
N VAL A 63 -3.62 15.46 14.05
CA VAL A 63 -2.94 15.23 15.34
C VAL A 63 -2.96 13.74 15.72
N ARG A 64 -4.09 13.05 15.44
CA ARG A 64 -4.17 11.59 15.75
C ARG A 64 -3.16 10.82 14.92
N GLY A 65 -3.11 11.14 13.61
CA GLY A 65 -2.16 10.46 12.71
C GLY A 65 -0.70 10.74 13.03
N THR A 66 -0.38 11.98 13.45
CA THR A 66 1.01 12.33 13.78
C THR A 66 1.49 11.56 15.03
N LEU A 67 0.63 11.49 16.06
CA LEU A 67 0.94 10.77 17.31
C LEU A 67 1.06 9.26 17.04
N ALA A 68 0.20 8.75 16.14
CA ALA A 68 0.20 7.33 15.74
C ALA A 68 1.45 7.03 14.92
N LYS A 69 1.82 8.00 14.06
CA LYS A 69 3.00 7.92 13.22
C LYS A 69 4.25 7.73 14.05
N LEU A 70 4.42 8.56 15.09
CA LEU A 70 5.58 8.43 15.99
C LEU A 70 5.49 7.08 16.74
N GLU A 71 4.26 6.79 17.23
CA GLU A 71 3.95 5.55 17.98
C GLU A 71 4.56 4.33 17.28
N ALA A 72 4.45 4.32 15.94
CA ALA A 72 4.99 3.26 15.12
C ALA A 72 6.42 3.59 14.69
N PHE A 73 6.65 4.82 14.24
CA PHE A 73 7.96 5.31 13.74
C PHE A 73 9.11 5.09 14.75
N ALA A 74 8.76 4.57 15.94
CA ALA A 74 9.72 4.27 17.00
C ALA A 74 11.06 3.63 16.54
N ASP A 75 11.07 2.39 16.00
CA ASP A 75 12.34 1.77 15.59
C ASP A 75 12.31 1.04 14.24
N THR A 76 11.57 -0.04 14.17
CA THR A 76 11.51 -0.88 12.96
C THR A 76 10.25 -0.55 12.16
N VAL A 77 9.89 0.72 12.23
CA VAL A 77 8.71 1.26 11.59
C VAL A 77 8.90 2.78 11.39
N ALA A 78 10.18 3.17 11.25
CA ALA A 78 10.60 4.56 11.08
C ALA A 78 10.77 4.93 9.59
N PRO A 79 11.42 6.09 9.19
CA PRO A 79 11.60 6.47 7.76
C PRO A 79 12.26 5.37 6.90
N GLN A 80 11.46 4.38 6.53
CA GLN A 80 11.92 3.26 5.69
C GLN A 80 10.93 3.08 4.54
N LEU A 81 11.05 3.94 3.52
CA LEU A 81 10.14 3.92 2.36
C LEU A 81 10.71 4.69 1.15
N SER A 82 9.97 4.61 0.02
CA SER A 82 10.33 5.30 -1.22
C SER A 82 9.69 6.71 -1.26
N PRO A 83 10.06 7.61 -2.24
CA PRO A 83 9.51 8.99 -2.34
C PRO A 83 8.00 9.16 -2.18
N GLY A 84 7.20 8.22 -2.71
CA GLY A 84 5.75 8.36 -2.57
C GLY A 84 4.94 7.32 -3.31
N ASP A 85 3.61 7.37 -3.10
CA ASP A 85 2.60 6.45 -3.72
C ASP A 85 2.98 4.95 -3.66
N ILE A 86 3.30 4.45 -2.45
CA ILE A 86 3.66 3.03 -2.26
C ILE A 86 3.29 2.49 -0.87
N VAL A 87 2.94 1.18 -0.83
CA VAL A 87 2.64 0.39 0.39
C VAL A 87 3.14 -1.07 0.17
N VAL A 88 3.85 -1.70 1.16
CA VAL A 88 4.38 -3.06 0.94
C VAL A 88 3.34 -4.15 1.29
N ALA A 89 3.03 -4.99 0.30
CA ALA A 89 2.13 -6.12 0.43
C ALA A 89 2.59 -7.21 -0.53
N LEU A 90 3.31 -8.21 -0.01
CA LEU A 90 3.82 -9.29 -0.86
C LEU A 90 3.45 -10.64 -0.33
N GLY A 91 3.17 -11.57 -1.27
CA GLY A 91 2.82 -12.93 -0.90
C GLY A 91 1.40 -13.15 -0.44
N HIS A 92 1.29 -13.78 0.74
CA HIS A 92 -0.01 -14.10 1.38
C HIS A 92 -0.74 -12.81 1.77
N THR A 93 -1.13 -12.10 0.73
CA THR A 93 -1.80 -10.83 0.84
C THR A 93 -3.12 -10.90 0.03
N PRO A 94 -4.31 -11.01 0.71
CA PRO A 94 -5.62 -11.16 0.03
C PRO A 94 -5.97 -10.05 -0.95
N VAL A 95 -5.53 -10.24 -2.21
CA VAL A 95 -5.76 -9.29 -3.31
C VAL A 95 -5.43 -9.94 -4.66
N GLY A 96 -4.35 -10.72 -4.70
CA GLY A 96 -3.91 -11.40 -5.91
C GLY A 96 -4.44 -12.81 -6.03
N GLY A 97 -5.14 -13.06 -7.15
CA GLY A 97 -5.68 -14.40 -7.42
C GLY A 97 -4.65 -15.28 -8.11
N ILE A 98 -3.40 -14.82 -8.09
CA ILE A 98 -2.25 -15.49 -8.68
C ILE A 98 -1.56 -16.36 -7.60
N PHE A 99 -0.58 -17.19 -8.01
CA PHE A 99 0.15 -18.05 -7.06
C PHE A 99 1.67 -17.97 -7.26
N ASP A 100 2.29 -17.05 -6.49
CA ASP A 100 3.74 -16.81 -6.50
C ASP A 100 4.16 -16.10 -5.22
N LEU A 101 5.09 -16.68 -4.44
CA LEU A 101 5.60 -16.01 -3.24
C LEU A 101 7.07 -15.68 -3.42
N LYS A 102 7.41 -14.40 -3.26
CA LYS A 102 8.80 -13.96 -3.39
C LYS A 102 9.51 -13.95 -2.03
N VAL A 103 10.38 -14.94 -1.83
CA VAL A 103 11.17 -15.06 -0.60
C VAL A 103 12.61 -15.48 -0.95
N GLY A 104 13.48 -14.48 -1.15
CA GLY A 104 14.90 -14.71 -1.47
C GLY A 104 15.15 -15.65 -2.64
N SER A 105 15.59 -16.88 -2.32
CA SER A 105 15.84 -17.91 -3.34
C SER A 105 14.52 -18.54 -3.82
N THR A 106 13.44 -17.84 -3.49
CA THR A 106 12.08 -18.23 -3.83
C THR A 106 11.33 -16.96 -4.24
N LYS A 107 12.10 -16.01 -4.78
CA LYS A 107 11.60 -14.71 -5.17
C LYS A 107 10.68 -14.75 -6.43
N HIS A 108 9.38 -14.98 -6.17
CA HIS A 108 8.34 -15.02 -7.20
C HIS A 108 7.10 -14.37 -6.58
N THR A 109 6.80 -13.15 -6.98
CA THR A 109 5.70 -12.40 -6.36
C THR A 109 4.35 -12.48 -7.08
N LEU A 110 3.32 -12.73 -6.26
CA LEU A 110 1.92 -12.75 -6.72
C LEU A 110 1.21 -11.51 -6.13
N GLN A 111 1.09 -10.40 -6.87
CA GLN A 111 0.42 -9.23 -6.28
C GLN A 111 -0.34 -8.39 -7.31
N ALA A 112 -1.63 -8.67 -7.41
CA ALA A 112 -2.53 -7.96 -8.31
C ALA A 112 -3.57 -7.16 -7.50
N ILE A 113 -3.42 -5.83 -7.48
CA ILE A 113 -4.36 -4.98 -6.74
C ILE A 113 -5.17 -4.07 -7.68
N GLU A 114 -4.51 -3.08 -8.30
CA GLU A 114 -5.21 -2.11 -9.20
C GLU A 114 -4.17 -1.20 -9.89
N THR A 115 -4.62 -0.20 -10.65
CA THR A 115 -3.71 0.77 -11.25
C THR A 115 -4.06 2.17 -10.71
N ARG A 116 -3.59 2.42 -9.48
CA ARG A 116 -3.81 3.70 -8.79
C ARG A 116 -2.50 4.18 -8.15
N VAL A 117 -2.04 5.37 -8.52
CA VAL A 117 -0.80 5.93 -7.98
C VAL A 117 -0.96 7.37 -7.43
N LEU A 118 -1.27 7.55 -6.13
CA LEU A 118 -1.35 8.91 -5.60
C LEU A 118 -0.13 9.17 -4.72
N ALA A 119 0.70 10.14 -5.15
CA ALA A 119 1.94 10.51 -4.46
C ALA A 119 1.73 10.87 -2.98
N GLY A 120 2.20 9.97 -2.10
CA GLY A 120 2.06 10.17 -0.67
C GLY A 120 0.74 9.61 -0.15
N SER A 121 -0.08 9.17 -1.09
CA SER A 121 -1.38 8.59 -0.81
C SER A 121 -1.39 7.14 -1.32
N LYS A 122 -2.56 6.53 -1.35
CA LYS A 122 -2.72 5.12 -1.71
C LYS A 122 -2.32 4.82 -3.15
N MET A 123 -1.81 3.60 -3.32
CA MET A 123 -1.35 3.09 -4.60
C MET A 123 -1.56 1.59 -4.67
N THR A 124 -2.21 1.16 -5.75
CA THR A 124 -2.47 -0.23 -6.01
C THR A 124 -1.90 -0.58 -7.38
N VAL A 125 -1.14 -1.68 -7.46
CA VAL A 125 -0.51 -2.08 -8.72
C VAL A 125 -0.69 -3.59 -9.05
N ALA A 126 -0.63 -3.92 -10.35
CA ALA A 126 -0.73 -5.30 -10.78
C ALA A 126 0.65 -5.81 -11.20
N ARG A 127 1.24 -6.67 -10.36
CA ARG A 127 2.58 -7.21 -10.63
C ARG A 127 2.76 -8.64 -10.12
N VAL A 128 3.14 -9.53 -11.04
CA VAL A 128 3.45 -10.93 -10.72
C VAL A 128 4.87 -11.24 -11.20
N VAL A 129 5.82 -11.30 -10.24
CA VAL A 129 7.22 -11.60 -10.55
C VAL A 129 7.42 -13.11 -10.59
N ASP A 130 7.55 -13.63 -11.82
CA ASP A 130 7.72 -15.07 -12.09
C ASP A 130 9.02 -15.32 -12.88
N PRO A 131 9.57 -16.58 -12.89
CA PRO A 131 10.82 -16.90 -13.63
C PRO A 131 10.70 -16.77 -15.16
N THR A 132 9.47 -16.58 -15.66
CA THR A 132 9.22 -16.43 -17.10
C THR A 132 9.26 -14.95 -17.53
N PRO A 133 9.95 -14.62 -18.66
CA PRO A 133 10.05 -13.23 -19.15
C PRO A 133 8.75 -12.70 -19.76
N THR A 134 8.16 -13.50 -20.66
CA THR A 134 6.90 -13.14 -21.33
C THR A 134 5.69 -13.53 -20.46
N PRO A 135 4.69 -12.60 -20.28
CA PRO A 135 3.49 -12.88 -19.47
C PRO A 135 2.53 -13.89 -20.13
N PRO A 136 1.51 -14.45 -19.38
CA PRO A 136 0.56 -15.42 -19.94
C PRO A 136 -0.49 -14.78 -20.87
N PRO A 137 -1.13 -15.57 -21.77
CA PRO A 137 -2.16 -15.05 -22.71
C PRO A 137 -3.47 -14.64 -22.04
N ALA A 138 -3.57 -14.88 -20.74
CA ALA A 138 -4.77 -14.54 -19.98
C ALA A 138 -4.69 -13.11 -19.39
N PRO A 139 -5.85 -12.47 -19.00
CA PRO A 139 -5.85 -11.10 -18.43
C PRO A 139 -5.13 -11.00 -17.07
N VAL A 140 -5.57 -10.08 -16.21
CA VAL A 140 -4.95 -9.87 -14.89
C VAL A 140 -5.84 -10.52 -13.81
N PRO A 141 -5.23 -11.25 -12.80
CA PRO A 141 -5.98 -11.92 -11.69
C PRO A 141 -7.11 -11.10 -11.05
N ILE A 142 -7.03 -9.77 -11.17
CA ILE A 142 -8.06 -8.85 -10.61
C ILE A 142 -9.42 -9.06 -11.31
N PRO A 143 -10.57 -8.66 -10.66
CA PRO A 143 -11.93 -8.80 -11.26
C PRO A 143 -12.02 -8.29 -12.70
N LEU A 144 -13.14 -8.61 -13.39
CA LEU A 144 -13.35 -8.21 -14.78
C LEU A 144 -13.88 -6.75 -14.91
N PRO A 145 -13.00 -5.77 -15.26
CA PRO A 145 -13.41 -4.36 -15.42
C PRO A 145 -13.76 -4.00 -16.88
N PRO A 146 -14.26 -2.75 -17.18
CA PRO A 146 -14.60 -2.32 -18.56
C PRO A 146 -13.36 -2.20 -19.47
N LYS A 147 -12.19 -2.43 -18.89
CA LYS A 147 -10.91 -2.34 -19.61
C LYS A 147 -10.43 -3.71 -20.07
N VAL A 148 -10.94 -4.75 -19.40
CA VAL A 148 -10.61 -6.17 -19.66
C VAL A 148 -9.28 -6.53 -18.97
N LEU A 149 -8.23 -5.75 -19.24
CA LEU A 149 -6.92 -5.97 -18.63
C LEU A 149 -6.46 -4.75 -17.84
N GLU A 150 -6.80 -4.75 -16.54
CA GLU A 150 -6.47 -3.66 -15.57
C GLU A 150 -6.69 -2.24 -16.13
N GLY A 1 -14.89 22.27 -6.61
CA GLY A 1 -14.70 20.84 -6.27
C GLY A 1 -13.59 20.60 -5.27
N SER A 2 -13.96 20.27 -4.04
CA SER A 2 -13.00 20.01 -2.97
C SER A 2 -13.35 18.72 -2.24
N LEU A 3 -12.29 17.95 -1.89
CA LEU A 3 -12.42 16.65 -1.17
C LEU A 3 -13.30 15.64 -1.94
N THR A 4 -13.22 15.67 -3.27
CA THR A 4 -13.94 14.76 -4.16
C THR A 4 -13.31 14.79 -5.56
N GLY A 5 -12.39 13.85 -5.80
CA GLY A 5 -11.71 13.78 -7.09
C GLY A 5 -11.62 12.37 -7.65
N ALA A 6 -10.42 11.80 -7.62
CA ALA A 6 -10.19 10.45 -8.15
C ALA A 6 -9.53 9.50 -7.14
N LEU A 7 -9.22 10.02 -5.93
CA LEU A 7 -8.61 9.21 -4.88
C LEU A 7 -9.66 8.97 -3.81
N ALA A 8 -10.62 8.08 -4.13
CA ALA A 8 -11.76 7.75 -3.24
C ALA A 8 -12.56 9.02 -2.91
N MET A 9 -12.49 9.99 -3.86
CA MET A 9 -13.14 11.31 -3.75
C MET A 9 -12.43 12.16 -2.69
N ARG A 10 -11.08 12.13 -2.72
CA ARG A 10 -10.24 12.89 -1.77
C ARG A 10 -8.89 13.28 -2.42
N LEU A 11 -8.77 13.03 -3.74
CA LEU A 11 -7.56 13.38 -4.53
C LEU A 11 -7.23 14.88 -4.43
N ASN A 12 -8.18 15.68 -3.91
CA ASN A 12 -7.98 17.12 -3.76
C ASN A 12 -6.85 17.40 -2.79
N ASP A 13 -6.16 18.48 -3.10
CA ASP A 13 -5.00 18.98 -2.36
C ASP A 13 -5.12 18.96 -0.83
N GLU A 14 -6.34 19.03 -0.28
CA GLU A 14 -6.51 18.99 1.18
C GLU A 14 -6.17 17.62 1.73
N ASP A 15 -6.80 16.61 1.14
CA ASP A 15 -6.62 15.23 1.57
C ASP A 15 -5.38 14.65 0.95
N LEU A 16 -4.98 15.22 -0.19
CA LEU A 16 -3.81 14.79 -0.94
C LEU A 16 -2.53 15.29 -0.27
N ASP A 17 -2.60 16.47 0.36
CA ASP A 17 -1.48 17.04 1.10
C ASP A 17 -1.38 16.31 2.45
N PHE A 18 -2.51 16.30 3.19
CA PHE A 18 -2.57 15.62 4.48
C PHE A 18 -2.40 14.10 4.27
N LEU A 19 -2.60 13.66 3.00
CA LEU A 19 -2.37 12.27 2.58
C LEU A 19 -0.90 12.09 2.16
N THR A 20 -0.33 13.17 1.57
CA THR A 20 1.05 13.16 1.06
C THR A 20 2.11 13.18 2.18
N LYS A 21 1.66 13.52 3.41
CA LYS A 21 2.54 13.57 4.61
C LYS A 21 3.65 12.51 4.64
N TRP A 22 3.36 11.31 4.09
CA TRP A 22 4.31 10.18 4.06
C TRP A 22 3.76 9.06 3.16
N THR A 23 4.54 7.98 3.00
CA THR A 23 4.13 6.85 2.15
C THR A 23 3.81 5.62 3.01
N ASP A 24 3.36 4.54 2.37
CA ASP A 24 2.96 3.33 3.08
C ASP A 24 3.93 2.19 2.83
N PHE A 25 5.12 2.52 2.30
CA PHE A 25 6.13 1.52 1.99
C PHE A 25 7.32 1.64 2.97
N LYS A 26 6.92 1.58 4.24
CA LYS A 26 7.82 1.53 5.38
C LYS A 26 7.38 0.30 6.16
N CYS A 27 6.35 -0.35 5.61
CA CYS A 27 5.73 -1.53 6.15
C CYS A 27 5.76 -2.64 5.11
N PHE A 28 6.37 -3.75 5.53
CA PHE A 28 6.48 -4.97 4.73
C PHE A 28 5.28 -5.85 5.03
N VAL A 29 4.53 -6.19 4.01
CA VAL A 29 3.35 -7.02 4.20
C VAL A 29 3.66 -8.46 3.81
N SER A 30 3.16 -9.35 4.69
CA SER A 30 3.36 -10.82 4.69
C SER A 30 3.79 -11.46 3.39
N ALA A 31 5.10 -11.73 3.35
CA ALA A 31 5.77 -12.40 2.25
C ALA A 31 5.59 -13.90 2.38
N SER A 32 5.30 -14.32 3.64
CA SER A 32 4.97 -15.69 4.02
C SER A 32 6.17 -16.60 4.34
N ASN A 33 6.96 -16.96 3.32
CA ASN A 33 8.12 -17.83 3.50
C ASN A 33 9.34 -16.97 3.70
N MET A 34 9.18 -15.70 3.33
CA MET A 34 10.20 -14.70 3.48
C MET A 34 9.97 -13.99 4.82
N ARG A 35 8.69 -13.84 5.17
CA ARG A 35 8.27 -13.22 6.41
C ARG A 35 7.36 -14.19 7.16
N ASN A 36 7.75 -14.48 8.40
CA ASN A 36 7.01 -15.39 9.28
C ASN A 36 7.67 -15.50 10.68
N ALA A 37 8.72 -14.69 10.95
CA ALA A 37 9.43 -14.72 12.23
C ALA A 37 8.83 -13.74 13.24
N ALA A 38 8.90 -12.42 12.97
CA ALA A 38 8.36 -11.41 13.87
C ALA A 38 7.10 -10.76 13.31
N GLY A 39 7.17 -10.29 12.05
CA GLY A 39 6.02 -9.69 11.40
C GLY A 39 5.57 -8.39 12.01
N GLN A 40 6.52 -7.63 12.56
CA GLN A 40 6.19 -6.33 13.12
C GLN A 40 6.22 -5.30 12.01
N PHE A 41 5.09 -5.28 11.32
CA PHE A 41 4.85 -4.42 10.18
C PHE A 41 3.52 -3.69 10.37
N ILE A 42 2.56 -4.41 11.01
CA ILE A 42 1.22 -3.87 11.31
C ILE A 42 1.30 -2.57 12.09
N GLU A 43 2.46 -2.31 12.73
CA GLU A 43 2.69 -1.08 13.48
C GLU A 43 2.64 0.13 12.53
N ALA A 44 3.54 0.18 11.53
CA ALA A 44 3.56 1.27 10.54
C ALA A 44 2.32 1.23 9.64
N ALA A 45 1.82 0.00 9.36
CA ALA A 45 0.62 -0.17 8.52
C ALA A 45 -0.61 0.50 9.18
N TYR A 46 -0.71 0.33 10.51
CA TYR A 46 -1.80 0.93 11.28
C TYR A 46 -1.60 2.44 11.45
N ALA A 47 -0.32 2.83 11.61
CA ALA A 47 0.06 4.25 11.76
C ALA A 47 -0.21 5.04 10.48
N LYS A 48 0.19 4.47 9.32
CA LYS A 48 -0.01 5.13 8.03
C LYS A 48 -1.48 5.11 7.63
N ALA A 49 -2.17 3.99 7.91
CA ALA A 49 -3.62 3.89 7.66
C ALA A 49 -4.34 5.01 8.43
N LEU A 50 -3.91 5.20 9.69
CA LEU A 50 -4.44 6.26 10.56
C LEU A 50 -4.04 7.63 10.00
N ARG A 51 -2.84 7.68 9.38
CA ARG A 51 -2.34 8.92 8.75
C ARG A 51 -3.17 9.23 7.50
N ILE A 52 -3.69 8.17 6.85
CA ILE A 52 -4.58 8.33 5.70
C ILE A 52 -5.90 8.87 6.24
N GLU A 53 -6.19 8.47 7.49
CA GLU A 53 -7.37 8.93 8.23
C GLU A 53 -7.10 10.33 8.80
N LEU A 54 -5.81 10.73 8.88
CA LEU A 54 -5.46 12.09 9.30
C LEU A 54 -5.54 13.01 8.10
N ALA A 55 -5.31 12.42 6.92
CA ALA A 55 -5.38 13.10 5.62
C ALA A 55 -6.72 13.83 5.44
N GLN A 56 -7.65 13.47 6.31
CA GLN A 56 -8.99 14.02 6.35
C GLN A 56 -9.15 15.03 7.47
N LEU A 57 -8.04 15.69 7.82
CA LEU A 57 -8.02 16.73 8.84
C LEU A 57 -8.99 17.83 8.50
N VAL A 58 -10.22 17.54 8.81
CA VAL A 58 -11.29 18.46 8.69
C VAL A 58 -11.24 19.25 9.99
N GLN A 59 -10.62 18.58 11.01
CA GLN A 59 -10.46 19.18 12.35
C GLN A 59 -9.43 18.47 13.27
N VAL A 60 -9.60 17.15 13.49
CA VAL A 60 -8.75 16.39 14.44
C VAL A 60 -7.98 15.23 13.78
N ASP A 61 -8.46 14.82 12.62
CA ASP A 61 -7.89 13.68 11.89
C ASP A 61 -6.35 13.71 11.83
N LYS A 62 -5.78 14.83 11.34
CA LYS A 62 -4.31 15.00 11.23
C LYS A 62 -3.57 14.63 12.54
N VAL A 63 -4.15 15.02 13.67
CA VAL A 63 -3.54 14.76 14.98
C VAL A 63 -3.58 13.26 15.29
N ARG A 64 -4.67 12.61 14.85
CA ARG A 64 -4.82 11.15 15.04
C ARG A 64 -3.70 10.39 14.34
N GLY A 65 -3.51 10.72 13.06
CA GLY A 65 -2.48 10.09 12.26
C GLY A 65 -1.07 10.38 12.73
N THR A 66 -0.81 11.62 13.20
CA THR A 66 0.52 11.98 13.69
C THR A 66 0.90 11.17 14.96
N LEU A 67 -0.08 11.02 15.87
CA LEU A 67 0.13 10.25 17.12
C LEU A 67 0.34 8.76 16.80
N ALA A 68 -0.41 8.26 15.80
CA ALA A 68 -0.30 6.86 15.36
C ALA A 68 1.03 6.65 14.64
N LYS A 69 1.40 7.66 13.84
CA LYS A 69 2.65 7.69 13.08
C LYS A 69 3.83 7.49 14.00
N LEU A 70 3.90 8.28 15.08
CA LEU A 70 4.97 8.17 16.07
C LEU A 70 4.90 6.80 16.78
N GLU A 71 3.64 6.44 17.14
CA GLU A 71 3.34 5.16 17.84
C GLU A 71 4.07 3.99 17.16
N ALA A 72 4.07 4.01 15.84
CA ALA A 72 4.75 3.00 15.05
C ALA A 72 6.19 3.42 14.73
N PHE A 73 6.36 4.68 14.32
CA PHE A 73 7.67 5.25 13.93
C PHE A 73 8.76 5.07 15.00
N ALA A 74 8.37 4.50 16.15
CA ALA A 74 9.27 4.23 17.27
C ALA A 74 10.66 3.66 16.88
N ASP A 75 10.75 2.43 16.32
CA ASP A 75 12.08 1.88 15.99
C ASP A 75 12.17 1.17 14.63
N THR A 76 11.49 0.05 14.49
CA THR A 76 11.55 -0.77 13.27
C THR A 76 10.33 -0.49 12.40
N VAL A 77 9.91 0.77 12.46
CA VAL A 77 8.75 1.26 11.75
C VAL A 77 8.87 2.79 11.59
N ALA A 78 10.14 3.23 11.51
CA ALA A 78 10.51 4.64 11.39
C ALA A 78 10.76 5.03 9.90
N PRO A 79 11.39 6.23 9.56
CA PRO A 79 11.66 6.62 8.15
C PRO A 79 12.41 5.56 7.31
N GLN A 80 11.66 4.54 6.88
CA GLN A 80 12.18 3.46 6.06
C GLN A 80 11.26 3.26 4.85
N LEU A 81 11.41 4.14 3.85
CA LEU A 81 10.56 4.11 2.64
C LEU A 81 11.18 4.85 1.44
N SER A 82 10.49 4.76 0.30
CA SER A 82 10.91 5.42 -0.94
C SER A 82 10.20 6.79 -1.06
N PRO A 83 10.57 7.68 -2.06
CA PRO A 83 9.96 9.03 -2.23
C PRO A 83 8.44 9.13 -2.12
N GLY A 84 7.69 8.16 -2.67
CA GLY A 84 6.25 8.24 -2.57
C GLY A 84 5.50 7.19 -3.37
N ASP A 85 4.15 7.19 -3.22
CA ASP A 85 3.20 6.25 -3.89
C ASP A 85 3.64 4.75 -3.82
N ILE A 86 3.94 4.28 -2.60
CA ILE A 86 4.35 2.89 -2.39
C ILE A 86 3.97 2.32 -1.01
N VAL A 87 3.63 1.00 -1.01
CA VAL A 87 3.34 0.20 0.22
C VAL A 87 3.92 -1.23 0.00
N VAL A 88 4.63 -1.84 1.00
CA VAL A 88 5.23 -3.17 0.79
C VAL A 88 4.24 -4.30 1.11
N ALA A 89 3.95 -5.12 0.08
CA ALA A 89 3.09 -6.30 0.19
C ALA A 89 3.57 -7.36 -0.81
N LEU A 90 4.24 -8.40 -0.30
CA LEU A 90 4.74 -9.45 -1.20
C LEU A 90 4.36 -10.85 -0.73
N GLY A 91 3.91 -11.70 -1.68
CA GLY A 91 3.57 -13.09 -1.35
C GLY A 91 2.18 -13.25 -0.73
N HIS A 92 2.14 -13.82 0.49
CA HIS A 92 0.87 -14.05 1.22
C HIS A 92 0.28 -12.72 1.64
N THR A 93 -0.32 -12.08 0.65
CA THR A 93 -0.91 -10.77 0.81
C THR A 93 -2.32 -10.76 0.18
N PRO A 94 -3.41 -10.51 0.99
CA PRO A 94 -4.79 -10.53 0.47
C PRO A 94 -5.07 -9.45 -0.60
N VAL A 95 -4.70 -9.78 -1.84
CA VAL A 95 -4.87 -8.89 -3.00
C VAL A 95 -4.89 -9.66 -4.31
N GLY A 96 -3.91 -10.56 -4.48
CA GLY A 96 -3.79 -11.34 -5.70
C GLY A 96 -4.43 -12.71 -5.64
N GLY A 97 -5.29 -12.97 -6.63
CA GLY A 97 -5.96 -14.27 -6.75
C GLY A 97 -5.09 -15.25 -7.52
N ILE A 98 -3.85 -14.81 -7.79
CA ILE A 98 -2.83 -15.59 -8.50
C ILE A 98 -2.07 -16.49 -7.49
N PHE A 99 -1.15 -17.33 -7.97
CA PHE A 99 -0.38 -18.22 -7.09
C PHE A 99 1.12 -18.17 -7.41
N ASP A 100 1.83 -17.26 -6.73
CA ASP A 100 3.29 -17.08 -6.85
C ASP A 100 3.85 -16.41 -5.59
N LEU A 101 4.81 -17.07 -4.96
CA LEU A 101 5.46 -16.52 -3.75
C LEU A 101 6.93 -16.22 -4.04
N LYS A 102 7.31 -14.96 -3.87
CA LYS A 102 8.70 -14.56 -4.08
C LYS A 102 9.51 -14.62 -2.79
N VAL A 103 10.44 -15.57 -2.74
CA VAL A 103 11.33 -15.75 -1.59
C VAL A 103 12.73 -16.15 -2.09
N GLY A 104 13.52 -15.14 -2.46
CA GLY A 104 14.90 -15.33 -2.95
C GLY A 104 15.03 -16.32 -4.10
N SER A 105 15.46 -17.56 -3.77
CA SER A 105 15.62 -18.62 -4.77
C SER A 105 14.24 -19.21 -5.15
N THR A 106 13.21 -18.49 -4.72
CA THR A 106 11.81 -18.82 -4.97
C THR A 106 11.08 -17.53 -5.30
N LYS A 107 11.83 -16.62 -5.93
CA LYS A 107 11.35 -15.28 -6.29
C LYS A 107 10.27 -15.30 -7.41
N HIS A 108 9.01 -15.47 -6.98
CA HIS A 108 7.84 -15.45 -7.89
C HIS A 108 6.71 -14.75 -7.15
N THR A 109 6.43 -13.50 -7.52
CA THR A 109 5.44 -12.70 -6.80
C THR A 109 4.04 -12.70 -7.41
N LEU A 110 3.06 -12.97 -6.54
CA LEU A 110 1.63 -12.94 -6.90
C LEU A 110 0.95 -11.69 -6.28
N GLN A 111 0.80 -10.59 -7.03
CA GLN A 111 0.12 -9.42 -6.46
C GLN A 111 -0.67 -8.62 -7.51
N ALA A 112 -1.95 -8.93 -7.61
CA ALA A 112 -2.88 -8.23 -8.51
C ALA A 112 -3.90 -7.44 -7.70
N ILE A 113 -3.71 -6.13 -7.61
CA ILE A 113 -4.65 -5.28 -6.89
C ILE A 113 -5.31 -4.24 -7.79
N GLU A 114 -4.56 -3.24 -8.27
CA GLU A 114 -5.15 -2.17 -9.13
C GLU A 114 -4.04 -1.42 -9.87
N THR A 115 -4.39 -0.36 -10.61
CA THR A 115 -3.39 0.48 -11.26
C THR A 115 -3.62 1.94 -10.81
N ARG A 116 -3.16 2.22 -9.58
CA ARG A 116 -3.27 3.55 -8.99
C ARG A 116 -1.96 3.95 -8.34
N VAL A 117 -1.40 5.08 -8.76
CA VAL A 117 -0.13 5.58 -8.24
C VAL A 117 -0.24 7.05 -7.81
N LEU A 118 -0.56 7.32 -6.51
CA LEU A 118 -0.62 8.70 -6.05
C LEU A 118 0.56 8.97 -5.10
N ALA A 119 1.48 9.85 -5.54
CA ALA A 119 2.70 10.21 -4.76
C ALA A 119 2.39 10.66 -3.34
N GLY A 120 2.82 9.85 -2.36
CA GLY A 120 2.59 10.14 -0.96
C GLY A 120 1.28 9.55 -0.50
N SER A 121 0.44 9.21 -1.47
CA SER A 121 -0.83 8.59 -1.24
C SER A 121 -0.75 7.12 -1.65
N LYS A 122 -1.88 6.44 -1.72
CA LYS A 122 -1.93 5.01 -2.02
C LYS A 122 -1.59 4.67 -3.46
N MET A 123 -1.03 3.47 -3.61
CA MET A 123 -0.65 2.91 -4.89
C MET A 123 -0.89 1.41 -4.88
N THR A 124 -1.75 0.98 -5.78
CA THR A 124 -2.10 -0.42 -5.93
C THR A 124 -1.77 -0.85 -7.35
N VAL A 125 -1.07 -1.98 -7.49
CA VAL A 125 -0.63 -2.47 -8.80
C VAL A 125 -0.93 -3.96 -9.02
N ALA A 126 -1.03 -4.35 -10.29
CA ALA A 126 -1.25 -5.74 -10.64
C ALA A 126 -0.03 -6.28 -11.38
N ARG A 127 0.74 -7.11 -10.66
CA ARG A 127 1.96 -7.71 -11.21
C ARG A 127 2.21 -9.10 -10.63
N VAL A 128 2.52 -10.03 -11.52
CA VAL A 128 2.86 -11.40 -11.15
C VAL A 128 4.25 -11.75 -11.69
N VAL A 129 5.26 -11.69 -10.80
CA VAL A 129 6.65 -11.99 -11.18
C VAL A 129 6.84 -13.51 -11.22
N ASP A 130 6.91 -14.03 -12.44
CA ASP A 130 7.08 -15.46 -12.71
C ASP A 130 8.34 -15.72 -13.55
N PRO A 131 8.83 -17.01 -13.68
CA PRO A 131 10.03 -17.32 -14.48
C PRO A 131 9.79 -17.24 -16.01
N THR A 132 8.56 -16.86 -16.39
CA THR A 132 8.18 -16.73 -17.81
C THR A 132 8.54 -15.34 -18.34
N PRO A 133 9.16 -15.25 -19.57
CA PRO A 133 9.56 -13.95 -20.17
C PRO A 133 8.37 -13.09 -20.61
N THR A 134 7.45 -13.71 -21.35
CA THR A 134 6.25 -13.01 -21.86
C THR A 134 5.12 -13.00 -20.80
N PRO A 135 4.83 -11.81 -20.17
CA PRO A 135 3.77 -11.69 -19.16
C PRO A 135 2.36 -11.52 -19.79
N PRO A 136 1.25 -11.60 -18.98
CA PRO A 136 -0.13 -11.45 -19.52
C PRO A 136 -0.45 -9.99 -19.92
N PRO A 137 -0.57 -9.69 -21.25
CA PRO A 137 -0.88 -8.34 -21.74
C PRO A 137 -2.36 -7.98 -21.72
N ALA A 138 -3.21 -8.96 -21.41
CA ALA A 138 -4.65 -8.73 -21.37
C ALA A 138 -5.15 -8.43 -19.95
N PRO A 139 -6.32 -7.72 -19.79
CA PRO A 139 -6.90 -7.38 -18.46
C PRO A 139 -7.24 -8.62 -17.62
N VAL A 140 -7.38 -8.42 -16.29
CA VAL A 140 -7.70 -9.53 -15.39
C VAL A 140 -8.58 -9.09 -14.20
N PRO A 141 -9.77 -9.76 -13.98
CA PRO A 141 -10.68 -9.43 -12.86
C PRO A 141 -10.00 -9.50 -11.50
N ILE A 142 -10.16 -8.44 -10.72
CA ILE A 142 -9.58 -8.33 -9.37
C ILE A 142 -10.70 -8.39 -8.31
N PRO A 143 -10.40 -8.83 -7.04
CA PRO A 143 -11.35 -8.99 -5.92
C PRO A 143 -12.70 -8.23 -6.06
N LEU A 144 -12.88 -7.10 -5.33
CA LEU A 144 -14.13 -6.33 -5.39
C LEU A 144 -13.89 -4.81 -5.50
N PRO A 145 -12.85 -4.32 -6.27
CA PRO A 145 -12.58 -2.87 -6.42
C PRO A 145 -13.54 -2.21 -7.45
N PRO A 146 -13.55 -0.84 -7.60
CA PRO A 146 -14.43 -0.14 -8.56
C PRO A 146 -13.94 -0.28 -10.02
N LYS A 147 -13.67 -1.53 -10.43
CA LYS A 147 -13.19 -1.80 -11.78
C LYS A 147 -14.01 -2.91 -12.45
N VAL A 148 -13.72 -3.15 -13.74
CA VAL A 148 -14.42 -4.18 -14.52
C VAL A 148 -13.53 -5.43 -14.68
N LEU A 149 -12.25 -5.18 -14.95
CA LEU A 149 -11.25 -6.24 -15.12
C LEU A 149 -10.04 -5.91 -14.24
N GLU A 150 -9.29 -4.87 -14.61
CA GLU A 150 -8.11 -4.45 -13.84
C GLU A 150 -8.22 -2.97 -13.45
N GLY A 1 -14.88 22.24 -5.88
CA GLY A 1 -15.17 21.03 -5.05
C GLY A 1 -14.09 20.77 -4.02
N SER A 2 -14.51 20.25 -2.86
CA SER A 2 -13.59 19.94 -1.77
C SER A 2 -13.84 18.53 -1.22
N LEU A 3 -12.76 17.74 -1.11
CA LEU A 3 -12.81 16.35 -0.59
C LEU A 3 -13.67 15.44 -1.48
N THR A 4 -13.37 15.45 -2.79
CA THR A 4 -14.08 14.61 -3.78
C THR A 4 -13.39 14.68 -5.15
N GLY A 5 -12.56 13.66 -5.43
CA GLY A 5 -11.83 13.61 -6.70
C GLY A 5 -11.68 12.20 -7.24
N ALA A 6 -10.43 11.72 -7.29
CA ALA A 6 -10.13 10.37 -7.81
C ALA A 6 -9.41 9.48 -6.79
N LEU A 7 -9.19 10.00 -5.59
CA LEU A 7 -8.52 9.23 -4.53
C LEU A 7 -9.55 8.92 -3.45
N ALA A 8 -10.45 7.97 -3.77
CA ALA A 8 -11.55 7.56 -2.88
C ALA A 8 -12.45 8.77 -2.55
N MET A 9 -12.50 9.73 -3.52
CA MET A 9 -13.26 11.00 -3.40
C MET A 9 -12.61 11.92 -2.35
N ARG A 10 -11.27 11.92 -2.32
CA ARG A 10 -10.49 12.75 -1.38
C ARG A 10 -9.17 13.24 -2.01
N LEU A 11 -9.01 13.00 -3.32
CA LEU A 11 -7.82 13.44 -4.09
C LEU A 11 -7.59 14.95 -3.96
N ASN A 12 -8.57 15.67 -3.41
CA ASN A 12 -8.48 17.12 -3.22
C ASN A 12 -7.36 17.45 -2.27
N ASP A 13 -6.75 18.59 -2.54
CA ASP A 13 -5.60 19.14 -1.82
C ASP A 13 -5.69 19.07 -0.28
N GLU A 14 -6.90 19.05 0.29
CA GLU A 14 -7.04 18.97 1.75
C GLU A 14 -6.62 17.59 2.26
N ASP A 15 -7.20 16.57 1.64
CA ASP A 15 -6.94 15.19 2.03
C ASP A 15 -5.68 14.70 1.37
N LEU A 16 -5.33 15.33 0.25
CA LEU A 16 -4.14 14.99 -0.52
C LEU A 16 -2.89 15.53 0.16
N ASP A 17 -3.01 16.70 0.80
CA ASP A 17 -1.90 17.31 1.55
C ASP A 17 -1.75 16.55 2.87
N PHE A 18 -2.87 16.46 3.61
CA PHE A 18 -2.87 15.74 4.88
C PHE A 18 -2.66 14.23 4.64
N LEU A 19 -2.86 13.79 3.38
CA LEU A 19 -2.59 12.41 2.94
C LEU A 19 -1.11 12.29 2.51
N THR A 20 -0.60 13.39 1.93
CA THR A 20 0.78 13.43 1.40
C THR A 20 1.84 13.54 2.50
N LYS A 21 1.41 13.90 3.73
CA LYS A 21 2.32 14.06 4.90
C LYS A 21 3.45 12.99 4.95
N TRP A 22 3.13 11.76 4.52
CA TRP A 22 4.08 10.64 4.53
C TRP A 22 3.58 9.52 3.60
N THR A 23 4.40 8.47 3.43
CA THR A 23 4.05 7.33 2.54
C THR A 23 3.63 6.11 3.36
N ASP A 24 3.33 5.01 2.66
CA ASP A 24 2.89 3.79 3.30
C ASP A 24 3.84 2.61 3.01
N PHE A 25 5.03 2.94 2.51
CA PHE A 25 6.01 1.91 2.16
C PHE A 25 7.20 1.95 3.15
N LYS A 26 6.82 1.88 4.41
CA LYS A 26 7.73 1.76 5.53
C LYS A 26 7.24 0.52 6.28
N CYS A 27 6.17 -0.05 5.70
CA CYS A 27 5.52 -1.23 6.22
C CYS A 27 5.51 -2.31 5.15
N PHE A 28 6.02 -3.47 5.58
CA PHE A 28 6.08 -4.68 4.76
C PHE A 28 4.82 -5.48 5.02
N VAL A 29 4.10 -5.79 3.95
CA VAL A 29 2.87 -6.56 4.09
C VAL A 29 3.15 -8.02 3.73
N SER A 30 2.58 -8.89 4.58
CA SER A 30 2.78 -10.36 4.61
C SER A 30 3.30 -11.01 3.35
N ALA A 31 4.62 -11.25 3.42
CA ALA A 31 5.38 -11.93 2.36
C ALA A 31 5.22 -13.42 2.51
N SER A 32 4.86 -13.83 3.75
CA SER A 32 4.53 -15.21 4.13
C SER A 32 5.72 -16.09 4.54
N ASN A 33 6.59 -16.43 3.59
CA ASN A 33 7.76 -17.28 3.85
C ASN A 33 8.94 -16.39 4.14
N MET A 34 8.77 -15.13 3.77
CA MET A 34 9.75 -14.09 3.99
C MET A 34 9.41 -13.37 5.30
N ARG A 35 8.11 -13.26 5.57
CA ARG A 35 7.58 -12.63 6.77
C ARG A 35 6.67 -13.64 7.46
N ASN A 36 6.98 -13.88 8.73
CA ASN A 36 6.24 -14.85 9.57
C ASN A 36 6.90 -15.01 10.96
N ALA A 37 8.18 -14.59 11.09
CA ALA A 37 8.92 -14.71 12.35
C ALA A 37 8.61 -13.57 13.34
N ALA A 38 8.96 -12.33 12.99
CA ALA A 38 8.70 -11.17 13.86
C ALA A 38 7.35 -10.52 13.55
N GLY A 39 7.12 -10.22 12.27
CA GLY A 39 5.85 -9.65 11.83
C GLY A 39 5.58 -8.26 12.34
N GLN A 40 6.64 -7.51 12.64
CA GLN A 40 6.46 -6.15 13.12
C GLN A 40 6.40 -5.20 11.93
N PHE A 41 5.21 -5.15 11.38
CA PHE A 41 4.85 -4.35 10.22
C PHE A 41 3.52 -3.65 10.47
N ILE A 42 2.63 -4.35 11.21
CA ILE A 42 1.30 -3.84 11.57
C ILE A 42 1.39 -2.51 12.32
N GLU A 43 2.58 -2.20 12.89
CA GLU A 43 2.78 -0.94 13.60
C GLU A 43 2.64 0.24 12.64
N ALA A 44 3.50 0.30 11.60
CA ALA A 44 3.44 1.37 10.60
C ALA A 44 2.19 1.23 9.72
N ALA A 45 1.69 0.00 9.56
CA ALA A 45 0.48 -0.26 8.75
C ALA A 45 -0.75 0.37 9.41
N TYR A 46 -0.88 0.16 10.74
CA TYR A 46 -2.00 0.70 11.51
C TYR A 46 -1.87 2.21 11.68
N ALA A 47 -0.61 2.67 11.88
CA ALA A 47 -0.31 4.08 12.06
C ALA A 47 -0.52 4.89 10.78
N LYS A 48 0.00 4.36 9.64
CA LYS A 48 -0.15 5.05 8.36
C LYS A 48 -1.60 5.01 7.90
N ALA A 49 -2.28 3.88 8.12
CA ALA A 49 -3.72 3.76 7.81
C ALA A 49 -4.46 4.88 8.57
N LEU A 50 -4.10 5.04 9.86
CA LEU A 50 -4.64 6.09 10.70
C LEU A 50 -4.22 7.46 10.16
N ARG A 51 -3.05 7.50 9.47
CA ARG A 51 -2.58 8.73 8.84
C ARG A 51 -3.48 9.05 7.64
N ILE A 52 -3.91 8.01 6.90
CA ILE A 52 -4.85 8.22 5.79
C ILE A 52 -6.15 8.76 6.42
N GLU A 53 -6.33 8.43 7.72
CA GLU A 53 -7.45 8.92 8.51
C GLU A 53 -7.14 10.31 9.11
N LEU A 54 -5.85 10.70 9.15
CA LEU A 54 -5.43 12.05 9.61
C LEU A 54 -5.62 13.02 8.46
N ALA A 55 -5.41 12.47 7.27
CA ALA A 55 -5.56 13.15 5.98
C ALA A 55 -6.93 13.85 5.85
N GLN A 56 -7.83 13.47 6.75
CA GLN A 56 -9.18 13.98 6.82
C GLN A 56 -9.38 14.92 7.99
N LEU A 57 -8.29 15.61 8.37
CA LEU A 57 -8.34 16.59 9.45
C LEU A 57 -9.35 17.68 9.15
N VAL A 58 -10.57 17.31 9.41
CA VAL A 58 -11.67 18.20 9.32
C VAL A 58 -11.69 18.88 10.69
N GLN A 59 -11.09 18.15 11.68
CA GLN A 59 -10.98 18.65 13.05
C GLN A 59 -9.97 17.90 13.97
N VAL A 60 -10.10 16.57 14.07
CA VAL A 60 -9.27 15.77 15.00
C VAL A 60 -8.42 14.69 14.32
N ASP A 61 -8.78 14.40 13.09
CA ASP A 61 -8.12 13.34 12.31
C ASP A 61 -6.59 13.48 12.28
N LYS A 62 -6.08 14.64 11.86
CA LYS A 62 -4.62 14.88 11.81
C LYS A 62 -3.90 14.53 13.13
N VAL A 63 -4.59 14.72 14.26
CA VAL A 63 -4.00 14.49 15.57
C VAL A 63 -3.93 13.01 15.89
N ARG A 64 -5.00 12.31 15.54
CA ARG A 64 -5.07 10.87 15.76
C ARG A 64 -4.00 10.14 14.91
N GLY A 65 -3.85 10.58 13.64
CA GLY A 65 -2.87 10.00 12.74
C GLY A 65 -1.44 10.35 13.09
N THR A 66 -1.20 11.58 13.61
CA THR A 66 0.15 11.99 14.00
C THR A 66 0.64 11.22 15.24
N LEU A 67 -0.28 11.02 16.21
CA LEU A 67 0.02 10.26 17.43
C LEU A 67 0.25 8.77 17.10
N ALA A 68 -0.53 8.28 16.12
CA ALA A 68 -0.40 6.89 15.64
C ALA A 68 0.94 6.75 14.92
N LYS A 69 1.25 7.80 14.15
CA LYS A 69 2.48 7.93 13.39
C LYS A 69 3.69 7.70 14.29
N LEU A 70 3.79 8.47 15.37
CA LEU A 70 4.89 8.33 16.33
C LEU A 70 4.84 6.91 16.95
N GLU A 71 3.61 6.49 17.32
CA GLU A 71 3.36 5.17 17.94
C GLU A 71 4.11 4.05 17.19
N ALA A 72 4.06 4.12 15.86
CA ALA A 72 4.76 3.15 15.01
C ALA A 72 6.16 3.63 14.68
N PHE A 73 6.28 4.91 14.35
CA PHE A 73 7.56 5.56 13.97
C PHE A 73 8.65 5.40 15.06
N ALA A 74 8.28 4.72 16.16
CA ALA A 74 9.21 4.43 17.27
C ALA A 74 10.62 3.99 16.84
N ASP A 75 10.79 2.80 16.20
CA ASP A 75 12.15 2.37 15.81
C ASP A 75 12.25 1.74 14.42
N THR A 76 11.66 0.56 14.26
CA THR A 76 11.76 -0.20 13.01
C THR A 76 10.47 -0.05 12.21
N VAL A 77 9.93 1.16 12.28
CA VAL A 77 8.69 1.51 11.63
C VAL A 77 8.61 3.02 11.42
N ALA A 78 9.74 3.62 10.96
CA ALA A 78 9.82 5.07 10.75
C ALA A 78 10.68 5.48 9.53
N PRO A 79 12.03 5.20 9.49
CA PRO A 79 12.91 5.63 8.38
C PRO A 79 13.15 4.55 7.31
N GLN A 80 12.09 3.85 6.92
CA GLN A 80 12.21 2.79 5.92
C GLN A 80 11.18 2.94 4.79
N LEU A 81 11.46 3.86 3.85
CA LEU A 81 10.54 4.12 2.72
C LEU A 81 11.22 4.88 1.56
N SER A 82 10.46 5.03 0.48
CA SER A 82 10.92 5.75 -0.72
C SER A 82 10.26 7.16 -0.76
N PRO A 83 10.69 8.09 -1.69
CA PRO A 83 10.14 9.48 -1.78
C PRO A 83 8.62 9.62 -1.68
N GLY A 84 7.84 8.69 -2.27
CA GLY A 84 6.40 8.81 -2.19
C GLY A 84 5.64 7.77 -3.00
N ASP A 85 4.30 7.81 -2.85
CA ASP A 85 3.33 6.89 -3.55
C ASP A 85 3.73 5.39 -3.51
N ILE A 86 3.99 4.86 -2.31
CA ILE A 86 4.35 3.44 -2.15
C ILE A 86 3.91 2.84 -0.79
N VAL A 87 3.59 1.53 -0.83
CA VAL A 87 3.24 0.69 0.34
C VAL A 87 3.76 -0.75 0.09
N VAL A 88 4.45 -1.40 1.06
CA VAL A 88 5.01 -2.75 0.82
C VAL A 88 3.97 -3.87 1.06
N ALA A 89 3.73 -4.69 0.01
CA ALA A 89 2.83 -5.85 0.06
C ALA A 89 3.34 -6.92 -0.90
N LEU A 90 4.03 -7.93 -0.35
CA LEU A 90 4.61 -9.00 -1.17
C LEU A 90 4.21 -10.38 -0.66
N GLY A 91 3.96 -11.31 -1.59
CA GLY A 91 3.61 -12.69 -1.22
C GLY A 91 2.18 -12.85 -0.76
N HIS A 92 2.00 -13.44 0.43
CA HIS A 92 0.66 -13.68 1.02
C HIS A 92 0.00 -12.35 1.38
N THR A 93 -0.50 -11.72 0.35
CA THR A 93 -1.12 -10.41 0.45
C THR A 93 -2.47 -10.43 -0.28
N PRO A 94 -3.63 -10.24 0.44
CA PRO A 94 -4.98 -10.29 -0.18
C PRO A 94 -5.21 -9.20 -1.23
N VAL A 95 -4.72 -9.48 -2.45
CA VAL A 95 -4.83 -8.57 -3.59
C VAL A 95 -4.73 -9.32 -4.92
N GLY A 96 -3.71 -10.17 -5.03
CA GLY A 96 -3.46 -10.93 -6.25
C GLY A 96 -4.12 -12.29 -6.28
N GLY A 97 -4.87 -12.54 -7.36
CA GLY A 97 -5.52 -13.83 -7.57
C GLY A 97 -4.58 -14.82 -8.23
N ILE A 98 -3.32 -14.36 -8.40
CA ILE A 98 -2.23 -15.12 -9.00
C ILE A 98 -1.57 -16.00 -7.91
N PHE A 99 -0.60 -16.85 -8.29
CA PHE A 99 0.09 -17.72 -7.35
C PHE A 99 1.61 -17.68 -7.53
N ASP A 100 2.26 -16.75 -6.81
CA ASP A 100 3.72 -16.57 -6.82
C ASP A 100 4.19 -15.91 -5.53
N LEU A 101 5.09 -16.56 -4.82
CA LEU A 101 5.65 -16.03 -3.58
C LEU A 101 7.13 -15.73 -3.76
N LYS A 102 7.50 -14.46 -3.55
CA LYS A 102 8.89 -14.05 -3.65
C LYS A 102 9.60 -14.08 -2.30
N VAL A 103 10.52 -15.05 -2.17
CA VAL A 103 11.32 -15.22 -0.95
C VAL A 103 12.76 -15.62 -1.36
N GLY A 104 13.58 -14.60 -1.65
CA GLY A 104 14.99 -14.80 -2.05
C GLY A 104 15.20 -15.77 -3.19
N SER A 105 15.60 -17.00 -2.86
CA SER A 105 15.83 -18.06 -3.85
C SER A 105 14.49 -18.65 -4.33
N THR A 106 13.43 -17.93 -3.97
CA THR A 106 12.06 -18.27 -4.32
C THR A 106 11.34 -16.97 -4.69
N LYS A 107 12.12 -16.05 -5.27
CA LYS A 107 11.66 -14.72 -5.65
C LYS A 107 10.67 -14.72 -6.84
N HIS A 108 9.38 -14.91 -6.53
CA HIS A 108 8.31 -14.89 -7.53
C HIS A 108 7.12 -14.19 -6.88
N THR A 109 6.87 -12.95 -7.24
CA THR A 109 5.80 -12.15 -6.60
C THR A 109 4.45 -12.18 -7.30
N LEU A 110 3.42 -12.46 -6.49
CA LEU A 110 2.03 -12.42 -6.93
C LEU A 110 1.33 -11.18 -6.31
N GLN A 111 1.24 -10.05 -7.01
CA GLN A 111 0.57 -8.88 -6.43
C GLN A 111 -0.14 -8.03 -7.49
N ALA A 112 -1.43 -8.32 -7.67
CA ALA A 112 -2.28 -7.60 -8.60
C ALA A 112 -3.37 -6.82 -7.86
N ILE A 113 -3.21 -5.50 -7.77
CA ILE A 113 -4.22 -4.69 -7.10
C ILE A 113 -4.84 -3.64 -8.04
N GLU A 114 -4.07 -2.63 -8.47
CA GLU A 114 -4.62 -1.57 -9.35
C GLU A 114 -3.48 -0.77 -10.01
N THR A 115 -3.82 0.29 -10.76
CA THR A 115 -2.80 1.17 -11.33
C THR A 115 -3.08 2.60 -10.85
N ARG A 116 -2.67 2.87 -9.60
CA ARG A 116 -2.83 4.18 -8.97
C ARG A 116 -1.55 4.60 -8.27
N VAL A 117 -1.04 5.79 -8.61
CA VAL A 117 0.19 6.33 -8.02
C VAL A 117 -0.01 7.77 -7.49
N LEU A 118 -0.38 7.95 -6.20
CA LEU A 118 -0.52 9.29 -5.67
C LEU A 118 0.64 9.58 -4.72
N ALA A 119 1.51 10.54 -5.09
CA ALA A 119 2.70 10.91 -4.31
C ALA A 119 2.38 11.26 -2.86
N GLY A 120 2.82 10.38 -1.95
CA GLY A 120 2.58 10.57 -0.53
C GLY A 120 1.26 9.97 -0.10
N SER A 121 0.46 9.62 -1.10
CA SER A 121 -0.83 9.01 -0.92
C SER A 121 -0.77 7.56 -1.41
N LYS A 122 -1.93 6.92 -1.52
CA LYS A 122 -2.01 5.51 -1.88
C LYS A 122 -1.55 5.21 -3.31
N MET A 123 -0.99 4.01 -3.44
CA MET A 123 -0.49 3.49 -4.70
C MET A 123 -0.74 1.99 -4.75
N THR A 124 -1.47 1.58 -5.76
CA THR A 124 -1.80 0.18 -5.98
C THR A 124 -1.36 -0.21 -7.37
N VAL A 125 -0.64 -1.34 -7.47
CA VAL A 125 -0.11 -1.81 -8.75
C VAL A 125 -0.39 -3.30 -9.00
N ALA A 126 -0.39 -3.68 -10.28
CA ALA A 126 -0.60 -5.07 -10.66
C ALA A 126 0.67 -5.61 -11.32
N ARG A 127 1.39 -6.46 -10.57
CA ARG A 127 2.63 -7.06 -11.05
C ARG A 127 2.84 -8.48 -10.50
N VAL A 128 3.21 -9.37 -11.41
CA VAL A 128 3.53 -10.76 -11.07
C VAL A 128 4.96 -11.08 -11.54
N VAL A 129 5.89 -11.07 -10.59
CA VAL A 129 7.31 -11.35 -10.89
C VAL A 129 7.59 -12.85 -10.83
N ASP A 130 7.37 -13.52 -11.96
CA ASP A 130 7.59 -14.97 -12.11
C ASP A 130 7.99 -15.28 -13.57
N PRO A 131 9.13 -16.00 -13.82
CA PRO A 131 9.56 -16.35 -15.18
C PRO A 131 8.73 -17.51 -15.78
N THR A 132 8.04 -17.23 -16.88
CA THR A 132 7.21 -18.23 -17.56
C THR A 132 7.37 -18.15 -19.08
N PRO A 133 7.29 -19.32 -19.80
CA PRO A 133 7.43 -19.36 -21.27
C PRO A 133 6.19 -18.83 -22.01
N THR A 134 5.02 -19.36 -21.63
CA THR A 134 3.74 -18.97 -22.23
C THR A 134 3.08 -17.80 -21.46
N PRO A 135 2.54 -16.77 -22.18
CA PRO A 135 1.89 -15.61 -21.54
C PRO A 135 0.50 -15.94 -20.93
N PRO A 136 -0.10 -15.04 -20.09
CA PRO A 136 -1.42 -15.29 -19.46
C PRO A 136 -2.58 -15.12 -20.46
N PRO A 137 -3.80 -15.69 -20.15
CA PRO A 137 -4.98 -15.59 -21.05
C PRO A 137 -5.55 -14.16 -21.14
N ALA A 138 -5.47 -13.42 -20.04
CA ALA A 138 -5.99 -12.05 -20.00
C ALA A 138 -4.83 -11.03 -20.05
N PRO A 139 -5.10 -9.74 -20.46
CA PRO A 139 -4.04 -8.71 -20.52
C PRO A 139 -3.59 -8.21 -19.13
N VAL A 140 -4.57 -7.88 -18.27
CA VAL A 140 -4.28 -7.42 -16.92
C VAL A 140 -5.15 -8.19 -15.89
N PRO A 141 -4.58 -9.25 -15.21
CA PRO A 141 -5.34 -10.06 -14.21
C PRO A 141 -5.54 -9.33 -12.87
N ILE A 142 -6.78 -8.87 -12.65
CA ILE A 142 -7.17 -8.15 -11.43
C ILE A 142 -8.57 -8.65 -10.99
N PRO A 143 -8.88 -8.73 -9.63
CA PRO A 143 -10.21 -9.17 -9.10
C PRO A 143 -11.43 -8.47 -9.75
N LEU A 144 -12.44 -8.08 -8.94
CA LEU A 144 -13.65 -7.43 -9.47
C LEU A 144 -13.76 -5.94 -9.05
N PRO A 145 -12.97 -5.03 -9.69
CA PRO A 145 -13.01 -3.58 -9.41
C PRO A 145 -13.93 -2.82 -10.40
N PRO A 146 -14.10 -1.45 -10.29
CA PRO A 146 -14.94 -0.68 -11.25
C PRO A 146 -14.55 -0.87 -12.72
N LYS A 147 -13.30 -1.33 -12.93
CA LYS A 147 -12.76 -1.59 -14.28
C LYS A 147 -12.99 -3.04 -14.67
N VAL A 148 -12.65 -3.35 -15.92
CA VAL A 148 -12.82 -4.68 -16.48
C VAL A 148 -11.55 -5.54 -16.25
N LEU A 149 -10.39 -5.02 -16.66
CA LEU A 149 -9.13 -5.74 -16.47
C LEU A 149 -8.30 -5.08 -15.36
N GLU A 150 -7.72 -3.90 -15.65
CA GLU A 150 -6.92 -3.17 -14.66
C GLU A 150 -7.80 -2.41 -13.66
N GLY A 1 -15.06 22.31 -6.06
CA GLY A 1 -15.36 21.14 -5.19
C GLY A 1 -14.20 20.80 -4.27
N SER A 2 -14.53 20.38 -3.05
CA SER A 2 -13.52 20.01 -2.05
C SER A 2 -13.81 18.63 -1.46
N LEU A 3 -12.74 17.85 -1.24
CA LEU A 3 -12.83 16.48 -0.67
C LEU A 3 -13.69 15.54 -1.53
N THR A 4 -13.52 15.64 -2.86
CA THR A 4 -14.24 14.80 -3.83
C THR A 4 -13.52 14.78 -5.18
N GLY A 5 -12.75 13.71 -5.42
CA GLY A 5 -12.02 13.57 -6.67
C GLY A 5 -11.93 12.13 -7.15
N ALA A 6 -10.70 11.65 -7.35
CA ALA A 6 -10.46 10.28 -7.83
C ALA A 6 -9.82 9.39 -6.75
N LEU A 7 -9.49 9.99 -5.60
CA LEU A 7 -8.87 9.26 -4.49
C LEU A 7 -9.97 8.89 -3.48
N ALA A 8 -10.89 8.01 -3.91
CA ALA A 8 -12.04 7.57 -3.09
C ALA A 8 -12.87 8.80 -2.67
N MET A 9 -12.83 9.83 -3.55
CA MET A 9 -13.52 11.13 -3.36
C MET A 9 -12.82 11.99 -2.29
N ARG A 10 -11.46 12.02 -2.34
CA ARG A 10 -10.64 12.81 -1.39
C ARG A 10 -9.31 13.28 -2.02
N LEU A 11 -9.14 13.04 -3.33
CA LEU A 11 -7.94 13.46 -4.09
C LEU A 11 -7.69 14.98 -3.98
N ASN A 12 -8.64 15.72 -3.42
CA ASN A 12 -8.52 17.17 -3.24
C ASN A 12 -7.38 17.49 -2.30
N ASP A 13 -6.78 18.63 -2.59
CA ASP A 13 -5.62 19.19 -1.89
C ASP A 13 -5.70 19.11 -0.35
N GLU A 14 -6.89 19.08 0.24
CA GLU A 14 -7.01 19.00 1.70
C GLU A 14 -6.62 17.61 2.20
N ASP A 15 -7.21 16.60 1.57
CA ASP A 15 -6.99 15.22 1.96
C ASP A 15 -5.74 14.70 1.31
N LEU A 16 -5.37 15.34 0.19
CA LEU A 16 -4.19 14.98 -0.58
C LEU A 16 -2.93 15.49 0.11
N ASP A 17 -3.01 16.71 0.68
CA ASP A 17 -1.90 17.29 1.43
C ASP A 17 -1.74 16.52 2.75
N PHE A 18 -2.86 16.45 3.51
CA PHE A 18 -2.86 15.73 4.77
C PHE A 18 -2.69 14.22 4.55
N LEU A 19 -2.91 13.77 3.29
CA LEU A 19 -2.69 12.38 2.86
C LEU A 19 -1.21 12.22 2.41
N THR A 20 -0.67 13.31 1.83
CA THR A 20 0.70 13.33 1.29
C THR A 20 1.77 13.40 2.38
N LYS A 21 1.33 13.74 3.61
CA LYS A 21 2.22 13.81 4.80
C LYS A 21 3.38 12.79 4.80
N TRP A 22 3.12 11.57 4.29
CA TRP A 22 4.11 10.49 4.25
C TRP A 22 3.66 9.36 3.31
N THR A 23 4.53 8.37 3.09
CA THR A 23 4.24 7.22 2.22
C THR A 23 3.82 6.02 3.04
N ASP A 24 3.57 4.89 2.36
CA ASP A 24 3.13 3.67 3.03
C ASP A 24 4.08 2.50 2.73
N PHE A 25 5.26 2.81 2.15
CA PHE A 25 6.23 1.77 1.82
C PHE A 25 7.43 1.83 2.78
N LYS A 26 7.08 1.79 4.05
CA LYS A 26 7.99 1.70 5.17
C LYS A 26 7.52 0.47 5.96
N CYS A 27 6.45 -0.12 5.40
CA CYS A 27 5.80 -1.28 5.94
C CYS A 27 5.73 -2.37 4.88
N PHE A 28 6.22 -3.55 5.30
CA PHE A 28 6.24 -4.75 4.50
C PHE A 28 4.98 -5.54 4.76
N VAL A 29 4.23 -5.84 3.71
CA VAL A 29 3.00 -6.61 3.87
C VAL A 29 3.27 -8.07 3.51
N SER A 30 2.68 -8.93 4.37
CA SER A 30 2.85 -10.40 4.38
C SER A 30 3.35 -11.05 3.10
N ALA A 31 4.67 -11.33 3.15
CA ALA A 31 5.40 -12.00 2.10
C ALA A 31 5.22 -13.50 2.23
N SER A 32 4.90 -13.93 3.47
CA SER A 32 4.57 -15.32 3.82
C SER A 32 5.76 -16.19 4.23
N ASN A 33 6.65 -16.50 3.28
CA ASN A 33 7.82 -17.35 3.56
C ASN A 33 9.00 -16.46 3.86
N MET A 34 8.84 -15.19 3.50
CA MET A 34 9.81 -14.16 3.73
C MET A 34 9.47 -13.45 5.05
N ARG A 35 8.16 -13.35 5.30
CA ARG A 35 7.62 -12.73 6.49
C ARG A 35 6.70 -13.74 7.18
N ASN A 36 7.00 -14.00 8.45
CA ASN A 36 6.25 -14.97 9.27
C ASN A 36 6.90 -15.14 10.66
N ALA A 37 8.16 -14.70 10.82
CA ALA A 37 8.88 -14.81 12.10
C ALA A 37 8.54 -13.68 13.08
N ALA A 38 8.90 -12.42 12.74
CA ALA A 38 8.62 -11.28 13.63
C ALA A 38 7.29 -10.61 13.29
N GLY A 39 7.10 -10.27 12.00
CA GLY A 39 5.85 -9.68 11.55
C GLY A 39 5.59 -8.30 12.08
N GLN A 40 6.64 -7.55 12.41
CA GLN A 40 6.47 -6.20 12.90
C GLN A 40 6.46 -5.23 11.73
N PHE A 41 5.27 -5.16 11.16
CA PHE A 41 4.96 -4.33 10.01
C PHE A 41 3.63 -3.60 10.25
N ILE A 42 2.71 -4.29 10.94
CA ILE A 42 1.39 -3.77 11.30
C ILE A 42 1.49 -2.45 12.08
N GLU A 43 2.67 -2.19 12.68
CA GLU A 43 2.90 -0.95 13.43
C GLU A 43 2.79 0.26 12.49
N ALA A 44 3.68 0.33 11.47
CA ALA A 44 3.64 1.42 10.50
C ALA A 44 2.38 1.36 9.63
N ALA A 45 1.91 0.13 9.34
CA ALA A 45 0.71 -0.06 8.52
C ALA A 45 -0.53 0.56 9.19
N TYR A 46 -0.66 0.33 10.51
CA TYR A 46 -1.78 0.86 11.28
C TYR A 46 -1.64 2.37 11.49
N ALA A 47 -0.40 2.82 11.74
CA ALA A 47 -0.11 4.23 11.97
C ALA A 47 -0.29 5.08 10.70
N LYS A 48 0.23 4.58 9.57
CA LYS A 48 0.12 5.30 8.30
C LYS A 48 -1.31 5.26 7.77
N ALA A 49 -1.98 4.11 7.92
CA ALA A 49 -3.40 4.00 7.55
C ALA A 49 -4.20 5.02 8.38
N LEU A 50 -3.80 5.13 9.68
CA LEU A 50 -4.40 6.11 10.59
C LEU A 50 -4.12 7.52 10.09
N ARG A 51 -2.93 7.70 9.46
CA ARG A 51 -2.55 8.99 8.87
C ARG A 51 -3.37 9.25 7.60
N ILE A 52 -3.72 8.16 6.90
CA ILE A 52 -4.56 8.26 5.68
C ILE A 52 -5.92 8.82 6.09
N GLU A 53 -6.39 8.39 7.28
CA GLU A 53 -7.65 8.90 7.84
C GLU A 53 -7.41 10.23 8.57
N LEU A 54 -6.14 10.56 8.90
CA LEU A 54 -5.84 11.88 9.49
C LEU A 54 -5.97 12.94 8.40
N ALA A 55 -5.68 12.48 7.16
CA ALA A 55 -5.77 13.29 5.94
C ALA A 55 -7.11 14.01 5.81
N GLN A 56 -8.01 13.59 6.68
CA GLN A 56 -9.36 14.11 6.78
C GLN A 56 -9.48 15.06 7.94
N LEU A 57 -8.34 15.71 8.26
CA LEU A 57 -8.27 16.69 9.32
C LEU A 57 -9.26 17.81 9.07
N VAL A 58 -10.46 17.49 9.44
CA VAL A 58 -11.54 18.42 9.40
C VAL A 58 -11.42 19.19 10.71
N GLN A 59 -10.72 18.51 11.68
CA GLN A 59 -10.45 19.10 13.00
C GLN A 59 -9.36 18.38 13.82
N VAL A 60 -9.50 17.06 14.04
CA VAL A 60 -8.54 16.30 14.88
C VAL A 60 -7.84 15.14 14.16
N ASP A 61 -8.44 14.70 13.05
CA ASP A 61 -7.93 13.54 12.31
C ASP A 61 -6.40 13.57 12.17
N LYS A 62 -5.87 14.70 11.65
CA LYS A 62 -4.40 14.88 11.50
C LYS A 62 -3.63 14.53 12.80
N VAL A 63 -4.18 14.98 13.94
CA VAL A 63 -3.53 14.77 15.24
C VAL A 63 -3.45 13.27 15.58
N ARG A 64 -4.55 12.54 15.28
CA ARG A 64 -4.55 11.07 15.55
C ARG A 64 -3.49 10.36 14.74
N GLY A 65 -3.46 10.66 13.43
CA GLY A 65 -2.48 10.03 12.55
C GLY A 65 -1.03 10.35 12.91
N THR A 66 -0.74 11.60 13.30
CA THR A 66 0.63 12.00 13.67
C THR A 66 1.10 11.25 14.93
N LEU A 67 0.23 11.19 15.96
CA LEU A 67 0.55 10.46 17.20
C LEU A 67 0.74 8.97 16.90
N ALA A 68 -0.03 8.48 15.91
CA ALA A 68 0.05 7.08 15.45
C ALA A 68 1.38 6.87 14.75
N LYS A 69 1.74 7.88 13.94
CA LYS A 69 2.97 7.94 13.18
C LYS A 69 4.16 7.68 14.07
N LEU A 70 4.27 8.47 15.15
CA LEU A 70 5.36 8.30 16.12
C LEU A 70 5.26 6.92 16.78
N GLU A 71 4.01 6.55 17.17
CA GLU A 71 3.70 5.28 17.82
C GLU A 71 4.37 4.10 17.11
N ALA A 72 4.35 4.14 15.77
CA ALA A 72 4.98 3.14 14.95
C ALA A 72 6.41 3.53 14.61
N PHE A 73 6.60 4.79 14.21
CA PHE A 73 7.91 5.36 13.81
C PHE A 73 9.02 5.15 14.86
N ALA A 74 8.64 4.56 16.01
CA ALA A 74 9.57 4.26 17.10
C ALA A 74 10.95 3.70 16.69
N ASP A 75 11.03 2.48 16.11
CA ASP A 75 12.35 1.93 15.73
C ASP A 75 12.43 1.26 14.36
N THR A 76 11.73 0.15 14.22
CA THR A 76 11.77 -0.64 12.97
C THR A 76 10.54 -0.35 12.13
N VAL A 77 10.11 0.91 12.23
CA VAL A 77 8.92 1.41 11.56
C VAL A 77 9.04 2.94 11.43
N ALA A 78 10.30 3.40 11.36
CA ALA A 78 10.67 4.81 11.25
C ALA A 78 10.89 5.23 9.78
N PRO A 79 11.49 6.45 9.45
CA PRO A 79 11.73 6.87 8.05
C PRO A 79 12.51 5.85 7.21
N GLN A 80 11.81 4.82 6.75
CA GLN A 80 12.38 3.77 5.93
C GLN A 80 11.48 3.55 4.70
N LEU A 81 11.61 4.45 3.72
CA LEU A 81 10.79 4.44 2.49
C LEU A 81 11.29 5.42 1.43
N SER A 82 10.66 5.37 0.26
CA SER A 82 10.98 6.26 -0.87
C SER A 82 10.17 7.58 -0.77
N PRO A 83 10.49 8.62 -1.62
CA PRO A 83 9.80 9.95 -1.59
C PRO A 83 8.27 9.95 -1.53
N GLY A 84 7.60 9.05 -2.25
CA GLY A 84 6.14 9.05 -2.21
C GLY A 84 5.46 8.06 -3.14
N ASP A 85 4.16 7.80 -2.88
CA ASP A 85 3.28 6.87 -3.64
C ASP A 85 3.75 5.39 -3.70
N ILE A 86 4.05 4.81 -2.54
CA ILE A 86 4.46 3.40 -2.44
C ILE A 86 4.05 2.75 -1.10
N VAL A 87 3.74 1.44 -1.15
CA VAL A 87 3.41 0.60 0.04
C VAL A 87 3.92 -0.85 -0.22
N VAL A 88 4.60 -1.49 0.77
CA VAL A 88 5.15 -2.85 0.53
C VAL A 88 4.10 -3.95 0.80
N ALA A 89 3.86 -4.79 -0.23
CA ALA A 89 2.96 -5.94 -0.17
C ALA A 89 3.50 -7.00 -1.13
N LEU A 90 4.15 -8.03 -0.58
CA LEU A 90 4.71 -9.11 -1.40
C LEU A 90 4.31 -10.48 -0.91
N GLY A 91 4.04 -11.41 -1.85
CA GLY A 91 3.67 -12.78 -1.49
C GLY A 91 2.24 -12.94 -1.02
N HIS A 92 2.07 -13.52 0.18
CA HIS A 92 0.73 -13.75 0.78
C HIS A 92 0.06 -12.41 1.09
N THR A 93 -0.47 -11.83 0.05
CA THR A 93 -1.11 -10.52 0.09
C THR A 93 -2.47 -10.62 -0.61
N PRO A 94 -3.62 -10.74 0.16
CA PRO A 94 -4.98 -10.92 -0.42
C PRO A 94 -5.43 -9.80 -1.36
N VAL A 95 -5.11 -9.98 -2.66
CA VAL A 95 -5.47 -9.03 -3.74
C VAL A 95 -5.09 -9.61 -5.12
N GLY A 96 -4.04 -10.44 -5.15
CA GLY A 96 -3.60 -11.06 -6.39
C GLY A 96 -4.12 -12.46 -6.58
N GLY A 97 -4.81 -12.68 -7.71
CA GLY A 97 -5.35 -14.00 -8.04
C GLY A 97 -4.32 -14.86 -8.74
N ILE A 98 -3.09 -14.33 -8.80
CA ILE A 98 -1.94 -14.98 -9.41
C ILE A 98 -1.28 -15.91 -8.37
N PHE A 99 -0.29 -16.72 -8.80
CA PHE A 99 0.39 -17.64 -7.88
C PHE A 99 1.92 -17.56 -8.04
N ASP A 100 2.54 -16.69 -7.24
CA ASP A 100 4.00 -16.49 -7.20
C ASP A 100 4.42 -15.86 -5.88
N LEU A 101 5.30 -16.54 -5.16
CA LEU A 101 5.82 -16.03 -3.88
C LEU A 101 7.30 -15.71 -4.03
N LYS A 102 7.67 -14.46 -3.78
CA LYS A 102 9.07 -14.05 -3.86
C LYS A 102 9.78 -14.13 -2.51
N VAL A 103 10.68 -15.11 -2.40
CA VAL A 103 11.46 -15.32 -1.18
C VAL A 103 12.88 -15.82 -1.55
N GLY A 104 13.80 -14.88 -1.78
CA GLY A 104 15.20 -15.18 -2.13
C GLY A 104 15.36 -16.11 -3.33
N SER A 105 15.68 -17.38 -3.05
CA SER A 105 15.85 -18.40 -4.10
C SER A 105 14.49 -18.88 -4.61
N THR A 106 13.46 -18.12 -4.21
CA THR A 106 12.07 -18.37 -4.56
C THR A 106 11.44 -17.03 -4.91
N LYS A 107 12.27 -16.14 -5.44
CA LYS A 107 11.88 -14.78 -5.79
C LYS A 107 10.94 -14.71 -7.01
N HIS A 108 9.63 -14.85 -6.74
CA HIS A 108 8.57 -14.77 -7.76
C HIS A 108 7.37 -14.10 -7.11
N THR A 109 7.13 -12.84 -7.41
CA THR A 109 6.04 -12.09 -6.76
C THR A 109 4.70 -12.09 -7.51
N LEU A 110 3.65 -12.42 -6.75
CA LEU A 110 2.27 -12.38 -7.23
C LEU A 110 1.56 -11.16 -6.61
N GLN A 111 1.48 -10.02 -7.32
CA GLN A 111 0.81 -8.86 -6.72
C GLN A 111 0.01 -8.02 -7.73
N ALA A 112 -1.28 -8.32 -7.80
CA ALA A 112 -2.22 -7.61 -8.65
C ALA A 112 -3.21 -6.81 -7.80
N ILE A 113 -2.92 -5.53 -7.58
CA ILE A 113 -3.80 -4.68 -6.77
C ILE A 113 -4.65 -3.76 -7.65
N GLU A 114 -4.01 -2.76 -8.29
CA GLU A 114 -4.72 -1.79 -9.15
C GLU A 114 -3.69 -0.89 -9.86
N THR A 115 -4.14 0.14 -10.59
CA THR A 115 -3.22 1.07 -11.22
C THR A 115 -3.52 2.49 -10.70
N ARG A 116 -3.02 2.76 -9.48
CA ARG A 116 -3.17 4.05 -8.81
C ARG A 116 -1.85 4.50 -8.22
N VAL A 117 -1.37 5.68 -8.62
CA VAL A 117 -0.12 6.23 -8.13
C VAL A 117 -0.31 7.68 -7.64
N LEU A 118 -0.61 7.89 -6.34
CA LEU A 118 -0.75 9.25 -5.84
C LEU A 118 0.42 9.58 -4.91
N ALA A 119 1.23 10.59 -5.30
CA ALA A 119 2.43 11.02 -4.55
C ALA A 119 2.14 11.32 -3.08
N GLY A 120 2.65 10.45 -2.19
CA GLY A 120 2.45 10.61 -0.77
C GLY A 120 1.17 9.95 -0.30
N SER A 121 0.37 9.54 -1.28
CA SER A 121 -0.89 8.87 -1.04
C SER A 121 -0.77 7.43 -1.54
N LYS A 122 -1.90 6.73 -1.59
CA LYS A 122 -1.93 5.31 -1.97
C LYS A 122 -1.50 5.05 -3.40
N MET A 123 -0.91 3.87 -3.58
CA MET A 123 -0.44 3.38 -4.85
C MET A 123 -0.63 1.88 -4.93
N THR A 124 -1.51 1.50 -5.86
CA THR A 124 -1.81 0.11 -6.12
C THR A 124 -1.28 -0.23 -7.49
N VAL A 125 -0.55 -1.34 -7.58
CA VAL A 125 0.06 -1.75 -8.84
C VAL A 125 -0.19 -3.23 -9.18
N ALA A 126 -0.25 -3.54 -10.48
CA ALA A 126 -0.43 -4.92 -10.92
C ALA A 126 0.89 -5.43 -11.51
N ARG A 127 1.57 -6.30 -10.74
CA ARG A 127 2.86 -6.85 -11.16
C ARG A 127 3.07 -8.27 -10.65
N VAL A 128 3.51 -9.14 -11.55
CA VAL A 128 3.85 -10.52 -11.23
C VAL A 128 5.30 -10.79 -11.64
N VAL A 129 6.22 -10.79 -10.65
CA VAL A 129 7.64 -11.01 -10.90
C VAL A 129 7.95 -12.51 -10.94
N ASP A 130 7.80 -13.09 -12.14
CA ASP A 130 8.05 -14.51 -12.37
C ASP A 130 8.66 -14.70 -13.78
N PRO A 131 9.78 -15.47 -13.93
CA PRO A 131 10.41 -15.70 -15.25
C PRO A 131 9.60 -16.64 -16.16
N THR A 132 8.88 -16.03 -17.11
CA THR A 132 8.04 -16.77 -18.06
C THR A 132 8.07 -16.12 -19.44
N PRO A 133 7.91 -16.91 -20.54
CA PRO A 133 7.92 -16.38 -21.92
C PRO A 133 6.63 -15.62 -22.28
N THR A 134 5.49 -16.28 -22.04
CA THR A 134 4.17 -15.70 -22.31
C THR A 134 3.47 -15.27 -21.02
N PRO A 135 2.61 -14.20 -21.07
CA PRO A 135 1.88 -13.70 -19.88
C PRO A 135 0.78 -14.68 -19.40
N PRO A 136 0.18 -14.49 -18.18
CA PRO A 136 -0.88 -15.38 -17.66
C PRO A 136 -2.18 -15.32 -18.50
N PRO A 137 -2.76 -16.49 -18.91
CA PRO A 137 -4.00 -16.52 -19.71
C PRO A 137 -5.28 -16.23 -18.91
N ALA A 138 -5.14 -16.16 -17.59
CA ALA A 138 -6.29 -15.88 -16.72
C ALA A 138 -6.31 -14.41 -16.26
N PRO A 139 -7.51 -13.84 -15.89
CA PRO A 139 -7.62 -12.44 -15.46
C PRO A 139 -7.18 -12.24 -13.99
N VAL A 140 -6.96 -10.98 -13.62
CA VAL A 140 -6.54 -10.62 -12.25
C VAL A 140 -7.72 -10.05 -11.45
N PRO A 141 -8.13 -10.69 -10.29
CA PRO A 141 -9.25 -10.21 -9.46
C PRO A 141 -8.99 -8.84 -8.83
N ILE A 142 -9.84 -7.87 -9.19
CA ILE A 142 -9.74 -6.50 -8.67
C ILE A 142 -11.14 -6.05 -8.21
N PRO A 143 -11.27 -5.35 -7.02
CA PRO A 143 -12.59 -4.87 -6.52
C PRO A 143 -13.33 -3.89 -7.45
N LEU A 144 -12.77 -3.65 -8.65
CA LEU A 144 -13.37 -2.74 -9.63
C LEU A 144 -14.30 -3.51 -10.59
N PRO A 145 -15.66 -3.31 -10.51
CA PRO A 145 -16.64 -4.00 -11.39
C PRO A 145 -16.36 -3.88 -12.91
N PRO A 146 -15.97 -2.69 -13.48
CA PRO A 146 -15.71 -2.55 -14.94
C PRO A 146 -14.47 -3.30 -15.42
N LYS A 147 -13.44 -3.39 -14.56
CA LYS A 147 -12.20 -4.07 -14.91
C LYS A 147 -12.17 -5.50 -14.38
N VAL A 148 -11.52 -6.38 -15.14
CA VAL A 148 -11.39 -7.79 -14.81
C VAL A 148 -9.93 -8.26 -14.98
N LEU A 149 -9.25 -7.69 -15.99
CA LEU A 149 -7.85 -8.03 -16.28
C LEU A 149 -6.97 -6.77 -16.21
N GLU A 150 -7.12 -6.02 -15.10
CA GLU A 150 -6.38 -4.75 -14.82
C GLU A 150 -6.30 -3.81 -16.04
N GLY A 1 -15.99 22.68 -3.62
CA GLY A 1 -15.01 21.72 -4.21
C GLY A 1 -13.85 21.43 -3.28
N SER A 2 -14.17 20.93 -2.08
CA SER A 2 -13.16 20.60 -1.07
C SER A 2 -13.46 19.24 -0.43
N LEU A 3 -12.44 18.36 -0.41
CA LEU A 3 -12.53 17.00 0.16
C LEU A 3 -13.57 16.13 -0.57
N THR A 4 -13.54 16.21 -1.92
CA THR A 4 -14.44 15.43 -2.78
C THR A 4 -13.85 15.30 -4.19
N GLY A 5 -13.30 14.13 -4.50
CA GLY A 5 -12.70 13.89 -5.80
C GLY A 5 -12.70 12.43 -6.23
N ALA A 6 -11.51 11.91 -6.57
CA ALA A 6 -11.36 10.52 -7.03
C ALA A 6 -10.65 9.63 -6.00
N LEU A 7 -10.26 10.18 -4.85
CA LEU A 7 -9.59 9.42 -3.80
C LEU A 7 -10.57 9.14 -2.68
N ALA A 8 -11.59 8.32 -3.01
CA ALA A 8 -12.69 7.98 -2.07
C ALA A 8 -13.43 9.26 -1.66
N MET A 9 -13.40 10.26 -2.58
CA MET A 9 -14.01 11.59 -2.40
C MET A 9 -13.16 12.46 -1.46
N ARG A 10 -11.82 12.37 -1.63
CA ARG A 10 -10.85 13.14 -0.81
C ARG A 10 -9.57 13.47 -1.60
N LEU A 11 -9.58 13.22 -2.91
CA LEU A 11 -8.43 13.51 -3.81
C LEU A 11 -8.05 15.00 -3.78
N ASN A 12 -8.92 15.84 -3.18
CA ASN A 12 -8.67 17.27 -3.08
C ASN A 12 -7.44 17.56 -2.23
N ASP A 13 -6.77 18.62 -2.64
CA ASP A 13 -5.53 19.11 -2.03
C ASP A 13 -5.51 19.12 -0.49
N GLU A 14 -6.66 19.28 0.16
CA GLU A 14 -6.71 19.27 1.63
C GLU A 14 -6.37 17.89 2.19
N ASP A 15 -7.07 16.88 1.67
CA ASP A 15 -6.89 15.51 2.12
C ASP A 15 -5.69 14.89 1.44
N LEU A 16 -5.37 15.42 0.25
CA LEU A 16 -4.25 14.95 -0.55
C LEU A 16 -2.92 15.42 0.04
N ASP A 17 -2.93 16.62 0.63
CA ASP A 17 -1.73 17.18 1.29
C ASP A 17 -1.57 16.48 2.64
N PHE A 18 -2.64 16.53 3.46
CA PHE A 18 -2.64 15.87 4.75
C PHE A 18 -2.52 14.34 4.55
N LEU A 19 -2.81 13.89 3.32
CA LEU A 19 -2.63 12.48 2.88
C LEU A 19 -1.19 12.28 2.39
N THR A 20 -0.63 13.35 1.79
CA THR A 20 0.73 13.31 1.23
C THR A 20 1.84 13.37 2.28
N LYS A 21 1.48 13.69 3.54
CA LYS A 21 2.45 13.75 4.67
C LYS A 21 3.52 12.64 4.63
N TRP A 22 3.16 11.46 4.09
CA TRP A 22 4.09 10.31 4.02
C TRP A 22 3.51 9.19 3.15
N THR A 23 4.29 8.11 2.92
CA THR A 23 3.86 6.97 2.10
C THR A 23 3.57 5.75 2.97
N ASP A 24 3.02 4.71 2.36
CA ASP A 24 2.63 3.51 3.10
C ASP A 24 3.55 2.32 2.79
N PHE A 25 4.66 2.59 2.09
CA PHE A 25 5.61 1.55 1.75
C PHE A 25 6.86 1.62 2.64
N LYS A 26 6.57 1.61 3.93
CA LYS A 26 7.54 1.54 5.00
C LYS A 26 7.12 0.34 5.84
N CYS A 27 6.01 -0.28 5.36
CA CYS A 27 5.41 -1.42 5.96
C CYS A 27 5.30 -2.54 4.95
N PHE A 28 5.81 -3.70 5.37
CA PHE A 28 5.79 -4.94 4.60
C PHE A 28 4.54 -5.72 4.94
N VAL A 29 3.76 -6.05 3.92
CA VAL A 29 2.54 -6.82 4.14
C VAL A 29 2.80 -8.28 3.81
N SER A 30 2.25 -9.13 4.69
CA SER A 30 2.43 -10.60 4.73
C SER A 30 2.91 -11.26 3.45
N ALA A 31 4.23 -11.53 3.48
CA ALA A 31 4.95 -12.21 2.41
C ALA A 31 4.68 -13.70 2.51
N SER A 32 4.64 -14.19 3.78
CA SER A 32 4.28 -15.59 4.12
C SER A 32 5.47 -16.44 4.55
N ASN A 33 6.42 -16.68 3.65
CA ASN A 33 7.60 -17.49 3.93
C ASN A 33 8.74 -16.57 4.29
N MET A 34 8.56 -15.31 3.90
CA MET A 34 9.48 -14.23 4.16
C MET A 34 9.06 -13.54 5.47
N ARG A 35 7.74 -13.44 5.66
CA ARG A 35 7.16 -12.83 6.84
C ARG A 35 6.27 -13.84 7.52
N ASN A 36 6.55 -14.08 8.80
CA ASN A 36 5.80 -15.05 9.62
C ASN A 36 6.44 -15.20 11.02
N ALA A 37 7.72 -14.79 11.17
CA ALA A 37 8.44 -14.90 12.45
C ALA A 37 8.18 -13.72 13.40
N ALA A 38 8.60 -12.51 13.02
CA ALA A 38 8.41 -11.32 13.87
C ALA A 38 7.09 -10.62 13.56
N GLY A 39 6.86 -10.32 12.27
CA GLY A 39 5.63 -9.70 11.82
C GLY A 39 5.41 -8.30 12.33
N GLN A 40 6.50 -7.57 12.59
CA GLN A 40 6.38 -6.20 13.04
C GLN A 40 6.32 -5.28 11.84
N PHE A 41 5.11 -5.20 11.34
CA PHE A 41 4.75 -4.41 10.17
C PHE A 41 3.45 -3.65 10.46
N ILE A 42 2.56 -4.29 11.25
CA ILE A 42 1.27 -3.73 11.65
C ILE A 42 1.43 -2.36 12.34
N GLU A 43 2.66 -2.08 12.85
CA GLU A 43 2.94 -0.81 13.50
C GLU A 43 2.80 0.34 12.50
N ALA A 44 3.61 0.32 11.42
CA ALA A 44 3.52 1.34 10.37
C ALA A 44 2.22 1.23 9.57
N ALA A 45 1.68 0.00 9.44
CA ALA A 45 0.44 -0.23 8.70
C ALA A 45 -0.77 0.39 9.40
N TYR A 46 -0.87 0.16 10.73
CA TYR A 46 -1.98 0.69 11.53
C TYR A 46 -1.83 2.20 11.72
N ALA A 47 -0.59 2.63 11.98
CA ALA A 47 -0.28 4.04 12.18
C ALA A 47 -0.47 4.84 10.90
N LYS A 48 0.00 4.30 9.75
CA LYS A 48 -0.17 4.99 8.46
C LYS A 48 -1.64 5.06 8.06
N ALA A 49 -2.39 3.97 8.32
CA ALA A 49 -3.85 3.98 8.12
C ALA A 49 -4.45 5.17 8.91
N LEU A 50 -3.94 5.34 10.14
CA LEU A 50 -4.34 6.44 11.02
C LEU A 50 -3.92 7.79 10.43
N ARG A 51 -2.73 7.84 9.79
CA ARG A 51 -2.24 9.07 9.15
C ARG A 51 -3.08 9.39 7.91
N ILE A 52 -3.64 8.34 7.28
CA ILE A 52 -4.55 8.53 6.14
C ILE A 52 -5.85 9.12 6.72
N GLU A 53 -6.09 8.76 7.99
CA GLU A 53 -7.22 9.29 8.76
C GLU A 53 -6.87 10.68 9.33
N LEU A 54 -5.56 11.02 9.35
CA LEU A 54 -5.12 12.36 9.78
C LEU A 54 -5.32 13.31 8.62
N ALA A 55 -5.14 12.74 7.42
CA ALA A 55 -5.31 13.42 6.13
C ALA A 55 -6.63 14.20 6.05
N GLN A 56 -7.53 13.85 6.96
CA GLN A 56 -8.85 14.45 7.08
C GLN A 56 -8.89 15.47 8.18
N LEU A 57 -7.74 16.10 8.44
CA LEU A 57 -7.61 17.16 9.45
C LEU A 57 -8.58 18.27 9.17
N VAL A 58 -9.78 18.00 9.59
CA VAL A 58 -10.85 18.95 9.55
C VAL A 58 -10.68 19.74 10.84
N GLN A 59 -9.99 19.06 11.80
CA GLN A 59 -9.69 19.65 13.12
C GLN A 59 -8.60 18.93 13.94
N VAL A 60 -8.76 17.61 14.18
CA VAL A 60 -7.81 16.85 15.02
C VAL A 60 -7.12 15.69 14.32
N ASP A 61 -7.71 15.25 13.20
CA ASP A 61 -7.22 14.09 12.46
C ASP A 61 -5.69 14.11 12.29
N LYS A 62 -5.15 15.22 11.76
CA LYS A 62 -3.68 15.38 11.57
C LYS A 62 -2.89 15.07 12.86
N VAL A 63 -3.45 15.45 14.02
CA VAL A 63 -2.79 15.26 15.32
C VAL A 63 -2.74 13.77 15.70
N ARG A 64 -3.87 13.07 15.47
CA ARG A 64 -3.91 11.61 15.78
C ARG A 64 -2.90 10.86 14.93
N GLY A 65 -2.85 11.23 13.63
CA GLY A 65 -1.92 10.62 12.70
C GLY A 65 -0.46 10.94 12.99
N THR A 66 -0.16 12.17 13.43
CA THR A 66 1.22 12.55 13.75
C THR A 66 1.75 11.72 14.94
N LEU A 67 0.88 11.53 15.93
CA LEU A 67 1.19 10.71 17.13
C LEU A 67 1.28 9.22 16.73
N ALA A 68 0.46 8.83 15.73
CA ALA A 68 0.44 7.46 15.21
C ALA A 68 1.73 7.21 14.46
N LYS A 69 2.11 8.26 13.72
CA LYS A 69 3.31 8.33 12.92
C LYS A 69 4.54 8.03 13.74
N LEU A 70 4.72 8.78 14.83
CA LEU A 70 5.85 8.56 15.74
C LEU A 70 5.73 7.18 16.41
N GLU A 71 4.47 6.85 16.82
CA GLU A 71 4.15 5.57 17.49
C GLU A 71 4.74 4.39 16.73
N ALA A 72 4.65 4.45 15.39
CA ALA A 72 5.21 3.41 14.53
C ALA A 72 6.64 3.76 14.15
N PHE A 73 6.88 5.02 13.77
CA PHE A 73 8.21 5.51 13.34
C PHE A 73 9.32 5.24 14.37
N ALA A 74 8.94 4.68 15.53
CA ALA A 74 9.88 4.33 16.61
C ALA A 74 11.23 3.70 16.16
N ASP A 75 11.23 2.49 15.58
CA ASP A 75 12.52 1.87 15.19
C ASP A 75 12.52 1.17 13.82
N THR A 76 11.77 0.07 13.72
CA THR A 76 11.74 -0.74 12.49
C THR A 76 10.46 -0.44 11.72
N VAL A 77 10.08 0.82 11.80
CA VAL A 77 8.88 1.35 11.19
C VAL A 77 9.03 2.86 11.00
N ALA A 78 10.31 3.26 10.82
CA ALA A 78 10.73 4.66 10.65
C ALA A 78 10.88 5.02 9.15
N PRO A 79 11.54 6.19 8.75
CA PRO A 79 11.71 6.57 7.33
C PRO A 79 12.36 5.47 6.45
N GLN A 80 11.55 4.49 6.09
CA GLN A 80 11.98 3.38 5.24
C GLN A 80 10.97 3.19 4.10
N LEU A 81 11.07 4.07 3.09
CA LEU A 81 10.15 4.08 1.94
C LEU A 81 10.67 4.94 0.77
N SER A 82 9.94 4.89 -0.34
CA SER A 82 10.27 5.65 -1.54
C SER A 82 9.55 7.02 -1.53
N PRO A 83 9.86 7.97 -2.48
CA PRO A 83 9.26 9.34 -2.54
C PRO A 83 7.74 9.44 -2.37
N GLY A 84 6.96 8.53 -2.96
CA GLY A 84 5.51 8.63 -2.81
C GLY A 84 4.72 7.59 -3.58
N ASP A 85 3.42 7.42 -3.18
CA ASP A 85 2.45 6.46 -3.77
C ASP A 85 2.87 4.98 -3.77
N ILE A 86 3.22 4.44 -2.58
CA ILE A 86 3.59 3.03 -2.43
C ILE A 86 3.25 2.44 -1.04
N VAL A 87 2.95 1.11 -1.03
CA VAL A 87 2.69 0.31 0.21
C VAL A 87 3.20 -1.14 -0.05
N VAL A 88 3.97 -1.76 0.89
CA VAL A 88 4.51 -3.12 0.65
C VAL A 88 3.50 -4.24 0.97
N ALA A 89 3.25 -5.09 -0.04
CA ALA A 89 2.37 -6.27 0.07
C ALA A 89 2.90 -7.37 -0.87
N LEU A 90 3.60 -8.36 -0.30
CA LEU A 90 4.18 -9.43 -1.12
C LEU A 90 3.81 -10.81 -0.60
N GLY A 91 3.64 -11.77 -1.52
CA GLY A 91 3.31 -13.15 -1.15
C GLY A 91 1.88 -13.34 -0.68
N HIS A 92 1.72 -13.88 0.55
CA HIS A 92 0.39 -14.13 1.15
C HIS A 92 -0.31 -12.80 1.43
N THR A 93 -0.83 -12.24 0.35
CA THR A 93 -1.50 -10.95 0.37
C THR A 93 -2.83 -11.07 -0.40
N PRO A 94 -4.01 -10.97 0.29
CA PRO A 94 -5.33 -11.12 -0.37
C PRO A 94 -5.64 -10.03 -1.40
N VAL A 95 -5.09 -10.21 -2.61
CA VAL A 95 -5.26 -9.28 -3.73
C VAL A 95 -5.06 -9.98 -5.08
N GLY A 96 -3.96 -10.74 -5.18
CA GLY A 96 -3.63 -11.44 -6.41
C GLY A 96 -4.13 -12.86 -6.47
N GLY A 97 -4.88 -13.16 -7.54
CA GLY A 97 -5.39 -14.51 -7.77
C GLY A 97 -4.36 -15.38 -8.48
N ILE A 98 -3.15 -14.84 -8.58
CA ILE A 98 -1.99 -15.48 -9.19
C ILE A 98 -1.30 -16.39 -8.15
N PHE A 99 -0.25 -17.13 -8.56
CA PHE A 99 0.48 -18.02 -7.64
C PHE A 99 2.00 -17.84 -7.78
N ASP A 100 2.55 -16.93 -6.95
CA ASP A 100 3.99 -16.65 -6.90
C ASP A 100 4.35 -16.02 -5.55
N LEU A 101 5.27 -16.65 -4.82
CA LEU A 101 5.74 -16.12 -3.54
C LEU A 101 7.21 -15.74 -3.64
N LYS A 102 7.52 -14.47 -3.36
CA LYS A 102 8.90 -14.01 -3.42
C LYS A 102 9.60 -14.09 -2.06
N VAL A 103 10.54 -15.02 -1.96
CA VAL A 103 11.34 -15.22 -0.74
C VAL A 103 12.79 -15.57 -1.13
N GLY A 104 13.61 -14.52 -1.36
CA GLY A 104 15.02 -14.68 -1.72
C GLY A 104 15.28 -15.60 -2.90
N SER A 105 15.70 -16.85 -2.60
CA SER A 105 15.97 -17.85 -3.63
C SER A 105 14.65 -18.46 -4.16
N THR A 106 13.56 -17.77 -3.82
CA THR A 106 12.21 -18.13 -4.20
C THR A 106 11.48 -16.83 -4.54
N LYS A 107 12.25 -15.88 -5.07
CA LYS A 107 11.76 -14.55 -5.40
C LYS A 107 10.81 -14.52 -6.62
N HIS A 108 9.50 -14.73 -6.33
CA HIS A 108 8.44 -14.71 -7.34
C HIS A 108 7.21 -14.09 -6.67
N THR A 109 6.90 -12.83 -6.98
CA THR A 109 5.78 -12.14 -6.31
C THR A 109 4.46 -12.18 -7.08
N LEU A 110 3.41 -12.59 -6.35
CA LEU A 110 2.04 -12.60 -6.87
C LEU A 110 1.24 -11.45 -6.22
N GLN A 111 1.12 -10.28 -6.88
CA GLN A 111 0.35 -9.18 -6.28
C GLN A 111 -0.36 -8.33 -7.34
N ALA A 112 -1.60 -8.70 -7.59
CA ALA A 112 -2.47 -8.00 -8.53
C ALA A 112 -3.63 -7.31 -7.82
N ILE A 113 -3.59 -5.99 -7.71
CA ILE A 113 -4.69 -5.26 -7.06
C ILE A 113 -5.38 -4.28 -8.02
N GLU A 114 -4.70 -3.20 -8.43
CA GLU A 114 -5.30 -2.19 -9.33
C GLU A 114 -4.20 -1.31 -9.96
N THR A 115 -4.60 -0.26 -10.71
CA THR A 115 -3.64 0.68 -11.27
C THR A 115 -4.00 2.09 -10.76
N ARG A 116 -3.59 2.36 -9.50
CA ARG A 116 -3.84 3.65 -8.85
C ARG A 116 -2.56 4.13 -8.17
N VAL A 117 -2.10 5.33 -8.53
CA VAL A 117 -0.88 5.92 -7.97
C VAL A 117 -1.09 7.35 -7.44
N LEU A 118 -1.42 7.53 -6.14
CA LEU A 118 -1.55 8.89 -5.62
C LEU A 118 -0.34 9.21 -4.75
N ALA A 119 0.47 10.19 -5.19
CA ALA A 119 1.71 10.60 -4.50
C ALA A 119 1.50 10.90 -3.01
N GLY A 120 2.02 9.99 -2.16
CA GLY A 120 1.90 10.15 -0.73
C GLY A 120 0.63 9.51 -0.21
N SER A 121 -0.27 9.20 -1.14
CA SER A 121 -1.53 8.57 -0.84
C SER A 121 -1.48 7.12 -1.33
N LYS A 122 -2.63 6.47 -1.35
CA LYS A 122 -2.72 5.05 -1.71
C LYS A 122 -2.35 4.76 -3.16
N MET A 123 -1.82 3.55 -3.32
CA MET A 123 -1.40 3.03 -4.61
C MET A 123 -1.64 1.54 -4.65
N THR A 124 -2.39 1.14 -5.67
CA THR A 124 -2.70 -0.25 -5.91
C THR A 124 -2.17 -0.58 -7.29
N VAL A 125 -1.38 -1.64 -7.36
CA VAL A 125 -0.73 -2.06 -8.61
C VAL A 125 -0.90 -3.56 -8.88
N ALA A 126 -0.87 -3.93 -10.16
CA ALA A 126 -0.97 -5.33 -10.56
C ALA A 126 0.37 -5.77 -11.14
N ARG A 127 1.11 -6.57 -10.36
CA ARG A 127 2.42 -7.06 -10.79
C ARG A 127 2.72 -8.46 -10.25
N VAL A 128 3.21 -9.31 -11.15
CA VAL A 128 3.60 -10.67 -10.82
C VAL A 128 5.07 -10.88 -11.21
N VAL A 129 5.96 -10.81 -10.21
CA VAL A 129 7.41 -10.97 -10.43
C VAL A 129 7.76 -12.47 -10.55
N ASP A 130 8.18 -12.86 -11.77
CA ASP A 130 8.55 -14.23 -12.08
C ASP A 130 9.94 -14.27 -12.76
N PRO A 131 10.63 -15.46 -12.80
CA PRO A 131 11.95 -15.57 -13.44
C PRO A 131 11.91 -15.55 -14.97
N THR A 132 10.69 -15.49 -15.53
CA THR A 132 10.49 -15.45 -16.99
C THR A 132 10.36 -14.01 -17.50
N PRO A 133 10.81 -13.73 -18.77
CA PRO A 133 10.72 -12.37 -19.36
C PRO A 133 9.29 -11.95 -19.73
N THR A 134 8.60 -12.86 -20.42
CA THR A 134 7.21 -12.64 -20.85
C THR A 134 6.19 -12.91 -19.72
N PRO A 135 5.07 -12.14 -19.63
CA PRO A 135 4.04 -12.33 -18.58
C PRO A 135 3.33 -13.71 -18.65
N PRO A 136 2.56 -14.14 -17.59
CA PRO A 136 1.87 -15.43 -17.59
C PRO A 136 0.69 -15.49 -18.60
N PRO A 137 0.33 -16.71 -19.10
CA PRO A 137 -0.78 -16.89 -20.07
C PRO A 137 -2.18 -16.68 -19.47
N ALA A 138 -2.23 -16.47 -18.16
CA ALA A 138 -3.51 -16.27 -17.47
C ALA A 138 -3.90 -14.78 -17.42
N PRO A 139 -5.23 -14.45 -17.26
CA PRO A 139 -5.71 -13.06 -17.20
C PRO A 139 -5.44 -12.40 -15.84
N VAL A 140 -5.96 -11.17 -15.65
CA VAL A 140 -5.78 -10.44 -14.39
C VAL A 140 -7.08 -10.50 -13.56
N PRO A 141 -7.15 -11.39 -12.51
CA PRO A 141 -8.37 -11.53 -11.67
C PRO A 141 -8.66 -10.31 -10.78
N ILE A 142 -9.34 -9.31 -11.37
CA ILE A 142 -9.74 -8.09 -10.65
C ILE A 142 -11.16 -7.69 -11.10
N PRO A 143 -12.11 -7.45 -10.15
CA PRO A 143 -13.50 -7.07 -10.51
C PRO A 143 -13.64 -5.66 -11.09
N LEU A 144 -13.82 -5.60 -12.42
CA LEU A 144 -13.99 -4.33 -13.15
C LEU A 144 -14.93 -4.52 -14.35
N PRO A 145 -16.15 -3.90 -14.34
CA PRO A 145 -17.12 -4.03 -15.47
C PRO A 145 -16.55 -3.67 -16.88
N PRO A 146 -15.75 -2.56 -17.07
CA PRO A 146 -15.22 -2.17 -18.39
C PRO A 146 -13.98 -2.96 -18.83
N LYS A 147 -13.08 -3.26 -17.88
CA LYS A 147 -11.82 -3.97 -18.19
C LYS A 147 -11.97 -5.48 -18.02
N VAL A 148 -12.60 -5.89 -16.91
CA VAL A 148 -12.82 -7.31 -16.55
C VAL A 148 -11.56 -7.94 -15.96
N LEU A 149 -10.39 -7.58 -16.51
CA LEU A 149 -9.11 -8.08 -16.01
C LEU A 149 -8.51 -7.10 -15.00
N GLU A 150 -7.80 -6.09 -15.49
CA GLU A 150 -7.19 -5.07 -14.64
C GLU A 150 -8.01 -3.76 -14.67
#